data_7Y0N
#
_entry.id   7Y0N
#
_cell.length_a   1.00
_cell.length_b   1.00
_cell.length_c   1.00
_cell.angle_alpha   90.00
_cell.angle_beta   90.00
_cell.angle_gamma   90.00
#
_symmetry.space_group_name_H-M   'P 1'
#
loop_
_entity.id
_entity.type
_entity.pdbx_description
1 polymer 'Spike glycoprotein'
2 polymer 'Heavy chain of R15-F7'
3 polymer 'P14 Nanobody'
4 polymer 'Light chain of R15-F7'
5 branched 2-acetamido-2-deoxy-beta-D-glucopyranose-(1-4)-2-acetamido-2-deoxy-beta-D-glucopyranose
6 non-polymer 2-acetamido-2-deoxy-beta-D-glucopyranose
#
loop_
_entity_poly.entity_id
_entity_poly.type
_entity_poly.pdbx_seq_one_letter_code
_entity_poly.pdbx_strand_id
1 'polypeptide(L)'
;MFVFLVLLPLVSSQCVNLTTRTQLPPAYTNSFTRGVYYPDKVFRSSVLHSTQDLFLPFFSNVTWFHAIHVSGTNGTKRFD
NPVLPFNDGVYFASTEKSNIIRGWIFGTTLDSKTQSLLIVNNATNVVIKVCEFQFCNDPFLGVYYHKNNKSWMESEFRVY
SSANNCTFEYVSQPFLMDLEGKQGNFKNLREFVFKNIDGYFKIYSKHTPINLVRDLPQGFSALEPLVDLPIGINITRFQT
LLALHRSYLTPGDSSSGWTAGAAAYYVGYLQPRTFLLKYNENGTITDAVDCALDPLSETKCTLKSFTVEKGIYQTSNFRV
QPTESIVRFPNITNLCPFGEVFNATRFASVYAWNRKRISNCVADYSVLYNSASFSTFKCYGVSPTKLNDLCFTNVYADSF
VIRGDEVRQIAPGQTGKIADYNYKLPDDFTGCVIAWNSNNLDSKVGGNYNYLYRLFRKSNLKPFERDISTEIYQAGSTPC
NGVEGFNCYFPLQSYGFQPTNGVGYQPYRVVVLSFELLHAPATVCGPKKSTNLVKNKCVNFNFNGLTGTGVLTESNKKFL
PFQQFGRDIADTTDAVRDPQTLEILDITPCSFGGVSVITPGTNTSNEVAVLYQDVNCTEVFVAIHADQLTPTWRVYSTGS
NVFQTRAGCLIGAEHVNNSYECDIPIGAGICASYQTQTNSPRRARSVASQSIIAYTMSLGAENSVAYSNNSIAIPTNFTI
SVTTEILPVSMTKTSVDCTMYICGDSTECSNLLLQYGSFCTQLNRALTGIAVEQDKNTQEVFAQVKQIYKTPPIKDFGGF
NFSQILPDPSKPSKRSFIEDLLFNKVTLADAGFIKQYGDCLGDIAARDLICAQKFNGLTVLPPLLTDEMIAQYTSALLAG
TITSGWTFGAGAALQIPFAMQMAYRFNGIGVTQNVLYENQKLIANQFNSAIGKIQDSLSSTASALGKLQDVVNQNAQALN
TLVKQLSSNFGAISSVLNDILSRLDPPEAEVQIDRLITGRLQSLQTYVTQQLIRAAEIRASANLAATKMSECVLGQSKRV
DFCGKGYHLMSFPQSAPHGVVFLHVTYVPAQEKNFTTAPAICHDGKAHFPREGVFVSNGTHWFVTQRNFYEPQIITTDNT
FVSGNCDVVIGIVNNTVYDPLQPELDS
;
A,B,D
2 'polypeptide(L)'
;QMQLVQSGAEVKKPGASVKVSCKASGYTFTSYAISWVRQAPGQGLEWMGRIIPILGIANYAQKFQGRVTITADESTSTAY
MELSSRSEDTAVYYCASGAFYYGSGSYPFDYWGQGT
;
C,E,F
3 'polypeptide(L)'
;EEQLVESGGGLVQPGGSLRLSCAASGFRFGSYYMSWVRQAPGKAPEWVSDINTRGETTRYSDSVKGRFTIARDNANNTVF
LFMNRLKPEDTAVYYCAVAASGDTFEGRSDPDYWGQGTLVTVS
;
G,H,I
4 'polypeptide(L)'
;GDIQLTQSPSSLSASVGDRVTITCRASQDISDYLNWYQQKPGKAPKLLIYAASSLQSGVPSRFSGSGSGTDFTLTISNLQ
PEDFATYYCQQSYSAPRTFGQGTKVEIK
;
J,K,L
#
# COMPACT_ATOMS: atom_id res chain seq x y z
N ALA A 27 18.08 -6.99 55.77
CA ALA A 27 19.00 -8.12 55.64
C ALA A 27 19.40 -8.32 54.18
N TYR A 28 20.27 -7.46 53.69
CA TYR A 28 20.70 -7.50 52.30
C TYR A 28 21.87 -8.44 52.13
N THR A 29 21.82 -9.25 51.07
CA THR A 29 22.88 -10.21 50.77
C THR A 29 23.17 -10.16 49.27
N ASN A 30 24.46 -10.28 48.93
CA ASN A 30 24.87 -10.27 47.53
C ASN A 30 24.30 -11.47 46.80
N SER A 31 23.75 -11.23 45.61
CA SER A 31 23.12 -12.28 44.81
C SER A 31 24.13 -13.11 44.03
N PHE A 32 25.37 -12.65 43.91
CA PHE A 32 26.47 -13.31 43.18
C PHE A 32 26.02 -13.52 41.73
N THR A 33 26.16 -14.71 41.16
CA THR A 33 25.75 -15.01 39.79
C THR A 33 24.91 -16.28 39.82
N ARG A 34 23.60 -16.11 39.97
CA ARG A 34 22.67 -17.23 40.03
C ARG A 34 21.39 -16.85 39.30
N GLY A 35 20.45 -17.79 39.24
CA GLY A 35 19.19 -17.55 38.56
C GLY A 35 19.21 -17.73 37.06
N VAL A 36 20.27 -18.33 36.52
CA VAL A 36 20.38 -18.55 35.08
C VAL A 36 19.55 -19.77 34.70
N TYR A 37 18.58 -19.59 33.80
CA TYR A 37 17.70 -20.66 33.38
C TYR A 37 17.65 -20.72 31.87
N TYR A 38 17.26 -21.89 31.35
CA TYR A 38 17.20 -22.10 29.91
C TYR A 38 16.11 -21.26 29.29
N PRO A 39 16.40 -20.44 28.28
CA PRO A 39 15.37 -19.55 27.73
C PRO A 39 14.30 -20.28 26.92
N ASP A 40 14.67 -21.32 26.18
CA ASP A 40 13.74 -22.05 25.34
C ASP A 40 14.27 -23.46 25.15
N LYS A 41 13.69 -24.20 24.20
CA LYS A 41 14.00 -25.61 24.00
C LYS A 41 14.74 -25.76 22.67
N VAL A 42 16.04 -25.51 22.69
CA VAL A 42 16.91 -25.65 21.52
C VAL A 42 18.26 -26.19 21.97
N PHE A 43 18.91 -26.99 21.12
CA PHE A 43 20.19 -27.60 21.48
C PHE A 43 21.26 -27.05 20.56
N ARG A 44 22.16 -26.23 21.11
CA ARG A 44 23.29 -25.70 20.38
C ARG A 44 24.58 -26.16 21.07
N SER A 45 25.57 -26.54 20.26
CA SER A 45 26.84 -27.05 20.76
C SER A 45 27.96 -26.10 20.36
N SER A 46 28.74 -25.67 21.36
CA SER A 46 29.86 -24.73 21.19
C SER A 46 29.41 -23.44 20.51
N VAL A 47 28.36 -22.84 21.06
CA VAL A 47 27.73 -21.65 20.51
C VAL A 47 27.68 -20.58 21.60
N LEU A 48 27.89 -19.34 21.22
CA LEU A 48 27.88 -18.22 22.16
C LEU A 48 26.66 -17.34 21.89
N HIS A 49 25.52 -17.98 21.70
CA HIS A 49 24.27 -17.27 21.40
C HIS A 49 23.82 -16.44 22.59
N SER A 50 23.46 -15.18 22.32
CA SER A 50 23.01 -14.25 23.34
C SER A 50 21.52 -13.97 23.13
N THR A 51 20.79 -13.80 24.23
CA THR A 51 19.34 -13.67 24.15
C THR A 51 18.84 -12.59 25.10
N GLN A 52 17.65 -12.08 24.79
CA GLN A 52 16.98 -11.05 25.58
C GLN A 52 15.74 -11.68 26.22
N ASP A 53 15.74 -11.75 27.55
CA ASP A 53 14.62 -12.29 28.31
C ASP A 53 14.73 -11.79 29.74
N LEU A 54 13.75 -12.16 30.55
CA LEU A 54 13.78 -11.82 31.97
C LEU A 54 14.82 -12.67 32.69
N PHE A 55 15.64 -12.04 33.52
CA PHE A 55 16.70 -12.73 34.23
C PHE A 55 16.91 -12.05 35.58
N LEU A 56 17.55 -12.79 36.49
CA LEU A 56 18.00 -12.20 37.74
C LEU A 56 19.28 -11.40 37.49
N PRO A 57 19.31 -10.12 37.82
CA PRO A 57 20.54 -9.33 37.59
C PRO A 57 21.71 -9.83 38.42
N PHE A 58 22.89 -9.75 37.83
CA PHE A 58 24.11 -10.14 38.55
C PHE A 58 24.43 -9.15 39.65
N PHE A 59 24.86 -9.69 40.80
CA PHE A 59 25.36 -8.92 41.94
C PHE A 59 24.33 -7.93 42.46
N SER A 60 23.15 -8.46 42.76
CA SER A 60 22.05 -7.69 43.31
C SER A 60 21.89 -7.99 44.79
N ASN A 61 20.86 -7.38 45.39
CA ASN A 61 20.60 -7.52 46.81
C ASN A 61 19.36 -8.38 47.02
N VAL A 62 19.49 -9.39 47.88
CA VAL A 62 18.38 -10.26 48.23
C VAL A 62 18.12 -10.14 49.73
N THR A 63 16.88 -10.40 50.11
CA THR A 63 16.40 -10.20 51.48
C THR A 63 16.47 -11.53 52.23
N TRP A 64 17.42 -11.64 53.15
CA TRP A 64 17.51 -12.81 54.00
C TRP A 64 16.35 -12.84 54.98
N PHE A 65 15.63 -13.96 55.03
CA PHE A 65 14.49 -14.13 55.90
C PHE A 65 14.72 -15.30 56.85
N HIS A 66 13.84 -15.43 57.84
CA HIS A 66 13.93 -16.50 58.81
C HIS A 66 12.55 -17.02 59.20
N ASN A 81 7.72 -15.46 56.31
CA ASN A 81 6.36 -15.44 56.85
C ASN A 81 5.35 -14.51 56.12
N PRO A 82 5.60 -13.19 55.98
CA PRO A 82 4.54 -12.31 55.49
C PRO A 82 4.37 -12.41 53.98
N VAL A 83 3.32 -11.76 53.50
CA VAL A 83 3.04 -11.72 52.07
C VAL A 83 4.06 -10.82 51.38
N LEU A 84 4.37 -11.14 50.12
CA LEU A 84 5.34 -10.42 49.32
C LEU A 84 4.76 -10.15 47.94
N PRO A 85 5.12 -9.01 47.33
CA PRO A 85 4.63 -8.72 45.98
C PRO A 85 5.30 -9.62 44.95
N PHE A 86 4.48 -10.20 44.07
CA PHE A 86 5.01 -11.10 43.05
C PHE A 86 5.72 -10.33 41.94
N ASN A 87 5.15 -9.18 41.55
CA ASN A 87 5.65 -8.32 40.45
C ASN A 87 5.68 -9.14 39.17
N ASP A 88 6.84 -9.32 38.54
CA ASP A 88 6.94 -10.06 37.28
C ASP A 88 7.40 -11.50 37.49
N GLY A 89 8.57 -11.69 38.09
CA GLY A 89 9.08 -13.01 38.40
C GLY A 89 9.75 -13.01 39.76
N VAL A 90 10.18 -14.18 40.19
CA VAL A 90 10.80 -14.32 41.49
C VAL A 90 11.79 -15.49 41.46
N TYR A 91 12.95 -15.28 42.09
CA TYR A 91 13.96 -16.30 42.28
C TYR A 91 13.93 -16.72 43.75
N PHE A 92 13.30 -17.85 44.01
CA PHE A 92 13.14 -18.37 45.37
C PHE A 92 14.20 -19.42 45.62
N ALA A 93 15.10 -19.16 46.55
CA ALA A 93 16.12 -20.12 46.93
C ALA A 93 15.87 -20.57 48.37
N SER A 94 16.10 -21.86 48.63
CA SER A 94 15.79 -22.41 49.94
C SER A 94 16.91 -23.34 50.39
N THR A 95 17.23 -23.24 51.68
CA THR A 95 18.17 -24.15 52.35
C THR A 95 17.47 -24.67 53.59
N GLU A 96 17.13 -25.96 53.59
CA GLU A 96 16.42 -26.55 54.71
C GLU A 96 16.66 -28.04 54.72
N LYS A 97 16.35 -28.66 55.87
CA LYS A 97 16.48 -30.10 56.03
C LYS A 97 15.22 -30.74 56.59
N SER A 98 14.20 -29.95 56.96
CA SER A 98 12.97 -30.45 57.54
C SER A 98 11.81 -30.47 56.57
N ASN A 99 11.99 -29.97 55.34
CA ASN A 99 10.95 -29.91 54.31
C ASN A 99 9.71 -29.15 54.76
N ILE A 100 9.92 -28.05 55.50
CA ILE A 100 8.80 -27.32 56.07
C ILE A 100 8.53 -25.99 55.35
N ILE A 101 9.49 -25.49 54.57
CA ILE A 101 9.37 -24.20 53.91
C ILE A 101 9.32 -24.41 52.40
N ARG A 102 8.30 -23.85 51.76
CA ARG A 102 8.13 -23.91 50.31
C ARG A 102 7.20 -22.78 49.91
N GLY A 103 7.13 -22.52 48.61
CA GLY A 103 6.28 -21.45 48.11
C GLY A 103 5.01 -21.96 47.46
N TRP A 104 3.86 -21.76 48.10
CA TRP A 104 2.62 -22.34 47.60
C TRP A 104 1.58 -21.31 47.19
N ILE A 105 1.28 -20.32 48.03
CA ILE A 105 0.09 -19.51 47.82
C ILE A 105 0.42 -18.30 46.95
N PHE A 106 -0.30 -18.20 45.82
CA PHE A 106 -0.20 -17.11 44.86
C PHE A 106 -1.61 -16.60 44.58
N GLY A 107 -1.74 -15.31 44.28
CA GLY A 107 -3.03 -14.80 43.92
C GLY A 107 -3.05 -13.28 43.89
N THR A 108 -4.28 -12.74 43.86
CA THR A 108 -4.48 -11.30 43.84
C THR A 108 -5.16 -10.80 45.11
N THR A 109 -6.32 -11.36 45.45
CA THR A 109 -7.01 -10.99 46.68
C THR A 109 -6.58 -11.83 47.87
N LEU A 110 -5.98 -13.00 47.62
CA LEU A 110 -5.36 -13.90 48.60
C LEU A 110 -6.34 -14.54 49.56
N ASP A 111 -7.64 -14.25 49.44
CA ASP A 111 -8.66 -14.91 50.27
C ASP A 111 -9.97 -14.84 49.48
N SER A 112 -10.31 -15.95 48.83
CA SER A 112 -11.48 -16.09 47.95
C SER A 112 -11.51 -15.03 46.85
N LYS A 113 -12.69 -14.82 46.26
CA LYS A 113 -13.01 -13.85 45.21
C LYS A 113 -12.30 -14.11 43.89
N THR A 114 -11.45 -15.12 43.80
CA THR A 114 -10.70 -15.48 42.60
C THR A 114 -10.07 -16.85 42.85
N GLN A 115 -9.61 -17.48 41.77
CA GLN A 115 -8.88 -18.73 41.90
C GLN A 115 -7.51 -18.47 42.52
N SER A 116 -7.11 -19.38 43.40
CA SER A 116 -5.86 -19.24 44.14
C SER A 116 -5.04 -20.51 44.01
N LEU A 117 -3.72 -20.34 43.88
CA LEU A 117 -2.81 -21.44 43.60
C LEU A 117 -2.16 -21.94 44.89
N LEU A 118 -1.86 -23.24 44.92
CA LEU A 118 -1.22 -23.86 46.06
C LEU A 118 -0.39 -25.05 45.58
N ILE A 119 0.81 -25.16 46.13
CA ILE A 119 1.78 -26.20 45.77
C ILE A 119 2.28 -26.81 47.08
N VAL A 120 1.80 -28.00 47.42
CA VAL A 120 2.16 -28.58 48.70
C VAL A 120 2.90 -29.90 48.48
N ASN A 121 3.76 -30.25 49.42
CA ASN A 121 4.57 -31.47 49.37
C ASN A 121 4.30 -32.26 50.64
N ASN A 122 3.89 -33.53 50.48
CA ASN A 122 3.65 -34.39 51.62
C ASN A 122 4.20 -35.78 51.32
N ALA A 123 4.82 -36.39 52.34
CA ALA A 123 5.42 -37.72 52.27
C ALA A 123 6.40 -37.86 51.12
N THR A 124 5.93 -38.42 50.00
CA THR A 124 6.73 -38.59 48.79
C THR A 124 5.91 -38.22 47.55
N ASN A 125 5.12 -37.16 47.65
CA ASN A 125 4.28 -36.72 46.54
C ASN A 125 3.97 -35.24 46.72
N VAL A 126 3.52 -34.63 45.62
CA VAL A 126 3.19 -33.21 45.61
C VAL A 126 1.78 -33.03 45.08
N VAL A 127 1.13 -31.97 45.52
CA VAL A 127 -0.24 -31.64 45.13
C VAL A 127 -0.26 -30.21 44.60
N ILE A 128 -0.79 -30.04 43.39
CA ILE A 128 -1.00 -28.75 42.76
C ILE A 128 -2.49 -28.49 42.77
N LYS A 129 -2.90 -27.32 43.26
CA LYS A 129 -4.32 -27.04 43.43
C LYS A 129 -4.61 -25.60 43.07
N VAL A 130 -5.72 -25.35 42.37
CA VAL A 130 -6.27 -24.01 42.25
C VAL A 130 -7.72 -24.01 42.74
N CYS A 131 -7.97 -23.26 43.81
CA CYS A 131 -9.31 -23.11 44.39
C CYS A 131 -9.43 -21.75 45.04
N GLU A 132 -10.67 -21.34 45.28
CA GLU A 132 -10.96 -20.12 46.04
C GLU A 132 -11.19 -20.45 47.51
N PHE A 133 -10.18 -21.08 48.11
CA PHE A 133 -10.24 -21.52 49.48
C PHE A 133 -10.17 -20.32 50.43
N GLN A 134 -10.72 -20.51 51.63
CA GLN A 134 -10.61 -19.51 52.69
C GLN A 134 -9.28 -19.70 53.41
N PHE A 135 -8.42 -18.69 53.34
CA PHE A 135 -7.06 -18.78 53.86
C PHE A 135 -6.96 -18.09 55.22
N CYS A 136 -6.19 -18.70 56.12
CA CYS A 136 -5.95 -18.13 57.43
C CYS A 136 -4.77 -17.16 57.38
N ASN A 137 -4.41 -16.60 58.54
CA ASN A 137 -3.27 -15.70 58.61
C ASN A 137 -1.96 -16.44 58.39
N ASP A 138 -1.76 -17.54 59.10
CA ASP A 138 -0.58 -18.39 58.92
C ASP A 138 -1.00 -19.86 58.95
N PRO A 139 -1.65 -20.34 57.88
CA PRO A 139 -2.11 -21.72 57.86
C PRO A 139 -1.00 -22.68 57.44
N PHE A 140 -1.16 -23.93 57.88
CA PHE A 140 -0.23 -24.99 57.51
C PHE A 140 -0.90 -26.36 57.65
N ASN A 164 -15.97 -23.14 46.81
CA ASN A 164 -14.67 -23.70 46.45
C ASN A 164 -14.20 -23.15 45.10
N ASN A 165 -15.00 -23.42 44.07
CA ASN A 165 -14.72 -23.00 42.68
C ASN A 165 -13.34 -23.49 42.23
N CYS A 166 -13.19 -24.81 42.21
CA CYS A 166 -11.94 -25.46 41.88
C CYS A 166 -11.96 -25.89 40.42
N THR A 167 -10.87 -25.59 39.71
CA THR A 167 -10.77 -25.88 38.29
C THR A 167 -9.66 -26.86 37.93
N PHE A 168 -8.60 -26.94 38.72
CA PHE A 168 -7.48 -27.83 38.39
C PHE A 168 -6.81 -28.31 39.66
N GLU A 169 -6.85 -29.62 39.88
CA GLU A 169 -6.12 -30.29 40.95
C GLU A 169 -5.33 -31.45 40.33
N TYR A 170 -4.12 -31.65 40.81
CA TYR A 170 -3.22 -32.63 40.20
C TYR A 170 -2.22 -33.14 41.23
N VAL A 171 -1.87 -34.42 41.11
CA VAL A 171 -0.87 -35.05 41.95
C VAL A 171 0.20 -35.65 41.05
N SER A 172 1.46 -35.27 41.29
CA SER A 172 2.58 -35.79 40.51
C SER A 172 3.32 -36.89 41.28
N PHE A 186 23.41 -26.40 56.39
CA PHE A 186 22.26 -26.78 55.58
C PHE A 186 22.68 -27.76 54.49
N LYS A 187 22.06 -28.94 54.49
CA LYS A 187 22.48 -30.02 53.60
C LYS A 187 22.03 -29.80 52.16
N ASN A 188 20.88 -29.14 51.96
CA ASN A 188 20.31 -28.99 50.64
C ASN A 188 20.32 -27.53 50.20
N LEU A 189 20.15 -27.32 48.90
CA LEU A 189 19.97 -25.99 48.34
C LEU A 189 19.10 -26.15 47.10
N ARG A 190 17.88 -25.63 47.18
CA ARG A 190 16.90 -25.76 46.10
C ARG A 190 16.63 -24.39 45.50
N GLU A 191 16.82 -24.27 44.19
CA GLU A 191 16.58 -23.02 43.46
C GLU A 191 15.34 -23.18 42.60
N PHE A 192 14.47 -22.17 42.62
CA PHE A 192 13.28 -22.15 41.79
C PHE A 192 13.14 -20.76 41.19
N VAL A 193 12.73 -20.71 39.93
CA VAL A 193 12.41 -19.47 39.24
C VAL A 193 10.96 -19.55 38.79
N PHE A 194 10.16 -18.58 39.22
CA PHE A 194 8.77 -18.48 38.82
C PHE A 194 8.56 -17.21 37.99
N LYS A 195 7.89 -17.35 36.86
CA LYS A 195 7.62 -16.22 35.99
C LYS A 195 6.29 -16.47 35.27
N ASN A 196 5.96 -15.58 34.34
CA ASN A 196 4.72 -15.71 33.57
C ASN A 196 4.92 -15.31 32.12
N TYR A 200 2.14 -18.23 30.24
CA TYR A 200 1.14 -18.66 31.21
C TYR A 200 1.76 -18.74 32.60
N PHE A 201 1.96 -19.95 33.10
CA PHE A 201 2.70 -20.17 34.34
C PHE A 201 3.84 -21.14 34.09
N LYS A 202 5.05 -20.74 34.47
CA LYS A 202 6.23 -21.55 34.23
C LYS A 202 7.03 -21.66 35.52
N ILE A 203 7.66 -22.83 35.70
CA ILE A 203 8.46 -23.13 36.88
C ILE A 203 9.77 -23.75 36.43
N TYR A 204 10.88 -23.20 36.91
CA TYR A 204 12.20 -23.78 36.67
C TYR A 204 12.82 -24.14 38.01
N SER A 205 13.48 -25.30 38.08
CA SER A 205 13.92 -25.81 39.37
C SER A 205 15.24 -26.54 39.24
N LYS A 206 15.99 -26.56 40.35
CA LYS A 206 17.20 -27.37 40.45
C LYS A 206 17.49 -27.62 41.93
N HIS A 207 18.12 -28.77 42.21
CA HIS A 207 18.54 -29.16 43.54
C HIS A 207 20.06 -29.36 43.55
N THR A 208 20.70 -28.97 44.66
CA THR A 208 22.15 -29.12 44.78
C THR A 208 22.52 -29.29 46.26
N PRO A 209 23.27 -30.33 46.61
CA PRO A 209 23.70 -30.49 48.02
C PRO A 209 24.84 -29.54 48.36
N ILE A 210 24.70 -28.83 49.48
CA ILE A 210 25.72 -27.94 50.01
C ILE A 210 25.90 -28.25 51.49
N ASN A 211 26.81 -27.52 52.13
CA ASN A 211 27.00 -27.60 53.57
C ASN A 211 27.77 -26.40 54.09
N LEU A 212 27.38 -25.93 55.28
CA LEU A 212 28.15 -24.97 56.09
C LEU A 212 28.43 -23.66 55.36
N VAL A 213 27.34 -22.95 55.05
CA VAL A 213 27.44 -21.61 54.45
C VAL A 213 26.20 -20.82 54.86
N ARG A 214 26.38 -19.51 55.01
CA ARG A 214 25.30 -18.63 55.42
C ARG A 214 24.68 -17.87 54.26
N ASP A 215 25.45 -17.58 53.21
CA ASP A 215 24.94 -16.93 52.02
C ASP A 215 24.94 -17.92 50.85
N LEU A 216 24.58 -17.43 49.68
CA LEU A 216 24.63 -18.25 48.48
C LEU A 216 26.08 -18.52 48.09
N PRO A 217 26.48 -19.76 47.88
CA PRO A 217 27.86 -20.05 47.49
C PRO A 217 28.18 -19.52 46.11
N GLN A 218 29.46 -19.20 45.90
CA GLN A 218 29.92 -18.61 44.64
C GLN A 218 30.15 -19.72 43.61
N GLY A 219 29.05 -20.32 43.18
CA GLY A 219 29.08 -21.35 42.16
C GLY A 219 28.09 -21.03 41.05
N PHE A 220 28.27 -21.72 39.93
CA PHE A 220 27.43 -21.52 38.75
C PHE A 220 26.73 -22.82 38.38
N SER A 221 25.45 -22.70 38.05
CA SER A 221 24.66 -23.84 37.60
C SER A 221 23.50 -23.33 36.74
N ALA A 222 22.99 -24.21 35.89
CA ALA A 222 21.84 -23.88 35.06
C ALA A 222 20.56 -24.11 35.86
N LEU A 223 19.41 -24.05 35.18
CA LEU A 223 18.13 -24.30 35.83
C LEU A 223 17.22 -25.00 34.81
N GLU A 224 17.16 -26.32 34.88
CA GLU A 224 16.35 -27.08 33.94
C GLU A 224 14.86 -26.86 34.22
N PRO A 225 14.04 -26.78 33.16
CA PRO A 225 12.60 -26.65 33.37
C PRO A 225 12.00 -27.92 33.96
N LEU A 226 10.93 -27.75 34.73
CA LEU A 226 10.26 -28.87 35.39
C LEU A 226 8.85 -29.08 34.88
N VAL A 227 7.98 -28.07 34.96
CA VAL A 227 6.57 -28.20 34.60
C VAL A 227 6.17 -26.98 33.78
N ASP A 228 4.88 -26.93 33.42
CA ASP A 228 4.30 -25.80 32.70
C ASP A 228 2.81 -25.78 32.99
N LEU A 229 2.37 -24.83 33.80
CA LEU A 229 0.97 -24.71 34.18
C LEU A 229 0.28 -23.75 33.24
N PRO A 230 -0.70 -24.21 32.45
CA PRO A 230 -1.40 -23.32 31.51
C PRO A 230 -2.62 -22.66 32.13
N ILE A 231 -2.71 -22.67 33.46
CA ILE A 231 -3.92 -22.23 34.14
C ILE A 231 -4.17 -20.74 33.94
N GLY A 232 -3.10 -19.93 33.93
CA GLY A 232 -3.23 -18.50 33.70
C GLY A 232 -3.96 -17.75 34.80
N ILE A 233 -3.63 -18.05 36.05
CA ILE A 233 -4.26 -17.41 37.20
C ILE A 233 -3.72 -15.99 37.34
N ASN A 234 -4.62 -15.03 37.52
CA ASN A 234 -4.24 -13.64 37.76
C ASN A 234 -3.56 -13.53 39.12
N ILE A 235 -2.25 -13.35 39.12
CA ILE A 235 -1.44 -13.36 40.34
C ILE A 235 -0.69 -12.04 40.45
N THR A 236 -0.83 -11.37 41.60
CA THR A 236 -0.09 -10.15 41.88
C THR A 236 0.64 -10.17 43.22
N ARG A 237 0.49 -11.24 44.01
CA ARG A 237 1.06 -11.29 45.35
C ARG A 237 1.13 -12.75 45.80
N PHE A 238 2.23 -13.12 46.45
CA PHE A 238 2.44 -14.50 46.87
C PHE A 238 2.98 -14.51 48.29
N GLN A 239 2.78 -15.63 48.98
CA GLN A 239 3.22 -15.74 50.36
C GLN A 239 3.91 -17.07 50.61
N THR A 240 4.78 -17.08 51.60
CA THR A 240 5.47 -18.27 52.06
C THR A 240 5.36 -18.35 53.58
N LEU A 241 4.85 -19.47 54.09
CA LEU A 241 4.69 -19.65 55.52
C LEU A 241 5.39 -20.91 55.99
N LEU A 242 5.18 -21.29 57.25
CA LEU A 242 5.77 -22.49 57.81
C LEU A 242 5.01 -23.74 57.37
N ALA A 263 16.16 -23.43 59.02
CA ALA A 263 15.75 -23.21 57.63
C ALA A 263 15.94 -21.76 57.22
N ALA A 264 16.30 -21.55 55.96
CA ALA A 264 16.49 -20.20 55.44
C ALA A 264 16.03 -20.15 53.99
N TYR A 265 15.65 -18.96 53.54
CA TYR A 265 15.22 -18.80 52.16
C TYR A 265 15.45 -17.36 51.72
N TYR A 266 15.78 -17.22 50.44
CA TYR A 266 16.11 -15.94 49.82
C TYR A 266 15.12 -15.67 48.69
N VAL A 267 14.73 -14.40 48.55
CA VAL A 267 13.77 -13.97 47.55
C VAL A 267 14.35 -12.77 46.80
N GLY A 268 14.40 -12.87 45.48
CA GLY A 268 14.85 -11.77 44.64
C GLY A 268 13.79 -11.33 43.65
N TYR A 269 14.21 -10.68 42.57
CA TYR A 269 13.27 -10.23 41.55
C TYR A 269 13.96 -10.29 40.19
N LEU A 270 13.16 -10.31 39.14
CA LEU A 270 13.62 -10.49 37.77
C LEU A 270 13.43 -9.22 36.96
N GLN A 271 14.39 -8.94 36.08
CA GLN A 271 14.35 -7.77 35.22
C GLN A 271 14.65 -8.16 33.78
N PRO A 272 14.10 -7.44 32.79
CA PRO A 272 14.36 -7.77 31.38
C PRO A 272 15.65 -7.15 30.82
N ARG A 273 16.77 -7.83 31.05
CA ARG A 273 18.07 -7.39 30.56
C ARG A 273 18.70 -8.46 29.70
N THR A 274 19.45 -8.02 28.69
CA THR A 274 20.05 -8.92 27.71
C THR A 274 21.19 -9.71 28.33
N PHE A 275 21.20 -11.02 28.12
CA PHE A 275 22.25 -11.90 28.62
C PHE A 275 22.96 -12.56 27.44
N LEU A 276 24.17 -13.03 27.70
CA LEU A 276 24.93 -13.81 26.74
C LEU A 276 25.30 -15.13 27.39
N LEU A 277 25.01 -16.23 26.69
CA LEU A 277 25.18 -17.57 27.25
C LEU A 277 26.24 -18.34 26.48
N LYS A 278 26.91 -19.26 27.17
CA LYS A 278 27.94 -20.10 26.57
C LYS A 278 27.54 -21.56 26.74
N TYR A 279 27.21 -22.22 25.63
CA TYR A 279 26.88 -23.64 25.64
C TYR A 279 28.14 -24.48 25.51
N ASN A 280 28.00 -25.76 25.78
CA ASN A 280 29.10 -26.72 25.73
C ASN A 280 28.81 -27.80 24.70
N GLU A 281 29.63 -28.86 24.71
CA GLU A 281 29.49 -29.93 23.74
C GLU A 281 28.20 -30.72 23.94
N ASN A 282 27.69 -30.78 25.16
CA ASN A 282 26.49 -31.55 25.46
C ASN A 282 25.23 -30.70 25.50
N GLY A 283 25.34 -29.37 25.45
CA GLY A 283 24.17 -28.52 25.52
C GLY A 283 23.76 -28.18 26.94
N THR A 284 24.73 -27.74 27.75
CA THR A 284 24.48 -27.31 29.11
C THR A 284 25.10 -25.92 29.29
N ILE A 285 24.35 -25.01 29.90
CA ILE A 285 24.82 -23.65 30.09
C ILE A 285 25.89 -23.64 31.18
N THR A 286 27.09 -23.20 30.82
CA THR A 286 28.21 -23.19 31.75
C THR A 286 28.69 -21.80 32.14
N ASP A 287 28.33 -20.75 31.40
CA ASP A 287 28.75 -19.41 31.75
C ASP A 287 27.81 -18.40 31.11
N ALA A 288 27.60 -17.28 31.79
CA ALA A 288 26.72 -16.22 31.31
C ALA A 288 27.33 -14.86 31.64
N VAL A 289 27.09 -13.90 30.76
CA VAL A 289 27.63 -12.55 30.89
C VAL A 289 26.49 -11.54 30.69
N ASP A 290 26.36 -10.62 31.65
CA ASP A 290 25.39 -9.54 31.54
C ASP A 290 25.87 -8.51 30.52
N CYS A 291 24.94 -7.76 29.96
CA CYS A 291 25.30 -6.76 28.96
C CYS A 291 25.33 -5.33 29.50
N ALA A 292 24.64 -5.05 30.61
CA ALA A 292 24.53 -3.69 31.11
C ALA A 292 25.05 -3.56 32.55
N LEU A 293 25.97 -4.43 32.94
CA LEU A 293 26.52 -4.38 34.29
C LEU A 293 27.64 -3.34 34.39
N ASP A 294 28.74 -3.57 33.67
CA ASP A 294 29.89 -2.69 33.64
C ASP A 294 30.40 -2.61 32.21
N PRO A 295 31.16 -1.55 31.86
CA PRO A 295 31.55 -1.35 30.45
C PRO A 295 32.35 -2.49 29.82
N LEU A 296 33.11 -3.26 30.61
CA LEU A 296 33.81 -4.42 30.06
C LEU A 296 32.82 -5.47 29.57
N SER A 297 31.78 -5.74 30.35
CA SER A 297 30.75 -6.67 29.92
C SER A 297 29.94 -6.11 28.76
N GLU A 298 29.79 -4.78 28.69
CA GLU A 298 29.17 -4.16 27.52
C GLU A 298 30.00 -4.37 26.27
N THR A 299 31.33 -4.30 26.39
CA THR A 299 32.21 -4.62 25.28
C THR A 299 32.10 -6.10 24.90
N LYS A 300 32.07 -6.98 25.92
CA LYS A 300 31.96 -8.42 25.68
C LYS A 300 30.65 -8.82 25.04
N CYS A 301 29.58 -8.04 25.25
CA CYS A 301 28.32 -8.31 24.57
C CYS A 301 28.32 -7.83 23.13
N THR A 302 29.28 -6.99 22.74
CA THR A 302 29.38 -6.52 21.36
C THR A 302 30.20 -7.49 20.51
N LEU A 303 31.45 -7.70 20.88
CA LEU A 303 32.27 -8.75 20.28
C LEU A 303 31.88 -10.07 20.93
N LYS A 304 31.17 -10.92 20.20
CA LYS A 304 30.53 -12.10 20.78
C LYS A 304 31.59 -13.14 21.12
N SER A 305 32.22 -12.94 22.27
CA SER A 305 33.28 -13.81 22.77
C SER A 305 33.44 -13.56 24.27
N PHE A 306 34.29 -14.36 24.90
CA PHE A 306 34.65 -14.17 26.29
C PHE A 306 36.03 -13.57 26.47
N THR A 307 36.82 -13.46 25.40
CA THR A 307 38.15 -12.86 25.44
C THR A 307 38.17 -11.67 24.50
N VAL A 308 38.73 -10.56 24.97
CA VAL A 308 38.78 -9.31 24.22
C VAL A 308 40.24 -8.91 24.05
N GLU A 309 40.66 -8.72 22.81
CA GLU A 309 42.04 -8.32 22.54
C GLU A 309 42.25 -6.85 22.88
N LYS A 310 43.52 -6.47 23.03
CA LYS A 310 43.87 -5.11 23.41
C LYS A 310 43.61 -4.15 22.25
N GLY A 311 42.92 -3.05 22.56
CA GLY A 311 42.62 -2.06 21.54
C GLY A 311 41.56 -1.08 21.99
N ILE A 312 40.78 -0.59 21.01
CA ILE A 312 39.71 0.36 21.26
C ILE A 312 38.45 -0.15 20.55
N TYR A 313 37.32 -0.05 21.24
CA TYR A 313 36.06 -0.58 20.72
C TYR A 313 34.95 0.43 20.98
N GLN A 314 33.92 0.39 20.13
CA GLN A 314 32.78 1.28 20.22
C GLN A 314 31.54 0.47 20.58
N THR A 315 30.82 0.90 21.61
CA THR A 315 29.71 0.13 22.16
C THR A 315 28.35 0.78 21.94
N SER A 316 28.16 2.01 22.40
CA SER A 316 26.84 2.62 22.39
C SER A 316 26.96 4.13 22.26
N ASN A 317 25.84 4.83 22.44
CA ASN A 317 25.77 6.26 22.28
C ASN A 317 25.41 6.95 23.59
N PHE A 318 25.91 8.16 23.76
CA PHE A 318 25.64 8.99 24.93
C PHE A 318 24.70 10.11 24.53
N ARG A 319 23.65 10.33 25.32
CA ARG A 319 22.61 11.29 24.97
C ARG A 319 22.06 11.92 26.23
N VAL A 320 21.72 13.21 26.14
CA VAL A 320 21.11 13.96 27.23
C VAL A 320 19.63 14.13 26.95
N GLN A 321 18.79 13.89 27.99
CA GLN A 321 17.34 13.95 27.90
C GLN A 321 16.83 15.31 28.35
N PRO A 322 15.72 15.79 27.77
CA PRO A 322 15.17 17.08 28.19
C PRO A 322 14.59 17.04 29.59
N THR A 323 14.54 18.20 30.22
CA THR A 323 14.08 18.33 31.61
C THR A 323 12.61 18.72 31.71
N GLU A 324 12.17 19.74 30.95
CA GLU A 324 10.80 20.20 31.03
C GLU A 324 10.41 20.81 29.69
N SER A 325 9.22 21.41 29.65
CA SER A 325 8.67 22.02 28.45
C SER A 325 8.20 23.43 28.74
N ILE A 326 8.53 24.35 27.83
CA ILE A 326 8.13 25.75 27.96
C ILE A 326 7.48 26.19 26.66
N VAL A 327 6.22 26.61 26.74
CA VAL A 327 5.48 27.13 25.59
C VAL A 327 5.14 28.58 25.87
N ARG A 328 5.58 29.47 24.99
CA ARG A 328 5.30 30.90 25.13
C ARG A 328 4.56 31.36 23.88
N PHE A 329 3.24 31.49 24.00
CA PHE A 329 2.41 32.04 22.93
C PHE A 329 2.56 33.56 22.92
N PRO A 330 1.97 34.27 21.94
CA PRO A 330 2.03 35.71 21.93
C PRO A 330 1.33 36.31 23.15
N ASN A 331 1.65 37.57 23.46
CA ASN A 331 1.01 38.28 24.58
C ASN A 331 -0.51 38.19 24.40
N ILE A 332 -1.28 38.30 25.49
CA ILE A 332 -2.77 38.26 25.40
C ILE A 332 -3.25 39.50 24.64
N THR A 333 -4.47 39.49 24.12
CA THR A 333 -4.97 40.62 23.30
C THR A 333 -6.51 40.63 23.25
N ASN A 334 -7.09 41.23 22.21
CA ASN A 334 -8.42 41.89 22.25
C ASN A 334 -9.47 40.90 22.75
N LEU A 335 -10.07 41.17 23.91
CA LEU A 335 -11.02 40.21 24.52
C LEU A 335 -12.37 40.26 23.80
N CYS A 336 -13.20 39.26 24.04
CA CYS A 336 -14.56 39.25 23.46
C CYS A 336 -15.52 39.90 24.45
N PRO A 337 -16.37 40.86 24.02
CA PRO A 337 -17.26 41.56 24.95
C PRO A 337 -18.50 40.76 25.34
N PHE A 338 -18.36 39.91 26.35
CA PHE A 338 -19.53 39.13 26.82
C PHE A 338 -20.18 39.86 27.99
N GLY A 339 -19.37 40.40 28.90
CA GLY A 339 -19.97 41.15 29.98
C GLY A 339 -20.93 42.22 29.53
N GLU A 340 -20.79 42.70 28.29
CA GLU A 340 -21.78 43.60 27.71
C GLU A 340 -23.12 42.89 27.52
N VAL A 341 -23.08 41.61 27.16
CA VAL A 341 -24.30 40.88 26.86
C VAL A 341 -25.10 40.59 28.13
N PHE A 342 -24.44 40.00 29.13
CA PHE A 342 -25.16 39.58 30.33
C PHE A 342 -25.56 40.75 31.22
N ASN A 343 -24.71 41.77 31.32
CA ASN A 343 -25.00 42.94 32.14
C ASN A 343 -25.71 44.05 31.37
N ALA A 344 -26.47 43.70 30.33
CA ALA A 344 -27.21 44.68 29.57
C ALA A 344 -28.40 45.20 30.37
N THR A 345 -28.98 46.29 29.87
CA THR A 345 -30.11 46.92 30.58
C THR A 345 -31.37 46.06 30.49
N ARG A 346 -31.68 45.58 29.28
CA ARG A 346 -32.90 44.81 29.09
C ARG A 346 -32.69 43.85 27.92
N PHE A 347 -33.41 42.74 27.95
CA PHE A 347 -33.28 41.68 26.96
C PHE A 347 -34.55 41.57 26.12
N ALA A 348 -34.36 41.22 24.85
CA ALA A 348 -35.49 41.07 23.94
C ALA A 348 -36.26 39.80 24.23
N SER A 349 -37.44 39.70 23.64
CA SER A 349 -38.29 38.52 23.82
C SER A 349 -37.83 37.38 22.90
N VAL A 350 -38.60 36.30 22.91
CA VAL A 350 -38.27 35.14 22.08
C VAL A 350 -38.83 35.27 20.67
N TYR A 351 -39.86 36.08 20.44
CA TYR A 351 -40.35 36.26 19.08
C TYR A 351 -39.40 37.15 18.28
N ALA A 352 -38.70 38.05 18.95
CA ALA A 352 -37.77 38.97 18.31
C ALA A 352 -36.37 38.78 18.90
N TRP A 353 -35.94 37.51 18.95
CA TRP A 353 -34.66 37.15 19.57
C TRP A 353 -33.51 37.86 18.87
N ASN A 354 -32.70 38.57 19.65
CA ASN A 354 -31.59 39.32 19.09
C ASN A 354 -30.46 38.40 18.67
N ARG A 355 -29.92 38.65 17.48
CA ARG A 355 -28.77 37.92 16.97
C ARG A 355 -27.63 38.90 16.77
N LYS A 356 -26.48 38.60 17.36
CA LYS A 356 -25.29 39.45 17.26
C LYS A 356 -24.13 38.61 16.76
N ARG A 357 -23.40 39.13 15.78
CA ARG A 357 -22.23 38.44 15.25
C ARG A 357 -20.99 38.88 16.03
N ILE A 358 -20.26 37.92 16.57
CA ILE A 358 -19.04 38.17 17.33
C ILE A 358 -17.88 37.68 16.48
N SER A 359 -16.92 38.58 16.21
CA SER A 359 -15.78 38.24 15.38
C SER A 359 -14.56 39.04 15.84
N ASN A 360 -13.39 38.44 15.65
CA ASN A 360 -12.07 39.06 15.89
C ASN A 360 -11.91 39.52 17.34
N CYS A 361 -11.95 38.55 18.25
CA CYS A 361 -11.62 38.78 19.65
C CYS A 361 -11.27 37.45 20.30
N VAL A 362 -10.84 37.51 21.55
CA VAL A 362 -10.52 36.33 22.33
C VAL A 362 -11.50 36.22 23.49
N ALA A 363 -12.00 35.01 23.71
CA ALA A 363 -13.03 34.75 24.72
C ALA A 363 -12.58 33.67 25.68
N ASP A 364 -12.77 33.92 26.97
CA ASP A 364 -12.43 32.96 28.03
C ASP A 364 -13.71 32.21 28.38
N TYR A 365 -13.89 31.04 27.76
CA TYR A 365 -15.14 30.32 27.85
C TYR A 365 -15.33 29.64 29.20
N SER A 366 -14.28 29.02 29.74
CA SER A 366 -14.41 28.26 30.98
C SER A 366 -14.58 29.14 32.22
N VAL A 367 -14.33 30.44 32.10
CA VAL A 367 -14.60 31.35 33.22
C VAL A 367 -16.10 31.41 33.50
N LEU A 368 -16.92 31.38 32.44
CA LEU A 368 -18.36 31.33 32.62
C LEU A 368 -18.80 30.03 33.27
N TYR A 369 -18.13 28.91 32.93
CA TYR A 369 -18.45 27.65 33.58
C TYR A 369 -18.01 27.65 35.03
N ASN A 370 -16.86 28.24 35.33
CA ASN A 370 -16.36 28.34 36.70
C ASN A 370 -16.85 29.62 37.38
N SER A 371 -18.16 29.82 37.36
CA SER A 371 -18.77 30.98 38.01
C SER A 371 -19.87 30.52 38.96
N ALA A 372 -20.52 29.40 38.61
CA ALA A 372 -21.57 28.74 39.40
C ALA A 372 -22.76 29.65 39.69
N SER A 373 -22.99 30.66 38.85
CA SER A 373 -24.15 31.53 38.98
C SER A 373 -25.14 31.39 37.84
N PHE A 374 -24.67 30.99 36.66
CA PHE A 374 -25.54 30.77 35.50
C PHE A 374 -25.73 29.27 35.39
N SER A 375 -26.71 28.75 36.14
CA SER A 375 -26.80 27.31 36.38
C SER A 375 -27.72 26.59 35.39
N THR A 376 -27.52 26.79 34.08
CA THR A 376 -28.14 25.93 33.09
C THR A 376 -27.10 25.19 32.25
N PHE A 377 -26.25 25.93 31.51
CA PHE A 377 -25.08 25.44 30.77
C PHE A 377 -25.33 24.20 29.93
N LYS A 378 -26.14 24.32 28.88
CA LYS A 378 -26.40 23.22 27.97
C LYS A 378 -25.56 23.42 26.70
N CYS A 379 -24.63 22.50 26.44
CA CYS A 379 -23.73 22.60 25.31
C CYS A 379 -23.80 21.35 24.44
N TYR A 380 -23.74 21.57 23.12
CA TYR A 380 -23.67 20.50 22.14
C TYR A 380 -22.38 20.60 21.33
N GLY A 381 -21.91 19.45 20.87
CA GLY A 381 -20.82 19.41 19.90
C GLY A 381 -19.45 19.10 20.47
N VAL A 382 -19.11 19.69 21.62
CA VAL A 382 -17.77 19.60 22.16
C VAL A 382 -17.82 20.00 23.63
N SER A 383 -16.86 19.48 24.41
CA SER A 383 -16.81 19.74 25.84
C SER A 383 -16.51 21.22 26.11
N PRO A 384 -17.00 21.76 27.23
CA PRO A 384 -16.73 23.18 27.56
C PRO A 384 -15.24 23.51 27.71
N THR A 385 -14.45 22.58 28.23
CA THR A 385 -13.01 22.84 28.34
C THR A 385 -12.33 22.83 26.98
N LYS A 386 -12.79 21.98 26.05
CA LYS A 386 -12.16 21.90 24.74
C LYS A 386 -12.54 23.09 23.86
N LEU A 387 -13.78 23.57 23.96
CA LEU A 387 -14.18 24.74 23.16
C LEU A 387 -13.53 26.01 23.66
N ASN A 388 -13.05 26.04 24.91
CA ASN A 388 -12.24 27.16 25.37
C ASN A 388 -10.95 27.24 24.57
N ASP A 389 -10.27 26.12 24.38
CA ASP A 389 -9.07 26.06 23.56
C ASP A 389 -9.41 25.60 22.14
N LEU A 390 -10.30 26.35 21.51
CA LEU A 390 -10.74 26.03 20.15
C LEU A 390 -11.07 27.33 19.42
N CYS A 391 -10.71 27.38 18.15
CA CYS A 391 -10.85 28.57 17.33
C CYS A 391 -12.03 28.41 16.36
N PHE A 392 -12.74 29.51 16.11
CA PHE A 392 -13.90 29.48 15.23
C PHE A 392 -13.97 30.76 14.41
N THR A 393 -14.64 30.67 13.26
CA THR A 393 -14.75 31.81 12.36
C THR A 393 -15.68 32.88 12.92
N ASN A 394 -16.86 32.48 13.41
CA ASN A 394 -17.85 33.42 13.89
C ASN A 394 -18.58 32.85 15.09
N VAL A 395 -19.12 33.75 15.91
CA VAL A 395 -19.93 33.40 17.06
C VAL A 395 -21.22 34.23 17.00
N TYR A 396 -22.36 33.56 17.11
CA TYR A 396 -23.66 34.21 17.10
C TYR A 396 -24.33 34.01 18.46
N ALA A 397 -24.79 35.10 19.06
CA ALA A 397 -25.40 35.08 20.37
C ALA A 397 -26.89 35.36 20.25
N ASP A 398 -27.70 34.53 20.90
CA ASP A 398 -29.16 34.65 20.88
C ASP A 398 -29.65 34.83 22.31
N SER A 399 -29.93 36.08 22.68
CA SER A 399 -30.31 36.43 24.05
C SER A 399 -31.80 36.71 24.13
N PHE A 400 -32.50 36.00 25.00
CA PHE A 400 -33.93 36.15 25.21
C PHE A 400 -34.30 35.53 26.54
N VAL A 401 -35.60 35.60 26.87
CA VAL A 401 -36.13 35.17 28.16
C VAL A 401 -37.28 34.21 27.93
N ILE A 402 -37.34 33.13 28.72
CA ILE A 402 -38.42 32.17 28.70
C ILE A 402 -38.86 31.86 30.13
N ARG A 403 -39.83 30.94 30.25
CA ARG A 403 -40.23 30.41 31.54
C ARG A 403 -39.19 29.44 32.08
N GLY A 404 -39.48 28.89 33.27
CA GLY A 404 -38.68 27.81 33.80
C GLY A 404 -39.08 26.43 33.31
N ASP A 405 -40.18 26.33 32.56
CA ASP A 405 -40.66 25.06 32.04
C ASP A 405 -40.46 24.90 30.55
N GLU A 406 -40.17 25.97 29.82
CA GLU A 406 -39.92 25.89 28.38
C GLU A 406 -38.46 25.59 28.05
N VAL A 407 -37.70 25.03 28.99
CA VAL A 407 -36.33 24.61 28.72
C VAL A 407 -36.31 23.47 27.71
N ARG A 408 -37.30 22.57 27.77
CA ARG A 408 -37.38 21.46 26.83
C ARG A 408 -37.63 21.94 25.41
N GLN A 409 -38.29 23.10 25.25
CA GLN A 409 -38.56 23.62 23.91
C GLN A 409 -37.29 24.12 23.23
N ILE A 410 -36.28 24.52 24.01
CA ILE A 410 -34.98 24.91 23.44
C ILE A 410 -34.17 23.63 23.35
N ALA A 411 -34.44 22.85 22.30
CA ALA A 411 -33.81 21.57 22.00
C ALA A 411 -34.17 21.15 20.58
N PRO A 412 -33.19 20.70 19.78
CA PRO A 412 -33.52 20.16 18.47
C PRO A 412 -34.31 18.86 18.58
N GLY A 413 -35.25 18.67 17.66
CA GLY A 413 -36.12 17.51 17.68
C GLY A 413 -37.29 17.62 18.63
N GLN A 414 -37.43 18.73 19.35
CA GLN A 414 -38.53 18.95 20.28
C GLN A 414 -39.41 20.08 19.76
N THR A 415 -40.72 19.87 19.84
CA THR A 415 -41.69 20.84 19.34
C THR A 415 -42.15 21.76 20.47
N GLY A 416 -43.07 22.65 20.14
CA GLY A 416 -43.60 23.60 21.11
C GLY A 416 -43.79 24.99 20.53
N LYS A 417 -44.49 25.85 21.26
CA LYS A 417 -44.73 27.22 20.79
C LYS A 417 -43.43 28.02 20.73
N ILE A 418 -42.56 27.86 21.72
CA ILE A 418 -41.25 28.49 21.67
C ILE A 418 -40.39 27.82 20.59
N ALA A 419 -40.51 26.51 20.45
CA ALA A 419 -39.65 25.77 19.52
C ALA A 419 -40.08 25.99 18.06
N ASP A 420 -41.38 25.94 17.78
CA ASP A 420 -41.84 25.96 16.40
C ASP A 420 -42.32 27.32 15.91
N TYR A 421 -42.70 28.22 16.81
CA TYR A 421 -43.25 29.51 16.41
C TYR A 421 -42.37 30.70 16.79
N ASN A 422 -41.34 30.51 17.61
CA ASN A 422 -40.49 31.62 18.03
C ASN A 422 -39.03 31.43 17.63
N TYR A 423 -38.44 30.27 17.90
CA TYR A 423 -37.05 30.01 17.53
C TYR A 423 -36.85 28.51 17.43
N LYS A 424 -36.36 28.05 16.28
CA LYS A 424 -36.19 26.63 16.00
C LYS A 424 -34.72 26.27 16.03
N LEU A 425 -34.39 25.17 16.72
CA LEU A 425 -33.02 24.72 16.86
C LEU A 425 -32.72 23.64 15.84
N PRO A 426 -31.74 23.80 14.96
CA PRO A 426 -31.39 22.74 14.02
C PRO A 426 -30.75 21.55 14.73
N ASP A 427 -30.89 20.38 14.10
CA ASP A 427 -30.29 19.17 14.64
C ASP A 427 -28.77 19.25 14.65
N ASP A 428 -28.17 19.80 13.59
CA ASP A 428 -26.72 19.96 13.51
C ASP A 428 -26.31 21.24 14.25
N PHE A 429 -26.39 21.16 15.57
CA PHE A 429 -26.07 22.27 16.45
C PHE A 429 -24.82 21.93 17.25
N THR A 430 -23.84 22.84 17.23
CA THR A 430 -22.58 22.66 17.94
C THR A 430 -22.29 23.85 18.86
N GLY A 431 -23.33 24.42 19.47
CA GLY A 431 -23.20 25.58 20.30
C GLY A 431 -23.51 25.31 21.75
N CYS A 432 -23.72 26.40 22.51
CA CYS A 432 -23.98 26.31 23.94
C CYS A 432 -25.20 27.15 24.29
N VAL A 433 -25.90 26.72 25.33
CA VAL A 433 -27.07 27.40 25.87
C VAL A 433 -26.82 27.65 27.35
N ILE A 434 -26.89 28.92 27.75
CA ILE A 434 -26.61 29.33 29.12
C ILE A 434 -27.77 30.16 29.64
N ALA A 435 -28.16 29.93 30.89
CA ALA A 435 -29.30 30.61 31.49
C ALA A 435 -29.16 30.61 33.01
N TRP A 436 -30.00 31.42 33.65
CA TRP A 436 -30.01 31.57 35.10
C TRP A 436 -31.35 32.14 35.53
N ASN A 437 -31.52 32.29 36.83
CA ASN A 437 -32.76 32.82 37.41
C ASN A 437 -32.61 34.32 37.62
N SER A 438 -33.62 35.08 37.20
CA SER A 438 -33.57 36.54 37.18
C SER A 438 -34.82 37.15 37.78
N ASN A 439 -35.20 36.67 38.97
CA ASN A 439 -36.37 37.22 39.66
C ASN A 439 -36.09 38.60 40.24
N ASN A 440 -34.83 39.03 40.30
CA ASN A 440 -34.51 40.31 40.93
C ASN A 440 -34.98 41.51 40.11
N LEU A 441 -34.72 41.49 38.80
CA LEU A 441 -35.08 42.64 37.96
C LEU A 441 -35.99 42.31 36.78
N ASP A 442 -36.30 41.04 36.53
CA ASP A 442 -37.20 40.68 35.46
C ASP A 442 -38.59 40.29 35.97
N SER A 443 -38.66 39.60 37.10
CA SER A 443 -39.93 39.35 37.77
C SER A 443 -40.24 40.49 38.72
N LYS A 444 -41.40 41.11 38.54
CA LYS A 444 -41.77 42.30 39.29
C LYS A 444 -43.18 42.15 39.84
N VAL A 445 -43.45 42.92 40.90
CA VAL A 445 -44.73 42.85 41.59
C VAL A 445 -45.83 43.45 40.72
N GLY A 446 -46.95 42.73 40.64
CA GLY A 446 -48.10 43.18 39.87
C GLY A 446 -48.30 42.47 38.55
N GLY A 447 -47.31 41.69 38.10
CA GLY A 447 -47.44 40.98 36.84
C GLY A 447 -46.61 41.58 35.73
N ASN A 448 -45.47 40.97 35.43
CA ASN A 448 -44.59 41.42 34.36
C ASN A 448 -45.16 40.91 33.04
N TYR A 449 -45.85 41.80 32.32
CA TYR A 449 -46.44 41.46 31.03
C TYR A 449 -45.63 42.02 29.86
N ASN A 450 -44.36 42.32 30.08
CA ASN A 450 -43.55 43.01 29.07
C ASN A 450 -43.10 42.10 27.94
N TYR A 451 -42.88 40.81 28.22
CA TYR A 451 -42.34 39.90 27.22
C TYR A 451 -43.48 39.23 26.45
N LEU A 452 -43.19 38.88 25.19
CA LEU A 452 -44.18 38.37 24.25
C LEU A 452 -43.65 37.09 23.60
N TYR A 453 -44.58 36.27 23.11
CA TYR A 453 -44.20 35.11 22.32
C TYR A 453 -45.33 34.74 21.36
N ARG A 454 -44.93 34.23 20.20
CA ARG A 454 -45.86 33.84 19.15
C ARG A 454 -46.55 32.54 19.56
N LEU A 455 -47.87 32.61 19.79
CA LEU A 455 -48.63 31.43 20.19
C LEU A 455 -49.19 30.66 19.01
N PHE A 456 -49.49 31.33 17.89
CA PHE A 456 -50.01 30.69 16.70
C PHE A 456 -49.23 31.13 15.48
N ARG A 457 -49.07 30.20 14.53
CA ARG A 457 -48.47 30.52 13.24
C ARG A 457 -48.98 29.51 12.22
N LYS A 458 -49.07 29.95 10.97
CA LYS A 458 -49.61 29.10 9.91
C LYS A 458 -48.65 27.98 9.53
N SER A 459 -47.37 28.09 9.91
CA SER A 459 -46.41 27.02 9.67
C SER A 459 -45.35 27.08 10.75
N ASN A 460 -44.68 25.95 10.94
CA ASN A 460 -43.58 25.89 11.90
C ASN A 460 -42.38 26.65 11.37
N LEU A 461 -41.67 27.34 12.26
CA LEU A 461 -40.49 28.09 11.87
C LEU A 461 -39.35 27.15 11.48
N LYS A 462 -38.63 27.52 10.43
CA LYS A 462 -37.40 26.83 10.08
C LYS A 462 -36.32 27.14 11.12
N PRO A 463 -35.27 26.31 11.21
CA PRO A 463 -34.14 26.66 12.06
C PRO A 463 -33.48 27.97 11.61
N PHE A 464 -33.06 28.75 12.61
CA PHE A 464 -32.44 30.07 12.42
C PHE A 464 -33.35 31.01 11.65
N GLU A 465 -34.65 30.97 11.94
CA GLU A 465 -35.63 31.85 11.32
C GLU A 465 -36.39 32.60 12.41
N ARG A 466 -36.72 33.86 12.11
CA ARG A 466 -37.43 34.73 13.04
C ARG A 466 -38.66 35.30 12.34
N ASP A 467 -39.81 35.21 13.00
CA ASP A 467 -41.06 35.79 12.50
C ASP A 467 -41.53 36.84 13.48
N ILE A 468 -41.70 38.07 12.99
CA ILE A 468 -42.12 39.19 13.83
C ILE A 468 -43.33 39.88 13.21
N SER A 469 -43.96 39.22 12.24
CA SER A 469 -45.12 39.78 11.58
C SER A 469 -46.32 39.85 12.51
N THR A 470 -47.09 40.94 12.41
CA THR A 470 -48.26 41.17 13.25
C THR A 470 -49.56 40.88 12.50
N GLU A 471 -49.54 39.90 11.61
CA GLU A 471 -50.76 39.49 10.91
C GLU A 471 -51.70 38.80 11.90
N ILE A 472 -52.99 39.14 11.80
CA ILE A 472 -54.00 38.48 12.64
C ILE A 472 -54.16 37.05 12.18
N TYR A 473 -53.97 36.11 13.11
CA TYR A 473 -53.94 34.69 12.78
C TYR A 473 -55.33 34.18 12.42
N GLN A 474 -55.55 33.90 11.14
CA GLN A 474 -56.82 33.37 10.66
C GLN A 474 -56.78 31.85 10.68
N ALA A 475 -57.71 31.24 11.42
CA ALA A 475 -57.82 29.79 11.49
C ALA A 475 -59.23 29.29 11.19
N GLY A 476 -60.11 30.14 10.67
CA GLY A 476 -61.46 29.74 10.39
C GLY A 476 -61.98 30.22 9.04
N SER A 477 -63.29 30.44 8.95
CA SER A 477 -63.91 30.89 7.72
C SER A 477 -64.24 32.38 7.70
N THR A 478 -64.51 32.96 8.86
CA THR A 478 -64.81 34.39 8.92
C THR A 478 -63.53 35.20 8.75
N PRO A 479 -63.51 36.15 7.82
CA PRO A 479 -62.30 36.97 7.63
C PRO A 479 -62.02 37.85 8.83
N CYS A 480 -60.74 37.93 9.21
CA CYS A 480 -60.35 38.74 10.36
C CYS A 480 -60.40 40.22 10.02
N ASN A 481 -59.86 40.61 8.86
CA ASN A 481 -59.79 42.00 8.39
C ASN A 481 -59.09 42.92 9.39
N GLY A 482 -58.10 42.39 10.11
CA GLY A 482 -57.30 43.18 11.02
C GLY A 482 -57.73 43.17 12.47
N VAL A 483 -58.97 42.78 12.76
CA VAL A 483 -59.48 42.82 14.14
C VAL A 483 -59.51 41.40 14.68
N GLU A 484 -59.72 41.31 15.99
CA GLU A 484 -59.71 40.03 16.69
C GLU A 484 -61.12 39.44 16.79
N GLY A 485 -61.17 38.12 16.93
CA GLY A 485 -62.46 37.45 17.04
C GLY A 485 -62.33 35.94 16.96
N PHE A 486 -63.32 35.33 16.32
CA PHE A 486 -63.37 33.87 16.20
C PHE A 486 -62.31 33.39 15.22
N ASN A 487 -61.36 32.60 15.72
CA ASN A 487 -60.21 32.11 14.95
C ASN A 487 -59.46 33.26 14.28
N CYS A 488 -59.37 34.38 15.01
CA CYS A 488 -58.79 35.62 14.48
C CYS A 488 -58.11 36.30 15.66
N TYR A 489 -56.80 36.14 15.76
CA TYR A 489 -56.08 36.65 16.92
C TYR A 489 -54.74 37.23 16.50
N PHE A 490 -54.27 38.21 17.27
CA PHE A 490 -52.90 38.68 17.18
C PHE A 490 -52.06 37.67 17.95
N PRO A 491 -51.35 36.77 17.26
CA PRO A 491 -50.88 35.54 17.91
C PRO A 491 -49.67 35.72 18.83
N LEU A 492 -49.32 36.94 19.19
CA LEU A 492 -48.18 37.21 20.07
C LEU A 492 -48.68 37.23 21.51
N GLN A 493 -48.73 36.05 22.13
CA GLN A 493 -49.15 35.92 23.52
C GLN A 493 -48.08 36.52 24.44
N SER A 494 -48.54 37.19 25.50
CA SER A 494 -47.65 37.88 26.42
C SER A 494 -47.23 36.99 27.57
N TYR A 495 -45.97 37.11 27.97
CA TYR A 495 -45.46 36.48 29.17
C TYR A 495 -46.11 37.09 30.42
N GLY A 496 -46.19 36.29 31.47
CA GLY A 496 -46.66 36.76 32.75
C GLY A 496 -45.77 36.31 33.90
N PHE A 497 -45.20 37.27 34.62
CA PHE A 497 -44.25 36.98 35.69
C PHE A 497 -44.64 37.71 36.96
N GLN A 498 -44.65 36.98 38.07
CA GLN A 498 -44.92 37.53 39.40
C GLN A 498 -43.92 36.93 40.37
N PRO A 499 -43.58 37.67 41.44
CA PRO A 499 -42.68 37.09 42.46
C PRO A 499 -43.28 35.90 43.20
N THR A 500 -44.60 35.77 43.22
CA THR A 500 -45.26 34.64 43.85
C THR A 500 -45.52 33.49 42.89
N ASN A 501 -45.15 33.63 41.61
CA ASN A 501 -45.31 32.55 40.66
C ASN A 501 -44.29 31.44 40.94
N GLY A 502 -44.61 30.26 40.43
CA GLY A 502 -43.72 29.12 40.58
C GLY A 502 -42.44 29.28 39.79
N VAL A 503 -41.42 28.53 40.21
CA VAL A 503 -40.12 28.58 39.56
C VAL A 503 -40.22 28.03 38.13
N GLY A 504 -41.11 27.07 37.91
CA GLY A 504 -41.43 26.66 36.55
C GLY A 504 -42.06 27.74 35.69
N TYR A 505 -42.62 28.78 36.31
CA TYR A 505 -43.15 29.94 35.61
C TYR A 505 -42.33 31.20 35.85
N GLN A 506 -41.15 31.09 36.46
CA GLN A 506 -40.32 32.26 36.75
C GLN A 506 -39.40 32.59 35.58
N PRO A 507 -39.02 33.85 35.40
CA PRO A 507 -38.25 34.24 34.21
C PRO A 507 -36.80 33.77 34.27
N TYR A 508 -36.36 33.13 33.19
CA TYR A 508 -34.95 32.82 32.97
C TYR A 508 -34.44 33.56 31.75
N ARG A 509 -33.42 34.40 31.95
CA ARG A 509 -32.72 35.04 30.84
C ARG A 509 -31.73 34.04 30.27
N VAL A 510 -31.86 33.73 28.98
CA VAL A 510 -31.09 32.67 28.35
C VAL A 510 -30.33 33.25 27.15
N VAL A 511 -29.07 32.85 27.03
CA VAL A 511 -28.21 33.25 25.91
C VAL A 511 -27.77 31.97 25.20
N VAL A 512 -27.96 31.95 23.88
CA VAL A 512 -27.62 30.78 23.06
C VAL A 512 -26.39 31.12 22.24
N LEU A 513 -25.33 30.32 22.40
CA LEU A 513 -24.09 30.49 21.66
C LEU A 513 -24.14 29.64 20.39
N SER A 514 -23.59 30.18 19.31
CA SER A 514 -23.54 29.48 18.03
C SER A 514 -22.12 29.50 17.49
N PHE A 515 -21.76 28.42 16.81
CA PHE A 515 -20.44 28.27 16.22
C PHE A 515 -20.57 27.84 14.76
N GLU A 516 -19.71 28.39 13.91
CA GLU A 516 -19.68 28.02 12.50
C GLU A 516 -18.24 28.03 12.01
N LEU A 517 -18.00 27.30 10.93
CA LEU A 517 -16.67 27.21 10.34
C LEU A 517 -16.79 27.14 8.82
N LEU A 518 -15.89 27.84 8.14
CA LEU A 518 -15.83 27.85 6.68
C LEU A 518 -14.36 27.91 6.28
N HIS A 519 -14.12 28.20 5.00
CA HIS A 519 -12.76 28.45 4.53
C HIS A 519 -12.23 29.81 4.96
N ALA A 520 -13.09 30.70 5.45
CA ALA A 520 -12.64 31.91 6.09
C ALA A 520 -11.88 31.57 7.37
N PRO A 521 -10.87 32.37 7.72
CA PRO A 521 -10.06 32.04 8.89
C PRO A 521 -10.83 32.25 10.19
N ALA A 522 -10.36 31.58 11.24
CA ALA A 522 -11.00 31.65 12.54
C ALA A 522 -10.74 33.00 13.17
N THR A 523 -11.76 33.86 13.20
CA THR A 523 -11.59 35.20 13.73
C THR A 523 -11.53 35.20 15.26
N VAL A 524 -12.37 34.39 15.90
CA VAL A 524 -12.42 34.32 17.36
C VAL A 524 -11.83 33.00 17.83
N CYS A 525 -11.22 33.03 19.01
CA CYS A 525 -10.64 31.85 19.61
C CYS A 525 -10.55 32.08 21.11
N GLY A 526 -9.88 31.18 21.81
CA GLY A 526 -9.71 31.30 23.24
C GLY A 526 -8.28 31.65 23.62
N PRO A 527 -8.05 31.85 24.92
CA PRO A 527 -6.70 32.21 25.36
C PRO A 527 -5.74 31.04 25.25
N LYS A 528 -4.46 31.37 25.08
CA LYS A 528 -3.40 30.39 24.99
C LYS A 528 -2.48 30.53 26.20
N LYS A 529 -2.21 29.42 26.87
CA LYS A 529 -1.41 29.44 28.07
C LYS A 529 0.05 29.80 27.77
N SER A 530 0.70 30.40 28.76
CA SER A 530 2.09 30.81 28.65
C SER A 530 2.88 30.20 29.80
N THR A 531 4.17 29.96 29.54
CA THR A 531 5.06 29.31 30.49
C THR A 531 6.32 30.15 30.64
N ASN A 532 6.86 30.21 31.85
CA ASN A 532 8.10 30.94 32.10
C ASN A 532 9.27 30.26 31.40
N LEU A 533 10.08 31.05 30.71
CA LEU A 533 11.18 30.52 29.91
C LEU A 533 12.34 30.09 30.81
N VAL A 534 13.04 29.05 30.37
CA VAL A 534 14.18 28.49 31.09
C VAL A 534 15.39 28.51 30.16
N LYS A 535 16.49 29.11 30.63
CA LYS A 535 17.71 29.21 29.86
C LYS A 535 18.73 28.15 30.30
N ASN A 536 19.63 27.83 29.37
CA ASN A 536 20.80 26.97 29.62
C ASN A 536 20.39 25.57 30.07
N LYS A 537 19.30 25.05 29.49
CA LYS A 537 18.82 23.71 29.80
C LYS A 537 18.28 23.06 28.54
N CYS A 538 18.27 21.73 28.52
CA CYS A 538 17.56 20.97 27.49
C CYS A 538 16.07 21.02 27.78
N VAL A 539 15.34 21.81 27.00
CA VAL A 539 13.90 21.95 27.15
C VAL A 539 13.24 21.47 25.87
N ASN A 540 11.93 21.28 25.94
CA ASN A 540 11.11 20.85 24.81
C ASN A 540 10.10 21.97 24.54
N PHE A 541 10.50 22.94 23.73
CA PHE A 541 9.77 24.18 23.60
C PHE A 541 8.86 24.16 22.37
N ASN A 542 7.80 24.97 22.45
CA ASN A 542 6.92 25.25 21.32
C ASN A 542 6.74 26.77 21.26
N PHE A 543 7.68 27.44 20.58
CA PHE A 543 7.66 28.90 20.45
C PHE A 543 6.63 29.26 19.39
N ASN A 544 5.44 29.66 19.83
CA ASN A 544 4.26 29.93 18.99
C ASN A 544 3.99 28.65 18.20
N GLY A 545 3.80 28.71 16.88
CA GLY A 545 3.64 27.49 16.11
C GLY A 545 4.89 26.66 16.03
N LEU A 546 6.05 27.31 15.96
CA LEU A 546 7.32 26.61 15.80
C LEU A 546 7.70 25.88 17.09
N THR A 547 8.24 24.67 16.94
CA THR A 547 8.66 23.86 18.07
C THR A 547 10.05 23.29 17.80
N GLY A 548 10.69 22.84 18.88
CA GLY A 548 12.01 22.25 18.76
C GLY A 548 12.52 21.83 20.13
N THR A 549 13.71 21.22 20.11
CA THR A 549 14.36 20.75 21.31
C THR A 549 15.81 21.19 21.30
N GLY A 550 16.21 21.97 22.28
CA GLY A 550 17.57 22.47 22.32
C GLY A 550 17.88 23.15 23.63
N VAL A 551 18.92 23.99 23.60
CA VAL A 551 19.40 24.71 24.77
C VAL A 551 19.28 26.20 24.45
N LEU A 552 18.30 26.86 25.07
CA LEU A 552 18.10 28.29 24.82
C LEU A 552 19.18 29.11 25.51
N THR A 553 19.53 30.23 24.88
CA THR A 553 20.51 31.15 25.43
C THR A 553 20.28 32.53 24.83
N GLU A 554 20.84 33.54 25.49
CA GLU A 554 20.78 34.90 24.99
C GLU A 554 21.67 35.05 23.76
N SER A 555 21.25 35.91 22.85
CA SER A 555 21.93 36.09 21.57
C SER A 555 22.27 37.55 21.34
N ASN A 556 23.38 37.78 20.65
CA ASN A 556 23.80 39.12 20.25
C ASN A 556 23.34 39.48 18.83
N LYS A 557 22.68 38.56 18.13
CA LYS A 557 22.20 38.84 16.80
C LYS A 557 21.05 39.84 16.83
N LYS A 558 21.03 40.73 15.85
CA LYS A 558 19.98 41.74 15.73
C LYS A 558 19.07 41.36 14.57
N PHE A 559 17.78 41.20 14.88
CA PHE A 559 16.78 40.88 13.87
C PHE A 559 16.37 42.14 13.14
N LEU A 560 15.29 42.06 12.36
CA LEU A 560 14.70 43.20 11.72
C LEU A 560 13.30 43.42 12.30
N PRO A 561 12.82 44.68 12.38
CA PRO A 561 11.58 44.95 13.14
C PRO A 561 10.30 44.31 12.63
N PHE A 562 10.33 43.58 11.52
CA PHE A 562 9.16 42.81 11.11
C PHE A 562 9.50 41.33 11.15
N GLN A 563 10.77 41.02 11.37
CA GLN A 563 11.27 39.67 11.17
C GLN A 563 10.95 38.80 12.39
N GLN A 564 10.55 37.54 12.15
CA GLN A 564 10.16 36.67 13.25
C GLN A 564 11.30 35.78 13.75
N PHE A 565 11.82 34.90 12.90
CA PHE A 565 12.82 33.94 13.33
C PHE A 565 13.79 33.65 12.20
N GLY A 566 15.06 33.45 12.53
CA GLY A 566 16.09 33.21 11.55
C GLY A 566 16.28 31.73 11.22
N ARG A 567 17.15 31.49 10.26
CA ARG A 567 17.51 30.15 9.82
C ARG A 567 19.00 30.12 9.51
N ASP A 568 19.44 29.06 8.85
CA ASP A 568 20.85 28.88 8.55
C ASP A 568 21.08 28.52 7.09
N ILE A 569 22.33 28.14 6.76
CA ILE A 569 22.66 27.80 5.38
C ILE A 569 21.96 26.52 4.95
N ALA A 570 21.93 25.51 5.81
CA ALA A 570 21.32 24.23 5.52
C ALA A 570 19.84 24.18 5.90
N ASP A 571 19.18 25.33 5.98
CA ASP A 571 17.75 25.46 6.30
C ASP A 571 17.42 24.83 7.66
N THR A 572 18.15 25.26 8.68
CA THR A 572 17.93 24.81 10.05
C THR A 572 17.67 26.02 10.94
N THR A 573 16.70 25.88 11.85
CA THR A 573 16.29 26.98 12.71
C THR A 573 17.23 27.09 13.90
N ASP A 574 17.79 28.28 14.11
CA ASP A 574 18.65 28.52 15.27
C ASP A 574 18.25 29.73 16.09
N ALA A 575 17.76 30.79 15.46
CA ALA A 575 17.44 32.03 16.15
C ALA A 575 15.93 32.20 16.17
N VAL A 576 15.36 32.25 17.38
CA VAL A 576 13.93 32.44 17.59
C VAL A 576 13.73 33.65 18.48
N ARG A 577 12.91 34.59 18.01
CA ARG A 577 12.54 35.75 18.82
C ARG A 577 11.49 35.35 19.85
N ASP A 578 11.65 35.83 21.07
CA ASP A 578 10.61 35.66 22.08
C ASP A 578 9.38 36.46 21.68
N PRO A 579 8.17 35.90 21.85
CA PRO A 579 6.96 36.61 21.41
C PRO A 579 6.66 37.88 22.20
N GLN A 580 6.69 37.80 23.53
CA GLN A 580 6.35 38.98 24.33
C GLN A 580 7.52 39.96 24.41
N THR A 581 8.63 39.53 24.99
CA THR A 581 9.81 40.37 25.10
C THR A 581 10.59 40.33 23.79
N LEU A 582 11.13 41.48 23.38
CA LEU A 582 11.88 41.57 22.13
C LEU A 582 13.33 41.08 22.26
N GLU A 583 13.65 40.35 23.33
CA GLU A 583 14.97 39.74 23.44
C GLU A 583 15.11 38.63 22.41
N ILE A 584 16.36 38.33 22.04
CA ILE A 584 16.67 37.40 20.96
C ILE A 584 17.29 36.16 21.57
N LEU A 585 16.75 35.00 21.21
CA LEU A 585 17.20 33.73 21.76
C LEU A 585 17.80 32.85 20.66
N ASP A 586 18.80 32.06 21.02
CA ASP A 586 19.45 31.13 20.12
C ASP A 586 19.06 29.70 20.48
N ILE A 587 19.44 28.76 19.61
CA ILE A 587 19.18 27.35 19.80
C ILE A 587 20.47 26.59 19.63
N THR A 588 20.83 25.79 20.64
CA THR A 588 21.99 24.91 20.58
C THR A 588 21.51 23.50 20.88
N PRO A 589 21.80 22.52 20.01
CA PRO A 589 21.38 21.15 20.27
C PRO A 589 22.11 20.58 21.49
N CYS A 590 21.40 19.68 22.19
CA CYS A 590 21.95 19.08 23.39
C CYS A 590 23.08 18.13 23.05
N SER A 591 23.98 17.92 24.00
CA SER A 591 25.20 17.18 23.77
C SER A 591 24.91 15.71 23.48
N PHE A 592 25.65 15.15 22.52
CA PHE A 592 25.55 13.73 22.20
C PHE A 592 26.88 13.29 21.60
N GLY A 593 27.08 11.98 21.55
CA GLY A 593 28.30 11.45 21.00
C GLY A 593 28.34 9.94 21.13
N GLY A 594 29.48 9.38 20.74
CA GLY A 594 29.70 7.94 20.83
C GLY A 594 30.44 7.59 22.11
N VAL A 595 30.19 6.38 22.59
CA VAL A 595 30.85 5.86 23.80
C VAL A 595 31.85 4.81 23.37
N SER A 596 33.10 4.98 23.79
CA SER A 596 34.17 4.05 23.43
C SER A 596 34.80 3.51 24.71
N VAL A 597 35.33 2.29 24.61
CA VAL A 597 35.93 1.60 25.74
C VAL A 597 37.40 1.39 25.43
N ILE A 598 38.27 1.88 26.32
CA ILE A 598 39.71 1.70 26.20
C ILE A 598 40.10 0.59 27.17
N THR A 599 40.55 -0.55 26.63
CA THR A 599 40.92 -1.68 27.46
C THR A 599 42.22 -2.28 26.96
N PRO A 600 43.01 -2.85 27.85
CA PRO A 600 44.11 -3.74 27.43
C PRO A 600 43.57 -5.14 27.20
N GLY A 601 44.49 -6.07 26.97
CA GLY A 601 44.13 -7.47 26.82
C GLY A 601 43.48 -8.06 28.06
N THR A 602 42.37 -8.77 27.88
CA THR A 602 41.71 -9.42 29.01
C THR A 602 42.53 -10.55 29.59
N ASN A 603 43.47 -11.11 28.82
CA ASN A 603 44.41 -12.06 29.38
C ASN A 603 45.36 -11.38 30.38
N THR A 604 45.67 -10.10 30.16
CA THR A 604 46.63 -9.42 31.00
C THR A 604 45.97 -8.84 32.25
N SER A 605 44.98 -7.96 32.08
CA SER A 605 44.41 -7.22 33.20
C SER A 605 42.89 -7.28 33.11
N ASN A 606 42.24 -6.54 34.02
CA ASN A 606 40.79 -6.54 34.13
C ASN A 606 40.26 -5.13 34.39
N GLU A 607 40.96 -4.11 33.88
CA GLU A 607 40.64 -2.71 34.14
C GLU A 607 40.37 -1.99 32.83
N VAL A 608 39.29 -1.21 32.80
CA VAL A 608 38.88 -0.50 31.60
C VAL A 608 38.80 0.99 31.89
N ALA A 609 38.55 1.77 30.84
CA ALA A 609 38.39 3.22 30.96
C ALA A 609 37.56 3.70 29.78
N VAL A 610 36.41 4.30 30.06
CA VAL A 610 35.50 4.72 29.00
C VAL A 610 35.98 6.03 28.39
N LEU A 611 35.43 6.38 27.23
CA LEU A 611 35.80 7.61 26.53
C LEU A 611 34.54 8.17 25.90
N TYR A 612 33.98 9.21 26.51
CA TYR A 612 32.84 9.91 25.94
C TYR A 612 33.35 10.94 24.95
N GLN A 613 32.89 10.86 23.71
CA GLN A 613 33.45 11.62 22.61
C GLN A 613 32.63 12.89 22.33
N ASP A 614 33.35 13.94 21.92
CA ASP A 614 32.77 15.21 21.48
C ASP A 614 31.90 15.86 22.56
N VAL A 615 32.35 15.77 23.81
CA VAL A 615 31.59 16.29 24.93
C VAL A 615 32.53 17.00 25.90
N ASN A 616 32.08 18.12 26.43
CA ASN A 616 32.78 18.79 27.52
C ASN A 616 32.74 17.90 28.77
N CYS A 617 33.78 18.01 29.59
CA CYS A 617 33.93 17.13 30.75
C CYS A 617 33.07 17.56 31.95
N THR A 618 32.11 18.46 31.76
CA THR A 618 31.16 18.80 32.80
C THR A 618 29.84 18.05 32.63
N GLU A 619 29.44 17.79 31.39
CA GLU A 619 28.19 17.09 31.10
C GLU A 619 28.25 15.60 31.42
N VAL A 620 29.42 15.07 31.77
CA VAL A 620 29.55 13.68 32.21
C VAL A 620 28.92 13.52 33.59
N PHE A 621 28.78 12.26 34.03
CA PHE A 621 28.08 11.78 35.22
C PHE A 621 26.56 11.84 35.01
N VAL A 622 26.14 12.41 33.88
CA VAL A 622 24.73 12.36 33.50
C VAL A 622 24.43 11.02 32.81
N ALA A 623 25.19 10.73 31.73
CA ALA A 623 25.10 9.51 30.94
C ALA A 623 23.69 9.25 30.44
N ILE A 624 23.23 7.99 30.56
CA ILE A 624 21.87 7.55 30.23
C ILE A 624 21.49 7.86 28.78
N TRP A 633 28.60 1.00 31.45
CA TRP A 633 27.94 2.11 32.15
C TRP A 633 28.66 2.36 33.48
N ARG A 634 28.07 1.85 34.58
CA ARG A 634 28.59 1.87 35.94
C ARG A 634 28.64 3.27 36.54
N VAL A 635 28.46 3.37 37.85
CA VAL A 635 28.56 4.65 38.54
C VAL A 635 30.01 5.04 38.81
N TYR A 636 30.87 4.05 39.07
CA TYR A 636 32.28 4.30 39.38
C TYR A 636 33.06 4.90 38.21
N SER A 637 32.53 4.79 36.99
CA SER A 637 33.21 5.29 35.80
C SER A 637 32.83 6.73 35.47
N THR A 638 32.54 7.53 36.49
CA THR A 638 32.24 8.95 36.33
C THR A 638 33.14 9.82 37.22
N GLY A 639 34.29 9.30 37.60
CA GLY A 639 35.21 10.02 38.47
C GLY A 639 36.64 9.55 38.28
N SER A 640 37.42 9.62 39.36
CA SER A 640 38.81 9.14 39.41
C SER A 640 39.70 9.85 38.38
N ASN A 641 39.87 11.16 38.60
CA ASN A 641 40.80 12.02 37.85
C ASN A 641 40.45 12.04 36.36
N VAL A 642 39.28 12.61 36.07
CA VAL A 642 38.83 12.81 34.69
C VAL A 642 39.77 13.78 34.00
N PHE A 643 40.30 13.37 32.84
CA PHE A 643 41.30 14.14 32.10
C PHE A 643 40.71 14.55 30.76
N GLN A 644 40.71 15.86 30.50
CA GLN A 644 40.15 16.39 29.25
C GLN A 644 41.14 16.24 28.11
N THR A 645 40.67 15.75 26.97
CA THR A 645 41.46 15.63 25.75
C THR A 645 40.90 16.57 24.69
N ARG A 646 41.62 16.64 23.56
CA ARG A 646 41.15 17.44 22.45
C ARG A 646 40.09 16.72 21.63
N ALA A 647 39.95 15.41 21.84
CA ALA A 647 38.99 14.61 21.08
C ALA A 647 37.78 14.20 21.90
N GLY A 648 37.77 14.43 23.21
CA GLY A 648 36.63 14.07 24.03
C GLY A 648 37.01 14.07 25.49
N CYS A 649 36.11 13.49 26.29
CA CYS A 649 36.27 13.41 27.74
C CYS A 649 36.67 11.98 28.10
N LEU A 650 37.79 11.85 28.79
CA LEU A 650 38.36 10.55 29.16
C LEU A 650 38.23 10.34 30.65
N ILE A 651 37.64 9.21 31.04
CA ILE A 651 37.39 8.87 32.44
C ILE A 651 38.10 7.56 32.76
N GLY A 652 38.87 7.53 33.83
CA GLY A 652 39.57 6.34 34.26
C GLY A 652 41.04 6.31 33.94
N ALA A 653 41.59 7.38 33.39
CA ALA A 653 43.00 7.47 33.06
C ALA A 653 43.62 8.68 33.77
N GLU A 654 44.95 8.79 33.66
CA GLU A 654 45.70 9.86 34.28
C GLU A 654 46.68 10.46 33.30
N HIS A 655 46.90 11.77 33.42
CA HIS A 655 47.78 12.48 32.51
C HIS A 655 49.23 12.31 32.93
N VAL A 656 50.10 12.06 31.93
CA VAL A 656 51.53 11.91 32.14
C VAL A 656 52.25 12.92 31.25
N ASN A 657 53.30 13.52 31.78
CA ASN A 657 54.10 14.49 31.03
C ASN A 657 55.20 13.83 30.20
N ASN A 658 55.27 12.50 30.17
CA ASN A 658 56.30 11.80 29.43
C ASN A 658 55.87 11.64 27.97
N SER A 659 56.63 10.88 27.20
CA SER A 659 56.33 10.61 25.80
C SER A 659 56.74 9.18 25.47
N TYR A 660 55.83 8.43 24.87
CA TYR A 660 56.07 7.03 24.55
C TYR A 660 55.52 6.74 23.16
N GLU A 661 55.86 5.55 22.65
CA GLU A 661 55.38 5.14 21.34
C GLU A 661 53.89 4.85 21.37
N CYS A 662 53.27 4.86 20.20
CA CYS A 662 51.83 4.65 20.10
C CYS A 662 51.45 3.20 20.35
N ASP A 663 50.46 3.00 21.21
CA ASP A 663 49.92 1.66 21.48
C ASP A 663 48.47 1.54 21.07
N ILE A 664 47.60 2.41 21.57
CA ILE A 664 46.18 2.44 21.21
C ILE A 664 45.88 3.85 20.70
N PRO A 665 45.39 3.99 19.47
CA PRO A 665 45.00 5.33 19.00
C PRO A 665 43.74 5.82 19.70
N ILE A 666 43.70 7.11 19.98
CA ILE A 666 42.52 7.74 20.59
C ILE A 666 42.05 8.88 19.71
N GLY A 667 42.96 9.83 19.44
CA GLY A 667 42.62 10.98 18.63
C GLY A 667 43.42 12.20 19.01
N ALA A 668 43.85 12.97 18.00
CA ALA A 668 44.60 14.22 18.16
C ALA A 668 45.89 14.01 18.95
N GLY A 669 46.59 12.91 18.68
CA GLY A 669 47.88 12.68 19.29
C GLY A 669 47.87 12.21 20.71
N ILE A 670 46.89 11.38 21.11
CA ILE A 670 46.79 10.85 22.45
C ILE A 670 46.77 9.34 22.36
N CYS A 671 47.60 8.68 23.16
CA CYS A 671 47.67 7.23 23.19
C CYS A 671 47.49 6.71 24.61
N ALA A 672 46.66 5.69 24.76
CA ALA A 672 46.52 4.99 26.02
C ALA A 672 47.34 3.72 26.01
N SER A 673 47.71 3.26 27.20
CA SER A 673 48.49 2.04 27.35
C SER A 673 48.21 1.46 28.73
N TYR A 674 49.03 0.49 29.13
CA TYR A 674 48.93 -0.15 30.45
C TYR A 674 50.34 -0.25 31.01
N GLN A 675 50.69 0.65 31.91
CA GLN A 675 52.05 0.76 32.42
C GLN A 675 52.02 0.81 33.94
N THR A 676 53.11 0.33 34.54
CA THR A 676 53.26 0.38 36.00
C THR A 676 53.60 1.80 36.46
N SER A 689 50.08 0.50 41.76
CA SER A 689 51.28 0.20 40.98
C SER A 689 51.02 0.40 39.49
N GLN A 690 50.09 -0.36 38.94
CA GLN A 690 49.77 -0.35 37.52
C GLN A 690 48.38 0.23 37.30
N SER A 691 48.25 1.03 36.25
CA SER A 691 46.98 1.66 35.90
C SER A 691 46.97 1.94 34.40
N ILE A 692 46.00 2.73 33.96
CA ILE A 692 45.86 3.13 32.57
C ILE A 692 46.24 4.59 32.45
N ILE A 693 47.18 4.90 31.56
CA ILE A 693 47.67 6.26 31.38
C ILE A 693 47.31 6.74 29.98
N ALA A 694 47.37 8.05 29.78
CA ALA A 694 47.06 8.67 28.49
C ALA A 694 48.10 9.76 28.23
N TYR A 695 49.15 9.39 27.52
CA TYR A 695 50.26 10.30 27.26
C TYR A 695 50.09 10.94 25.88
N THR A 696 51.12 11.66 25.43
CA THR A 696 51.22 12.16 24.06
C THR A 696 52.30 11.35 23.36
N MET A 697 52.04 10.96 22.12
CA MET A 697 52.94 10.01 21.46
C MET A 697 54.28 10.68 21.14
N SER A 698 55.32 9.85 21.11
CA SER A 698 56.66 10.28 20.77
C SER A 698 56.96 9.83 19.35
N LEU A 699 57.44 10.77 18.54
CA LEU A 699 57.57 10.49 17.12
C LEU A 699 58.91 9.83 16.83
N GLY A 700 59.25 8.79 17.58
CA GLY A 700 60.57 8.21 17.49
C GLY A 700 61.63 9.03 18.22
N ALA A 701 62.81 8.44 18.35
CA ALA A 701 63.91 9.13 19.01
C ALA A 701 64.57 10.10 18.04
N GLU A 702 64.88 11.30 18.52
CA GLU A 702 65.46 12.31 17.66
C GLU A 702 66.93 11.99 17.37
N ASN A 703 67.48 12.67 16.36
CA ASN A 703 68.86 12.46 15.95
C ASN A 703 69.37 13.74 15.32
N SER A 704 70.69 13.84 15.23
CA SER A 704 71.34 15.01 14.63
C SER A 704 72.65 14.58 14.02
N VAL A 705 72.82 14.84 12.72
CA VAL A 705 74.03 14.48 12.01
C VAL A 705 75.01 15.65 12.03
N ALA A 706 76.30 15.32 12.08
CA ALA A 706 77.35 16.33 12.12
C ALA A 706 77.73 16.70 10.69
N TYR A 707 76.91 17.55 10.09
CA TYR A 707 77.15 17.98 8.73
C TYR A 707 78.29 18.99 8.68
N SER A 708 79.16 18.84 7.69
CA SER A 708 80.23 19.81 7.45
C SER A 708 80.66 19.70 6.00
N ASN A 709 81.33 20.73 5.52
CA ASN A 709 81.83 20.74 4.15
C ASN A 709 83.05 19.85 3.94
N ASN A 710 83.65 19.34 5.02
CA ASN A 710 84.74 18.37 4.93
C ASN A 710 84.49 17.24 5.92
N SER A 711 83.72 16.25 5.48
CA SER A 711 83.41 15.05 6.25
C SER A 711 82.80 14.02 5.31
N ILE A 712 83.05 12.76 5.58
CA ILE A 712 82.51 11.67 4.78
C ILE A 712 82.46 10.43 5.67
N ALA A 713 81.49 9.56 5.42
CA ALA A 713 81.27 8.36 6.22
C ALA A 713 81.02 7.18 5.30
N ILE A 714 81.98 6.26 5.25
CA ILE A 714 81.88 5.04 4.45
C ILE A 714 81.74 3.87 5.40
N PRO A 715 80.70 3.04 5.27
CA PRO A 715 80.57 1.88 6.15
C PRO A 715 81.68 0.86 5.90
N THR A 716 82.04 0.14 6.97
CA THR A 716 83.15 -0.82 6.92
C THR A 716 82.70 -2.26 7.02
N ASN A 717 81.42 -2.52 7.30
CA ASN A 717 80.94 -3.88 7.45
C ASN A 717 79.45 -3.91 7.11
N PHE A 718 78.99 -5.06 6.62
CA PHE A 718 77.66 -5.18 6.05
C PHE A 718 76.86 -6.26 6.78
N THR A 719 75.60 -6.40 6.36
CA THR A 719 74.70 -7.42 6.87
C THR A 719 73.84 -7.94 5.73
N ILE A 720 73.30 -9.14 5.92
CA ILE A 720 72.30 -9.72 5.03
C ILE A 720 71.10 -10.09 5.88
N SER A 721 69.92 -9.60 5.50
CA SER A 721 68.70 -9.84 6.27
C SER A 721 67.61 -10.37 5.35
N VAL A 722 66.57 -10.92 5.96
CA VAL A 722 65.43 -11.47 5.24
C VAL A 722 64.16 -10.93 5.89
N THR A 723 63.41 -10.11 5.16
CA THR A 723 62.13 -9.61 5.62
C THR A 723 61.02 -10.53 5.12
N THR A 724 59.78 -10.10 5.21
CA THR A 724 58.66 -10.92 4.73
C THR A 724 57.55 -9.99 4.24
N GLU A 725 57.09 -10.23 3.01
CA GLU A 725 56.02 -9.46 2.40
C GLU A 725 54.88 -10.40 2.06
N ILE A 726 53.67 -10.05 2.47
CA ILE A 726 52.51 -10.93 2.36
C ILE A 726 51.40 -10.19 1.62
N LEU A 727 50.90 -10.79 0.55
CA LEU A 727 49.86 -10.19 -0.27
C LEU A 727 48.77 -11.20 -0.58
N PRO A 728 47.52 -10.75 -0.72
CA PRO A 728 46.45 -11.64 -1.16
C PRO A 728 46.29 -11.64 -2.68
N VAL A 729 45.82 -12.77 -3.20
CA VAL A 729 45.77 -12.95 -4.66
C VAL A 729 44.34 -13.17 -5.13
N SER A 730 43.51 -13.82 -4.30
CA SER A 730 42.17 -14.17 -4.74
C SER A 730 41.28 -14.44 -3.54
N MET A 731 39.97 -14.40 -3.79
CA MET A 731 38.96 -14.75 -2.82
C MET A 731 38.20 -15.98 -3.30
N THR A 732 37.23 -16.42 -2.50
CA THR A 732 36.48 -17.65 -2.77
C THR A 732 35.36 -17.38 -3.77
N LYS A 733 35.27 -18.24 -4.79
CA LYS A 733 34.23 -18.11 -5.79
C LYS A 733 32.89 -18.53 -5.20
N THR A 734 31.86 -17.72 -5.41
CA THR A 734 30.56 -17.95 -4.80
C THR A 734 29.45 -17.54 -5.77
N SER A 735 28.49 -18.44 -5.97
CA SER A 735 27.31 -18.16 -6.79
C SER A 735 26.06 -18.36 -5.96
N VAL A 736 25.10 -17.43 -6.11
CA VAL A 736 23.84 -17.45 -5.37
C VAL A 736 22.70 -17.46 -6.36
N ASP A 737 21.79 -18.42 -6.21
CA ASP A 737 20.63 -18.52 -7.09
C ASP A 737 19.54 -17.58 -6.59
N CYS A 738 19.24 -16.55 -7.38
CA CYS A 738 18.21 -15.57 -7.02
C CYS A 738 16.81 -16.15 -7.06
N THR A 739 16.59 -17.24 -7.80
CA THR A 739 15.27 -17.87 -7.81
C THR A 739 15.00 -18.57 -6.48
N MET A 740 15.97 -19.35 -5.99
CA MET A 740 15.76 -20.11 -4.76
C MET A 740 15.79 -19.22 -3.53
N TYR A 741 16.64 -18.17 -3.54
CA TYR A 741 16.79 -17.33 -2.37
C TYR A 741 15.55 -16.50 -2.09
N ILE A 742 14.94 -15.94 -3.13
CA ILE A 742 13.81 -15.04 -2.93
C ILE A 742 12.54 -15.83 -2.64
N CYS A 743 12.18 -16.77 -3.50
CA CYS A 743 10.99 -17.61 -3.33
C CYS A 743 11.43 -19.07 -3.43
N GLY A 744 11.59 -19.72 -2.29
CA GLY A 744 12.01 -21.11 -2.28
C GLY A 744 10.86 -22.09 -2.36
N ASP A 745 10.61 -22.60 -3.57
CA ASP A 745 9.58 -23.61 -3.84
C ASP A 745 8.19 -23.15 -3.41
N SER A 746 7.73 -22.07 -4.04
CA SER A 746 6.40 -21.56 -3.82
C SER A 746 5.82 -21.13 -5.17
N THR A 747 4.70 -21.73 -5.56
CA THR A 747 4.10 -21.45 -6.86
C THR A 747 3.62 -20.00 -6.97
N GLU A 748 3.00 -19.48 -5.91
CA GLU A 748 2.53 -18.10 -5.93
C GLU A 748 3.69 -17.11 -5.96
N CYS A 749 4.77 -17.40 -5.23
CA CYS A 749 5.91 -16.49 -5.21
C CYS A 749 6.75 -16.56 -6.48
N SER A 750 6.81 -17.73 -7.12
CA SER A 750 7.62 -17.88 -8.33
C SER A 750 7.07 -17.05 -9.47
N ASN A 751 5.74 -17.03 -9.63
CA ASN A 751 5.14 -16.23 -10.70
C ASN A 751 5.20 -14.74 -10.40
N LEU A 752 5.03 -14.34 -9.14
CA LEU A 752 5.05 -12.93 -8.79
C LEU A 752 6.46 -12.35 -8.88
N LEU A 753 7.48 -13.18 -8.65
CA LEU A 753 8.86 -12.71 -8.78
C LEU A 753 9.21 -12.42 -10.24
N LEU A 754 8.70 -13.24 -11.17
CA LEU A 754 9.06 -13.12 -12.57
C LEU A 754 8.56 -11.82 -13.22
N GLN A 755 7.38 -11.34 -12.81
CA GLN A 755 6.84 -10.13 -13.42
C GLN A 755 7.60 -8.87 -13.04
N TYR A 756 8.50 -8.95 -12.05
CA TYR A 756 9.40 -7.83 -11.76
C TYR A 756 10.37 -7.56 -12.90
N GLY A 757 10.74 -8.57 -13.68
CA GLY A 757 11.60 -8.35 -14.82
C GLY A 757 12.91 -9.10 -14.80
N SER A 758 14.00 -8.42 -15.16
CA SER A 758 15.30 -9.05 -15.34
C SER A 758 16.27 -8.72 -14.21
N PHE A 759 15.77 -8.56 -12.98
CA PHE A 759 16.66 -8.37 -11.84
C PHE A 759 17.40 -9.65 -11.49
N CYS A 760 16.71 -10.80 -11.54
CA CYS A 760 17.34 -12.07 -11.21
C CYS A 760 18.39 -12.45 -12.26
N THR A 761 18.08 -12.23 -13.55
CA THR A 761 19.02 -12.57 -14.60
C THR A 761 20.29 -11.74 -14.54
N GLN A 762 20.15 -10.45 -14.19
CA GLN A 762 21.32 -9.56 -14.15
C GLN A 762 22.27 -9.93 -13.02
N LEU A 763 21.74 -10.32 -11.86
CA LEU A 763 22.60 -10.63 -10.72
C LEU A 763 23.43 -11.88 -10.96
N ASN A 764 22.85 -12.91 -11.58
CA ASN A 764 23.60 -14.13 -11.85
C ASN A 764 24.64 -13.94 -12.96
N ARG A 765 24.52 -12.88 -13.75
CA ARG A 765 25.57 -12.53 -14.70
C ARG A 765 26.66 -11.68 -14.08
N ALA A 766 26.34 -10.93 -13.03
CA ALA A 766 27.35 -10.13 -12.34
C ALA A 766 28.28 -11.00 -11.50
N LEU A 767 27.71 -11.98 -10.79
CA LEU A 767 28.51 -12.87 -9.96
C LEU A 767 29.33 -13.85 -10.77
N THR A 768 28.98 -14.05 -12.04
CA THR A 768 29.81 -14.88 -12.91
C THR A 768 31.07 -14.14 -13.33
N GLY A 769 30.97 -12.82 -13.52
CA GLY A 769 32.13 -12.02 -13.87
C GLY A 769 33.18 -12.00 -12.77
N ILE A 770 32.76 -12.07 -11.51
CA ILE A 770 33.71 -12.18 -10.42
C ILE A 770 34.38 -13.55 -10.43
N ALA A 771 33.59 -14.61 -10.62
CA ALA A 771 34.11 -15.98 -10.54
C ALA A 771 35.07 -16.29 -11.68
N VAL A 772 34.83 -15.73 -12.87
CA VAL A 772 35.78 -15.88 -13.96
C VAL A 772 37.06 -15.12 -13.66
N GLU A 773 36.93 -13.94 -13.05
CA GLU A 773 38.08 -13.08 -12.78
C GLU A 773 39.03 -13.67 -11.75
N GLN A 774 38.52 -14.48 -10.81
CA GLN A 774 39.37 -15.08 -9.80
C GLN A 774 40.32 -16.11 -10.40
N ASP A 775 39.87 -16.85 -11.40
CA ASP A 775 40.76 -17.79 -12.08
C ASP A 775 41.84 -17.05 -12.85
N LYS A 776 41.49 -15.89 -13.43
CA LYS A 776 42.47 -15.10 -14.15
C LYS A 776 43.53 -14.51 -13.22
N ASN A 777 43.16 -14.21 -11.97
CA ASN A 777 44.11 -13.64 -11.03
C ASN A 777 45.18 -14.65 -10.65
N THR A 778 44.78 -15.87 -10.29
CA THR A 778 45.76 -16.91 -9.95
C THR A 778 46.53 -17.42 -11.16
N GLN A 779 46.11 -17.06 -12.37
CA GLN A 779 46.85 -17.44 -13.56
C GLN A 779 48.00 -16.47 -13.84
N GLU A 780 47.79 -15.17 -13.59
CA GLU A 780 48.80 -14.18 -13.92
C GLU A 780 49.94 -14.17 -12.92
N VAL A 781 49.64 -14.38 -11.64
CA VAL A 781 50.68 -14.30 -10.61
C VAL A 781 51.64 -15.48 -10.70
N PHE A 782 51.10 -16.69 -10.88
CA PHE A 782 51.91 -17.90 -10.80
C PHE A 782 52.36 -18.41 -12.17
N ALA A 783 51.45 -18.51 -13.14
CA ALA A 783 51.75 -19.17 -14.41
C ALA A 783 52.47 -18.19 -15.35
N GLN A 784 53.72 -17.91 -15.01
CA GLN A 784 54.59 -17.08 -15.84
C GLN A 784 55.82 -17.84 -16.32
N VAL A 785 55.89 -19.15 -16.08
CA VAL A 785 57.02 -19.96 -16.47
C VAL A 785 56.57 -20.91 -17.58
N LYS A 786 57.43 -21.07 -18.60
CA LYS A 786 57.06 -21.89 -19.75
C LYS A 786 57.12 -23.37 -19.43
N GLN A 787 58.25 -23.84 -18.90
CA GLN A 787 58.47 -25.25 -18.64
C GLN A 787 58.76 -25.47 -17.16
N ILE A 788 58.23 -26.55 -16.61
CA ILE A 788 58.52 -26.91 -15.22
C ILE A 788 59.96 -27.40 -15.12
N TYR A 789 60.72 -26.84 -14.20
CA TYR A 789 62.11 -27.22 -14.02
C TYR A 789 62.24 -28.26 -12.92
N LYS A 790 63.40 -28.91 -12.87
CA LYS A 790 63.65 -30.00 -11.94
C LYS A 790 64.78 -29.61 -11.00
N THR A 791 64.60 -29.89 -9.72
CA THR A 791 65.65 -29.61 -8.75
C THR A 791 66.79 -30.61 -8.95
N PRO A 792 68.02 -30.12 -9.12
CA PRO A 792 69.15 -31.05 -9.30
C PRO A 792 69.43 -31.82 -8.01
N PRO A 793 69.93 -33.05 -8.12
CA PRO A 793 70.17 -33.85 -6.90
C PRO A 793 71.42 -33.41 -6.15
N ILE A 794 72.42 -32.90 -6.88
CA ILE A 794 73.66 -32.42 -6.26
C ILE A 794 73.36 -31.06 -5.64
N LYS A 795 73.21 -31.02 -4.31
CA LYS A 795 72.78 -29.82 -3.61
C LYS A 795 73.95 -28.96 -3.15
N ASP A 796 75.14 -29.13 -3.74
CA ASP A 796 76.30 -28.33 -3.36
C ASP A 796 76.13 -26.93 -3.95
N PHE A 797 75.58 -26.01 -3.13
CA PHE A 797 75.28 -24.66 -3.57
C PHE A 797 76.32 -23.65 -3.08
N GLY A 798 77.55 -24.11 -2.83
CA GLY A 798 78.61 -23.23 -2.40
C GLY A 798 78.56 -22.80 -0.96
N GLY A 799 77.71 -23.42 -0.13
CA GLY A 799 77.58 -23.10 1.27
C GLY A 799 76.18 -22.72 1.69
N PHE A 800 75.37 -22.23 0.75
CA PHE A 800 74.00 -21.86 1.05
C PHE A 800 73.17 -23.11 1.31
N ASN A 801 72.22 -23.01 2.24
CA ASN A 801 71.34 -24.11 2.59
C ASN A 801 69.93 -23.74 2.12
N PHE A 802 69.48 -24.40 1.06
CA PHE A 802 68.18 -24.13 0.47
C PHE A 802 67.17 -25.23 0.74
N SER A 803 67.46 -26.14 1.66
CA SER A 803 66.58 -27.28 1.91
C SER A 803 65.30 -26.88 2.63
N GLN A 804 65.26 -25.71 3.26
CA GLN A 804 64.06 -25.30 3.99
C GLN A 804 62.97 -24.82 3.06
N ILE A 805 63.32 -24.31 1.88
CA ILE A 805 62.34 -23.76 0.95
C ILE A 805 62.01 -24.71 -0.20
N LEU A 806 62.90 -25.64 -0.54
CA LEU A 806 62.65 -26.57 -1.61
C LEU A 806 61.65 -27.64 -1.17
N PRO A 807 60.98 -28.31 -2.11
CA PRO A 807 60.04 -29.37 -1.74
C PRO A 807 60.72 -30.53 -1.02
N ASP A 808 59.98 -31.12 -0.08
CA ASP A 808 60.44 -32.26 0.70
C ASP A 808 59.68 -33.50 0.25
N PRO A 809 60.36 -34.57 -0.16
CA PRO A 809 59.67 -35.76 -0.66
C PRO A 809 59.02 -36.63 0.41
N SER A 810 59.04 -36.21 1.68
CA SER A 810 58.39 -36.99 2.73
C SER A 810 56.88 -36.98 2.57
N LYS A 811 56.30 -35.80 2.38
CA LYS A 811 54.86 -35.70 2.13
C LYS A 811 54.55 -36.22 0.73
N PRO A 812 53.33 -36.75 0.53
CA PRO A 812 52.91 -37.10 -0.85
C PRO A 812 52.86 -35.91 -1.78
N SER A 813 52.48 -34.74 -1.27
CA SER A 813 52.50 -33.52 -2.04
C SER A 813 53.92 -32.94 -2.10
N LYS A 814 54.12 -31.99 -3.01
CA LYS A 814 55.38 -31.29 -3.15
C LYS A 814 55.47 -30.06 -2.25
N ARG A 815 54.66 -30.00 -1.20
CA ARG A 815 54.65 -28.84 -0.31
C ARG A 815 55.92 -28.81 0.53
N SER A 816 56.51 -27.62 0.67
CA SER A 816 57.76 -27.46 1.38
C SER A 816 57.49 -27.34 2.89
N PHE A 817 58.53 -27.00 3.66
CA PHE A 817 58.40 -26.96 5.11
C PHE A 817 57.79 -25.64 5.58
N ILE A 818 58.26 -24.52 5.01
CA ILE A 818 57.73 -23.21 5.41
C ILE A 818 56.27 -23.07 4.96
N GLU A 819 55.93 -23.65 3.81
CA GLU A 819 54.53 -23.66 3.38
C GLU A 819 53.65 -24.45 4.34
N ASP A 820 54.22 -25.47 5.00
CA ASP A 820 53.42 -26.29 5.91
C ASP A 820 52.98 -25.51 7.14
N LEU A 821 53.86 -24.62 7.65
CA LEU A 821 53.45 -23.76 8.76
C LEU A 821 52.43 -22.72 8.32
N LEU A 822 52.52 -22.26 7.07
CA LEU A 822 51.62 -21.22 6.60
C LEU A 822 50.18 -21.72 6.47
N PHE A 823 50.01 -23.00 6.13
CA PHE A 823 48.65 -23.54 6.00
C PHE A 823 48.01 -23.80 7.35
N ASN A 824 48.79 -24.17 8.36
CA ASN A 824 48.21 -24.47 9.67
C ASN A 824 47.80 -23.21 10.42
N LYS A 825 48.45 -22.08 10.16
CA LYS A 825 48.12 -20.83 10.84
C LYS A 825 46.84 -20.19 10.34
N VAL A 826 46.27 -20.69 9.24
CA VAL A 826 45.03 -20.14 8.69
C VAL A 826 43.89 -21.08 9.05
N THR A 827 42.87 -20.53 9.69
CA THR A 827 41.71 -21.33 10.09
C THR A 827 40.48 -20.98 9.24
N LYS A 854 25.29 -25.25 0.46
CA LYS A 854 24.17 -25.76 -0.34
C LYS A 854 22.87 -25.70 0.44
N PHE A 855 22.88 -24.97 1.56
CA PHE A 855 21.73 -24.98 2.45
C PHE A 855 20.56 -24.20 1.86
N ASN A 856 20.82 -23.02 1.30
CA ASN A 856 19.76 -22.22 0.70
C ASN A 856 20.23 -21.59 -0.59
N GLY A 857 20.89 -22.36 -1.45
CA GLY A 857 21.36 -21.85 -2.72
C GLY A 857 22.70 -21.18 -2.71
N LEU A 858 23.42 -21.22 -1.59
CA LEU A 858 24.74 -20.60 -1.51
C LEU A 858 25.81 -21.60 -1.96
N THR A 859 25.81 -21.86 -3.27
CA THR A 859 26.78 -22.77 -3.86
C THR A 859 28.16 -22.13 -3.88
N VAL A 860 29.19 -22.98 -3.73
CA VAL A 860 30.57 -22.53 -3.77
C VAL A 860 31.30 -23.35 -4.83
N LEU A 861 31.80 -22.68 -5.85
CA LEU A 861 32.51 -23.36 -6.92
C LEU A 861 33.94 -23.66 -6.49
N PRO A 862 34.52 -24.76 -6.98
CA PRO A 862 35.91 -25.06 -6.66
C PRO A 862 36.86 -24.32 -7.58
N PRO A 863 38.08 -24.01 -7.12
CA PRO A 863 39.04 -23.36 -8.01
C PRO A 863 39.56 -24.32 -9.07
N LEU A 864 39.96 -23.74 -10.21
CA LEU A 864 40.45 -24.55 -11.31
C LEU A 864 41.80 -25.18 -11.00
N LEU A 865 42.73 -24.38 -10.48
CA LEU A 865 44.06 -24.86 -10.13
C LEU A 865 44.01 -25.42 -8.71
N THR A 866 44.21 -26.73 -8.58
CA THR A 866 44.24 -27.33 -7.25
C THR A 866 45.52 -26.93 -6.53
N ASP A 867 45.50 -27.07 -5.20
CA ASP A 867 46.63 -26.64 -4.39
C ASP A 867 47.86 -27.52 -4.56
N GLU A 868 47.70 -28.72 -5.12
CA GLU A 868 48.87 -29.56 -5.38
C GLU A 868 49.71 -28.99 -6.52
N MET A 869 49.05 -28.59 -7.62
CA MET A 869 49.78 -28.03 -8.76
C MET A 869 50.08 -26.56 -8.60
N ILE A 870 49.46 -25.89 -7.63
CA ILE A 870 49.90 -24.53 -7.27
C ILE A 870 51.32 -24.56 -6.73
N ALA A 871 51.62 -25.54 -5.89
CA ALA A 871 52.97 -25.70 -5.36
C ALA A 871 53.96 -26.19 -6.42
N GLN A 872 53.48 -26.63 -7.58
CA GLN A 872 54.38 -27.03 -8.65
C GLN A 872 54.97 -25.85 -9.40
N TYR A 873 54.18 -24.79 -9.60
CA TYR A 873 54.73 -23.53 -10.09
C TYR A 873 55.74 -22.94 -9.11
N THR A 874 55.41 -22.93 -7.82
CA THR A 874 56.31 -22.36 -6.84
C THR A 874 57.50 -23.25 -6.55
N SER A 875 57.52 -24.48 -7.07
CA SER A 875 58.71 -25.31 -7.09
C SER A 875 59.47 -25.20 -8.40
N ALA A 876 59.00 -24.39 -9.33
CA ALA A 876 59.67 -24.13 -10.60
C ALA A 876 60.28 -22.74 -10.67
N LEU A 877 59.54 -21.71 -10.24
CA LEU A 877 60.12 -20.38 -10.12
C LEU A 877 61.22 -20.34 -9.08
N LEU A 878 61.11 -21.18 -8.04
CA LEU A 878 62.16 -21.26 -7.04
C LEU A 878 63.33 -22.13 -7.50
N ALA A 879 63.14 -22.98 -8.51
CA ALA A 879 64.20 -23.83 -9.00
C ALA A 879 64.86 -23.30 -10.27
N GLY A 880 64.38 -22.18 -10.80
CA GLY A 880 65.05 -21.52 -11.90
C GLY A 880 65.79 -20.29 -11.41
N THR A 881 65.39 -19.80 -10.25
CA THR A 881 66.10 -18.70 -9.60
C THR A 881 67.48 -19.14 -9.12
N ILE A 882 67.60 -20.40 -8.67
CA ILE A 882 68.86 -20.89 -8.14
C ILE A 882 69.88 -21.09 -9.25
N THR A 883 69.56 -21.97 -10.20
CA THR A 883 70.56 -22.44 -11.16
C THR A 883 70.69 -21.48 -12.34
N SER A 884 69.59 -21.19 -13.02
CA SER A 884 69.63 -20.39 -14.23
C SER A 884 69.81 -18.90 -13.96
N GLY A 885 69.51 -18.45 -12.76
CA GLY A 885 69.61 -17.03 -12.44
C GLY A 885 68.32 -16.30 -12.78
N TRP A 886 68.42 -15.32 -13.68
CA TRP A 886 67.24 -14.61 -14.17
C TRP A 886 67.09 -14.75 -15.68
N THR A 887 67.89 -15.60 -16.31
CA THR A 887 67.90 -15.67 -17.77
C THR A 887 66.64 -16.35 -18.30
N PHE A 888 66.04 -17.24 -17.50
CA PHE A 888 64.84 -17.94 -17.94
C PHE A 888 63.62 -17.04 -18.02
N GLY A 889 63.68 -15.84 -17.45
CA GLY A 889 62.59 -14.90 -17.61
C GLY A 889 62.48 -14.37 -19.03
N ALA A 890 63.62 -14.10 -19.67
CA ALA A 890 63.62 -13.47 -20.98
C ALA A 890 63.64 -14.49 -22.12
N GLY A 891 64.67 -15.32 -22.17
CA GLY A 891 64.81 -16.27 -23.28
C GLY A 891 64.74 -17.72 -22.85
N ALA A 892 65.88 -18.41 -22.94
CA ALA A 892 66.00 -19.79 -22.54
C ALA A 892 66.88 -19.90 -21.30
N ALA A 893 66.58 -20.87 -20.44
CA ALA A 893 67.32 -21.01 -19.19
C ALA A 893 68.74 -21.47 -19.46
N LEU A 894 69.71 -20.76 -18.89
CA LEU A 894 71.13 -21.08 -19.02
C LEU A 894 71.72 -21.22 -17.64
N GLN A 895 72.32 -22.37 -17.36
CA GLN A 895 72.77 -22.67 -16.01
C GLN A 895 73.99 -21.82 -15.63
N ILE A 896 73.98 -21.32 -14.40
CA ILE A 896 75.06 -20.51 -13.84
C ILE A 896 75.41 -21.15 -12.50
N PRO A 897 76.68 -21.20 -12.10
CA PRO A 897 76.99 -21.56 -10.71
C PRO A 897 76.45 -20.52 -9.76
N PHE A 898 75.96 -20.98 -8.61
CA PHE A 898 75.26 -20.08 -7.69
C PHE A 898 76.23 -19.10 -7.03
N ALA A 899 77.50 -19.48 -6.89
CA ALA A 899 78.49 -18.54 -6.38
C ALA A 899 78.75 -17.42 -7.37
N MET A 900 78.57 -17.66 -8.67
CA MET A 900 78.69 -16.60 -9.65
C MET A 900 77.39 -15.85 -9.85
N GLN A 901 76.25 -16.50 -9.61
CA GLN A 901 74.97 -15.80 -9.68
C GLN A 901 74.83 -14.77 -8.56
N MET A 902 75.46 -15.03 -7.41
CA MET A 902 75.57 -14.00 -6.38
C MET A 902 76.47 -12.87 -6.86
N ALA A 903 77.54 -13.20 -7.58
CA ALA A 903 78.49 -12.19 -8.05
C ALA A 903 77.89 -11.27 -9.10
N TYR A 904 76.93 -11.77 -9.89
CA TYR A 904 76.17 -10.92 -10.80
C TYR A 904 75.24 -9.94 -10.09
N ARG A 905 74.94 -10.16 -8.81
CA ARG A 905 73.97 -9.34 -8.10
C ARG A 905 74.60 -8.34 -7.14
N PHE A 906 75.82 -8.62 -6.65
CA PHE A 906 76.58 -7.56 -5.98
C PHE A 906 77.06 -6.50 -6.96
N ASN A 907 77.14 -6.82 -8.24
CA ASN A 907 77.57 -5.88 -9.26
C ASN A 907 76.48 -4.94 -9.73
N GLY A 908 75.36 -4.87 -9.01
CA GLY A 908 74.27 -3.98 -9.37
C GLY A 908 73.99 -2.92 -8.33
N ILE A 909 74.73 -2.95 -7.23
CA ILE A 909 74.56 -1.99 -6.14
C ILE A 909 75.81 -1.13 -5.95
N GLY A 910 76.66 -1.03 -6.98
CA GLY A 910 77.88 -0.26 -6.86
C GLY A 910 78.95 -0.90 -6.00
N VAL A 911 78.95 -2.22 -5.88
CA VAL A 911 79.91 -2.95 -5.08
C VAL A 911 80.71 -3.86 -6.01
N THR A 912 82.04 -3.75 -5.94
CA THR A 912 82.91 -4.52 -6.83
C THR A 912 82.84 -6.01 -6.50
N GLN A 913 83.35 -6.81 -7.43
CA GLN A 913 83.23 -8.26 -7.35
C GLN A 913 84.04 -8.87 -6.22
N ASN A 914 85.07 -8.18 -5.73
CA ASN A 914 85.99 -8.78 -4.78
C ASN A 914 85.41 -8.91 -3.37
N VAL A 915 84.23 -8.34 -3.11
CA VAL A 915 83.64 -8.43 -1.79
C VAL A 915 83.14 -9.85 -1.51
N LEU A 916 82.54 -10.50 -2.51
CA LEU A 916 81.86 -11.77 -2.29
C LEU A 916 82.83 -12.91 -2.01
N TYR A 917 83.73 -13.20 -2.95
CA TYR A 917 84.58 -14.38 -2.82
C TYR A 917 85.63 -14.23 -1.74
N GLU A 918 85.96 -13.00 -1.33
CA GLU A 918 86.85 -12.82 -0.19
C GLU A 918 86.15 -13.03 1.13
N ASN A 919 84.82 -13.06 1.15
CA ASN A 919 84.06 -13.28 2.37
C ASN A 919 82.92 -14.27 2.11
N GLN A 920 83.21 -15.35 1.39
CA GLN A 920 82.18 -16.30 0.99
C GLN A 920 81.64 -17.10 2.17
N LYS A 921 82.42 -17.27 3.24
CA LYS A 921 81.98 -18.07 4.37
C LYS A 921 81.12 -17.28 5.37
N LEU A 922 81.38 -15.97 5.51
CA LEU A 922 80.58 -15.17 6.42
C LEU A 922 79.18 -14.94 5.88
N ILE A 923 79.05 -14.70 4.57
CA ILE A 923 77.75 -14.45 3.96
C ILE A 923 76.91 -15.72 3.96
N ALA A 924 77.53 -16.87 3.75
CA ALA A 924 76.81 -18.14 3.74
C ALA A 924 76.19 -18.44 5.10
N ASN A 925 76.93 -18.20 6.18
CA ASN A 925 76.38 -18.44 7.50
C ASN A 925 75.38 -17.37 7.90
N GLN A 926 75.58 -16.13 7.43
CA GLN A 926 74.62 -15.06 7.71
C GLN A 926 73.29 -15.31 7.01
N PHE A 927 73.33 -15.87 5.80
CA PHE A 927 72.09 -16.18 5.11
C PHE A 927 71.39 -17.39 5.72
N ASN A 928 72.16 -18.41 6.12
CA ASN A 928 71.57 -19.60 6.71
C ASN A 928 70.93 -19.29 8.06
N SER A 929 71.56 -18.42 8.85
CA SER A 929 70.95 -17.99 10.11
C SER A 929 69.74 -17.11 9.87
N ALA A 930 69.70 -16.39 8.74
CA ALA A 930 68.55 -15.55 8.43
C ALA A 930 67.30 -16.37 8.16
N ILE A 931 67.47 -17.54 7.52
CA ILE A 931 66.33 -18.44 7.28
C ILE A 931 65.78 -18.96 8.60
N GLY A 932 66.67 -19.27 9.55
CA GLY A 932 66.23 -19.78 10.83
C GLY A 932 65.46 -18.77 11.66
N LYS A 933 65.71 -17.48 11.45
CA LYS A 933 64.94 -16.45 12.14
C LYS A 933 63.51 -16.40 11.63
N ILE A 934 63.32 -16.59 10.33
CA ILE A 934 61.97 -16.67 9.77
C ILE A 934 61.28 -17.95 10.24
N GLN A 935 62.05 -19.01 10.49
CA GLN A 935 61.49 -20.28 10.94
C GLN A 935 60.83 -20.12 12.32
N ASP A 936 61.51 -19.44 13.24
CA ASP A 936 60.95 -19.25 14.58
C ASP A 936 59.87 -18.18 14.61
N SER A 937 60.01 -17.13 13.81
CA SER A 937 59.04 -16.03 13.84
C SER A 937 57.69 -16.47 13.30
N LEU A 938 57.69 -17.32 12.28
CA LEU A 938 56.43 -17.81 11.73
C LEU A 938 55.78 -18.85 12.64
N SER A 939 56.59 -19.69 13.26
CA SER A 939 56.06 -20.80 14.05
C SER A 939 55.53 -20.34 15.40
N SER A 940 56.14 -19.31 15.99
CA SER A 940 55.77 -18.90 17.35
C SER A 940 54.44 -18.16 17.37
N THR A 941 54.37 -17.02 16.69
CA THR A 941 53.18 -16.19 16.69
C THR A 941 52.35 -16.41 15.42
N ALA A 942 51.04 -16.24 15.56
CA ALA A 942 50.11 -16.37 14.46
C ALA A 942 49.63 -15.02 13.94
N SER A 943 50.17 -13.92 14.46
CA SER A 943 49.76 -12.58 14.05
C SER A 943 50.51 -12.08 12.81
N ALA A 944 51.41 -12.88 12.25
CA ALA A 944 52.14 -12.45 11.07
C ALA A 944 51.26 -12.47 9.83
N LEU A 945 50.29 -13.38 9.78
CA LEU A 945 49.42 -13.53 8.62
C LEU A 945 48.15 -12.68 8.77
N GLY A 946 48.34 -11.39 9.02
CA GLY A 946 47.19 -10.51 9.21
C GLY A 946 46.40 -10.27 7.94
N LYS A 947 47.10 -10.12 6.81
CA LYS A 947 46.44 -9.67 5.58
C LYS A 947 45.55 -10.76 4.98
N LEU A 948 46.03 -12.00 4.95
CA LEU A 948 45.25 -13.08 4.36
C LEU A 948 44.08 -13.51 5.24
N GLN A 949 44.14 -13.22 6.54
CA GLN A 949 43.05 -13.61 7.43
C GLN A 949 41.84 -12.70 7.24
N ASP A 950 42.07 -11.41 6.97
CA ASP A 950 40.98 -10.46 6.85
C ASP A 950 40.17 -10.65 5.57
N VAL A 951 40.71 -11.36 4.58
CA VAL A 951 39.95 -11.64 3.37
C VAL A 951 38.82 -12.63 3.66
N VAL A 952 39.13 -13.69 4.41
CA VAL A 952 38.14 -14.72 4.70
C VAL A 952 37.10 -14.19 5.67
N ASN A 953 37.53 -13.49 6.72
CA ASN A 953 36.60 -13.01 7.75
C ASN A 953 35.63 -11.98 7.19
N GLN A 954 36.10 -11.09 6.30
CA GLN A 954 35.19 -10.15 5.66
C GLN A 954 34.22 -10.86 4.72
N ASN A 955 34.68 -11.91 4.06
CA ASN A 955 33.79 -12.68 3.20
C ASN A 955 32.80 -13.50 4.00
N ALA A 956 33.23 -14.05 5.15
CA ALA A 956 32.32 -14.83 5.98
C ALA A 956 31.32 -13.95 6.71
N GLN A 957 31.66 -12.68 6.95
CA GLN A 957 30.71 -11.78 7.58
C GLN A 957 29.61 -11.37 6.61
N ALA A 958 29.90 -11.38 5.31
CA ALA A 958 28.88 -11.02 4.33
C ALA A 958 27.80 -12.10 4.23
N LEU A 959 28.19 -13.37 4.26
CA LEU A 959 27.22 -14.45 4.14
C LEU A 959 26.33 -14.55 5.37
N ASN A 960 26.92 -14.43 6.56
CA ASN A 960 26.13 -14.55 7.79
C ASN A 960 25.17 -13.38 7.96
N THR A 961 25.53 -12.20 7.44
CA THR A 961 24.57 -11.11 7.36
C THR A 961 23.45 -11.45 6.39
N LEU A 962 23.80 -12.05 5.25
CA LEU A 962 22.81 -12.38 4.23
C LEU A 962 21.87 -13.48 4.68
N VAL A 963 22.39 -14.49 5.38
CA VAL A 963 21.56 -15.61 5.83
C VAL A 963 20.58 -15.15 6.91
N LYS A 964 21.05 -14.35 7.87
CA LYS A 964 20.20 -13.91 8.97
C LYS A 964 19.14 -12.91 8.55
N GLN A 965 19.19 -12.38 7.33
CA GLN A 965 18.14 -11.52 6.82
C GLN A 965 16.88 -12.27 6.40
N LEU A 966 16.92 -13.61 6.40
CA LEU A 966 15.78 -14.41 5.99
C LEU A 966 14.76 -14.60 7.09
N SER A 967 15.01 -14.10 8.29
CA SER A 967 14.06 -14.22 9.38
C SER A 967 13.58 -12.85 9.83
N SER A 968 13.30 -11.98 8.85
CA SER A 968 12.83 -10.63 9.13
C SER A 968 11.52 -10.38 8.38
N ASN A 969 10.61 -9.67 9.04
CA ASN A 969 9.28 -9.47 8.48
C ASN A 969 9.29 -8.48 7.33
N PHE A 970 10.19 -7.49 7.38
CA PHE A 970 10.37 -6.48 6.32
C PHE A 970 9.07 -5.72 6.04
N GLY A 971 8.31 -5.45 7.10
CA GLY A 971 7.06 -4.73 6.98
C GLY A 971 5.82 -5.60 6.90
N ALA A 972 5.97 -6.92 6.78
CA ALA A 972 4.84 -7.83 6.72
C ALA A 972 4.50 -8.31 8.14
N ILE A 973 3.58 -9.29 8.20
CA ILE A 973 3.15 -9.79 9.49
C ILE A 973 3.91 -11.05 9.91
N SER A 974 4.63 -11.68 9.00
CA SER A 974 5.38 -12.90 9.31
C SER A 974 6.66 -12.92 8.49
N SER A 975 7.43 -13.99 8.64
CA SER A 975 8.68 -14.15 7.91
C SER A 975 8.80 -15.54 7.27
N VAL A 976 7.70 -16.28 7.15
CA VAL A 976 7.70 -17.62 6.58
C VAL A 976 6.83 -17.59 5.33
N LEU A 977 7.38 -18.10 4.22
CA LEU A 977 6.64 -18.09 2.95
C LEU A 977 5.44 -19.04 3.01
N ASN A 978 5.59 -20.17 3.69
CA ASN A 978 4.49 -21.14 3.76
C ASN A 978 3.40 -20.70 4.72
N ASP A 979 3.78 -20.05 5.83
CA ASP A 979 2.80 -19.71 6.86
C ASP A 979 1.86 -18.58 6.41
N ILE A 980 2.37 -17.63 5.63
CA ILE A 980 1.53 -16.51 5.20
C ILE A 980 0.47 -16.98 4.19
N LEU A 981 0.77 -18.02 3.41
CA LEU A 981 -0.19 -18.51 2.44
C LEU A 981 -1.34 -19.25 3.12
N SER A 982 -1.03 -19.97 4.21
CA SER A 982 -2.07 -20.74 4.90
C SER A 982 -2.99 -19.84 5.71
N ARG A 983 -2.43 -18.85 6.40
CA ARG A 983 -3.23 -18.05 7.33
C ARG A 983 -4.11 -17.04 6.62
N LEU A 984 -3.62 -16.44 5.53
CA LEU A 984 -4.32 -15.36 4.85
C LEU A 984 -4.74 -15.80 3.46
N ASP A 985 -5.83 -15.20 2.97
CA ASP A 985 -6.38 -15.59 1.67
C ASP A 985 -5.47 -15.11 0.54
N PRO A 986 -5.27 -15.94 -0.48
CA PRO A 986 -4.41 -15.57 -1.62
C PRO A 986 -4.86 -14.33 -2.39
N PRO A 987 -6.15 -13.95 -2.39
CA PRO A 987 -6.47 -12.60 -2.88
C PRO A 987 -5.77 -11.47 -2.13
N GLU A 988 -5.53 -11.61 -0.83
CA GLU A 988 -4.82 -10.58 -0.08
C GLU A 988 -3.47 -11.05 0.47
N ALA A 989 -3.10 -12.31 0.28
CA ALA A 989 -1.77 -12.76 0.66
C ALA A 989 -0.70 -12.26 -0.30
N GLU A 990 -1.09 -11.85 -1.51
CA GLU A 990 -0.13 -11.30 -2.46
C GLU A 990 0.41 -9.97 -1.99
N VAL A 991 -0.38 -9.19 -1.25
CA VAL A 991 0.11 -7.95 -0.66
C VAL A 991 1.17 -8.24 0.39
N GLN A 992 0.93 -9.24 1.23
CA GLN A 992 1.89 -9.58 2.28
C GLN A 992 3.15 -10.21 1.71
N ILE A 993 3.00 -11.09 0.71
CA ILE A 993 4.17 -11.71 0.10
C ILE A 993 4.93 -10.73 -0.78
N ASP A 994 4.29 -9.62 -1.18
CA ASP A 994 5.03 -8.55 -1.86
C ASP A 994 6.01 -7.89 -0.92
N ARG A 995 5.68 -7.81 0.37
CA ARG A 995 6.62 -7.28 1.35
C ARG A 995 7.83 -8.19 1.52
N LEU A 996 7.66 -9.49 1.34
CA LEU A 996 8.80 -10.39 1.25
C LEU A 996 9.24 -10.58 -0.19
N ILE A 997 9.34 -9.47 -0.92
CA ILE A 997 10.03 -9.44 -2.22
C ILE A 997 11.04 -8.31 -2.16
N THR A 998 10.53 -7.08 -1.94
CA THR A 998 11.41 -5.92 -1.85
C THR A 998 12.32 -5.99 -0.64
N GLY A 999 11.83 -6.57 0.46
CA GLY A 999 12.68 -6.75 1.63
C GLY A 999 13.79 -7.75 1.44
N ARG A 1000 13.62 -8.68 0.50
CA ARG A 1000 14.66 -9.68 0.21
C ARG A 1000 15.44 -9.39 -1.06
N LEU A 1001 14.84 -8.69 -2.03
CA LEU A 1001 15.58 -8.32 -3.24
C LEU A 1001 16.60 -7.23 -2.94
N GLN A 1002 16.24 -6.27 -2.10
CA GLN A 1002 17.19 -5.22 -1.73
C GLN A 1002 18.29 -5.74 -0.82
N SER A 1003 18.05 -6.83 -0.11
CA SER A 1003 19.10 -7.45 0.69
C SER A 1003 20.10 -8.24 -0.14
N LEU A 1004 19.77 -8.54 -1.40
CA LEU A 1004 20.69 -9.24 -2.28
C LEU A 1004 21.53 -8.28 -3.12
N GLN A 1005 20.91 -7.21 -3.64
CA GLN A 1005 21.66 -6.22 -4.39
C GLN A 1005 22.64 -5.44 -3.54
N THR A 1006 22.37 -5.32 -2.23
CA THR A 1006 23.36 -4.74 -1.33
C THR A 1006 24.59 -5.63 -1.22
N TYR A 1007 24.39 -6.94 -1.11
CA TYR A 1007 25.51 -7.87 -0.99
C TYR A 1007 26.32 -7.94 -2.28
N VAL A 1008 25.65 -7.88 -3.42
CA VAL A 1008 26.34 -7.94 -4.71
C VAL A 1008 27.19 -6.70 -4.93
N THR A 1009 26.65 -5.52 -4.59
CA THR A 1009 27.39 -4.28 -4.73
C THR A 1009 28.60 -4.25 -3.81
N GLN A 1010 28.46 -4.79 -2.59
CA GLN A 1010 29.60 -4.90 -1.69
C GLN A 1010 30.66 -5.86 -2.23
N GLN A 1011 30.22 -6.90 -2.96
CA GLN A 1011 31.18 -7.84 -3.51
C GLN A 1011 31.92 -7.27 -4.71
N LEU A 1012 31.25 -6.46 -5.54
CA LEU A 1012 31.90 -5.90 -6.71
C LEU A 1012 32.95 -4.86 -6.32
N ILE A 1013 32.69 -4.10 -5.26
CA ILE A 1013 33.68 -3.14 -4.78
C ILE A 1013 34.86 -3.88 -4.13
N ARG A 1014 34.57 -4.93 -3.37
CA ARG A 1014 35.63 -5.67 -2.69
C ARG A 1014 36.49 -6.44 -3.67
N ALA A 1015 35.89 -6.96 -4.76
CA ALA A 1015 36.66 -7.68 -5.76
C ALA A 1015 37.54 -6.76 -6.59
N ALA A 1016 37.30 -5.45 -6.58
CA ALA A 1016 38.21 -4.52 -7.23
C ALA A 1016 39.47 -4.28 -6.41
N GLU A 1017 39.37 -4.48 -5.09
CA GLU A 1017 40.55 -4.36 -4.23
C GLU A 1017 41.54 -5.48 -4.51
N ILE A 1018 41.04 -6.70 -4.73
CA ILE A 1018 41.91 -7.86 -4.90
C ILE A 1018 42.67 -7.79 -6.21
N ARG A 1019 42.01 -7.35 -7.28
CA ARG A 1019 42.68 -7.19 -8.57
C ARG A 1019 43.77 -6.13 -8.49
N ALA A 1020 43.53 -5.06 -7.73
CA ALA A 1020 44.57 -4.08 -7.49
C ALA A 1020 45.72 -4.63 -6.67
N SER A 1021 45.47 -5.69 -5.90
CA SER A 1021 46.53 -6.39 -5.19
C SER A 1021 47.07 -7.60 -5.94
N ALA A 1022 46.29 -8.17 -6.87
CA ALA A 1022 46.79 -9.25 -7.69
C ALA A 1022 47.72 -8.73 -8.78
N ASN A 1023 47.41 -7.54 -9.32
CA ASN A 1023 48.30 -6.94 -10.32
C ASN A 1023 49.59 -6.45 -9.69
N LEU A 1024 49.54 -6.02 -8.43
CA LEU A 1024 50.77 -5.64 -7.74
C LEU A 1024 51.64 -6.84 -7.43
N ALA A 1025 51.01 -7.98 -7.10
CA ALA A 1025 51.79 -9.20 -6.88
C ALA A 1025 52.35 -9.74 -8.19
N ALA A 1026 51.62 -9.58 -9.30
CA ALA A 1026 52.15 -9.99 -10.60
C ALA A 1026 53.31 -9.11 -11.02
N THR A 1027 53.32 -7.84 -10.62
CA THR A 1027 54.44 -6.96 -10.93
C THR A 1027 55.68 -7.37 -10.15
N LYS A 1028 55.52 -7.78 -8.90
CA LYS A 1028 56.66 -8.20 -8.10
C LYS A 1028 57.24 -9.52 -8.62
N MET A 1029 56.39 -10.45 -9.03
CA MET A 1029 56.88 -11.72 -9.54
C MET A 1029 57.56 -11.57 -10.90
N SER A 1030 57.28 -10.49 -11.62
CA SER A 1030 57.96 -10.26 -12.89
C SER A 1030 59.27 -9.51 -12.74
N GLU A 1031 59.40 -8.67 -11.71
CA GLU A 1031 60.60 -7.88 -11.49
C GLU A 1031 61.47 -8.42 -10.36
N CYS A 1032 60.88 -8.63 -9.18
CA CYS A 1032 61.64 -8.98 -7.99
C CYS A 1032 62.12 -10.42 -7.99
N VAL A 1033 61.53 -11.30 -8.79
CA VAL A 1033 61.91 -12.70 -8.85
C VAL A 1033 62.70 -13.00 -10.13
N LEU A 1034 62.18 -12.56 -11.27
CA LEU A 1034 62.78 -12.82 -12.57
C LEU A 1034 63.89 -11.82 -12.91
N GLY A 1035 64.37 -11.06 -11.94
CA GLY A 1035 65.43 -10.12 -12.18
C GLY A 1035 65.84 -9.43 -10.90
N GLN A 1036 66.52 -8.30 -11.06
CA GLN A 1036 66.90 -7.46 -9.94
C GLN A 1036 66.31 -6.08 -10.14
N SER A 1037 65.73 -5.53 -9.07
CA SER A 1037 65.00 -4.27 -9.15
C SER A 1037 65.84 -3.13 -8.57
N LYS A 1038 65.78 -1.98 -9.25
CA LYS A 1038 66.47 -0.78 -8.78
C LYS A 1038 65.50 0.25 -8.23
N ARG A 1039 64.23 -0.11 -8.03
CA ARG A 1039 63.28 0.78 -7.40
C ARG A 1039 63.51 0.77 -5.89
N VAL A 1040 63.75 1.96 -5.32
CA VAL A 1040 64.09 2.06 -3.91
C VAL A 1040 62.87 1.74 -3.06
N ASP A 1041 63.07 0.90 -2.05
CA ASP A 1041 62.02 0.45 -1.12
C ASP A 1041 60.87 -0.22 -1.85
N PHE A 1042 61.20 -1.04 -2.85
CA PHE A 1042 60.22 -1.90 -3.52
C PHE A 1042 60.29 -3.32 -2.98
N CYS A 1043 61.47 -3.94 -3.03
CA CYS A 1043 61.69 -5.27 -2.47
C CYS A 1043 62.42 -5.12 -1.14
N GLY A 1044 61.67 -4.71 -0.12
CA GLY A 1044 62.21 -4.57 1.22
C GLY A 1044 63.07 -3.33 1.39
N LYS A 1045 63.23 -2.93 2.65
CA LYS A 1045 64.00 -1.74 2.99
C LYS A 1045 65.48 -2.03 2.83
N GLY A 1046 66.09 -1.50 1.78
CA GLY A 1046 67.52 -1.66 1.59
C GLY A 1046 67.90 -1.94 0.14
N TYR A 1047 69.19 -2.03 -0.13
CA TYR A 1047 69.64 -2.48 -1.45
C TYR A 1047 69.25 -3.93 -1.67
N HIS A 1048 68.70 -4.21 -2.85
CA HIS A 1048 68.05 -5.48 -3.13
C HIS A 1048 69.03 -6.47 -3.77
N LEU A 1049 68.86 -7.75 -3.41
CA LEU A 1049 69.64 -8.82 -4.02
C LEU A 1049 68.76 -9.77 -4.82
N MET A 1050 67.76 -10.40 -4.20
CA MET A 1050 66.87 -11.34 -4.88
C MET A 1050 65.63 -11.53 -4.02
N SER A 1051 64.77 -12.48 -4.40
CA SER A 1051 63.62 -12.85 -3.61
C SER A 1051 63.16 -14.24 -4.03
N PHE A 1052 62.42 -14.89 -3.15
CA PHE A 1052 61.86 -16.20 -3.42
C PHE A 1052 60.36 -16.20 -3.14
N PRO A 1053 59.56 -16.81 -4.00
CA PRO A 1053 58.12 -16.88 -3.75
C PRO A 1053 57.72 -18.14 -3.01
N GLN A 1054 56.69 -18.00 -2.18
CA GLN A 1054 56.10 -19.13 -1.47
C GLN A 1054 54.59 -19.01 -1.52
N SER A 1055 53.92 -20.16 -1.52
CA SER A 1055 52.47 -20.18 -1.66
C SER A 1055 51.79 -20.03 -0.31
N ALA A 1056 50.49 -19.74 -0.37
CA ALA A 1056 49.67 -19.53 0.81
C ALA A 1056 48.21 -19.76 0.42
N PRO A 1057 47.34 -20.09 1.37
CA PRO A 1057 45.92 -20.23 1.04
C PRO A 1057 45.28 -18.91 0.65
N HIS A 1058 44.96 -18.76 -0.64
CA HIS A 1058 44.42 -17.54 -1.24
C HIS A 1058 45.37 -16.35 -0.99
N GLY A 1059 46.58 -16.48 -1.52
CA GLY A 1059 47.58 -15.44 -1.34
C GLY A 1059 48.96 -15.98 -1.60
N VAL A 1060 49.92 -15.05 -1.65
CA VAL A 1060 51.32 -15.39 -1.92
C VAL A 1060 52.18 -14.72 -0.85
N VAL A 1061 53.30 -15.34 -0.53
CA VAL A 1061 54.22 -14.87 0.50
C VAL A 1061 55.62 -14.83 -0.09
N PHE A 1062 56.29 -13.69 0.03
CA PHE A 1062 57.63 -13.50 -0.51
C PHE A 1062 58.67 -13.57 0.60
N LEU A 1063 59.92 -13.84 0.19
CA LEU A 1063 61.07 -13.87 1.10
C LEU A 1063 62.17 -13.01 0.49
N HIS A 1064 62.12 -11.71 0.76
CA HIS A 1064 63.10 -10.79 0.20
C HIS A 1064 64.45 -10.96 0.89
N VAL A 1065 65.52 -10.67 0.14
CA VAL A 1065 66.89 -10.73 0.64
C VAL A 1065 67.54 -9.39 0.33
N THR A 1066 67.72 -8.55 1.34
CA THR A 1066 68.26 -7.22 1.17
C THR A 1066 69.67 -7.14 1.74
N TYR A 1067 70.30 -5.97 1.55
CA TYR A 1067 71.68 -5.74 1.93
C TYR A 1067 71.76 -4.42 2.68
N VAL A 1068 72.22 -4.46 3.93
CA VAL A 1068 72.21 -3.30 4.81
C VAL A 1068 73.59 -3.09 5.42
N PRO A 1069 74.18 -1.90 5.27
CA PRO A 1069 75.47 -1.62 5.94
C PRO A 1069 75.29 -1.51 7.44
N ALA A 1070 76.41 -1.75 8.16
CA ALA A 1070 76.34 -1.89 9.61
C ALA A 1070 77.08 -0.80 10.37
N GLN A 1071 78.38 -0.61 10.16
CA GLN A 1071 79.20 0.23 11.02
C GLN A 1071 79.92 1.29 10.20
N GLU A 1072 79.76 2.55 10.58
CA GLU A 1072 80.31 3.68 9.85
C GLU A 1072 81.51 4.28 10.58
N LYS A 1073 82.34 4.99 9.82
CA LYS A 1073 83.53 5.64 10.34
C LYS A 1073 83.65 7.05 9.78
N ASN A 1074 84.08 7.99 10.63
CA ASN A 1074 84.36 9.34 10.20
C ASN A 1074 85.63 9.40 9.35
N PHE A 1075 85.64 10.32 8.39
CA PHE A 1075 86.82 10.58 7.57
C PHE A 1075 86.78 12.03 7.09
N THR A 1076 87.82 12.42 6.36
CA THR A 1076 87.94 13.76 5.81
C THR A 1076 88.04 13.66 4.29
N THR A 1077 87.30 14.51 3.58
CA THR A 1077 87.16 14.40 2.14
C THR A 1077 87.39 15.75 1.46
N ALA A 1078 87.70 15.69 0.17
CA ALA A 1078 87.87 16.84 -0.70
C ALA A 1078 87.42 16.36 -2.08
N PRO A 1079 86.61 17.15 -2.80
CA PRO A 1079 85.99 16.65 -4.02
C PRO A 1079 86.89 16.63 -5.25
N ALA A 1080 88.13 17.11 -5.13
CA ALA A 1080 89.04 17.12 -6.26
C ALA A 1080 90.47 17.10 -5.75
N ILE A 1081 91.40 16.79 -6.64
CA ILE A 1081 92.81 16.63 -6.31
C ILE A 1081 93.62 17.40 -7.34
N CYS A 1082 94.65 18.13 -6.87
CA CYS A 1082 95.47 18.95 -7.75
C CYS A 1082 96.92 18.50 -7.63
N HIS A 1083 97.52 18.14 -8.75
CA HIS A 1083 98.91 17.66 -8.78
C HIS A 1083 99.82 18.56 -9.59
N ASP A 1084 99.43 18.90 -10.81
CA ASP A 1084 100.24 19.73 -11.71
C ASP A 1084 99.45 20.93 -12.17
N GLY A 1085 98.78 21.59 -11.22
CA GLY A 1085 97.90 22.70 -11.56
C GLY A 1085 96.68 22.27 -12.34
N LYS A 1086 96.07 21.15 -11.98
CA LYS A 1086 94.97 20.59 -12.75
C LYS A 1086 94.14 19.68 -11.85
N ALA A 1087 92.84 19.67 -12.08
CA ALA A 1087 91.94 18.82 -11.29
C ALA A 1087 92.15 17.36 -11.63
N HIS A 1088 91.89 16.50 -10.66
CA HIS A 1088 92.10 15.06 -10.79
C HIS A 1088 90.89 14.29 -10.27
N PHE A 1089 89.71 14.65 -10.79
CA PHE A 1089 88.43 13.96 -10.61
C PHE A 1089 88.56 12.45 -10.67
N PRO A 1090 88.07 11.73 -9.68
CA PRO A 1090 88.17 10.27 -9.70
C PRO A 1090 87.10 9.62 -10.56
N ARG A 1091 87.46 8.46 -11.12
CA ARG A 1091 86.57 7.78 -12.06
C ARG A 1091 85.35 7.19 -11.35
N GLU A 1092 85.57 6.49 -10.23
CA GLU A 1092 84.48 5.83 -9.53
C GLU A 1092 84.85 5.78 -8.05
N GLY A 1093 84.27 6.68 -7.26
CA GLY A 1093 84.54 6.78 -5.85
C GLY A 1093 84.81 8.21 -5.44
N VAL A 1094 85.12 8.38 -4.16
CA VAL A 1094 85.45 9.68 -3.60
C VAL A 1094 86.87 9.65 -3.07
N PHE A 1095 87.36 10.81 -2.66
CA PHE A 1095 88.71 10.96 -2.14
C PHE A 1095 88.65 11.16 -0.63
N VAL A 1096 89.27 10.24 0.11
CA VAL A 1096 89.22 10.25 1.57
C VAL A 1096 90.62 10.30 2.12
N SER A 1097 90.72 10.74 3.37
CA SER A 1097 91.99 10.76 4.08
C SER A 1097 91.73 10.55 5.57
N ASN A 1098 92.55 9.70 6.19
CA ASN A 1098 92.47 9.52 7.63
C ASN A 1098 93.27 10.56 8.40
N GLY A 1099 94.01 11.42 7.71
CA GLY A 1099 94.76 12.47 8.36
C GLY A 1099 96.14 12.69 7.77
N THR A 1100 96.76 11.63 7.23
CA THR A 1100 98.10 11.72 6.70
C THR A 1100 98.17 11.50 5.19
N HIS A 1101 97.66 10.37 4.70
CA HIS A 1101 97.74 10.02 3.30
C HIS A 1101 96.34 9.94 2.71
N TRP A 1102 96.13 10.58 1.58
CA TRP A 1102 94.84 10.56 0.90
C TRP A 1102 94.62 9.20 0.23
N PHE A 1103 93.35 8.82 0.11
CA PHE A 1103 92.97 7.54 -0.45
C PHE A 1103 91.72 7.69 -1.28
N VAL A 1104 91.56 6.80 -2.26
CA VAL A 1104 90.35 6.69 -3.06
C VAL A 1104 89.72 5.32 -2.77
N THR A 1105 88.40 5.31 -2.61
CA THR A 1105 87.69 4.09 -2.26
C THR A 1105 86.30 4.15 -2.86
N GLN A 1106 85.65 2.98 -2.92
CA GLN A 1106 84.30 2.91 -3.45
C GLN A 1106 83.30 3.49 -2.46
N ARG A 1107 82.06 3.59 -2.90
CA ARG A 1107 81.07 4.46 -2.28
C ARG A 1107 80.16 3.75 -1.27
N ASN A 1108 80.35 2.45 -1.05
CA ASN A 1108 79.48 1.74 -0.10
C ASN A 1108 80.21 0.73 0.78
N PHE A 1109 81.53 0.64 0.72
CA PHE A 1109 82.29 -0.32 1.52
C PHE A 1109 83.74 0.14 1.54
N TYR A 1110 84.33 0.20 2.73
CA TYR A 1110 85.65 0.80 2.88
C TYR A 1110 86.72 -0.13 2.30
N GLU A 1111 87.39 0.33 1.26
CA GLU A 1111 88.51 -0.37 0.64
C GLU A 1111 89.41 0.64 -0.06
N PRO A 1112 90.38 1.23 0.64
CA PRO A 1112 91.18 2.29 0.04
C PRO A 1112 92.26 1.75 -0.90
N GLN A 1113 92.65 2.61 -1.85
CA GLN A 1113 93.73 2.31 -2.76
C GLN A 1113 94.60 3.56 -2.95
N ILE A 1114 95.85 3.33 -3.34
CA ILE A 1114 96.75 4.44 -3.64
C ILE A 1114 96.37 5.04 -4.98
N ILE A 1115 96.26 6.37 -5.02
CA ILE A 1115 95.81 7.07 -6.22
C ILE A 1115 96.86 6.93 -7.31
N THR A 1116 96.45 6.42 -8.46
CA THR A 1116 97.31 6.27 -9.63
C THR A 1116 96.68 7.01 -10.82
N THR A 1117 97.39 6.97 -11.95
CA THR A 1117 96.88 7.61 -13.15
C THR A 1117 95.65 6.89 -13.70
N ASP A 1118 95.57 5.58 -13.51
CA ASP A 1118 94.39 4.83 -13.94
C ASP A 1118 93.17 5.15 -13.10
N ASN A 1119 93.36 5.65 -11.87
CA ASN A 1119 92.25 5.89 -10.97
C ASN A 1119 91.46 7.14 -11.33
N THR A 1120 92.02 8.05 -12.13
CA THR A 1120 91.42 9.37 -12.30
C THR A 1120 91.49 9.80 -13.76
N PHE A 1121 90.63 10.77 -14.08
CA PHE A 1121 90.65 11.47 -15.35
C PHE A 1121 90.81 12.97 -15.09
N VAL A 1122 91.51 13.65 -15.99
CA VAL A 1122 91.98 15.02 -15.76
C VAL A 1122 91.20 15.97 -16.65
N SER A 1123 90.77 17.09 -16.06
CA SER A 1123 90.08 18.14 -16.80
C SER A 1123 90.22 19.46 -16.06
N GLY A 1124 90.64 20.50 -16.77
CA GLY A 1124 90.67 21.84 -16.22
C GLY A 1124 91.91 22.14 -15.39
N ASN A 1125 92.03 23.40 -15.01
CA ASN A 1125 93.15 23.89 -14.21
C ASN A 1125 92.77 23.87 -12.72
N CYS A 1126 93.58 24.53 -11.88
CA CYS A 1126 93.53 24.40 -10.44
C CYS A 1126 93.04 25.68 -9.76
N ASP A 1127 92.05 26.35 -10.34
CA ASP A 1127 91.47 27.52 -9.67
C ASP A 1127 89.95 27.55 -9.68
N VAL A 1128 89.27 26.88 -10.60
CA VAL A 1128 87.82 26.99 -10.71
C VAL A 1128 87.14 26.22 -9.58
N VAL A 1129 87.65 25.03 -9.26
CA VAL A 1129 87.01 24.17 -8.27
C VAL A 1129 87.21 24.75 -6.87
N ILE A 1130 86.21 24.55 -6.02
CA ILE A 1130 86.24 24.99 -4.63
C ILE A 1130 86.35 23.75 -3.76
N GLY A 1131 87.29 23.78 -2.80
CA GLY A 1131 87.58 22.63 -1.98
C GLY A 1131 88.78 21.83 -2.43
N ILE A 1132 89.65 22.41 -3.26
CA ILE A 1132 90.78 21.68 -3.82
C ILE A 1132 91.82 21.41 -2.73
N VAL A 1133 92.45 20.24 -2.80
CA VAL A 1133 93.49 19.81 -1.88
C VAL A 1133 94.60 19.15 -2.69
N ASN A 1134 95.84 19.56 -2.43
CA ASN A 1134 96.98 19.03 -3.17
C ASN A 1134 97.27 17.58 -2.78
N ASN A 1135 97.94 16.88 -3.70
CA ASN A 1135 98.38 15.50 -3.51
C ASN A 1135 99.40 15.19 -4.60
N THR A 1136 100.03 14.03 -4.51
CA THR A 1136 100.92 13.51 -5.53
C THR A 1136 100.33 12.22 -6.08
N VAL A 1137 100.13 12.16 -7.39
CA VAL A 1137 99.56 10.99 -8.04
C VAL A 1137 100.69 10.20 -8.67
N TYR A 1138 100.90 8.97 -8.20
CA TYR A 1138 102.00 8.15 -8.68
C TYR A 1138 101.70 7.61 -10.08
N ASP A 1139 102.72 7.60 -10.92
CA ASP A 1139 102.60 7.09 -12.28
C ASP A 1139 103.20 5.69 -12.35
N PRO A 1140 102.43 4.67 -12.69
CA PRO A 1140 103.00 3.30 -12.74
C PRO A 1140 103.96 3.08 -13.89
N LEU A 1141 103.95 3.94 -14.92
CA LEU A 1141 104.74 3.68 -16.11
C LEU A 1141 106.22 3.93 -15.87
N GLN A 1142 106.56 5.01 -15.15
CA GLN A 1142 107.96 5.40 -15.00
C GLN A 1142 108.83 4.39 -14.26
N PRO A 1143 108.43 3.82 -13.11
CA PRO A 1143 109.24 2.71 -12.57
C PRO A 1143 109.20 1.46 -13.45
N GLU A 1144 108.09 1.21 -14.15
CA GLU A 1144 108.03 0.07 -15.05
C GLU A 1144 108.95 0.29 -16.26
N LEU A 1145 109.00 1.51 -16.79
CA LEU A 1145 109.91 1.80 -17.88
C LEU A 1145 111.35 1.92 -17.42
N ASP A 1146 111.57 2.12 -16.11
CA ASP A 1146 112.93 2.16 -15.58
C ASP A 1146 113.61 0.80 -15.69
N SER A 1147 112.88 -0.27 -15.42
CA SER A 1147 113.42 -1.62 -15.50
C SER A 1147 112.89 -2.35 -16.74
N ALA B 27 0.10 -46.82 -36.01
CA ALA B 27 0.74 -46.27 -37.20
C ALA B 27 1.47 -44.98 -36.86
N TYR B 28 2.61 -45.10 -36.19
CA TYR B 28 3.38 -43.95 -35.74
C TYR B 28 4.34 -43.50 -36.84
N THR B 29 4.43 -42.19 -37.04
CA THR B 29 5.30 -41.59 -38.03
C THR B 29 6.01 -40.40 -37.40
N ASN B 30 7.28 -40.22 -37.75
CA ASN B 30 8.06 -39.09 -37.26
C ASN B 30 7.48 -37.78 -37.77
N SER B 31 7.34 -36.81 -36.86
CA SER B 31 6.76 -35.51 -37.20
C SER B 31 7.75 -34.57 -37.87
N PHE B 32 9.05 -34.89 -37.82
CA PHE B 32 10.16 -34.10 -38.39
C PHE B 32 10.10 -32.69 -37.78
N THR B 33 10.15 -31.63 -38.58
CA THR B 33 10.09 -30.25 -38.09
C THR B 33 9.04 -29.51 -38.90
N ARG B 34 7.80 -29.53 -38.42
CA ARG B 34 6.68 -28.89 -39.10
C ARG B 34 5.76 -28.27 -38.06
N GLY B 35 4.69 -27.63 -38.53
CA GLY B 35 3.75 -26.99 -37.64
C GLY B 35 4.14 -25.62 -37.15
N VAL B 36 5.14 -25.00 -37.76
CA VAL B 36 5.60 -23.68 -37.35
C VAL B 36 4.67 -22.62 -37.95
N TYR B 37 4.06 -21.81 -37.10
CA TYR B 37 3.12 -20.79 -37.54
C TYR B 37 3.47 -19.46 -36.90
N TYR B 38 3.01 -18.38 -37.53
CA TYR B 38 3.31 -17.03 -37.07
C TYR B 38 2.63 -16.76 -35.74
N PRO B 39 3.35 -16.35 -34.71
CA PRO B 39 2.71 -16.17 -33.39
C PRO B 39 1.79 -14.97 -33.31
N ASP B 40 2.13 -13.86 -33.98
CA ASP B 40 1.34 -12.65 -33.92
C ASP B 40 1.60 -11.85 -35.21
N LYS B 41 1.17 -10.59 -35.22
CA LYS B 41 1.24 -9.75 -36.41
C LYS B 41 2.28 -8.66 -36.17
N VAL B 42 3.55 -8.98 -36.38
CA VAL B 42 4.65 -8.03 -36.26
C VAL B 42 5.67 -8.34 -37.34
N PHE B 43 6.36 -7.32 -37.84
CA PHE B 43 7.34 -7.49 -38.90
C PHE B 43 8.72 -7.14 -38.37
N ARG B 44 9.58 -8.14 -38.24
CA ARG B 44 10.96 -7.94 -37.83
C ARG B 44 11.88 -8.49 -38.92
N SER B 45 12.95 -7.74 -39.20
CA SER B 45 13.90 -8.09 -40.25
C SER B 45 15.25 -8.39 -39.62
N SER B 46 15.80 -9.57 -39.94
CA SER B 46 17.09 -10.06 -39.43
C SER B 46 17.10 -10.06 -37.90
N VAL B 47 16.09 -10.67 -37.30
CA VAL B 47 15.89 -10.71 -35.87
C VAL B 47 15.76 -12.16 -35.44
N LEU B 48 16.32 -12.49 -34.28
CA LEU B 48 16.27 -13.84 -33.76
C LEU B 48 15.39 -13.89 -32.51
N HIS B 49 14.24 -13.23 -32.59
CA HIS B 49 13.32 -13.16 -31.47
C HIS B 49 12.73 -14.53 -31.14
N SER B 50 12.71 -14.89 -29.86
CA SER B 50 12.21 -16.15 -29.38
C SER B 50 10.92 -15.91 -28.58
N THR B 51 9.97 -16.82 -28.72
CA THR B 51 8.65 -16.62 -28.13
C THR B 51 8.15 -17.90 -27.47
N GLN B 52 7.24 -17.72 -26.51
CA GLN B 52 6.60 -18.80 -25.78
C GLN B 52 5.14 -18.87 -26.20
N ASP B 53 4.75 -19.97 -26.84
CA ASP B 53 3.37 -20.19 -27.28
C ASP B 53 3.18 -21.67 -27.52
N LEU B 54 1.96 -22.04 -27.88
CA LEU B 54 1.67 -23.42 -28.22
C LEU B 54 2.26 -23.76 -29.59
N PHE B 55 2.93 -24.92 -29.66
CA PHE B 55 3.58 -25.33 -30.90
C PHE B 55 3.54 -26.84 -30.99
N LEU B 56 3.74 -27.34 -32.21
CA LEU B 56 3.92 -28.77 -32.41
C LEU B 56 5.34 -29.14 -32.01
N PRO B 57 5.52 -30.09 -31.09
CA PRO B 57 6.88 -30.46 -30.66
C PRO B 57 7.68 -31.07 -31.79
N PHE B 58 8.98 -30.78 -31.79
CA PHE B 58 9.88 -31.33 -32.81
C PHE B 58 10.09 -32.83 -32.60
N PHE B 59 10.06 -33.57 -33.71
CA PHE B 59 10.35 -35.01 -33.76
C PHE B 59 9.42 -35.79 -32.84
N SER B 60 8.12 -35.67 -33.09
CA SER B 60 7.10 -36.36 -32.34
C SER B 60 6.49 -37.47 -33.20
N ASN B 61 5.48 -38.13 -32.64
CA ASN B 61 4.81 -39.25 -33.30
C ASN B 61 3.41 -38.82 -33.73
N VAL B 62 3.09 -39.06 -35.00
CA VAL B 62 1.76 -38.77 -35.53
C VAL B 62 1.14 -40.07 -36.00
N THR B 63 -0.19 -40.10 -36.00
CA THR B 63 -0.96 -41.31 -36.28
C THR B 63 -1.39 -41.30 -37.75
N TRP B 64 -0.77 -42.18 -38.55
CA TRP B 64 -1.16 -42.32 -39.95
C TRP B 64 -2.54 -42.97 -40.03
N PHE B 65 -3.44 -42.35 -40.77
CA PHE B 65 -4.80 -42.83 -40.95
C PHE B 65 -5.08 -43.08 -42.42
N HIS B 66 -6.20 -43.75 -42.69
CA HIS B 66 -6.60 -44.05 -44.06
C HIS B 66 -8.11 -43.93 -44.23
N ASN B 81 -11.61 -41.56 -40.18
CA ASN B 81 -13.03 -41.83 -39.94
C ASN B 81 -13.56 -41.52 -38.51
N PRO B 82 -13.00 -42.08 -37.44
CA PRO B 82 -13.65 -41.95 -36.13
C PRO B 82 -13.42 -40.59 -35.51
N VAL B 83 -14.14 -40.34 -34.42
CA VAL B 83 -13.99 -39.10 -33.67
C VAL B 83 -12.66 -39.11 -32.92
N LEU B 84 -12.10 -37.92 -32.72
CA LEU B 84 -10.83 -37.74 -32.05
C LEU B 84 -10.93 -36.60 -31.05
N PRO B 85 -10.20 -36.70 -29.93
CA PRO B 85 -10.24 -35.62 -28.94
C PRO B 85 -9.49 -34.39 -29.45
N PHE B 86 -10.13 -33.22 -29.30
CA PHE B 86 -9.53 -31.98 -29.78
C PHE B 86 -8.40 -31.52 -28.86
N ASN B 87 -8.58 -31.69 -27.54
CA ASN B 87 -7.64 -31.25 -26.49
C ASN B 87 -7.43 -29.75 -26.63
N ASP B 88 -6.21 -29.28 -26.90
CA ASP B 88 -5.92 -27.85 -27.00
C ASP B 88 -5.82 -27.38 -28.45
N GLY B 89 -4.95 -28.00 -29.24
CA GLY B 89 -4.81 -27.68 -30.64
C GLY B 89 -4.54 -28.93 -31.44
N VAL B 90 -4.45 -28.76 -32.76
CA VAL B 90 -4.24 -29.89 -33.65
C VAL B 90 -3.54 -29.41 -34.91
N TYR B 91 -2.58 -30.21 -35.36
CA TYR B 91 -1.90 -30.00 -36.65
C TYR B 91 -2.42 -31.06 -37.62
N PHE B 92 -3.36 -30.63 -38.46
CA PHE B 92 -4.01 -31.51 -39.43
C PHE B 92 -3.30 -31.36 -40.77
N ALA B 93 -2.67 -32.43 -41.24
CA ALA B 93 -2.02 -32.42 -42.54
C ALA B 93 -2.74 -33.39 -43.46
N SER B 94 -2.84 -33.02 -44.73
CA SER B 94 -3.59 -33.83 -45.68
C SER B 94 -2.87 -33.90 -47.02
N THR B 95 -2.89 -35.10 -47.61
CA THR B 95 -2.38 -35.33 -48.97
C THR B 95 -3.49 -36.02 -49.74
N GLU B 96 -4.07 -35.32 -50.71
CA GLU B 96 -5.17 -35.87 -51.48
C GLU B 96 -5.24 -35.16 -52.82
N LYS B 97 -5.97 -35.78 -53.76
CA LYS B 97 -6.17 -35.22 -55.08
C LYS B 97 -7.65 -35.19 -55.49
N SER B 98 -8.54 -35.75 -54.67
CA SER B 98 -9.95 -35.81 -55.00
C SER B 98 -10.80 -34.81 -54.22
N ASN B 99 -10.19 -34.03 -53.32
CA ASN B 99 -10.86 -33.02 -52.50
C ASN B 99 -12.00 -33.61 -51.67
N ILE B 100 -11.79 -34.80 -51.11
CA ILE B 100 -12.85 -35.50 -50.40
C ILE B 100 -12.64 -35.52 -48.89
N ILE B 101 -11.43 -35.26 -48.41
CA ILE B 101 -11.10 -35.34 -47.00
C ILE B 101 -10.75 -33.94 -46.49
N ARG B 102 -11.42 -33.52 -45.41
CA ARG B 102 -11.16 -32.24 -44.77
C ARG B 102 -11.70 -32.31 -43.35
N GLY B 103 -11.35 -31.31 -42.55
CA GLY B 103 -11.81 -31.29 -41.16
C GLY B 103 -12.93 -30.31 -40.90
N TRP B 104 -14.15 -30.79 -40.68
CA TRP B 104 -15.29 -29.91 -40.55
C TRP B 104 -15.95 -29.94 -39.18
N ILE B 105 -16.26 -31.11 -38.63
CA ILE B 105 -17.15 -31.18 -37.48
C ILE B 105 -16.35 -31.08 -36.19
N PHE B 106 -16.72 -30.08 -35.38
CA PHE B 106 -16.14 -29.79 -34.07
C PHE B 106 -17.29 -29.62 -33.09
N GLY B 107 -17.06 -29.98 -31.83
CA GLY B 107 -18.10 -29.75 -30.84
C GLY B 107 -17.79 -30.48 -29.54
N THR B 108 -18.81 -30.53 -28.68
CA THR B 108 -18.70 -31.19 -27.39
C THR B 108 -19.60 -32.42 -27.30
N THR B 109 -20.90 -32.26 -27.54
CA THR B 109 -21.82 -33.39 -27.55
C THR B 109 -21.92 -34.08 -28.90
N LEU B 110 -21.53 -33.39 -29.97
CA LEU B 110 -21.39 -33.89 -31.34
C LEU B 110 -22.71 -34.28 -31.98
N ASP B 111 -23.84 -34.10 -31.30
CA ASP B 111 -25.15 -34.29 -31.91
C ASP B 111 -26.14 -33.44 -31.10
N SER B 112 -26.49 -32.26 -31.65
CA SER B 112 -27.36 -31.27 -31.02
C SER B 112 -26.87 -30.84 -29.65
N LYS B 113 -27.76 -30.28 -28.84
CA LYS B 113 -27.57 -29.82 -27.46
C LYS B 113 -26.60 -28.65 -27.32
N THR B 114 -25.99 -28.20 -28.41
CA THR B 114 -25.05 -27.08 -28.44
C THR B 114 -24.82 -26.72 -29.90
N GLN B 115 -24.24 -25.54 -30.11
CA GLN B 115 -23.85 -25.15 -31.46
C GLN B 115 -22.66 -25.98 -31.91
N SER B 116 -22.64 -26.36 -33.19
CA SER B 116 -21.62 -27.22 -33.74
C SER B 116 -21.09 -26.61 -35.03
N LEU B 117 -19.80 -26.81 -35.28
CA LEU B 117 -19.08 -26.17 -36.37
C LEU B 117 -18.94 -27.11 -37.56
N LEU B 118 -18.95 -26.53 -38.76
CA LEU B 118 -18.79 -27.29 -39.99
C LEU B 118 -18.11 -26.41 -41.03
N ILE B 119 -17.15 -27.00 -41.75
CA ILE B 119 -16.37 -26.31 -42.78
C ILE B 119 -16.39 -27.20 -44.02
N VAL B 120 -17.17 -26.81 -45.03
CA VAL B 120 -17.30 -27.66 -46.20
C VAL B 120 -16.80 -26.90 -47.42
N ASN B 121 -16.31 -27.65 -48.41
CA ASN B 121 -15.79 -27.11 -49.65
C ASN B 121 -16.53 -27.75 -50.82
N ASN B 122 -17.16 -26.93 -51.65
CA ASN B 122 -17.89 -27.43 -52.81
C ASN B 122 -17.57 -26.56 -54.02
N ALA B 123 -17.40 -27.21 -55.18
CA ALA B 123 -17.10 -26.57 -56.46
C ALA B 123 -15.88 -25.65 -56.37
N THR B 124 -16.13 -24.35 -56.20
CA THR B 124 -15.08 -23.35 -56.06
C THR B 124 -15.42 -22.36 -54.95
N ASN B 125 -15.98 -22.86 -53.85
CA ASN B 125 -16.35 -22.02 -52.72
C ASN B 125 -16.39 -22.87 -51.46
N VAL B 126 -16.37 -22.19 -50.33
CA VAL B 126 -16.39 -22.84 -49.02
C VAL B 126 -17.54 -22.27 -48.20
N VAL B 127 -18.06 -23.09 -47.29
CA VAL B 127 -19.17 -22.72 -46.43
C VAL B 127 -18.76 -22.99 -44.98
N ILE B 128 -18.87 -21.97 -44.14
CA ILE B 128 -18.64 -22.06 -42.71
C ILE B 128 -19.99 -21.98 -42.02
N LYS B 129 -20.28 -22.93 -41.13
CA LYS B 129 -21.60 -23.00 -40.53
C LYS B 129 -21.48 -23.38 -39.06
N VAL B 130 -22.28 -22.75 -38.21
CA VAL B 130 -22.49 -23.24 -36.85
C VAL B 130 -23.98 -23.43 -36.61
N CYS B 131 -24.37 -24.68 -36.34
CA CYS B 131 -25.76 -25.06 -36.07
C CYS B 131 -25.78 -26.27 -35.16
N GLU B 132 -26.93 -26.49 -34.54
CA GLU B 132 -27.20 -27.72 -33.79
C GLU B 132 -27.93 -28.73 -34.66
N PHE B 133 -27.31 -29.05 -35.79
CA PHE B 133 -27.89 -29.98 -36.76
C PHE B 133 -27.81 -31.41 -36.23
N GLN B 134 -28.71 -32.26 -36.72
CA GLN B 134 -28.68 -33.69 -36.40
C GLN B 134 -27.58 -34.36 -37.21
N PHE B 135 -26.64 -35.01 -36.51
CA PHE B 135 -25.48 -35.60 -37.16
C PHE B 135 -25.62 -37.11 -37.25
N CYS B 136 -25.23 -37.67 -38.38
CA CYS B 136 -25.24 -39.11 -38.60
C CYS B 136 -23.90 -39.70 -38.14
N ASN B 137 -23.77 -41.02 -38.28
CA ASN B 137 -22.54 -41.70 -37.91
C ASN B 137 -21.40 -41.34 -38.87
N ASP B 138 -21.65 -41.44 -40.17
CA ASP B 138 -20.69 -41.06 -41.20
C ASP B 138 -21.39 -40.28 -42.30
N PRO B 139 -21.77 -39.04 -42.03
CA PRO B 139 -22.47 -38.26 -43.05
C PRO B 139 -21.50 -37.60 -44.02
N PHE B 140 -22.02 -37.32 -45.22
CA PHE B 140 -21.25 -36.62 -46.24
C PHE B 140 -22.19 -35.94 -47.24
N ASN B 164 -32.69 -26.14 -35.06
CA ASN B 164 -31.50 -25.72 -35.78
C ASN B 164 -30.56 -24.92 -34.88
N ASN B 165 -31.07 -23.78 -34.40
CA ASN B 165 -30.34 -22.86 -33.53
C ASN B 165 -29.01 -22.42 -34.16
N CYS B 166 -29.13 -21.78 -35.33
CA CYS B 166 -27.99 -21.36 -36.12
C CYS B 166 -27.68 -19.91 -35.83
N THR B 167 -26.41 -19.60 -35.60
CA THR B 167 -25.98 -18.26 -35.25
C THR B 167 -25.03 -17.62 -36.26
N PHE B 168 -24.28 -18.41 -37.02
CA PHE B 168 -23.32 -17.84 -37.97
C PHE B 168 -23.14 -18.78 -39.14
N GLU B 169 -23.51 -18.31 -40.34
CA GLU B 169 -23.25 -18.98 -41.60
C GLU B 169 -22.58 -18.00 -42.54
N TYR B 170 -21.61 -18.48 -43.31
CA TYR B 170 -20.79 -17.59 -44.13
C TYR B 170 -20.26 -18.36 -45.33
N VAL B 171 -20.15 -17.67 -46.46
CA VAL B 171 -19.57 -18.23 -47.68
C VAL B 171 -18.43 -17.31 -48.12
N SER B 172 -17.24 -17.89 -48.30
CA SER B 172 -16.08 -17.12 -48.74
C SER B 172 -15.84 -17.31 -50.23
N PHE B 186 0.95 -38.37 -54.31
CA PHE B 186 0.01 -37.32 -53.92
C PHE B 186 0.51 -35.96 -54.39
N LYS B 187 -0.32 -35.30 -55.19
CA LYS B 187 0.11 -34.06 -55.84
C LYS B 187 0.11 -32.87 -54.87
N ASN B 188 -0.77 -32.86 -53.88
CA ASN B 188 -0.92 -31.73 -52.99
C ASN B 188 -0.48 -32.10 -51.57
N LEU B 189 -0.24 -31.06 -50.77
CA LEU B 189 0.01 -31.24 -49.34
C LEU B 189 -0.50 -29.99 -48.65
N ARG B 190 -1.56 -30.13 -47.86
CA ARG B 190 -2.20 -29.02 -47.19
C ARG B 190 -2.01 -29.15 -45.69
N GLU B 191 -1.47 -28.10 -45.06
CA GLU B 191 -1.24 -28.09 -43.62
C GLU B 191 -2.18 -27.08 -42.97
N PHE B 192 -2.79 -27.47 -41.86
CA PHE B 192 -3.67 -26.60 -41.10
C PHE B 192 -3.35 -26.75 -39.63
N VAL B 193 -3.38 -25.63 -38.91
CA VAL B 193 -3.22 -25.62 -37.46
C VAL B 193 -4.47 -24.99 -36.87
N PHE B 194 -5.14 -25.72 -35.97
CA PHE B 194 -6.31 -25.25 -35.28
C PHE B 194 -6.03 -25.15 -33.79
N LYS B 195 -6.38 -24.02 -33.19
CA LYS B 195 -6.17 -23.80 -31.77
C LYS B 195 -7.25 -22.85 -31.25
N ASN B 196 -7.13 -22.45 -29.99
CA ASN B 196 -8.09 -21.55 -29.38
C ASN B 196 -7.41 -20.53 -28.46
N TYR B 200 -10.14 -17.07 -29.25
CA TYR B 200 -11.43 -17.54 -29.74
C TYR B 200 -11.24 -18.76 -30.62
N PHE B 201 -11.44 -18.62 -31.92
CA PHE B 201 -11.13 -19.68 -32.88
C PHE B 201 -10.19 -19.14 -33.94
N LYS B 202 -9.07 -19.83 -34.14
CA LYS B 202 -8.06 -19.41 -35.09
C LYS B 202 -7.68 -20.56 -36.00
N ILE B 203 -7.39 -20.24 -37.26
CA ILE B 203 -7.04 -21.21 -38.28
C ILE B 203 -5.81 -20.71 -39.02
N TYR B 204 -4.78 -21.55 -39.10
CA TYR B 204 -3.60 -21.26 -39.91
C TYR B 204 -3.47 -22.31 -40.99
N SER B 205 -3.08 -21.90 -42.20
CA SER B 205 -3.13 -22.82 -43.33
C SER B 205 -1.99 -22.54 -44.30
N LYS B 206 -1.60 -23.58 -45.04
CA LYS B 206 -0.67 -23.44 -46.15
C LYS B 206 -0.85 -24.61 -47.10
N HIS B 207 -0.58 -24.36 -48.38
CA HIS B 207 -0.62 -25.36 -49.44
C HIS B 207 0.75 -25.49 -50.08
N THR B 208 1.13 -26.72 -50.44
CA THR B 208 2.42 -26.95 -51.08
C THR B 208 2.32 -28.17 -52.00
N PRO B 209 2.72 -28.05 -53.27
CA PRO B 209 2.69 -29.22 -54.16
C PRO B 209 3.87 -30.15 -53.89
N ILE B 210 3.57 -31.44 -53.74
CA ILE B 210 4.56 -32.49 -53.54
C ILE B 210 4.26 -33.63 -54.50
N ASN B 211 5.09 -34.67 -54.46
CA ASN B 211 4.84 -35.89 -55.22
C ASN B 211 5.68 -37.04 -54.67
N LEU B 212 5.08 -38.24 -54.68
CA LEU B 212 5.78 -39.52 -54.47
C LEU B 212 6.50 -39.58 -53.12
N VAL B 213 5.72 -39.50 -52.04
CA VAL B 213 6.25 -39.67 -50.70
C VAL B 213 5.14 -40.22 -49.82
N ARG B 214 5.52 -41.02 -48.83
CA ARG B 214 4.56 -41.66 -47.93
C ARG B 214 4.46 -40.96 -46.58
N ASP B 215 5.53 -40.32 -46.12
CA ASP B 215 5.52 -39.56 -44.89
C ASP B 215 5.65 -38.07 -45.21
N LEU B 216 5.74 -37.27 -44.15
CA LEU B 216 5.95 -35.83 -44.33
C LEU B 216 7.37 -35.59 -44.81
N PRO B 217 7.55 -34.84 -45.90
CA PRO B 217 8.91 -34.58 -46.40
C PRO B 217 9.71 -33.71 -45.44
N GLN B 218 11.03 -33.87 -45.49
CA GLN B 218 11.94 -33.15 -44.59
C GLN B 218 12.19 -31.74 -45.14
N GLY B 219 11.14 -30.93 -45.11
CA GLY B 219 11.22 -29.55 -45.53
C GLY B 219 10.67 -28.63 -44.46
N PHE B 220 10.99 -27.35 -44.60
CA PHE B 220 10.59 -26.33 -43.65
C PHE B 220 9.78 -25.25 -44.34
N SER B 221 8.67 -24.85 -43.71
CA SER B 221 7.84 -23.77 -44.22
C SER B 221 7.09 -23.14 -43.05
N ALA B 222 6.67 -21.89 -43.24
CA ALA B 222 5.89 -21.17 -42.25
C ALA B 222 4.42 -21.56 -42.40
N LEU B 223 3.54 -20.84 -41.70
CA LEU B 223 2.10 -21.07 -41.82
C LEU B 223 1.39 -19.73 -41.66
N GLU B 224 1.06 -19.10 -42.77
CA GLU B 224 0.39 -17.81 -42.75
C GLU B 224 -1.03 -17.95 -42.23
N PRO B 225 -1.50 -16.98 -41.44
CA PRO B 225 -2.90 -17.02 -40.96
C PRO B 225 -3.87 -16.80 -42.11
N LEU B 226 -5.05 -17.41 -41.99
CA LEU B 226 -6.07 -17.33 -43.02
C LEU B 226 -7.32 -16.59 -42.55
N VAL B 227 -7.95 -17.04 -41.47
CA VAL B 227 -9.20 -16.47 -40.98
C VAL B 227 -9.11 -16.31 -39.47
N ASP B 228 -10.20 -15.85 -38.87
CA ASP B 228 -10.31 -15.70 -37.42
C ASP B 228 -11.79 -15.74 -37.07
N LEU B 229 -12.23 -16.86 -36.47
CA LEU B 229 -13.62 -17.03 -36.11
C LEU B 229 -13.82 -16.61 -34.67
N PRO B 230 -14.61 -15.56 -34.42
CA PRO B 230 -14.81 -15.10 -33.03
C PRO B 230 -16.01 -15.75 -32.37
N ILE B 231 -16.47 -16.88 -32.93
CA ILE B 231 -17.71 -17.51 -32.47
C ILE B 231 -17.57 -18.04 -31.05
N GLY B 232 -16.41 -18.59 -30.70
CA GLY B 232 -16.18 -19.09 -29.36
C GLY B 232 -17.02 -20.30 -29.00
N ILE B 233 -17.11 -21.26 -29.91
CA ILE B 233 -17.90 -22.47 -29.68
C ILE B 233 -17.13 -23.38 -28.73
N ASN B 234 -17.83 -23.90 -27.71
CA ASN B 234 -17.25 -24.85 -26.77
C ASN B 234 -16.97 -26.16 -27.48
N ILE B 235 -15.69 -26.44 -27.74
CA ILE B 235 -15.28 -27.59 -28.54
C ILE B 235 -14.35 -28.45 -27.71
N THR B 236 -14.65 -29.74 -27.60
CA THR B 236 -13.80 -30.70 -26.92
C THR B 236 -13.49 -31.94 -27.75
N ARG B 237 -14.05 -32.07 -28.95
CA ARG B 237 -13.91 -33.27 -29.76
C ARG B 237 -14.25 -32.94 -31.21
N PHE B 238 -13.46 -33.47 -32.14
CA PHE B 238 -13.65 -33.18 -33.55
C PHE B 238 -13.53 -34.47 -34.35
N GLN B 239 -14.13 -34.47 -35.54
CA GLN B 239 -14.11 -35.66 -36.38
C GLN B 239 -13.80 -35.30 -37.82
N THR B 240 -13.30 -36.29 -38.55
CA THR B 240 -13.03 -36.19 -39.97
C THR B 240 -13.58 -37.43 -40.66
N LEU B 241 -14.42 -37.22 -41.68
CA LEU B 241 -15.02 -38.34 -42.39
C LEU B 241 -14.76 -38.23 -43.89
N LEU B 242 -15.41 -39.10 -44.67
CA LEU B 242 -15.25 -39.09 -46.13
C LEU B 242 -16.10 -37.99 -46.76
N ALA B 263 -5.98 -41.04 -50.70
CA ALA B 263 -5.96 -39.93 -49.76
C ALA B 263 -5.38 -40.34 -48.43
N ALA B 264 -4.64 -39.44 -47.80
CA ALA B 264 -4.05 -39.71 -46.49
C ALA B 264 -4.06 -38.43 -45.67
N TYR B 265 -4.05 -38.58 -44.34
CA TYR B 265 -4.03 -37.43 -43.47
C TYR B 265 -3.40 -37.80 -42.14
N TYR B 266 -2.70 -36.83 -41.55
CA TYR B 266 -1.98 -36.99 -40.29
C TYR B 266 -2.53 -36.01 -39.27
N VAL B 267 -2.60 -36.47 -38.01
CA VAL B 267 -3.14 -35.69 -36.91
C VAL B 267 -2.14 -35.71 -35.77
N GLY B 268 -1.77 -34.53 -35.28
CA GLY B 268 -0.88 -34.42 -34.14
C GLY B 268 -1.51 -33.64 -33.00
N TYR B 269 -0.68 -33.11 -32.10
CA TYR B 269 -1.17 -32.33 -30.98
C TYR B 269 -0.17 -31.24 -30.65
N LEU B 270 -0.63 -30.23 -29.93
CA LEU B 270 0.16 -29.04 -29.63
C LEU B 270 0.47 -28.96 -28.14
N GLN B 271 1.66 -28.48 -27.81
CA GLN B 271 2.11 -28.33 -26.43
C GLN B 271 2.70 -26.94 -26.24
N PRO B 272 2.61 -26.39 -25.01
CA PRO B 272 3.19 -25.05 -24.74
C PRO B 272 4.68 -25.07 -24.39
N ARG B 273 5.52 -25.07 -25.42
CA ARG B 273 6.96 -25.06 -25.25
C ARG B 273 7.57 -23.87 -25.98
N THR B 274 8.66 -23.35 -25.40
CA THR B 274 9.30 -22.14 -25.92
C THR B 274 10.05 -22.44 -27.21
N PHE B 275 9.83 -21.61 -28.23
CA PHE B 275 10.51 -21.74 -29.51
C PHE B 275 11.36 -20.51 -29.76
N LEU B 276 12.36 -20.67 -30.64
CA LEU B 276 13.18 -19.57 -31.10
C LEU B 276 13.06 -19.50 -32.62
N LEU B 277 12.78 -18.32 -33.14
CA LEU B 277 12.51 -18.14 -34.57
C LEU B 277 13.58 -17.28 -35.22
N LYS B 278 13.79 -17.48 -36.51
CA LYS B 278 14.75 -16.70 -37.28
C LYS B 278 14.01 -16.04 -38.45
N TYR B 279 13.92 -14.71 -38.42
CA TYR B 279 13.30 -13.95 -39.49
C TYR B 279 14.36 -13.57 -40.54
N ASN B 280 13.87 -13.18 -41.71
CA ASN B 280 14.73 -12.82 -42.84
C ASN B 280 14.49 -11.36 -43.22
N GLU B 281 15.06 -10.98 -44.37
CA GLU B 281 14.97 -9.58 -44.81
C GLU B 281 13.54 -9.18 -45.17
N ASN B 282 12.72 -10.14 -45.59
CA ASN B 282 11.34 -9.85 -45.98
C ASN B 282 10.32 -10.12 -44.88
N GLY B 283 10.72 -10.76 -43.80
CA GLY B 283 9.78 -11.08 -42.74
C GLY B 283 9.08 -12.41 -42.93
N THR B 284 9.86 -13.45 -43.20
CA THR B 284 9.34 -14.80 -43.35
C THR B 284 10.15 -15.73 -42.46
N ILE B 285 9.46 -16.61 -41.74
CA ILE B 285 10.12 -17.52 -40.82
C ILE B 285 10.83 -18.60 -41.63
N THR B 286 12.16 -18.70 -41.44
CA THR B 286 12.95 -19.66 -42.19
C THR B 286 13.57 -20.76 -41.36
N ASP B 287 13.67 -20.60 -40.04
CA ASP B 287 14.27 -21.63 -39.20
C ASP B 287 13.82 -21.43 -37.76
N ALA B 288 13.48 -22.54 -37.10
CA ALA B 288 13.04 -22.51 -35.72
C ALA B 288 13.77 -23.58 -34.91
N VAL B 289 14.01 -23.27 -33.65
CA VAL B 289 14.76 -24.14 -32.74
C VAL B 289 13.95 -24.32 -31.46
N ASP B 290 13.74 -25.58 -31.07
CA ASP B 290 13.10 -25.90 -29.81
C ASP B 290 14.05 -25.62 -28.64
N CYS B 291 13.49 -25.34 -27.47
CA CYS B 291 14.32 -25.04 -26.31
C CYS B 291 14.48 -26.21 -25.35
N ALA B 292 13.59 -27.21 -25.40
CA ALA B 292 13.63 -28.31 -24.43
C ALA B 292 13.75 -29.66 -25.11
N LEU B 293 14.33 -29.71 -26.31
CA LEU B 293 14.48 -30.99 -27.01
C LEU B 293 15.71 -31.74 -26.53
N ASP B 294 16.89 -31.17 -26.74
CA ASP B 294 18.16 -31.76 -26.34
C ASP B 294 19.06 -30.65 -25.80
N PRO B 295 20.08 -30.99 -24.99
CA PRO B 295 20.87 -29.93 -24.32
C PRO B 295 21.57 -28.95 -25.26
N LEU B 296 21.91 -29.35 -26.48
CA LEU B 296 22.48 -28.39 -27.43
C LEU B 296 21.48 -27.32 -27.79
N SER B 297 20.22 -27.70 -28.03
CA SER B 297 19.19 -26.71 -28.31
C SER B 297 18.88 -25.88 -27.06
N GLU B 298 19.03 -26.46 -25.88
CA GLU B 298 18.89 -25.69 -24.65
C GLU B 298 19.98 -24.62 -24.54
N THR B 299 21.21 -24.97 -24.94
CA THR B 299 22.28 -23.97 -25.01
C THR B 299 21.98 -22.90 -26.07
N LYS B 300 21.49 -23.33 -27.23
CA LYS B 300 21.17 -22.41 -28.31
C LYS B 300 20.02 -21.46 -27.96
N CYS B 301 19.12 -21.87 -27.08
CA CYS B 301 18.07 -20.97 -26.62
C CYS B 301 18.56 -19.98 -25.57
N THR B 302 19.74 -20.21 -24.99
CA THR B 302 20.32 -19.27 -24.02
C THR B 302 21.13 -18.19 -24.72
N LEU B 303 22.16 -18.59 -25.45
CA LEU B 303 22.88 -17.67 -26.33
C LEU B 303 22.07 -17.51 -27.61
N LYS B 304 21.44 -16.36 -27.77
CA LYS B 304 20.42 -16.18 -28.82
C LYS B 304 21.11 -16.09 -30.17
N SER B 305 21.42 -17.27 -30.71
CA SER B 305 22.08 -17.40 -32.00
C SER B 305 21.87 -18.82 -32.50
N PHE B 306 22.36 -19.09 -33.71
CA PHE B 306 22.36 -20.43 -34.29
C PHE B 306 23.74 -21.08 -34.30
N THR B 307 24.78 -20.33 -33.98
CA THR B 307 26.14 -20.84 -33.92
C THR B 307 26.67 -20.63 -32.51
N VAL B 308 27.28 -21.66 -31.95
CA VAL B 308 27.78 -21.64 -30.57
C VAL B 308 29.28 -21.90 -30.61
N GLU B 309 30.06 -20.99 -30.03
CA GLU B 309 31.50 -21.14 -30.00
C GLU B 309 31.91 -22.21 -28.98
N LYS B 310 33.14 -22.70 -29.12
CA LYS B 310 33.63 -23.76 -28.26
C LYS B 310 33.90 -23.23 -26.86
N GLY B 311 33.40 -23.94 -25.85
CA GLY B 311 33.61 -23.53 -24.47
C GLY B 311 32.68 -24.25 -23.52
N ILE B 312 32.34 -23.56 -22.43
CA ILE B 312 31.45 -24.08 -21.40
C ILE B 312 30.35 -23.04 -21.14
N TYR B 313 29.12 -23.51 -20.99
CA TYR B 313 27.98 -22.62 -20.80
C TYR B 313 27.06 -23.18 -19.73
N GLN B 314 26.36 -22.29 -19.06
CA GLN B 314 25.43 -22.66 -17.99
C GLN B 314 24.00 -22.39 -18.45
N THR B 315 23.13 -23.40 -18.31
CA THR B 315 21.79 -23.33 -18.87
C THR B 315 20.70 -23.29 -17.80
N SER B 316 20.65 -24.27 -16.90
CA SER B 316 19.53 -24.38 -15.99
C SER B 316 19.99 -25.04 -14.70
N ASN B 317 19.03 -25.35 -13.82
CA ASN B 317 19.29 -25.90 -12.51
C ASN B 317 18.74 -27.31 -12.39
N PHE B 318 19.42 -28.14 -11.61
CA PHE B 318 19.02 -29.51 -11.34
C PHE B 318 18.45 -29.59 -9.93
N ARG B 319 17.30 -30.23 -9.77
CA ARG B 319 16.61 -30.25 -8.49
C ARG B 319 15.87 -31.57 -8.33
N VAL B 320 15.84 -32.07 -7.10
CA VAL B 320 15.12 -33.29 -6.76
C VAL B 320 13.83 -32.93 -6.03
N GLN B 321 12.72 -33.56 -6.43
CA GLN B 321 11.38 -33.31 -5.90
C GLN B 321 11.04 -34.29 -4.78
N PRO B 322 10.26 -33.86 -3.79
CA PRO B 322 9.89 -34.78 -2.71
C PRO B 322 8.95 -35.88 -3.18
N THR B 323 8.98 -36.99 -2.47
CA THR B 323 8.20 -38.18 -2.82
C THR B 323 6.87 -38.26 -2.07
N GLU B 324 6.89 -38.07 -0.75
CA GLU B 324 5.68 -38.17 0.05
C GLU B 324 5.81 -37.28 1.27
N SER B 325 4.80 -37.36 2.15
CA SER B 325 4.74 -36.55 3.36
C SER B 325 4.53 -37.44 4.57
N ILE B 326 5.27 -37.17 5.64
CA ILE B 326 5.18 -37.92 6.89
C ILE B 326 4.99 -36.93 8.02
N VAL B 327 3.88 -37.05 8.74
CA VAL B 327 3.58 -36.22 9.91
C VAL B 327 3.49 -37.14 11.10
N ARG B 328 4.31 -36.89 12.12
CA ARG B 328 4.31 -37.67 13.35
C ARG B 328 4.06 -36.73 14.51
N PHE B 329 2.81 -36.67 14.97
CA PHE B 329 2.44 -35.93 16.16
C PHE B 329 2.88 -36.69 17.40
N PRO B 330 2.91 -36.04 18.57
CA PRO B 330 3.23 -36.77 19.80
C PRO B 330 2.26 -37.92 20.09
N ASN B 331 2.76 -38.89 20.85
CA ASN B 331 1.97 -40.10 21.20
C ASN B 331 0.60 -39.68 21.71
N ILE B 332 -0.37 -40.61 21.70
CA ILE B 332 -1.75 -40.27 22.14
C ILE B 332 -1.78 -40.19 23.67
N THR B 333 -2.83 -39.63 24.26
CA THR B 333 -2.89 -39.44 25.74
C THR B 333 -4.32 -39.16 26.20
N ASN B 334 -4.46 -38.46 27.34
CA ASN B 334 -5.61 -38.61 28.26
C ASN B 334 -6.93 -38.40 27.52
N LEU B 335 -7.79 -39.43 27.48
CA LEU B 335 -9.04 -39.36 26.70
C LEU B 335 -10.12 -38.60 27.47
N CYS B 336 -11.25 -38.33 26.82
CA CYS B 336 -12.37 -37.66 27.51
C CYS B 336 -13.41 -38.73 27.90
N PRO B 337 -14.04 -38.64 29.09
CA PRO B 337 -14.97 -39.67 29.56
C PRO B 337 -16.38 -39.58 28.95
N PHE B 338 -16.47 -39.69 27.63
CA PHE B 338 -17.77 -39.60 26.96
C PHE B 338 -18.62 -40.82 27.27
N GLY B 339 -18.00 -42.01 27.31
CA GLY B 339 -18.72 -43.22 27.65
C GLY B 339 -19.28 -43.25 29.05
N GLU B 340 -18.70 -42.46 29.97
CA GLU B 340 -19.28 -42.29 31.28
C GLU B 340 -20.63 -41.58 31.21
N VAL B 341 -20.76 -40.61 30.29
CA VAL B 341 -21.98 -39.83 30.21
C VAL B 341 -23.12 -40.66 29.65
N PHE B 342 -22.89 -41.33 28.51
CA PHE B 342 -23.98 -42.04 27.84
C PHE B 342 -24.36 -43.33 28.57
N ASN B 343 -23.38 -44.04 29.13
CA ASN B 343 -23.64 -45.28 29.85
C ASN B 343 -23.85 -45.06 31.34
N ALA B 344 -24.37 -43.90 31.73
CA ALA B 344 -24.65 -43.63 33.13
C ALA B 344 -25.89 -44.39 33.60
N THR B 345 -26.09 -44.42 34.91
CA THR B 345 -27.20 -45.17 35.49
C THR B 345 -28.53 -44.48 35.19
N ARG B 346 -28.60 -43.17 35.39
CA ARG B 346 -29.85 -42.43 35.20
C ARG B 346 -29.53 -40.99 34.83
N PHE B 347 -30.44 -40.36 34.09
CA PHE B 347 -30.26 -39.01 33.60
C PHE B 347 -31.23 -38.06 34.28
N ALA B 348 -30.77 -36.83 34.52
CA ALA B 348 -31.60 -35.82 35.15
C ALA B 348 -32.66 -35.31 34.18
N SER B 349 -33.66 -34.63 34.74
CA SER B 349 -34.75 -34.08 33.94
C SER B 349 -34.30 -32.80 33.24
N VAL B 350 -35.23 -32.20 32.50
CA VAL B 350 -34.92 -31.01 31.73
C VAL B 350 -35.05 -29.74 32.58
N TYR B 351 -35.78 -29.78 33.70
CA TYR B 351 -35.83 -28.60 34.56
C TYR B 351 -34.54 -28.47 35.37
N ALA B 352 -33.89 -29.60 35.66
CA ALA B 352 -32.67 -29.63 36.45
C ALA B 352 -31.55 -30.25 35.61
N TRP B 353 -31.41 -29.76 34.38
CA TRP B 353 -30.43 -30.27 33.43
C TRP B 353 -29.02 -30.17 33.99
N ASN B 354 -28.32 -31.30 34.03
CA ASN B 354 -26.98 -31.35 34.59
C ASN B 354 -25.98 -30.69 33.65
N ARG B 355 -25.08 -29.90 34.21
CA ARG B 355 -24.01 -29.27 33.46
C ARG B 355 -22.68 -29.73 34.02
N LYS B 356 -21.82 -30.26 33.14
CA LYS B 356 -20.52 -30.77 33.51
C LYS B 356 -19.45 -30.10 32.66
N ARG B 357 -18.40 -29.61 33.30
CA ARG B 357 -17.29 -28.99 32.59
C ARG B 357 -16.26 -30.05 32.23
N ILE B 358 -15.92 -30.14 30.94
CA ILE B 358 -14.92 -31.08 30.44
C ILE B 358 -13.69 -30.28 30.05
N SER B 359 -12.54 -30.65 30.63
CA SER B 359 -11.30 -29.94 30.37
C SER B 359 -10.13 -30.91 30.46
N ASN B 360 -9.10 -30.62 29.66
CA ASN B 360 -7.80 -31.32 29.68
C ASN B 360 -7.97 -32.82 29.38
N CYS B 361 -8.45 -33.12 28.18
CA CYS B 361 -8.48 -34.47 27.65
C CYS B 361 -8.60 -34.41 26.13
N VAL B 362 -8.56 -35.58 25.51
CA VAL B 362 -8.70 -35.70 24.05
C VAL B 362 -9.98 -36.48 23.76
N ALA B 363 -10.74 -35.98 22.78
CA ALA B 363 -12.04 -36.54 22.45
C ALA B 363 -12.10 -36.90 20.97
N ASP B 364 -12.59 -38.10 20.68
CA ASP B 364 -12.77 -38.58 19.31
C ASP B 364 -14.22 -38.35 18.92
N TYR B 365 -14.47 -37.20 18.28
CA TYR B 365 -15.83 -36.75 18.03
C TYR B 365 -16.51 -37.54 16.91
N SER B 366 -15.79 -37.83 15.83
CA SER B 366 -16.40 -38.49 14.68
C SER B 366 -16.71 -39.96 14.93
N VAL B 367 -16.19 -40.55 16.00
CA VAL B 367 -16.57 -41.92 16.36
C VAL B 367 -18.04 -41.96 16.75
N LEU B 368 -18.52 -40.94 17.46
CA LEU B 368 -19.93 -40.84 17.80
C LEU B 368 -20.80 -40.70 16.56
N TYR B 369 -20.33 -39.93 15.57
CA TYR B 369 -21.07 -39.80 14.32
C TYR B 369 -21.06 -41.12 13.53
N ASN B 370 -19.93 -41.82 13.54
CA ASN B 370 -19.81 -43.11 12.86
C ASN B 370 -20.20 -44.26 13.78
N SER B 371 -21.39 -44.16 14.37
CA SER B 371 -21.90 -45.21 15.24
C SER B 371 -23.28 -45.65 14.77
N ALA B 372 -24.02 -44.72 14.17
CA ALA B 372 -25.34 -44.93 13.58
C ALA B 372 -26.37 -45.44 14.58
N SER B 373 -26.17 -45.17 15.86
CA SER B 373 -27.14 -45.55 16.90
C SER B 373 -27.76 -44.36 17.60
N PHE B 374 -27.06 -43.22 17.64
CA PHE B 374 -27.59 -41.99 18.24
C PHE B 374 -28.04 -41.11 17.08
N SER B 375 -29.26 -41.35 16.61
CA SER B 375 -29.69 -40.81 15.31
C SER B 375 -30.43 -39.48 15.45
N THR B 376 -29.86 -38.50 16.15
CA THR B 376 -30.36 -37.13 16.06
C THR B 376 -29.31 -36.18 15.50
N PHE B 377 -28.16 -36.05 16.18
CA PHE B 377 -26.94 -35.34 15.75
C PHE B 377 -27.19 -33.96 15.15
N LYS B 378 -27.65 -33.02 15.96
CA LYS B 378 -27.84 -31.64 15.53
C LYS B 378 -26.65 -30.80 15.99
N CYS B 379 -25.91 -30.24 15.04
CA CYS B 379 -24.72 -29.45 15.33
C CYS B 379 -24.81 -28.07 14.69
N TYR B 380 -24.36 -27.07 15.43
CA TYR B 380 -24.26 -25.70 14.94
C TYR B 380 -22.82 -25.23 14.99
N GLY B 381 -22.47 -24.35 14.06
CA GLY B 381 -21.19 -23.67 14.10
C GLY B 381 -20.12 -24.20 13.18
N VAL B 382 -19.99 -25.53 13.09
CA VAL B 382 -18.88 -26.14 12.37
C VAL B 382 -19.25 -27.59 12.07
N SER B 383 -18.67 -28.13 10.99
CA SER B 383 -18.94 -29.50 10.56
C SER B 383 -18.44 -30.51 11.59
N PRO B 384 -19.09 -31.66 11.71
CA PRO B 384 -18.63 -32.69 12.66
C PRO B 384 -17.22 -33.20 12.40
N THR B 385 -16.81 -33.28 11.14
CA THR B 385 -15.44 -33.72 10.85
C THR B 385 -14.42 -32.65 11.23
N LYS B 386 -14.77 -31.38 11.06
CA LYS B 386 -13.84 -30.30 11.38
C LYS B 386 -13.70 -30.09 12.89
N LEU B 387 -14.79 -30.24 13.64
CA LEU B 387 -14.69 -30.08 15.09
C LEU B 387 -13.96 -31.24 15.74
N ASN B 388 -13.86 -32.39 15.07
CA ASN B 388 -13.00 -33.46 15.56
C ASN B 388 -11.54 -33.01 15.56
N ASP B 389 -11.09 -32.38 14.49
CA ASP B 389 -9.75 -31.83 14.42
C ASP B 389 -9.77 -30.34 14.76
N LEU B 390 -10.27 -30.04 15.96
CA LEU B 390 -10.36 -28.66 16.42
C LEU B 390 -10.21 -28.64 17.93
N CYS B 391 -9.50 -27.62 18.43
CA CYS B 391 -9.18 -27.49 19.84
C CYS B 391 -10.05 -26.42 20.49
N PHE B 392 -10.43 -26.65 21.74
CA PHE B 392 -11.29 -25.72 22.47
C PHE B 392 -10.87 -25.64 23.93
N THR B 393 -11.21 -24.52 24.56
CA THR B 393 -10.82 -24.31 25.96
C THR B 393 -11.65 -25.18 26.90
N ASN B 394 -12.96 -25.21 26.71
CA ASN B 394 -13.85 -25.95 27.61
C ASN B 394 -14.98 -26.58 26.83
N VAL B 395 -15.53 -27.65 27.40
CA VAL B 395 -16.69 -28.34 26.85
C VAL B 395 -17.70 -28.52 27.97
N TYR B 396 -18.95 -28.13 27.71
CA TYR B 396 -20.03 -28.27 28.67
C TYR B 396 -21.08 -29.22 28.12
N ALA B 397 -21.46 -30.21 28.93
CA ALA B 397 -22.41 -31.23 28.54
C ALA B 397 -23.72 -31.04 29.28
N ASP B 398 -24.83 -31.07 28.55
CA ASP B 398 -26.17 -30.89 29.11
C ASP B 398 -26.98 -32.15 28.83
N SER B 399 -27.19 -32.97 29.86
CA SER B 399 -27.86 -34.26 29.72
C SER B 399 -29.28 -34.15 30.28
N PHE B 400 -30.26 -34.53 29.45
CA PHE B 400 -31.66 -34.47 29.83
C PHE B 400 -32.45 -35.37 28.87
N VAL B 401 -33.72 -35.59 29.22
CA VAL B 401 -34.63 -36.43 28.45
C VAL B 401 -35.87 -35.62 28.12
N ILE B 402 -36.35 -35.72 26.87
CA ILE B 402 -37.56 -35.06 26.42
C ILE B 402 -38.42 -36.06 25.66
N ARG B 403 -39.55 -35.58 25.13
CA ARG B 403 -40.40 -36.36 24.26
C ARG B 403 -39.77 -36.47 22.86
N GLY B 404 -40.51 -37.13 21.96
CA GLY B 404 -40.13 -37.13 20.56
C GLY B 404 -40.63 -35.95 19.77
N ASP B 405 -41.46 -35.09 20.37
CA ASP B 405 -42.02 -33.93 19.70
C ASP B 405 -41.42 -32.61 20.17
N GLU B 406 -40.72 -32.60 21.30
CA GLU B 406 -40.09 -31.39 21.81
C GLU B 406 -38.68 -31.17 21.26
N VAL B 407 -38.36 -31.80 20.13
CA VAL B 407 -37.07 -31.56 19.47
C VAL B 407 -37.01 -30.14 18.94
N ARG B 408 -38.13 -29.60 18.46
CA ARG B 408 -38.17 -28.23 17.96
C ARG B 408 -37.90 -27.21 19.06
N GLN B 409 -38.23 -27.55 20.32
CA GLN B 409 -37.99 -26.63 21.42
C GLN B 409 -36.50 -26.48 21.73
N ILE B 410 -35.71 -27.51 21.42
CA ILE B 410 -34.25 -27.42 21.57
C ILE B 410 -33.73 -26.85 20.26
N ALA B 411 -33.83 -25.52 20.14
CA ALA B 411 -33.41 -24.75 18.97
C ALA B 411 -33.40 -23.27 19.34
N PRO B 412 -32.37 -22.52 18.97
CA PRO B 412 -32.39 -21.07 19.21
C PRO B 412 -33.44 -20.38 18.36
N GLY B 413 -34.09 -19.37 18.93
CA GLY B 413 -35.16 -18.66 18.25
C GLY B 413 -36.51 -19.33 18.30
N GLN B 414 -36.63 -20.48 18.95
CA GLN B 414 -37.88 -21.21 19.07
C GLN B 414 -38.35 -21.19 20.52
N THR B 415 -39.65 -20.97 20.70
CA THR B 415 -40.24 -20.88 22.03
C THR B 415 -40.81 -22.23 22.45
N GLY B 416 -41.39 -22.28 23.64
CA GLY B 416 -41.97 -23.50 24.16
C GLY B 416 -41.71 -23.68 25.64
N LYS B 417 -42.40 -24.65 26.27
CA LYS B 417 -42.22 -24.90 27.70
C LYS B 417 -40.83 -25.43 28.00
N ILE B 418 -40.31 -26.32 27.15
CA ILE B 418 -38.93 -26.77 27.31
C ILE B 418 -37.97 -25.65 26.95
N ALA B 419 -38.30 -24.86 25.94
CA ALA B 419 -37.40 -23.82 25.47
C ALA B 419 -37.34 -22.62 26.41
N ASP B 420 -38.50 -22.17 26.91
CA ASP B 420 -38.55 -20.93 27.68
C ASP B 420 -38.59 -21.14 29.19
N TYR B 421 -39.01 -22.32 29.66
CA TYR B 421 -39.15 -22.54 31.09
C TYR B 421 -38.20 -23.58 31.65
N ASN B 422 -37.52 -24.35 30.81
CA ASN B 422 -36.60 -25.39 31.27
C ASN B 422 -35.16 -25.12 30.86
N TYR B 423 -34.91 -24.87 29.57
CA TYR B 423 -33.55 -24.62 29.09
C TYR B 423 -33.64 -23.81 27.81
N LYS B 424 -32.95 -22.67 27.79
CA LYS B 424 -33.01 -21.73 26.66
C LYS B 424 -31.70 -21.79 25.90
N LEU B 425 -31.81 -21.88 24.56
CA LEU B 425 -30.63 -21.97 23.70
C LEU B 425 -30.31 -20.60 23.16
N PRO B 426 -29.10 -20.08 23.38
CA PRO B 426 -28.72 -18.79 22.78
C PRO B 426 -28.57 -18.90 21.27
N ASP B 427 -28.76 -17.75 20.61
CA ASP B 427 -28.61 -17.69 19.16
C ASP B 427 -27.17 -17.95 18.73
N ASP B 428 -26.20 -17.41 19.49
CA ASP B 428 -24.78 -17.62 19.20
C ASP B 428 -24.33 -18.95 19.81
N PHE B 429 -24.80 -20.04 19.20
CA PHE B 429 -24.52 -21.39 19.65
C PHE B 429 -23.62 -22.09 18.63
N THR B 430 -22.51 -22.64 19.11
CA THR B 430 -21.54 -23.34 18.26
C THR B 430 -21.29 -24.76 18.77
N GLY B 431 -22.32 -25.42 19.31
CA GLY B 431 -22.18 -26.73 19.88
C GLY B 431 -22.95 -27.79 19.10
N CYS B 432 -23.13 -28.94 19.75
CA CYS B 432 -23.82 -30.08 19.14
C CYS B 432 -24.86 -30.64 20.09
N VAL B 433 -25.92 -31.19 19.50
CA VAL B 433 -27.01 -31.84 20.22
C VAL B 433 -27.13 -33.26 19.70
N ILE B 434 -27.08 -34.24 20.60
CA ILE B 434 -27.17 -35.65 20.24
C ILE B 434 -28.28 -36.30 21.05
N ALA B 435 -29.03 -37.19 20.43
CA ALA B 435 -30.14 -37.88 21.08
C ALA B 435 -30.43 -39.19 20.35
N TRP B 436 -31.19 -40.05 21.02
CA TRP B 436 -31.54 -41.37 20.51
C TRP B 436 -32.79 -41.86 21.23
N ASN B 437 -33.25 -43.04 20.82
CA ASN B 437 -34.46 -43.64 21.39
C ASN B 437 -34.08 -44.56 22.53
N SER B 438 -34.78 -44.44 23.66
CA SER B 438 -34.44 -45.13 24.89
C SER B 438 -35.67 -45.79 25.51
N ASN B 439 -36.43 -46.52 24.69
CA ASN B 439 -37.58 -47.25 25.21
C ASN B 439 -37.17 -48.48 26.02
N ASN B 440 -35.89 -48.87 25.96
CA ASN B 440 -35.43 -50.08 26.63
C ASN B 440 -35.47 -49.94 28.15
N LEU B 441 -34.91 -48.86 28.70
CA LEU B 441 -34.84 -48.68 30.14
C LEU B 441 -35.41 -47.35 30.65
N ASP B 442 -35.86 -46.46 29.78
CA ASP B 442 -36.51 -45.23 30.24
C ASP B 442 -38.02 -45.30 30.12
N SER B 443 -38.54 -45.93 29.07
CA SER B 443 -39.97 -46.20 28.95
C SER B 443 -40.28 -47.53 29.63
N LYS B 444 -41.21 -47.49 30.58
CA LYS B 444 -41.54 -48.67 31.37
C LYS B 444 -43.05 -48.86 31.44
N VAL B 445 -43.46 -50.10 31.70
CA VAL B 445 -44.87 -50.45 31.72
C VAL B 445 -45.53 -49.87 32.96
N GLY B 446 -46.71 -49.26 32.76
CA GLY B 446 -47.47 -48.67 33.84
C GLY B 446 -47.43 -47.16 33.88
N GLY B 447 -46.55 -46.52 33.12
CA GLY B 447 -46.47 -45.07 33.12
C GLY B 447 -45.26 -44.54 33.84
N ASN B 448 -44.25 -44.12 33.10
CA ASN B 448 -43.03 -43.56 33.68
C ASN B 448 -43.27 -42.09 33.96
N TYR B 449 -43.55 -41.77 35.23
CA TYR B 449 -43.78 -40.40 35.66
C TYR B 449 -42.59 -39.83 36.42
N ASN B 450 -41.39 -40.38 36.20
CA ASN B 450 -40.22 -39.99 36.99
C ASN B 450 -39.66 -38.64 36.58
N TYR B 451 -39.78 -38.26 35.32
CA TYR B 451 -39.20 -37.01 34.84
C TYR B 451 -40.18 -35.87 34.97
N LEU B 452 -39.64 -34.66 35.15
CA LEU B 452 -40.42 -33.46 35.44
C LEU B 452 -40.00 -32.35 34.49
N TYR B 453 -40.91 -31.40 34.25
CA TYR B 453 -40.56 -30.21 33.49
C TYR B 453 -41.42 -29.04 33.94
N ARG B 454 -40.82 -27.85 33.88
CA ARG B 454 -41.49 -26.62 34.30
C ARG B 454 -42.52 -26.22 33.26
N LEU B 455 -43.80 -26.24 33.64
CA LEU B 455 -44.87 -25.89 32.72
C LEU B 455 -45.22 -24.41 32.76
N PHE B 456 -45.04 -23.75 33.91
CA PHE B 456 -45.34 -22.33 34.05
C PHE B 456 -44.17 -21.61 34.70
N ARG B 457 -43.96 -20.36 34.31
CA ARG B 457 -42.97 -19.51 34.95
C ARG B 457 -43.37 -18.06 34.73
N LYS B 458 -43.02 -17.20 35.69
CA LYS B 458 -43.39 -15.80 35.62
C LYS B 458 -42.62 -15.05 34.55
N SER B 459 -41.50 -15.60 34.07
CA SER B 459 -40.75 -15.01 32.98
C SER B 459 -40.05 -16.11 32.21
N ASN B 460 -39.69 -15.82 30.97
CA ASN B 460 -38.95 -16.76 30.15
C ASN B 460 -37.51 -16.87 30.64
N LEU B 461 -36.96 -18.07 30.61
CA LEU B 461 -35.59 -18.29 31.04
C LEU B 461 -34.61 -17.64 30.07
N LYS B 462 -33.55 -17.05 30.62
CA LYS B 462 -32.44 -16.58 29.82
C LYS B 462 -31.66 -17.78 29.28
N PRO B 463 -30.88 -17.59 28.22
CA PRO B 463 -29.97 -18.67 27.78
C PRO B 463 -28.98 -19.03 28.87
N PHE B 464 -28.70 -20.34 28.97
CA PHE B 464 -27.80 -20.92 29.96
C PHE B 464 -28.24 -20.61 31.39
N GLU B 465 -29.55 -20.64 31.62
CA GLU B 465 -30.14 -20.41 32.93
C GLU B 465 -30.99 -21.61 33.34
N ARG B 466 -30.96 -21.94 34.63
CA ARG B 466 -31.72 -23.06 35.17
C ARG B 466 -32.55 -22.57 36.35
N ASP B 467 -33.84 -22.91 36.34
CA ASP B 467 -34.75 -22.58 37.44
C ASP B 467 -35.25 -23.88 38.05
N ILE B 468 -35.01 -24.05 39.35
CA ILE B 468 -35.40 -25.26 40.06
C ILE B 468 -36.21 -24.89 41.29
N SER B 469 -36.67 -23.63 41.34
CA SER B 469 -37.46 -23.17 42.47
C SER B 469 -38.83 -23.83 42.47
N THR B 470 -39.30 -24.17 43.67
CA THR B 470 -40.60 -24.84 43.86
C THR B 470 -41.66 -23.88 44.35
N GLU B 471 -41.60 -22.62 43.92
CA GLU B 471 -42.64 -21.65 44.26
C GLU B 471 -43.94 -21.99 43.54
N ILE B 472 -45.05 -21.87 44.26
CA ILE B 472 -46.36 -22.08 43.67
C ILE B 472 -46.65 -20.94 42.70
N TYR B 473 -46.97 -21.29 41.45
CA TYR B 473 -47.13 -20.32 40.38
C TYR B 473 -48.44 -19.55 40.56
N GLN B 474 -48.33 -18.28 40.92
CA GLN B 474 -49.50 -17.42 41.08
C GLN B 474 -49.77 -16.69 39.78
N ALA B 475 -50.97 -16.87 39.23
CA ALA B 475 -51.39 -16.21 38.01
C ALA B 475 -52.74 -15.51 38.14
N GLY B 476 -53.25 -15.36 39.36
CA GLY B 476 -54.55 -14.75 39.57
C GLY B 476 -54.58 -13.75 40.70
N SER B 477 -55.75 -13.59 41.31
CA SER B 477 -55.93 -12.64 42.41
C SER B 477 -55.90 -13.29 43.77
N THR B 478 -56.33 -14.54 43.89
CA THR B 478 -56.30 -15.23 45.17
C THR B 478 -54.86 -15.55 45.54
N PRO B 479 -54.41 -15.17 46.73
CA PRO B 479 -53.05 -15.54 47.17
C PRO B 479 -52.93 -17.04 47.35
N CYS B 480 -51.85 -17.61 46.82
CA CYS B 480 -51.63 -19.04 46.96
C CYS B 480 -51.25 -19.43 48.38
N ASN B 481 -50.27 -18.73 48.96
CA ASN B 481 -49.68 -19.07 50.26
C ASN B 481 -49.17 -20.51 50.32
N GLY B 482 -48.78 -21.05 49.16
CA GLY B 482 -48.24 -22.40 49.08
C GLY B 482 -49.22 -23.49 48.70
N VAL B 483 -50.51 -23.19 48.53
CA VAL B 483 -51.48 -24.25 48.28
C VAL B 483 -51.66 -24.40 46.77
N GLU B 484 -52.22 -25.54 46.38
CA GLU B 484 -52.61 -25.75 45.01
C GLU B 484 -54.07 -25.36 44.83
N GLY B 485 -54.34 -24.63 43.75
CA GLY B 485 -55.68 -24.17 43.47
C GLY B 485 -55.75 -23.20 42.31
N PHE B 486 -56.76 -22.33 42.29
CA PHE B 486 -57.08 -21.55 41.09
C PHE B 486 -55.97 -20.53 40.82
N ASN B 487 -55.29 -20.72 39.67
CA ASN B 487 -54.10 -19.97 39.30
C ASN B 487 -53.04 -20.05 40.40
N CYS B 488 -52.93 -21.24 41.00
CA CYS B 488 -51.98 -21.48 42.08
C CYS B 488 -51.52 -22.93 41.92
N TYR B 489 -50.45 -23.14 41.16
CA TYR B 489 -50.00 -24.46 40.76
C TYR B 489 -48.50 -24.60 41.03
N PHE B 490 -48.09 -25.83 41.36
CA PHE B 490 -46.68 -26.19 41.39
C PHE B 490 -46.27 -26.50 39.97
N PRO B 491 -45.57 -25.59 39.28
CA PRO B 491 -45.50 -25.62 37.83
C PRO B 491 -44.59 -26.69 37.23
N LEU B 492 -44.11 -27.65 38.01
CA LEU B 492 -43.25 -28.72 37.51
C LEU B 492 -44.14 -29.87 37.06
N GLN B 493 -44.58 -29.80 35.82
CA GLN B 493 -45.40 -30.86 35.24
C GLN B 493 -44.57 -32.13 35.03
N SER B 494 -45.18 -33.28 35.29
CA SER B 494 -44.48 -34.56 35.20
C SER B 494 -44.57 -35.14 33.80
N TYR B 495 -43.46 -35.74 33.36
CA TYR B 495 -43.42 -36.49 32.11
C TYR B 495 -44.28 -37.74 32.22
N GLY B 496 -44.73 -38.22 31.05
CA GLY B 496 -45.46 -39.47 30.99
C GLY B 496 -44.99 -40.36 29.86
N PHE B 497 -44.50 -41.55 30.19
CA PHE B 497 -43.96 -42.48 29.21
C PHE B 497 -44.55 -43.86 29.39
N GLN B 498 -44.99 -44.46 28.30
CA GLN B 498 -45.51 -45.82 28.26
C GLN B 498 -44.96 -46.51 27.03
N PRO B 499 -44.81 -47.85 27.08
CA PRO B 499 -44.36 -48.57 25.88
C PRO B 499 -45.34 -48.52 24.73
N THR B 500 -46.62 -48.25 24.99
CA THR B 500 -47.63 -48.14 23.94
C THR B 500 -47.81 -46.71 23.45
N ASN B 501 -47.05 -45.75 23.99
CA ASN B 501 -47.14 -44.37 23.54
C ASN B 501 -46.51 -44.22 22.16
N GLY B 502 -46.89 -43.14 21.48
CA GLY B 502 -46.37 -42.87 20.15
C GLY B 502 -44.92 -42.44 20.18
N VAL B 503 -44.30 -42.48 18.99
CA VAL B 503 -42.91 -42.11 18.83
C VAL B 503 -42.69 -40.64 19.20
N GLY B 504 -43.64 -39.78 18.86
CA GLY B 504 -43.60 -38.40 19.30
C GLY B 504 -43.74 -38.20 20.79
N TYR B 505 -44.19 -39.22 21.52
CA TYR B 505 -44.27 -39.18 22.97
C TYR B 505 -43.31 -40.15 23.65
N GLN B 506 -42.39 -40.77 22.91
CA GLN B 506 -41.45 -41.73 23.47
C GLN B 506 -40.21 -41.01 24.02
N PRO B 507 -39.58 -41.55 25.07
CA PRO B 507 -38.46 -40.85 25.71
C PRO B 507 -37.20 -40.86 24.86
N TYR B 508 -36.65 -39.67 24.63
CA TYR B 508 -35.36 -39.50 23.98
C TYR B 508 -34.38 -38.84 24.94
N ARG B 509 -33.30 -39.54 25.24
CA ARG B 509 -32.24 -38.99 26.09
C ARG B 509 -31.35 -38.08 25.25
N VAL B 510 -31.20 -36.83 25.69
CA VAL B 510 -30.55 -35.79 24.90
C VAL B 510 -29.31 -35.31 25.64
N VAL B 511 -28.18 -35.28 24.94
CA VAL B 511 -26.94 -34.71 25.45
C VAL B 511 -26.56 -33.54 24.54
N VAL B 512 -26.34 -32.38 25.12
CA VAL B 512 -26.04 -31.15 24.39
C VAL B 512 -24.58 -30.78 24.66
N LEU B 513 -23.81 -30.66 23.59
CA LEU B 513 -22.40 -30.29 23.68
C LEU B 513 -22.28 -28.77 23.53
N SER B 514 -21.36 -28.19 24.30
CA SER B 514 -21.11 -26.76 24.24
C SER B 514 -19.62 -26.50 24.04
N PHE B 515 -19.32 -25.39 23.37
CA PHE B 515 -17.94 -25.00 23.09
C PHE B 515 -17.75 -23.53 23.41
N GLU B 516 -16.58 -23.18 23.94
CA GLU B 516 -16.24 -21.81 24.23
C GLU B 516 -14.75 -21.60 24.00
N LEU B 517 -14.36 -20.35 23.79
CA LEU B 517 -12.98 -20.00 23.56
C LEU B 517 -12.68 -18.65 24.21
N LEU B 518 -11.50 -18.55 24.82
CA LEU B 518 -11.03 -17.33 25.46
C LEU B 518 -9.53 -17.22 25.23
N HIS B 519 -8.89 -16.31 25.96
CA HIS B 519 -7.43 -16.23 25.96
C HIS B 519 -6.79 -17.36 26.76
N ALA B 520 -7.56 -18.09 27.55
CA ALA B 520 -7.07 -19.30 28.16
C ALA B 520 -6.78 -20.35 27.09
N PRO B 521 -5.76 -21.18 27.28
CA PRO B 521 -5.40 -22.14 26.24
C PRO B 521 -6.44 -23.23 26.08
N ALA B 522 -6.43 -23.86 24.90
CA ALA B 522 -7.39 -24.91 24.58
C ALA B 522 -7.04 -26.17 25.36
N THR B 523 -7.83 -26.46 26.40
CA THR B 523 -7.55 -27.63 27.25
C THR B 523 -7.91 -28.93 26.55
N VAL B 524 -9.04 -28.96 25.84
CA VAL B 524 -9.49 -30.16 25.16
C VAL B 524 -9.33 -29.98 23.65
N CYS B 525 -9.08 -31.10 22.97
CA CYS B 525 -8.94 -31.11 21.53
C CYS B 525 -9.23 -32.52 21.04
N GLY B 526 -8.96 -32.77 19.76
CA GLY B 526 -9.17 -34.06 19.18
C GLY B 526 -7.88 -34.79 18.88
N PRO B 527 -7.98 -36.03 18.41
CA PRO B 527 -6.77 -36.79 18.08
C PRO B 527 -6.07 -36.24 16.85
N LYS B 528 -4.76 -36.43 16.83
CA LYS B 528 -3.91 -36.02 15.72
C LYS B 528 -3.36 -37.26 15.03
N LYS B 529 -3.52 -37.32 13.71
CA LYS B 529 -3.11 -38.49 12.95
C LYS B 529 -1.59 -38.62 12.92
N SER B 530 -1.12 -39.86 12.80
CA SER B 530 0.30 -40.17 12.75
C SER B 530 0.60 -40.96 11.49
N THR B 531 1.83 -40.80 10.99
CA THR B 531 2.26 -41.43 9.75
C THR B 531 3.57 -42.15 10.00
N ASN B 532 3.75 -43.29 9.34
CA ASN B 532 4.99 -44.05 9.47
C ASN B 532 6.15 -43.27 8.85
N LEU B 533 7.27 -43.22 9.56
CA LEU B 533 8.42 -42.44 9.12
C LEU B 533 9.16 -43.15 8.00
N VAL B 534 9.73 -42.36 7.09
CA VAL B 534 10.48 -42.86 5.95
C VAL B 534 11.88 -42.27 5.99
N LYS B 535 12.89 -43.13 5.98
CA LYS B 535 14.28 -42.72 6.01
C LYS B 535 14.88 -42.73 4.61
N ASN B 536 15.94 -41.92 4.45
CA ASN B 536 16.76 -41.87 3.24
C ASN B 536 15.96 -41.51 1.99
N LYS B 537 14.97 -40.62 2.16
CA LYS B 537 14.16 -40.13 1.05
C LYS B 537 13.91 -38.65 1.24
N CYS B 538 13.71 -37.95 0.13
CA CYS B 538 13.31 -36.55 0.14
C CYS B 538 11.83 -36.49 0.50
N VAL B 539 11.51 -36.12 1.73
CA VAL B 539 10.14 -36.11 2.22
C VAL B 539 9.76 -34.69 2.59
N ASN B 540 8.46 -34.48 2.78
CA ASN B 540 7.88 -33.20 3.20
C ASN B 540 7.23 -33.42 4.55
N PHE B 541 8.00 -33.27 5.61
CA PHE B 541 7.60 -33.67 6.95
C PHE B 541 7.06 -32.48 7.75
N ASN B 542 6.22 -32.81 8.73
CA ASN B 542 5.75 -31.86 9.75
C ASN B 542 5.93 -32.54 11.10
N PHE B 543 7.14 -32.44 11.66
CA PHE B 543 7.46 -33.06 12.94
C PHE B 543 6.88 -32.18 14.05
N ASN B 544 5.72 -32.61 14.57
CA ASN B 544 4.90 -31.85 15.54
C ASN B 544 4.60 -30.50 14.88
N GLY B 545 4.78 -29.37 15.58
CA GLY B 545 4.56 -28.08 14.94
C GLY B 545 5.61 -27.76 13.88
N LEU B 546 6.84 -28.19 14.11
CA LEU B 546 7.93 -27.89 13.20
C LEU B 546 7.79 -28.67 11.89
N THR B 547 8.08 -28.01 10.78
CA THR B 547 7.98 -28.61 9.46
C THR B 547 9.24 -28.30 8.67
N GLY B 548 9.45 -29.08 7.61
CA GLY B 548 10.61 -28.88 6.75
C GLY B 548 10.61 -29.90 5.64
N THR B 549 11.60 -29.75 4.76
CA THR B 549 11.80 -30.65 3.62
C THR B 549 13.25 -31.07 3.56
N GLY B 550 13.50 -32.36 3.70
CA GLY B 550 14.87 -32.84 3.68
C GLY B 550 14.92 -34.34 3.58
N VAL B 551 16.05 -34.89 4.01
CA VAL B 551 16.30 -36.33 3.99
C VAL B 551 16.62 -36.74 5.42
N LEU B 552 15.66 -37.39 6.08
CA LEU B 552 15.87 -37.85 7.44
C LEU B 552 16.80 -39.06 7.48
N THR B 553 17.59 -39.15 8.55
CA THR B 553 18.51 -40.26 8.74
C THR B 553 18.79 -40.41 10.22
N GLU B 554 19.33 -41.57 10.58
CA GLU B 554 19.72 -41.83 11.96
C GLU B 554 20.92 -40.96 12.35
N SER B 555 20.95 -40.56 13.62
CA SER B 555 21.96 -39.64 14.11
C SER B 555 22.66 -40.22 15.33
N ASN B 556 23.94 -39.89 15.46
CA ASN B 556 24.73 -40.28 16.61
C ASN B 556 24.77 -39.21 17.70
N LYS B 557 24.13 -38.05 17.45
CA LYS B 557 24.12 -36.98 18.43
C LYS B 557 23.24 -37.35 19.63
N LYS B 558 23.67 -36.94 20.81
CA LYS B 558 22.94 -37.19 22.04
C LYS B 558 22.32 -35.88 22.53
N PHE B 559 21.00 -35.86 22.67
CA PHE B 559 20.29 -34.68 23.14
C PHE B 559 20.37 -34.62 24.66
N LEU B 560 19.58 -33.72 25.25
CA LEU B 560 19.43 -33.65 26.68
C LEU B 560 17.99 -34.04 27.03
N PRO B 561 17.75 -34.71 28.17
CA PRO B 561 16.44 -35.33 28.43
C PRO B 561 15.24 -34.41 28.54
N PHE B 562 15.42 -33.09 28.40
CA PHE B 562 14.28 -32.20 28.32
C PHE B 562 14.26 -31.50 26.97
N GLN B 563 15.34 -31.66 26.20
CA GLN B 563 15.53 -30.87 25.00
C GLN B 563 14.74 -31.47 23.84
N GLN B 564 14.17 -30.61 22.99
CA GLN B 564 13.31 -31.08 21.91
C GLN B 564 14.08 -31.24 20.59
N PHE B 565 14.64 -30.16 20.07
CA PHE B 565 15.29 -30.20 18.76
C PHE B 565 16.45 -29.22 18.73
N GLY B 566 17.52 -29.59 18.05
CA GLY B 566 18.71 -28.78 17.97
C GLY B 566 18.69 -27.80 16.81
N ARG B 567 19.73 -26.98 16.75
CA ARG B 567 19.89 -25.99 15.69
C ARG B 567 21.37 -25.91 15.33
N ASP B 568 21.74 -24.87 14.59
CA ASP B 568 23.11 -24.72 14.11
C ASP B 568 23.65 -23.33 14.39
N ILE B 569 24.83 -23.03 13.82
CA ILE B 569 25.46 -21.73 14.03
C ILE B 569 24.66 -20.62 13.36
N ALA B 570 24.19 -20.86 12.14
CA ALA B 570 23.43 -19.88 11.38
C ALA B 570 21.93 -19.97 11.64
N ASP B 571 21.53 -20.53 12.78
CA ASP B 571 20.12 -20.66 13.20
C ASP B 571 19.31 -21.46 12.17
N THR B 572 19.80 -22.66 11.85
CA THR B 572 19.13 -23.57 10.94
C THR B 572 18.88 -24.90 11.63
N THR B 573 17.68 -25.46 11.42
CA THR B 573 17.29 -26.69 12.10
C THR B 573 17.86 -27.90 11.37
N ASP B 574 18.57 -28.74 12.11
CA ASP B 574 19.11 -29.97 11.53
C ASP B 574 18.76 -31.23 12.31
N ALA B 575 18.69 -31.14 13.64
CA ALA B 575 18.45 -32.30 14.49
C ALA B 575 17.06 -32.20 15.10
N VAL B 576 16.19 -33.15 14.76
CA VAL B 576 14.83 -33.21 15.28
C VAL B 576 14.64 -34.55 15.97
N ARG B 577 14.19 -34.52 17.23
CA ARG B 577 13.86 -35.74 17.94
C ARG B 577 12.50 -36.26 17.50
N ASP B 578 12.41 -37.57 17.32
CA ASP B 578 11.13 -38.20 17.05
C ASP B 578 10.25 -38.07 18.29
N PRO B 579 8.96 -37.76 18.12
CA PRO B 579 8.08 -37.57 19.28
C PRO B 579 7.84 -38.84 20.10
N GLN B 580 7.48 -39.94 19.44
CA GLN B 580 7.17 -41.17 20.18
C GLN B 580 8.44 -41.89 20.60
N THR B 581 9.23 -42.34 19.64
CA THR B 581 10.49 -43.02 19.95
C THR B 581 11.57 -42.00 20.25
N LEU B 582 12.42 -42.30 21.22
CA LEU B 582 13.48 -41.40 21.62
C LEU B 582 14.71 -41.48 20.70
N GLU B 583 14.59 -42.08 19.52
CA GLU B 583 15.66 -42.06 18.56
C GLU B 583 15.87 -40.65 18.02
N ILE B 584 17.08 -40.38 17.55
CA ILE B 584 17.48 -39.04 17.14
C ILE B 584 17.65 -39.02 15.62
N LEU B 585 17.01 -38.06 14.98
CA LEU B 585 17.02 -37.94 13.53
C LEU B 585 17.70 -36.66 13.09
N ASP B 586 18.39 -36.73 11.95
CA ASP B 586 19.06 -35.59 11.34
C ASP B 586 18.30 -35.13 10.11
N ILE B 587 18.72 -33.98 9.58
CA ILE B 587 18.12 -33.40 8.39
C ILE B 587 19.23 -33.06 7.40
N THR B 588 19.11 -33.59 6.18
CA THR B 588 20.02 -33.26 5.10
C THR B 588 19.19 -32.75 3.93
N PRO B 589 19.50 -31.57 3.39
CA PRO B 589 18.70 -31.03 2.28
C PRO B 589 18.84 -31.86 1.01
N CYS B 590 17.81 -31.80 0.18
CA CYS B 590 17.80 -32.53 -1.08
C CYS B 590 18.86 -31.98 -2.03
N SER B 591 19.39 -32.86 -2.86
CA SER B 591 20.49 -32.50 -3.75
C SER B 591 20.04 -31.52 -4.81
N PHE B 592 20.90 -30.54 -5.10
CA PHE B 592 20.63 -29.56 -6.14
C PHE B 592 21.95 -29.03 -6.66
N GLY B 593 21.90 -28.37 -7.81
CA GLY B 593 23.09 -27.81 -8.40
C GLY B 593 22.79 -27.20 -9.74
N GLY B 594 23.85 -26.74 -10.41
CA GLY B 594 23.74 -26.13 -11.73
C GLY B 594 23.99 -27.15 -12.81
N VAL B 595 23.38 -26.91 -13.97
CA VAL B 595 23.55 -27.77 -15.15
C VAL B 595 24.37 -27.01 -16.17
N SER B 596 25.47 -27.63 -16.63
CA SER B 596 26.36 -27.01 -17.59
C SER B 596 26.52 -27.94 -18.79
N VAL B 597 26.79 -27.33 -19.94
CA VAL B 597 26.93 -28.06 -21.21
C VAL B 597 28.38 -27.90 -21.68
N ILE B 598 29.05 -29.02 -21.87
CA ILE B 598 30.41 -29.05 -22.42
C ILE B 598 30.30 -29.37 -23.90
N THR B 599 30.59 -28.40 -24.75
CA THR B 599 30.46 -28.57 -26.19
C THR B 599 31.69 -28.02 -26.88
N PRO B 600 32.07 -28.61 -28.01
CA PRO B 600 33.03 -27.98 -28.92
C PRO B 600 32.29 -27.01 -29.83
N GLY B 601 33.03 -26.47 -30.81
CA GLY B 601 32.44 -25.59 -31.79
C GLY B 601 31.38 -26.26 -32.64
N THR B 602 30.24 -25.59 -32.83
CA THR B 602 29.17 -26.14 -33.65
C THR B 602 29.55 -26.19 -35.13
N ASN B 603 30.53 -25.38 -35.54
CA ASN B 603 31.08 -25.52 -36.89
C ASN B 603 31.83 -26.84 -37.05
N THR B 604 32.44 -27.32 -35.98
CA THR B 604 33.25 -28.53 -36.07
C THR B 604 32.41 -29.79 -35.95
N SER B 605 31.69 -29.95 -34.83
CA SER B 605 30.98 -31.20 -34.55
C SER B 605 29.57 -30.87 -34.07
N ASN B 606 28.87 -31.91 -33.65
CA ASN B 606 27.47 -31.81 -33.23
C ASN B 606 27.20 -32.65 -31.99
N GLU B 607 28.20 -32.82 -31.13
CA GLU B 607 28.11 -33.69 -29.96
C GLU B 607 28.35 -32.88 -28.69
N VAL B 608 27.55 -33.13 -27.66
CA VAL B 608 27.63 -32.40 -26.40
C VAL B 608 27.83 -33.38 -25.26
N ALA B 609 28.01 -32.83 -24.06
CA ALA B 609 28.14 -33.63 -22.84
C ALA B 609 27.77 -32.74 -21.66
N VAL B 610 26.75 -33.15 -20.90
CA VAL B 610 26.24 -32.36 -19.80
C VAL B 610 27.15 -32.53 -18.58
N LEU B 611 26.99 -31.63 -17.61
CA LEU B 611 27.79 -31.69 -16.38
C LEU B 611 26.89 -31.23 -15.24
N TYR B 612 26.39 -32.19 -14.46
CA TYR B 612 25.62 -31.87 -13.26
C TYR B 612 26.59 -31.62 -12.12
N GLN B 613 26.49 -30.43 -11.51
CA GLN B 613 27.49 -29.97 -10.56
C GLN B 613 27.07 -30.24 -9.12
N ASP B 614 28.06 -30.52 -8.28
CA ASP B 614 27.91 -30.69 -6.83
C ASP B 614 26.93 -31.82 -6.48
N VAL B 615 26.97 -32.90 -7.25
CA VAL B 615 26.05 -34.01 -7.06
C VAL B 615 26.83 -35.33 -7.19
N ASN B 616 26.47 -36.29 -6.34
CA ASN B 616 26.96 -37.65 -6.49
C ASN B 616 26.40 -38.27 -7.76
N CYS B 617 27.17 -39.19 -8.35
CA CYS B 617 26.81 -39.77 -9.64
C CYS B 617 25.78 -40.89 -9.54
N THR B 618 25.08 -41.01 -8.41
CA THR B 618 23.96 -41.93 -8.28
C THR B 618 22.62 -41.23 -8.42
N GLU B 619 22.54 -39.98 -7.97
CA GLU B 619 21.31 -39.19 -8.04
C GLU B 619 20.98 -38.75 -9.46
N VAL B 620 21.87 -38.96 -10.43
CA VAL B 620 21.59 -38.66 -11.83
C VAL B 620 20.57 -39.65 -12.37
N PHE B 621 20.07 -39.37 -13.59
CA PHE B 621 18.97 -40.04 -14.30
C PHE B 621 17.63 -39.66 -13.68
N VAL B 622 17.66 -38.92 -12.57
CA VAL B 622 16.43 -38.36 -12.02
C VAL B 622 16.08 -37.06 -12.73
N ALA B 623 17.02 -36.11 -12.73
CA ALA B 623 16.91 -34.81 -13.38
C ALA B 623 15.67 -34.04 -12.95
N ILE B 624 14.95 -33.46 -13.92
CA ILE B 624 13.67 -32.76 -13.72
C ILE B 624 13.78 -31.63 -12.71
N TRP B 633 18.43 -31.52 -21.80
CA TRP B 633 17.78 -32.56 -21.01
C TRP B 633 18.11 -33.93 -21.62
N ARG B 634 17.14 -34.52 -22.33
CA ARG B 634 17.23 -35.77 -23.09
C ARG B 634 17.41 -37.00 -22.20
N VAL B 635 16.88 -38.14 -22.64
CA VAL B 635 17.05 -39.39 -21.91
C VAL B 635 18.42 -40.00 -22.16
N TYR B 636 18.95 -39.85 -23.37
CA TYR B 636 20.25 -40.43 -23.75
C TYR B 636 21.42 -39.84 -22.97
N SER B 637 21.23 -38.67 -22.36
CA SER B 637 22.30 -37.99 -21.63
C SER B 637 22.33 -38.39 -20.16
N THR B 638 21.94 -39.62 -19.83
CA THR B 638 22.00 -40.15 -18.47
C THR B 638 22.76 -41.47 -18.42
N GLY B 639 23.64 -41.71 -19.39
CA GLY B 639 24.40 -42.95 -19.45
C GLY B 639 25.70 -42.76 -20.20
N SER B 640 26.16 -43.82 -20.87
CA SER B 640 27.35 -43.83 -21.72
C SER B 640 28.62 -43.44 -20.95
N ASN B 641 28.98 -44.31 -19.99
CA ASN B 641 30.22 -44.24 -19.23
C ASN B 641 30.33 -42.93 -18.44
N VAL B 642 29.42 -42.81 -17.47
CA VAL B 642 29.43 -41.68 -16.55
C VAL B 642 30.71 -41.71 -15.72
N PHE B 643 31.43 -40.60 -15.71
CA PHE B 643 32.73 -40.50 -15.06
C PHE B 643 32.63 -39.47 -13.93
N GLN B 644 32.98 -39.89 -12.72
CA GLN B 644 32.92 -39.02 -11.55
C GLN B 644 34.13 -38.10 -11.49
N THR B 645 33.89 -36.81 -11.28
CA THR B 645 34.95 -35.84 -11.10
C THR B 645 34.91 -35.32 -9.67
N ARG B 646 35.93 -34.50 -9.33
CA ARG B 646 35.96 -33.88 -8.01
C ARG B 646 35.00 -32.70 -7.92
N ALA B 647 34.58 -32.15 -9.06
CA ALA B 647 33.73 -30.98 -9.09
C ALA B 647 32.28 -31.29 -9.45
N GLY B 648 31.96 -32.54 -9.78
CA GLY B 648 30.60 -32.88 -10.11
C GLY B 648 30.53 -34.19 -10.88
N CYS B 649 29.36 -34.44 -11.45
CA CYS B 649 29.09 -35.66 -12.21
C CYS B 649 29.06 -35.32 -13.68
N LEU B 650 29.90 -36.02 -14.45
CA LEU B 650 30.07 -35.75 -15.88
C LEU B 650 29.48 -36.90 -16.68
N ILE B 651 28.59 -36.57 -17.62
CA ILE B 651 27.91 -37.55 -18.46
C ILE B 651 28.22 -37.23 -19.91
N GLY B 652 28.63 -38.25 -20.66
CA GLY B 652 28.92 -38.11 -22.07
C GLY B 652 30.39 -38.05 -22.42
N ALA B 653 31.28 -38.17 -21.43
CA ALA B 653 32.71 -38.15 -21.66
C ALA B 653 33.34 -39.43 -21.10
N GLU B 654 34.62 -39.61 -21.41
CA GLU B 654 35.35 -40.80 -20.99
C GLU B 654 36.69 -40.39 -20.38
N HIS B 655 37.14 -41.19 -19.41
CA HIS B 655 38.37 -40.89 -18.69
C HIS B 655 39.58 -41.39 -19.47
N VAL B 656 40.61 -40.55 -19.53
CA VAL B 656 41.87 -40.88 -20.19
C VAL B 656 43.00 -40.71 -19.17
N ASN B 657 43.97 -41.61 -19.22
CA ASN B 657 45.12 -41.56 -18.32
C ASN B 657 46.25 -40.69 -18.86
N ASN B 658 46.04 -40.01 -19.98
CA ASN B 658 47.08 -39.16 -20.56
C ASN B 658 47.05 -37.78 -19.90
N SER B 659 47.82 -36.85 -20.44
CA SER B 659 47.88 -35.48 -19.94
C SER B 659 48.07 -34.54 -21.11
N TYR B 660 47.22 -33.52 -21.21
CA TYR B 660 47.25 -32.58 -22.31
C TYR B 660 47.06 -31.16 -21.77
N GLU B 661 47.27 -30.18 -22.66
CA GLU B 661 47.08 -28.80 -22.28
C GLU B 661 45.61 -28.48 -22.07
N CYS B 662 45.36 -27.40 -21.33
CA CYS B 662 43.99 -27.01 -21.01
C CYS B 662 43.28 -26.45 -22.24
N ASP B 663 42.07 -26.94 -22.49
CA ASP B 663 41.23 -26.42 -23.56
C ASP B 663 39.94 -25.82 -23.05
N ILE B 664 39.16 -26.57 -22.28
CA ILE B 664 37.93 -26.10 -21.66
C ILE B 664 38.06 -26.31 -20.16
N PRO B 665 38.00 -25.26 -19.35
CA PRO B 665 38.04 -25.45 -17.89
C PRO B 665 36.77 -26.10 -17.39
N ILE B 666 36.92 -26.98 -16.40
CA ILE B 666 35.77 -27.63 -15.77
C ILE B 666 35.82 -27.39 -14.28
N GLY B 667 36.94 -27.75 -13.64
CA GLY B 667 37.09 -27.57 -12.22
C GLY B 667 37.94 -28.65 -11.57
N ALA B 668 38.76 -28.24 -10.60
CA ALA B 668 39.62 -29.14 -9.81
C ALA B 668 40.56 -29.95 -10.69
N GLY B 669 41.12 -29.30 -11.72
CA GLY B 669 42.14 -29.92 -12.53
C GLY B 669 41.64 -30.87 -13.60
N ILE B 670 40.47 -30.62 -14.18
CA ILE B 670 39.91 -31.45 -15.24
C ILE B 670 39.64 -30.55 -16.44
N CYS B 671 40.12 -30.97 -17.61
CA CYS B 671 39.93 -30.22 -18.85
C CYS B 671 39.39 -31.14 -19.92
N ALA B 672 38.32 -30.70 -20.58
CA ALA B 672 37.70 -31.44 -21.67
C ALA B 672 38.18 -30.90 -23.02
N SER B 673 38.06 -31.74 -24.04
CA SER B 673 38.45 -31.38 -25.40
C SER B 673 37.66 -32.24 -26.37
N TYR B 674 38.07 -32.21 -27.64
CA TYR B 674 37.47 -33.02 -28.69
C TYR B 674 38.59 -33.65 -29.50
N GLN B 675 38.88 -34.92 -29.22
CA GLN B 675 40.02 -35.60 -29.79
C GLN B 675 39.58 -36.92 -30.42
N THR B 676 40.32 -37.35 -31.44
CA THR B 676 40.07 -38.63 -32.09
C THR B 676 40.55 -39.78 -31.22
N SER B 689 35.52 -43.17 -33.57
CA SER B 689 36.80 -42.53 -33.84
C SER B 689 37.02 -41.32 -32.93
N GLN B 690 36.13 -40.34 -33.03
CA GLN B 690 36.24 -39.10 -32.29
C GLN B 690 35.12 -39.00 -31.26
N SER B 691 35.46 -38.48 -30.08
CA SER B 691 34.49 -38.33 -28.99
C SER B 691 34.96 -37.19 -28.10
N ILE B 692 34.33 -37.07 -26.94
CA ILE B 692 34.65 -36.05 -25.95
C ILE B 692 35.34 -36.73 -24.77
N ILE B 693 36.51 -36.24 -24.40
CA ILE B 693 37.31 -36.83 -23.33
C ILE B 693 37.46 -35.83 -22.21
N ALA B 694 37.85 -36.33 -21.04
CA ALA B 694 38.05 -35.52 -19.84
C ALA B 694 39.35 -35.98 -19.17
N TYR B 695 40.45 -35.35 -19.53
CA TYR B 695 41.76 -35.72 -19.03
C TYR B 695 42.10 -34.87 -17.81
N THR B 696 43.35 -34.96 -17.36
CA THR B 696 43.93 -34.08 -16.35
C THR B 696 44.98 -33.22 -17.03
N MET B 697 45.02 -31.94 -16.67
CA MET B 697 45.85 -30.99 -17.41
C MET B 697 47.34 -31.31 -17.21
N SER B 698 48.13 -30.95 -18.22
CA SER B 698 49.57 -31.08 -18.17
C SER B 698 50.16 -29.69 -18.05
N LEU B 699 51.02 -29.50 -17.05
CA LEU B 699 51.49 -28.17 -16.71
C LEU B 699 52.69 -27.78 -17.57
N GLY B 700 52.59 -27.98 -18.88
CA GLY B 700 53.74 -27.81 -19.75
C GLY B 700 54.67 -29.00 -19.70
N ALA B 701 55.61 -29.02 -20.63
CA ALA B 701 56.61 -30.09 -20.67
C ALA B 701 57.69 -29.83 -19.63
N GLU B 702 58.08 -30.86 -18.90
CA GLU B 702 59.07 -30.70 -17.85
C GLU B 702 60.47 -30.52 -18.44
N ASN B 703 61.38 -30.05 -17.61
CA ASN B 703 62.75 -29.80 -18.04
C ASN B 703 63.67 -29.96 -16.84
N SER B 704 64.96 -30.16 -17.13
CA SER B 704 65.96 -30.32 -16.09
C SER B 704 67.29 -29.77 -16.60
N VAL B 705 67.86 -28.84 -15.85
CA VAL B 705 69.12 -28.21 -16.23
C VAL B 705 70.27 -28.97 -15.58
N ALA B 706 71.42 -28.98 -16.26
CA ALA B 706 72.61 -29.67 -15.77
C ALA B 706 73.44 -28.69 -14.93
N TYR B 707 72.99 -28.50 -13.70
CA TYR B 707 73.69 -27.59 -12.79
C TYR B 707 74.98 -28.22 -12.28
N SER B 708 76.05 -27.43 -12.25
CA SER B 708 77.31 -27.86 -11.67
C SER B 708 78.10 -26.63 -11.27
N ASN B 709 79.08 -26.83 -10.39
CA ASN B 709 79.93 -25.74 -9.95
C ASN B 709 80.95 -25.31 -11.00
N ASN B 710 81.10 -26.07 -12.08
CA ASN B 710 81.96 -25.68 -13.21
C ASN B 710 81.21 -25.93 -14.51
N SER B 711 80.41 -24.93 -14.91
CA SER B 711 79.66 -24.95 -16.16
C SER B 711 79.15 -23.54 -16.42
N ILE B 712 79.04 -23.17 -17.69
CA ILE B 712 78.52 -21.88 -18.08
C ILE B 712 77.97 -22.00 -19.50
N ALA B 713 76.94 -21.21 -19.80
CA ALA B 713 76.26 -21.27 -21.08
C ALA B 713 76.05 -19.86 -21.61
N ILE B 714 76.78 -19.50 -22.66
CA ILE B 714 76.66 -18.19 -23.29
C ILE B 714 76.02 -18.40 -24.66
N PRO B 715 74.92 -17.69 -24.97
CA PRO B 715 74.30 -17.84 -26.29
C PRO B 715 75.20 -17.30 -27.40
N THR B 716 75.11 -17.92 -28.57
CA THR B 716 75.95 -17.57 -29.70
C THR B 716 75.20 -16.86 -30.83
N ASN B 717 73.88 -16.78 -30.75
CA ASN B 717 73.11 -16.15 -31.81
C ASN B 717 71.81 -15.63 -31.22
N PHE B 718 71.27 -14.58 -31.83
CA PHE B 718 70.15 -13.85 -31.28
C PHE B 718 68.99 -13.80 -32.27
N THR B 719 67.87 -13.25 -31.81
CA THR B 719 66.69 -13.01 -32.64
C THR B 719 66.11 -11.65 -32.30
N ILE B 720 65.31 -11.12 -33.22
CA ILE B 720 64.50 -9.93 -32.99
C ILE B 720 63.07 -10.28 -33.31
N SER B 721 62.16 -10.04 -32.37
CA SER B 721 60.76 -10.41 -32.53
C SER B 721 59.88 -9.22 -32.20
N VAL B 722 58.62 -9.29 -32.63
CA VAL B 722 57.64 -8.23 -32.41
C VAL B 722 56.38 -8.88 -31.86
N THR B 723 56.05 -8.57 -30.61
CA THR B 723 54.81 -9.03 -29.99
C THR B 723 53.73 -7.95 -30.19
N THR B 724 52.62 -8.07 -29.47
CA THR B 724 51.55 -7.08 -29.59
C THR B 724 50.83 -6.97 -28.26
N GLU B 725 50.68 -5.74 -27.77
CA GLU B 725 50.00 -5.45 -26.52
C GLU B 725 48.84 -4.52 -26.80
N ILE B 726 47.65 -4.87 -26.28
CA ILE B 726 46.41 -4.17 -26.59
C ILE B 726 45.75 -3.74 -25.29
N LEU B 727 45.45 -2.45 -25.18
CA LEU B 727 44.81 -1.90 -23.99
C LEU B 727 43.66 -0.98 -24.38
N PRO B 728 42.63 -0.90 -23.56
CA PRO B 728 41.56 0.08 -23.78
C PRO B 728 41.84 1.39 -23.07
N VAL B 729 41.30 2.47 -23.62
CA VAL B 729 41.62 3.80 -23.11
C VAL B 729 40.35 4.51 -22.63
N SER B 730 39.22 4.25 -23.27
CA SER B 730 38.00 4.99 -22.95
C SER B 730 36.78 4.23 -23.42
N MET B 731 35.63 4.60 -22.86
CA MET B 731 34.34 4.09 -23.28
C MET B 731 33.50 5.23 -23.88
N THR B 732 32.29 4.92 -24.31
CA THR B 732 31.44 5.88 -24.99
C THR B 732 30.71 6.76 -23.98
N LYS B 733 30.72 8.07 -24.23
CA LYS B 733 30.04 9.01 -23.35
C LYS B 733 28.53 8.93 -23.55
N THR B 734 27.79 8.83 -22.44
CA THR B 734 26.35 8.63 -22.50
C THR B 734 25.67 9.39 -21.37
N SER B 735 24.65 10.17 -21.71
CA SER B 735 23.83 10.88 -20.75
C SER B 735 22.38 10.44 -20.88
N VAL B 736 21.72 10.25 -19.74
CA VAL B 736 20.33 9.80 -19.69
C VAL B 736 19.53 10.83 -18.90
N ASP B 737 18.43 11.29 -19.50
CA ASP B 737 17.57 12.28 -18.86
C ASP B 737 16.61 11.56 -17.91
N CYS B 738 16.77 11.80 -16.61
CA CYS B 738 15.90 11.19 -15.61
C CYS B 738 14.46 11.69 -15.67
N THR B 739 14.24 12.89 -16.18
CA THR B 739 12.87 13.38 -16.30
C THR B 739 12.11 12.63 -17.39
N MET B 740 12.73 12.45 -18.56
CA MET B 740 12.04 11.82 -19.67
C MET B 740 11.90 10.31 -19.47
N TYR B 741 12.91 9.68 -18.85
CA TYR B 741 12.89 8.23 -18.73
C TYR B 741 11.83 7.76 -17.75
N ILE B 742 11.66 8.47 -16.63
CA ILE B 742 10.72 8.02 -15.61
C ILE B 742 9.29 8.32 -16.01
N CYS B 743 9.00 9.59 -16.32
CA CYS B 743 7.67 10.02 -16.74
C CYS B 743 7.80 10.77 -18.06
N GLY B 744 7.51 10.09 -19.17
CA GLY B 744 7.63 10.70 -20.48
C GLY B 744 6.37 11.42 -20.91
N ASP B 745 6.36 12.76 -20.74
CA ASP B 745 5.27 13.65 -21.16
C ASP B 745 3.93 13.24 -20.52
N SER B 746 3.90 13.31 -19.19
CA SER B 746 2.68 13.05 -18.43
C SER B 746 2.62 14.07 -17.30
N THR B 747 1.53 14.86 -17.29
CA THR B 747 1.40 15.93 -16.30
C THR B 747 1.27 15.37 -14.89
N GLU B 748 0.50 14.29 -14.71
CA GLU B 748 0.33 13.69 -13.39
C GLU B 748 1.63 13.06 -12.90
N CYS B 749 2.39 12.44 -13.78
CA CYS B 749 3.64 11.80 -13.37
C CYS B 749 4.76 12.80 -13.14
N SER B 750 4.75 13.92 -13.88
CA SER B 750 5.81 14.92 -13.74
C SER B 750 5.79 15.58 -12.37
N ASN B 751 4.59 15.92 -11.88
CA ASN B 751 4.49 16.54 -10.56
C ASN B 751 4.80 15.56 -9.44
N LEU B 752 4.43 14.30 -9.59
CA LEU B 752 4.69 13.31 -8.55
C LEU B 752 6.16 12.93 -8.47
N LEU B 753 6.87 12.96 -9.61
CA LEU B 753 8.30 12.63 -9.60
C LEU B 753 9.12 13.68 -8.86
N LEU B 754 8.81 14.97 -9.07
CA LEU B 754 9.49 16.04 -8.36
C LEU B 754 9.21 16.01 -6.86
N GLN B 755 8.08 15.44 -6.46
CA GLN B 755 7.74 15.27 -5.05
C GLN B 755 8.72 14.36 -4.33
N TYR B 756 9.38 13.45 -5.05
CA TYR B 756 10.36 12.56 -4.44
C TYR B 756 11.61 13.28 -3.98
N GLY B 757 12.02 14.36 -4.65
CA GLY B 757 13.18 15.11 -4.20
C GLY B 757 14.28 15.25 -5.23
N SER B 758 15.53 15.05 -4.79
CA SER B 758 16.70 15.34 -5.61
C SER B 758 17.39 14.07 -6.12
N PHE B 759 16.63 13.01 -6.41
CA PHE B 759 17.22 11.85 -7.05
C PHE B 759 17.56 12.10 -8.50
N CYS B 760 16.69 12.83 -9.22
CA CYS B 760 16.93 13.14 -10.63
C CYS B 760 18.13 14.05 -10.80
N THR B 761 18.27 15.07 -9.93
CA THR B 761 19.38 16.01 -10.04
C THR B 761 20.71 15.34 -9.77
N GLN B 762 20.75 14.39 -8.82
CA GLN B 762 22.01 13.75 -8.46
C GLN B 762 22.52 12.83 -9.56
N LEU B 763 21.61 12.11 -10.23
CA LEU B 763 22.03 11.16 -11.27
C LEU B 763 22.61 11.88 -12.49
N ASN B 764 22.03 13.02 -12.87
CA ASN B 764 22.55 13.76 -14.00
C ASN B 764 23.87 14.45 -13.69
N ARG B 765 24.20 14.61 -12.41
CA ARG B 765 25.51 15.10 -12.03
C ARG B 765 26.55 13.99 -11.92
N ALA B 766 26.10 12.75 -11.65
CA ALA B 766 27.03 11.63 -11.59
C ALA B 766 27.48 11.21 -12.98
N LEU B 767 26.57 11.18 -13.94
CA LEU B 767 26.92 10.78 -15.30
C LEU B 767 27.71 11.86 -16.03
N THR B 768 27.68 13.10 -15.55
CA THR B 768 28.52 14.13 -16.12
C THR B 768 29.98 13.95 -15.70
N GLY B 769 30.20 13.47 -14.47
CA GLY B 769 31.55 13.20 -14.01
C GLY B 769 32.25 12.10 -14.80
N ILE B 770 31.49 11.12 -15.29
CA ILE B 770 32.07 10.10 -16.15
C ILE B 770 32.42 10.71 -17.52
N ALA B 771 31.51 11.51 -18.08
CA ALA B 771 31.71 12.05 -19.43
C ALA B 771 32.87 13.05 -19.48
N VAL B 772 33.07 13.82 -18.40
CA VAL B 772 34.24 14.68 -18.34
C VAL B 772 35.52 13.85 -18.23
N GLU B 773 35.45 12.76 -17.47
CA GLU B 773 36.63 11.93 -17.21
C GLU B 773 37.12 11.21 -18.45
N GLN B 774 36.23 10.91 -19.40
CA GLN B 774 36.64 10.20 -20.61
C GLN B 774 37.53 11.06 -21.49
N ASP B 775 37.24 12.36 -21.60
CA ASP B 775 38.10 13.24 -22.38
C ASP B 775 39.44 13.46 -21.71
N LYS B 776 39.49 13.35 -20.37
CA LYS B 776 40.76 13.44 -19.67
C LYS B 776 41.63 12.21 -19.93
N ASN B 777 40.99 11.04 -20.13
CA ASN B 777 41.75 9.82 -20.39
C ASN B 777 42.43 9.88 -21.75
N THR B 778 41.69 10.24 -22.80
CA THR B 778 42.27 10.33 -24.14
C THR B 778 43.21 11.51 -24.29
N GLN B 779 43.24 12.43 -23.32
CA GLN B 779 44.19 13.53 -23.34
C GLN B 779 45.54 13.10 -22.78
N GLU B 780 45.54 12.26 -21.74
CA GLU B 780 46.79 11.91 -21.07
C GLU B 780 47.60 10.89 -21.87
N VAL B 781 46.92 9.93 -22.52
CA VAL B 781 47.63 8.87 -23.22
C VAL B 781 48.29 9.40 -24.48
N PHE B 782 47.60 10.25 -25.24
CA PHE B 782 48.07 10.69 -26.54
C PHE B 782 48.77 12.04 -26.52
N ALA B 783 48.16 13.04 -25.88
CA ALA B 783 48.68 14.41 -25.95
C ALA B 783 49.81 14.62 -24.94
N GLN B 784 50.94 13.98 -25.23
CA GLN B 784 52.16 14.15 -24.45
C GLN B 784 53.29 14.77 -25.28
N VAL B 785 53.01 15.19 -26.51
CA VAL B 785 54.00 15.77 -27.39
C VAL B 785 53.72 17.26 -27.54
N LYS B 786 54.78 18.08 -27.51
CA LYS B 786 54.61 19.53 -27.59
C LYS B 786 54.25 19.97 -29.00
N GLN B 787 55.09 19.62 -29.97
CA GLN B 787 54.92 20.06 -31.35
C GLN B 787 54.74 18.86 -32.27
N ILE B 788 53.87 18.99 -33.26
CA ILE B 788 53.69 17.95 -34.26
C ILE B 788 54.92 17.90 -35.16
N TYR B 789 55.49 16.71 -35.32
CA TYR B 789 56.67 16.56 -36.16
C TYR B 789 56.27 16.09 -37.55
N LYS B 790 57.21 16.21 -38.48
CA LYS B 790 56.95 15.93 -39.89
C LYS B 790 57.83 14.76 -40.33
N THR B 791 57.24 13.84 -41.09
CA THR B 791 57.99 12.72 -41.62
C THR B 791 58.93 13.22 -42.71
N PRO B 792 60.23 12.93 -42.63
CA PRO B 792 61.15 13.40 -43.66
C PRO B 792 60.91 12.67 -44.98
N PRO B 793 61.16 13.32 -46.12
CA PRO B 793 60.90 12.67 -47.41
C PRO B 793 61.95 11.63 -47.77
N ILE B 794 63.19 11.83 -47.32
CA ILE B 794 64.26 10.88 -47.59
C ILE B 794 64.09 9.71 -46.61
N LYS B 795 63.62 8.58 -47.11
CA LYS B 795 63.28 7.43 -46.28
C LYS B 795 64.43 6.46 -46.11
N ASP B 796 65.67 6.88 -46.35
CA ASP B 796 66.82 6.01 -46.18
C ASP B 796 67.09 5.82 -44.70
N PHE B 797 66.54 4.74 -44.13
CA PHE B 797 66.63 4.47 -42.70
C PHE B 797 67.67 3.41 -42.39
N GLY B 798 68.67 3.25 -43.26
CA GLY B 798 69.72 2.29 -43.02
C GLY B 798 69.36 0.84 -43.30
N GLY B 799 68.23 0.60 -43.95
CA GLY B 799 67.78 -0.75 -44.28
C GLY B 799 66.41 -1.09 -43.70
N PHE B 800 66.02 -0.43 -42.62
CA PHE B 800 64.73 -0.68 -42.00
C PHE B 800 63.61 -0.14 -42.88
N ASN B 801 62.49 -0.86 -42.90
CA ASN B 801 61.32 -0.49 -43.70
C ASN B 801 60.21 -0.07 -42.75
N PHE B 802 59.93 1.23 -42.72
CA PHE B 802 58.93 1.80 -41.82
C PHE B 802 57.68 2.27 -42.56
N SER B 803 57.51 1.88 -43.83
CA SER B 803 56.38 2.36 -44.61
C SER B 803 55.06 1.72 -44.19
N GLN B 804 55.10 0.59 -43.48
CA GLN B 804 53.86 -0.05 -43.07
C GLN B 804 53.19 0.66 -41.91
N ILE B 805 53.96 1.36 -41.08
CA ILE B 805 53.40 2.02 -39.91
C ILE B 805 53.21 3.53 -40.09
N LEU B 806 53.97 4.15 -40.99
CA LEU B 806 53.83 5.58 -41.24
C LEU B 806 52.55 5.86 -42.02
N PRO B 807 52.05 7.10 -41.96
CA PRO B 807 50.85 7.44 -42.73
C PRO B 807 51.04 7.30 -44.23
N ASP B 808 49.97 6.90 -44.91
CA ASP B 808 49.95 6.74 -46.36
C ASP B 808 49.12 7.85 -46.97
N PRO B 809 49.67 8.63 -47.90
CA PRO B 809 48.92 9.77 -48.46
C PRO B 809 47.83 9.39 -49.45
N SER B 810 47.59 8.10 -49.68
CA SER B 810 46.52 7.69 -50.60
C SER B 810 45.14 8.04 -50.05
N LYS B 811 44.90 7.70 -48.79
CA LYS B 811 43.65 8.07 -48.14
C LYS B 811 43.63 9.56 -47.85
N PRO B 812 42.44 10.19 -47.84
CA PRO B 812 42.37 11.59 -47.40
C PRO B 812 42.81 11.80 -45.96
N SER B 813 42.55 10.83 -45.09
CA SER B 813 43.04 10.90 -43.72
C SER B 813 44.49 10.44 -43.65
N LYS B 814 45.12 10.71 -42.51
CA LYS B 814 46.49 10.29 -42.24
C LYS B 814 46.56 8.90 -41.64
N ARG B 815 45.51 8.09 -41.80
CA ARG B 815 45.49 6.76 -41.22
C ARG B 815 46.45 5.83 -41.96
N SER B 816 47.21 5.05 -41.21
CA SER B 816 48.22 4.17 -41.78
C SER B 816 47.57 2.87 -42.24
N PHE B 817 48.40 1.90 -42.64
CA PHE B 817 47.88 0.66 -43.19
C PHE B 817 47.46 -0.33 -42.10
N ILE B 818 48.28 -0.47 -41.05
CA ILE B 818 47.95 -1.38 -39.96
C ILE B 818 46.75 -0.86 -39.18
N GLU B 819 46.61 0.46 -39.06
CA GLU B 819 45.42 1.04 -38.44
C GLU B 819 44.17 0.74 -39.24
N ASP B 820 44.30 0.60 -40.56
CA ASP B 820 43.13 0.36 -41.41
C ASP B 820 42.53 -1.03 -41.14
N LEU B 821 43.39 -2.03 -40.90
CA LEU B 821 42.87 -3.35 -40.54
C LEU B 821 42.25 -3.34 -39.15
N LEU B 822 42.79 -2.54 -38.24
CA LEU B 822 42.29 -2.51 -36.87
C LEU B 822 40.88 -1.94 -36.80
N PHE B 823 40.53 -1.00 -37.66
CA PHE B 823 39.20 -0.42 -37.64
C PHE B 823 38.16 -1.35 -38.25
N ASN B 824 38.54 -2.14 -39.25
CA ASN B 824 37.59 -3.02 -39.92
C ASN B 824 37.24 -4.24 -39.06
N LYS B 825 38.17 -4.68 -38.21
CA LYS B 825 37.92 -5.85 -37.36
C LYS B 825 37.00 -5.55 -36.19
N VAL B 826 36.68 -4.29 -35.93
CA VAL B 826 35.78 -3.90 -34.84
C VAL B 826 34.42 -3.57 -35.43
N THR B 827 33.38 -4.25 -34.93
CA THR B 827 32.02 -4.03 -35.40
C THR B 827 31.20 -3.27 -34.36
N LYS B 854 18.47 8.59 -29.37
CA LYS B 854 17.54 9.67 -29.10
C LYS B 854 16.10 9.15 -28.98
N PHE B 855 15.97 7.83 -28.86
CA PHE B 855 14.65 7.22 -28.89
C PHE B 855 13.87 7.51 -27.61
N ASN B 856 14.51 7.36 -26.45
CA ASN B 856 13.85 7.61 -25.17
C ASN B 856 14.77 8.33 -24.21
N GLY B 857 15.48 9.34 -24.70
CA GLY B 857 16.35 10.13 -23.85
C GLY B 857 17.76 9.59 -23.68
N LEU B 858 18.13 8.55 -24.43
CA LEU B 858 19.47 7.97 -24.35
C LEU B 858 20.40 8.70 -25.33
N THR B 859 20.68 9.96 -25.00
CA THR B 859 21.56 10.77 -25.82
C THR B 859 23.00 10.27 -25.69
N VAL B 860 23.76 10.43 -26.78
CA VAL B 860 25.16 10.04 -26.82
C VAL B 860 25.96 11.25 -27.27
N LEU B 861 26.85 11.73 -26.41
CA LEU B 861 27.68 12.88 -26.75
C LEU B 861 28.84 12.45 -27.65
N PRO B 862 29.28 13.34 -28.53
CA PRO B 862 30.44 13.01 -29.38
C PRO B 862 31.74 13.29 -28.65
N PRO B 863 32.81 12.56 -28.95
CA PRO B 863 34.09 12.84 -28.32
C PRO B 863 34.70 14.13 -28.85
N LEU B 864 35.50 14.78 -27.99
CA LEU B 864 36.11 16.06 -28.37
C LEU B 864 37.18 15.85 -29.43
N LEU B 865 38.07 14.89 -29.22
CA LEU B 865 39.14 14.61 -30.18
C LEU B 865 38.58 13.71 -31.27
N THR B 866 38.49 14.23 -32.49
CA THR B 866 38.02 13.42 -33.60
C THR B 866 39.08 12.39 -33.99
N ASP B 867 38.63 11.33 -34.65
CA ASP B 867 39.52 10.24 -35.01
C ASP B 867 40.53 10.65 -36.09
N GLU B 868 40.27 11.73 -36.81
CA GLU B 868 41.24 12.19 -37.79
C GLU B 868 42.47 12.79 -37.12
N MET B 869 42.27 13.62 -36.10
CA MET B 869 43.39 14.21 -35.39
C MET B 869 43.94 13.33 -34.28
N ILE B 870 43.25 12.24 -33.93
CA ILE B 870 43.84 11.23 -33.06
C ILE B 870 45.04 10.59 -33.76
N ALA B 871 44.89 10.30 -35.06
CA ALA B 871 45.99 9.76 -35.84
C ALA B 871 47.10 10.77 -36.09
N GLN B 872 46.87 12.05 -35.82
CA GLN B 872 47.92 13.05 -35.97
C GLN B 872 48.92 13.01 -34.82
N TYR B 873 48.45 12.76 -33.59
CA TYR B 873 49.36 12.48 -32.49
C TYR B 873 50.16 11.21 -32.75
N THR B 874 49.50 10.15 -33.20
CA THR B 874 50.19 8.88 -33.42
C THR B 874 51.07 8.91 -34.66
N SER B 875 50.97 9.96 -35.49
CA SER B 875 51.94 10.20 -36.54
C SER B 875 53.03 11.16 -36.11
N ALA B 876 52.99 11.64 -34.86
CA ALA B 876 54.03 12.49 -34.30
C ALA B 876 54.90 11.77 -33.28
N LEU B 877 54.29 10.99 -32.39
CA LEU B 877 55.07 10.14 -31.49
C LEU B 877 55.83 9.07 -32.26
N LEU B 878 55.28 8.62 -33.38
CA LEU B 878 55.97 7.66 -34.23
C LEU B 878 57.03 8.32 -35.10
N ALA B 879 56.94 9.63 -35.32
CA ALA B 879 57.91 10.34 -36.14
C ALA B 879 58.99 11.04 -35.33
N GLY B 880 58.92 11.00 -34.01
CA GLY B 880 59.99 11.50 -33.18
C GLY B 880 60.80 10.36 -32.60
N THR B 881 60.18 9.17 -32.58
CA THR B 881 60.89 7.95 -32.16
C THR B 881 61.95 7.57 -33.19
N ILE B 882 61.69 7.81 -34.47
CA ILE B 882 62.62 7.40 -35.51
C ILE B 882 63.86 8.29 -35.51
N THR B 883 63.66 9.59 -35.74
CA THR B 883 64.78 10.48 -36.02
C THR B 883 65.43 10.99 -34.74
N SER B 884 64.64 11.60 -33.87
CA SER B 884 65.19 12.23 -32.66
C SER B 884 65.58 11.22 -31.59
N GLY B 885 65.07 10.02 -31.64
CA GLY B 885 65.35 9.01 -30.62
C GLY B 885 64.38 9.13 -29.46
N TRP B 886 64.90 9.44 -28.27
CA TRP B 886 64.08 9.68 -27.10
C TRP B 886 64.33 11.05 -26.49
N THR B 887 65.09 11.90 -27.18
CA THR B 887 65.49 13.18 -26.60
C THR B 887 64.32 14.15 -26.53
N PHE B 888 63.34 14.02 -27.44
CA PHE B 888 62.21 14.93 -27.47
C PHE B 888 61.27 14.72 -26.29
N GLY B 889 61.39 13.63 -25.56
CA GLY B 889 60.61 13.46 -24.34
C GLY B 889 61.01 14.41 -23.24
N ALA B 890 62.31 14.68 -23.10
CA ALA B 890 62.82 15.48 -22.00
C ALA B 890 62.95 16.96 -22.38
N GLY B 891 63.74 17.27 -23.38
CA GLY B 891 63.98 18.66 -23.74
C GLY B 891 63.49 19.03 -25.12
N ALA B 892 64.42 19.25 -26.05
CA ALA B 892 64.12 19.58 -27.43
C ALA B 892 64.60 18.45 -28.33
N ALA B 893 63.89 18.24 -29.44
CA ALA B 893 64.21 17.14 -30.34
C ALA B 893 65.53 17.40 -31.05
N LEU B 894 66.44 16.42 -30.98
CA LEU B 894 67.74 16.49 -31.62
C LEU B 894 67.89 15.29 -32.53
N GLN B 895 68.16 15.53 -33.82
CA GLN B 895 68.15 14.46 -34.79
C GLN B 895 69.36 13.55 -34.61
N ILE B 896 69.12 12.24 -34.74
CA ILE B 896 70.14 11.21 -34.62
C ILE B 896 69.98 10.33 -35.86
N PRO B 897 71.06 9.83 -36.47
CA PRO B 897 70.89 8.80 -37.49
C PRO B 897 70.33 7.53 -36.87
N PHE B 898 69.48 6.83 -37.63
CA PHE B 898 68.74 5.71 -37.06
C PHE B 898 69.66 4.52 -36.79
N ALA B 899 70.70 4.35 -37.59
CA ALA B 899 71.69 3.31 -37.29
C ALA B 899 72.46 3.62 -36.02
N MET B 900 72.67 4.91 -35.72
CA MET B 900 73.26 5.28 -34.44
C MET B 900 72.26 5.22 -33.30
N GLN B 901 70.97 5.43 -33.59
CA GLN B 901 69.95 5.32 -32.56
C GLN B 901 69.75 3.87 -32.14
N MET B 902 69.97 2.92 -33.05
CA MET B 902 70.01 1.51 -32.67
C MET B 902 71.18 1.22 -31.74
N ALA B 903 72.34 1.82 -32.03
CA ALA B 903 73.54 1.59 -31.23
C ALA B 903 73.39 2.11 -29.80
N TYR B 904 72.58 3.13 -29.60
CA TYR B 904 72.25 3.60 -28.25
C TYR B 904 71.37 2.64 -27.48
N ARG B 905 70.76 1.65 -28.13
CA ARG B 905 69.80 0.79 -27.46
C ARG B 905 70.31 -0.61 -27.18
N PHE B 906 71.28 -1.11 -27.96
CA PHE B 906 72.01 -2.30 -27.52
C PHE B 906 72.96 -1.99 -26.37
N ASN B 907 73.28 -0.71 -26.15
CA ASN B 907 74.17 -0.31 -25.07
C ASN B 907 73.47 -0.21 -23.72
N GLY B 908 72.26 -0.78 -23.60
CA GLY B 908 71.55 -0.75 -22.34
C GLY B 908 71.20 -2.14 -21.84
N ILE B 909 71.59 -3.17 -22.60
CA ILE B 909 71.31 -4.55 -22.23
C ILE B 909 72.62 -5.34 -22.02
N GLY B 910 73.72 -4.64 -21.77
CA GLY B 910 74.99 -5.32 -21.57
C GLY B 910 75.61 -5.87 -22.83
N VAL B 911 75.28 -5.30 -24.00
CA VAL B 911 75.81 -5.74 -25.28
C VAL B 911 76.64 -4.61 -25.86
N THR B 912 77.88 -4.92 -26.24
CA THR B 912 78.78 -3.91 -26.75
C THR B 912 78.34 -3.42 -28.13
N GLN B 913 78.91 -2.30 -28.55
CA GLN B 913 78.48 -1.62 -29.77
C GLN B 913 78.81 -2.40 -31.03
N ASN B 914 79.78 -3.32 -30.99
CA ASN B 914 80.25 -3.98 -32.19
C ASN B 914 79.28 -5.02 -32.73
N VAL B 915 78.22 -5.36 -32.00
CA VAL B 915 77.29 -6.37 -32.47
C VAL B 915 76.47 -5.83 -33.64
N LEU B 916 76.06 -4.56 -33.57
CA LEU B 916 75.11 -4.02 -34.53
C LEU B 916 75.73 -3.84 -35.92
N TYR B 917 76.75 -2.99 -36.03
CA TYR B 917 77.30 -2.63 -37.34
C TYR B 917 78.03 -3.78 -38.01
N GLU B 918 78.44 -4.80 -37.26
CA GLU B 918 78.99 -6.00 -37.88
C GLU B 918 77.92 -6.92 -38.42
N ASN B 919 76.65 -6.73 -38.04
CA ASN B 919 75.55 -7.54 -38.53
C ASN B 919 74.35 -6.67 -38.88
N GLN B 920 74.61 -5.55 -39.56
CA GLN B 920 73.54 -4.60 -39.85
C GLN B 920 72.54 -5.12 -40.87
N LYS B 921 72.95 -6.05 -41.73
CA LYS B 921 72.05 -6.56 -42.77
C LYS B 921 71.13 -7.67 -42.27
N LEU B 922 71.60 -8.50 -41.33
CA LEU B 922 70.76 -9.56 -40.81
C LEU B 922 69.65 -9.00 -39.92
N ILE B 923 69.96 -7.99 -39.11
CA ILE B 923 68.97 -7.41 -38.21
C ILE B 923 67.90 -6.65 -39.01
N ALA B 924 68.31 -5.99 -40.08
CA ALA B 924 67.36 -5.22 -40.89
C ALA B 924 66.34 -6.13 -41.57
N ASN B 925 66.78 -7.26 -42.10
CA ASN B 925 65.84 -8.19 -42.73
C ASN B 925 65.02 -8.94 -41.70
N GLN B 926 65.58 -9.20 -40.51
CA GLN B 926 64.82 -9.85 -39.45
C GLN B 926 63.70 -8.95 -38.93
N PHE B 927 63.96 -7.64 -38.85
CA PHE B 927 62.92 -6.72 -38.40
C PHE B 927 61.86 -6.52 -39.47
N ASN B 928 62.27 -6.47 -40.75
CA ASN B 928 61.30 -6.30 -41.82
C ASN B 928 60.39 -7.52 -41.95
N SER B 929 60.94 -8.72 -41.74
CA SER B 929 60.12 -9.92 -41.74
C SER B 929 59.22 -9.99 -40.52
N ALA B 930 59.64 -9.36 -39.41
CA ALA B 930 58.82 -9.36 -38.21
C ALA B 930 57.55 -8.53 -38.39
N ILE B 931 57.64 -7.44 -39.15
CA ILE B 931 56.46 -6.63 -39.45
C ILE B 931 55.48 -7.42 -40.31
N GLY B 932 56.01 -8.20 -41.25
CA GLY B 932 55.15 -9.01 -42.12
C GLY B 932 54.39 -10.09 -41.39
N LYS B 933 54.97 -10.64 -40.31
CA LYS B 933 54.26 -11.62 -39.51
C LYS B 933 53.08 -11.00 -38.78
N ILE B 934 53.25 -9.76 -38.30
CA ILE B 934 52.13 -9.03 -37.70
C ILE B 934 51.07 -8.72 -38.74
N GLN B 935 51.50 -8.46 -39.98
CA GLN B 935 50.57 -8.13 -41.07
C GLN B 935 49.61 -9.28 -41.35
N ASP B 936 50.12 -10.50 -41.41
CA ASP B 936 49.26 -11.65 -41.68
C ASP B 936 48.46 -12.08 -40.47
N SER B 937 49.03 -11.94 -39.26
CA SER B 937 48.33 -12.38 -38.05
C SER B 937 47.11 -11.51 -37.77
N LEU B 938 47.22 -10.20 -38.00
CA LEU B 938 46.09 -9.32 -37.77
C LEU B 938 45.03 -9.47 -38.85
N SER B 939 45.45 -9.71 -40.09
CA SER B 939 44.51 -9.77 -41.21
C SER B 939 43.72 -11.07 -41.23
N SER B 940 44.34 -12.18 -40.81
CA SER B 940 43.70 -13.49 -40.93
C SER B 940 42.59 -13.67 -39.91
N THR B 941 42.95 -13.63 -38.63
CA THR B 941 42.00 -13.87 -37.55
C THR B 941 41.52 -12.56 -36.93
N ALA B 942 40.28 -12.57 -36.45
CA ALA B 942 39.69 -11.43 -35.79
C ALA B 942 39.65 -11.58 -34.27
N SER B 943 40.25 -12.63 -33.74
CA SER B 943 40.25 -12.89 -32.30
C SER B 943 41.39 -12.19 -31.57
N ALA B 944 42.23 -11.43 -32.28
CA ALA B 944 43.33 -10.73 -31.64
C ALA B 944 42.84 -9.55 -30.81
N LEU B 945 41.77 -8.90 -31.26
CA LEU B 945 41.24 -7.71 -30.58
C LEU B 945 40.17 -8.09 -29.57
N GLY B 946 40.52 -9.00 -28.66
CA GLY B 946 39.56 -9.44 -27.66
C GLY B 946 39.24 -8.37 -26.62
N LYS B 947 40.25 -7.60 -26.22
CA LYS B 947 40.08 -6.68 -25.09
C LYS B 947 39.21 -5.49 -25.46
N LEU B 948 39.40 -4.91 -26.64
CA LEU B 948 38.61 -3.75 -27.04
C LEU B 948 37.17 -4.12 -27.40
N GLN B 949 36.91 -5.38 -27.75
CA GLN B 949 35.57 -5.78 -28.12
C GLN B 949 34.67 -5.91 -26.89
N ASP B 950 35.23 -6.35 -25.76
CA ASP B 950 34.43 -6.57 -24.57
C ASP B 950 33.99 -5.27 -23.90
N VAL B 951 34.62 -4.16 -24.22
CA VAL B 951 34.18 -2.87 -23.68
C VAL B 951 32.85 -2.46 -24.31
N VAL B 952 32.74 -2.62 -25.64
CA VAL B 952 31.52 -2.21 -26.33
C VAL B 952 30.37 -3.14 -26.00
N ASN B 953 30.61 -4.45 -25.99
CA ASN B 953 29.55 -5.42 -25.75
C ASN B 953 28.99 -5.31 -24.33
N GLN B 954 29.86 -5.08 -23.34
CA GLN B 954 29.38 -4.86 -21.98
C GLN B 954 28.57 -3.57 -21.89
N ASN B 955 28.99 -2.53 -22.59
CA ASN B 955 28.24 -1.28 -22.59
C ASN B 955 26.92 -1.43 -23.33
N ALA B 956 26.90 -2.21 -24.42
CA ALA B 956 25.67 -2.40 -25.17
C ALA B 956 24.70 -3.30 -24.43
N GLN B 957 25.20 -4.21 -23.59
CA GLN B 957 24.30 -5.05 -22.80
C GLN B 957 23.64 -4.26 -21.69
N ALA B 958 24.26 -3.19 -21.23
CA ALA B 958 23.66 -2.38 -20.17
C ALA B 958 22.46 -1.59 -20.68
N LEU B 959 22.56 -1.03 -21.88
CA LEU B 959 21.47 -0.23 -22.44
C LEU B 959 20.27 -1.11 -22.80
N ASN B 960 20.51 -2.27 -23.41
CA ASN B 960 19.42 -3.15 -23.81
C ASN B 960 18.70 -3.74 -22.61
N THR B 961 19.42 -3.95 -21.50
CA THR B 961 18.76 -4.30 -20.25
C THR B 961 17.91 -3.14 -19.74
N LEU B 962 18.43 -1.92 -19.86
CA LEU B 962 17.72 -0.73 -19.37
C LEU B 962 16.48 -0.45 -20.21
N VAL B 963 16.57 -0.61 -21.53
CA VAL B 963 15.43 -0.33 -22.40
C VAL B 963 14.31 -1.34 -22.17
N LYS B 964 14.65 -2.63 -22.05
CA LYS B 964 13.64 -3.67 -21.90
C LYS B 964 12.97 -3.66 -20.53
N GLN B 965 13.47 -2.89 -19.58
CA GLN B 965 12.81 -2.73 -18.29
C GLN B 965 11.59 -1.83 -18.35
N LEU B 966 11.37 -1.15 -19.47
CA LEU B 966 10.25 -0.22 -19.61
C LEU B 966 8.94 -0.92 -19.94
N SER B 967 8.95 -2.23 -20.15
CA SER B 967 7.73 -2.97 -20.45
C SER B 967 7.43 -3.96 -19.33
N SER B 968 7.62 -3.54 -18.09
CA SER B 968 7.36 -4.39 -16.92
C SER B 968 6.40 -3.67 -15.98
N ASN B 969 5.51 -4.46 -15.37
CA ASN B 969 4.45 -3.88 -14.55
C ASN B 969 4.99 -3.39 -13.22
N PHE B 970 6.01 -4.07 -12.68
CA PHE B 970 6.67 -3.71 -11.42
C PHE B 970 5.68 -3.65 -10.25
N GLY B 971 4.73 -4.58 -10.26
CA GLY B 971 3.73 -4.64 -9.21
C GLY B 971 2.40 -3.96 -9.51
N ALA B 972 2.32 -3.21 -10.60
CA ALA B 972 1.09 -2.54 -10.99
C ALA B 972 0.28 -3.44 -11.91
N ILE B 973 -0.79 -2.88 -12.48
CA ILE B 973 -1.67 -3.68 -13.34
C ILE B 973 -1.32 -3.52 -14.82
N SER B 974 -0.52 -2.52 -15.18
CA SER B 974 -0.17 -2.28 -16.57
C SER B 974 1.27 -1.79 -16.63
N SER B 975 1.74 -1.48 -17.84
CA SER B 975 3.09 -0.95 -18.04
C SER B 975 3.10 0.26 -18.97
N VAL B 976 1.94 0.89 -19.20
CA VAL B 976 1.83 2.05 -20.08
C VAL B 976 1.36 3.23 -19.24
N LEU B 977 2.08 4.35 -19.35
CA LEU B 977 1.74 5.54 -18.57
C LEU B 977 0.41 6.13 -19.01
N ASN B 978 0.12 6.09 -20.31
CA ASN B 978 -1.11 6.67 -20.81
C ASN B 978 -2.32 5.78 -20.53
N ASP B 979 -2.14 4.46 -20.58
CA ASP B 979 -3.27 3.55 -20.44
C ASP B 979 -3.80 3.51 -19.01
N ILE B 980 -2.92 3.63 -18.01
CA ILE B 980 -3.36 3.57 -16.62
C ILE B 980 -4.17 4.81 -16.25
N LEU B 981 -3.88 5.95 -16.87
CA LEU B 981 -4.63 7.17 -16.55
C LEU B 981 -6.04 7.12 -17.14
N SER B 982 -6.19 6.50 -18.31
CA SER B 982 -7.51 6.45 -18.94
C SER B 982 -8.43 5.44 -18.26
N ARG B 983 -7.89 4.26 -17.90
CA ARG B 983 -8.73 3.19 -17.40
C ARG B 983 -9.15 3.42 -15.94
N LEU B 984 -8.27 3.98 -15.13
CA LEU B 984 -8.52 4.13 -13.70
C LEU B 984 -8.61 5.60 -13.33
N ASP B 985 -9.38 5.88 -12.27
CA ASP B 985 -9.61 7.26 -11.87
C ASP B 985 -8.35 7.87 -11.26
N PRO B 986 -8.05 9.13 -11.56
CA PRO B 986 -6.85 9.79 -11.02
C PRO B 986 -6.82 9.89 -9.49
N PRO B 987 -7.96 9.89 -8.77
CA PRO B 987 -7.84 9.68 -7.31
C PRO B 987 -7.16 8.38 -6.91
N GLU B 988 -7.32 7.31 -7.67
CA GLU B 988 -6.65 6.05 -7.35
C GLU B 988 -5.63 5.61 -8.39
N ALA B 989 -5.49 6.35 -9.50
CA ALA B 989 -4.42 6.05 -10.45
C ALA B 989 -3.06 6.46 -9.93
N GLU B 990 -3.01 7.36 -8.94
CA GLU B 990 -1.74 7.77 -8.36
C GLU B 990 -1.07 6.63 -7.60
N VAL B 991 -1.87 5.72 -7.02
CA VAL B 991 -1.31 4.54 -6.39
C VAL B 991 -0.67 3.63 -7.43
N GLN B 992 -1.33 3.44 -8.57
CA GLN B 992 -0.79 2.58 -9.62
C GLN B 992 0.43 3.23 -10.29
N ILE B 993 0.38 4.53 -10.52
CA ILE B 993 1.53 5.20 -11.14
C ILE B 993 2.69 5.33 -10.15
N ASP B 994 2.42 5.20 -8.85
CA ASP B 994 3.51 5.14 -7.88
C ASP B 994 4.31 3.85 -8.04
N ARG B 995 3.64 2.77 -8.43
CA ARG B 995 4.35 1.52 -8.71
C ARG B 995 5.26 1.66 -9.94
N LEU B 996 4.88 2.48 -10.90
CA LEU B 996 5.81 2.84 -11.98
C LEU B 996 6.59 4.10 -11.64
N ILE B 997 7.11 4.16 -10.43
CA ILE B 997 8.12 5.13 -10.04
C ILE B 997 9.28 4.36 -9.44
N THR B 998 9.00 3.65 -8.35
CA THR B 998 10.03 2.86 -7.68
C THR B 998 10.53 1.72 -8.56
N GLY B 999 9.64 1.14 -9.37
CA GLY B 999 10.06 0.11 -10.30
C GLY B 999 10.95 0.61 -11.42
N ARG B 1000 10.88 1.90 -11.74
CA ARG B 1000 11.72 2.48 -12.78
C ARG B 1000 12.87 3.31 -12.23
N LEU B 1001 12.72 3.89 -11.03
CA LEU B 1001 13.83 4.63 -10.43
C LEU B 1001 14.94 3.70 -9.96
N GLN B 1002 14.57 2.55 -9.39
CA GLN B 1002 15.56 1.58 -8.96
C GLN B 1002 16.25 0.92 -10.14
N SER B 1003 15.61 0.86 -11.30
CA SER B 1003 16.26 0.33 -12.49
C SER B 1003 17.25 1.32 -13.12
N LEU B 1004 17.22 2.58 -12.69
CA LEU B 1004 18.18 3.56 -13.18
C LEU B 1004 19.39 3.68 -12.26
N GLN B 1005 19.18 3.68 -10.95
CA GLN B 1005 20.29 3.72 -10.01
C GLN B 1005 21.12 2.46 -10.04
N THR B 1006 20.55 1.33 -10.43
CA THR B 1006 21.34 0.12 -10.63
C THR B 1006 22.28 0.29 -11.82
N TYR B 1007 21.79 0.88 -12.91
CA TYR B 1007 22.62 1.07 -14.10
C TYR B 1007 23.73 2.09 -13.86
N VAL B 1008 23.43 3.15 -13.09
CA VAL B 1008 24.44 4.17 -12.81
C VAL B 1008 25.55 3.60 -11.93
N THR B 1009 25.17 2.81 -10.92
CA THR B 1009 26.17 2.21 -10.03
C THR B 1009 27.05 1.22 -10.78
N GLN B 1010 26.48 0.47 -11.72
CA GLN B 1010 27.27 -0.42 -12.57
C GLN B 1010 28.23 0.38 -13.45
N GLN B 1011 27.79 1.55 -13.93
CA GLN B 1011 28.64 2.36 -14.78
C GLN B 1011 29.78 3.01 -14.01
N LEU B 1012 29.53 3.41 -12.76
CA LEU B 1012 30.58 4.04 -11.97
C LEU B 1012 31.69 3.05 -11.61
N ILE B 1013 31.31 1.80 -11.32
CA ILE B 1013 32.31 0.78 -11.03
C ILE B 1013 33.08 0.41 -12.30
N ARG B 1014 32.38 0.31 -13.43
CA ARG B 1014 33.03 -0.05 -14.68
C ARG B 1014 33.96 1.05 -15.17
N ALA B 1015 33.59 2.31 -14.94
CA ALA B 1015 34.45 3.42 -15.36
C ALA B 1015 35.69 3.55 -14.50
N ALA B 1016 35.73 2.92 -13.33
CA ALA B 1016 36.97 2.90 -12.55
C ALA B 1016 37.96 1.89 -13.11
N GLU B 1017 37.48 0.86 -13.81
CA GLU B 1017 38.36 -0.10 -14.46
C GLU B 1017 39.14 0.55 -15.60
N ILE B 1018 38.47 1.42 -16.36
CA ILE B 1018 39.07 2.01 -17.54
C ILE B 1018 40.17 3.00 -17.16
N ARG B 1019 39.93 3.80 -16.11
CA ARG B 1019 40.95 4.72 -15.62
C ARG B 1019 42.18 3.97 -15.10
N ALA B 1020 41.96 2.84 -14.45
CA ALA B 1020 43.07 1.99 -14.03
C ALA B 1020 43.81 1.39 -15.23
N SER B 1021 43.16 1.29 -16.38
CA SER B 1021 43.81 0.87 -17.60
C SER B 1021 44.29 2.04 -18.46
N ALA B 1022 43.69 3.22 -18.29
CA ALA B 1022 44.19 4.40 -18.98
C ALA B 1022 45.46 4.93 -18.34
N ASN B 1023 45.56 4.86 -17.02
CA ASN B 1023 46.77 5.28 -16.33
C ASN B 1023 47.91 4.30 -16.58
N LEU B 1024 47.60 3.02 -16.79
CA LEU B 1024 48.64 2.06 -17.13
C LEU B 1024 49.14 2.29 -18.56
N ALA B 1025 48.24 2.64 -19.47
CA ALA B 1025 48.66 2.93 -20.84
C ALA B 1025 49.44 4.23 -20.92
N ALA B 1026 49.09 5.22 -20.08
CA ALA B 1026 49.86 6.46 -20.04
C ALA B 1026 51.26 6.24 -19.48
N THR B 1027 51.40 5.27 -18.57
CA THR B 1027 52.73 4.94 -18.06
C THR B 1027 53.61 4.30 -19.14
N LYS B 1028 53.01 3.45 -19.97
CA LYS B 1028 53.78 2.81 -21.05
C LYS B 1028 54.20 3.83 -22.10
N MET B 1029 53.33 4.77 -22.44
CA MET B 1029 53.67 5.77 -23.44
C MET B 1029 54.72 6.75 -22.93
N SER B 1030 54.89 6.87 -21.61
CA SER B 1030 55.92 7.73 -21.05
C SER B 1030 57.26 7.03 -20.90
N GLU B 1031 57.27 5.71 -20.73
CA GLU B 1031 58.50 4.95 -20.54
C GLU B 1031 58.87 4.11 -21.76
N CYS B 1032 57.94 3.31 -22.27
CA CYS B 1032 58.25 2.35 -23.31
C CYS B 1032 58.40 2.99 -24.69
N VAL B 1033 57.90 4.21 -24.88
CA VAL B 1033 57.99 4.92 -26.16
C VAL B 1033 59.02 6.04 -26.09
N LEU B 1034 58.93 6.89 -25.07
CA LEU B 1034 59.81 8.04 -24.91
C LEU B 1034 61.13 7.69 -24.25
N GLY B 1035 61.46 6.40 -24.15
CA GLY B 1035 62.72 5.99 -23.56
C GLY B 1035 62.90 4.50 -23.68
N GLN B 1036 63.79 3.98 -22.86
CA GLN B 1036 64.03 2.54 -22.77
C GLN B 1036 63.81 2.10 -21.33
N SER B 1037 63.07 1.01 -21.15
CA SER B 1037 62.68 0.55 -19.83
C SER B 1037 63.54 -0.63 -19.40
N LYS B 1038 63.94 -0.63 -18.13
CA LYS B 1038 64.68 -1.74 -17.54
C LYS B 1038 63.83 -2.59 -16.61
N ARG B 1039 62.52 -2.38 -16.61
CA ARG B 1039 61.62 -3.22 -15.83
C ARG B 1039 61.43 -4.54 -16.58
N VAL B 1040 61.74 -5.65 -15.91
CA VAL B 1040 61.70 -6.96 -16.55
C VAL B 1040 60.25 -7.37 -16.81
N ASP B 1041 59.99 -7.84 -18.03
CA ASP B 1041 58.66 -8.27 -18.49
C ASP B 1041 57.63 -7.14 -18.37
N PHE B 1042 58.05 -5.92 -18.71
CA PHE B 1042 57.14 -4.79 -18.84
C PHE B 1042 56.72 -4.59 -20.29
N CYS B 1043 57.70 -4.38 -21.18
CA CYS B 1043 57.45 -4.26 -22.61
C CYS B 1043 57.81 -5.58 -23.29
N GLY B 1044 56.93 -6.56 -23.14
CA GLY B 1044 57.11 -7.85 -23.79
C GLY B 1044 58.14 -8.72 -23.10
N LYS B 1045 58.03 -10.02 -23.35
CA LYS B 1045 58.93 -11.00 -22.74
C LYS B 1045 60.30 -10.93 -23.41
N GLY B 1046 61.27 -10.36 -22.70
CA GLY B 1046 62.63 -10.31 -23.21
C GLY B 1046 63.32 -8.99 -22.92
N TYR B 1047 64.59 -8.88 -23.28
CA TYR B 1047 65.28 -7.60 -23.20
C TYR B 1047 64.67 -6.62 -24.19
N HIS B 1048 64.43 -5.40 -23.72
CA HIS B 1048 63.61 -4.43 -24.44
C HIS B 1048 64.49 -3.53 -25.32
N LEU B 1049 63.94 -3.17 -26.49
CA LEU B 1049 64.59 -2.22 -27.37
C LEU B 1049 63.79 -0.92 -27.50
N MET B 1050 62.55 -0.98 -27.97
CA MET B 1050 61.68 0.18 -28.10
C MET B 1050 60.25 -0.30 -28.28
N SER B 1051 59.36 0.62 -28.64
CA SER B 1051 57.98 0.27 -29.00
C SER B 1051 57.42 1.39 -29.87
N PHE B 1052 56.36 1.05 -30.61
CA PHE B 1052 55.68 2.03 -31.45
C PHE B 1052 54.18 2.01 -31.15
N PRO B 1053 53.56 3.17 -31.00
CA PRO B 1053 52.12 3.21 -30.72
C PRO B 1053 51.29 3.29 -31.98
N GLN B 1054 50.13 2.63 -31.92
CA GLN B 1054 49.15 2.67 -33.00
C GLN B 1054 47.77 2.88 -32.40
N SER B 1055 46.92 3.56 -33.15
CA SER B 1055 45.59 3.91 -32.66
C SER B 1055 44.60 2.79 -32.92
N ALA B 1056 43.48 2.86 -32.22
CA ALA B 1056 42.42 1.86 -32.30
C ALA B 1056 41.12 2.51 -31.84
N PRO B 1057 39.96 1.98 -32.27
CA PRO B 1057 38.69 2.54 -31.79
C PRO B 1057 38.49 2.28 -30.30
N HIS B 1058 38.56 3.35 -29.51
CA HIS B 1058 38.49 3.32 -28.04
C HIS B 1058 39.56 2.38 -27.46
N GLY B 1059 40.81 2.76 -27.69
CA GLY B 1059 41.92 1.97 -27.19
C GLY B 1059 43.17 2.25 -27.99
N VAL B 1060 44.28 1.72 -27.49
CA VAL B 1060 45.59 1.90 -28.12
C VAL B 1060 46.23 0.53 -28.28
N VAL B 1061 47.06 0.40 -29.30
CA VAL B 1061 47.73 -0.86 -29.65
C VAL B 1061 49.21 -0.58 -29.81
N PHE B 1062 50.06 -1.33 -29.12
CA PHE B 1062 51.50 -1.16 -29.18
C PHE B 1062 52.14 -2.23 -30.05
N LEU B 1063 53.38 -1.94 -30.47
CA LEU B 1063 54.19 -2.88 -31.25
C LEU B 1063 55.57 -2.95 -30.58
N HIS B 1064 55.70 -3.83 -29.59
CA HIS B 1064 56.95 -3.95 -28.88
C HIS B 1064 58.00 -4.66 -29.72
N VAL B 1065 59.26 -4.29 -29.52
CA VAL B 1065 60.39 -4.90 -30.22
C VAL B 1065 61.36 -5.39 -29.15
N THR B 1066 61.44 -6.70 -28.95
CA THR B 1066 62.26 -7.30 -27.92
C THR B 1066 63.45 -8.03 -28.55
N TYR B 1067 64.34 -8.51 -27.68
CA TYR B 1067 65.59 -9.15 -28.08
C TYR B 1067 65.71 -10.47 -27.32
N VAL B 1068 65.79 -11.58 -28.05
CA VAL B 1068 65.75 -12.91 -27.47
C VAL B 1068 66.93 -13.73 -27.98
N PRO B 1069 67.78 -14.28 -27.10
CA PRO B 1069 68.86 -15.18 -27.57
C PRO B 1069 68.31 -16.50 -28.07
N ALA B 1070 69.10 -17.16 -28.93
CA ALA B 1070 68.60 -18.33 -29.66
C ALA B 1070 69.31 -19.63 -29.28
N GLN B 1071 70.64 -19.71 -29.44
CA GLN B 1071 71.34 -20.99 -29.38
C GLN B 1071 72.45 -20.93 -28.35
N GLU B 1072 72.44 -21.87 -27.40
CA GLU B 1072 73.39 -21.91 -26.30
C GLU B 1072 74.45 -22.98 -26.51
N LYS B 1073 75.59 -22.80 -25.84
CA LYS B 1073 76.70 -23.74 -25.90
C LYS B 1073 77.26 -23.99 -24.50
N ASN B 1074 77.63 -25.25 -24.23
CA ASN B 1074 78.29 -25.58 -22.98
C ASN B 1074 79.72 -25.07 -22.97
N PHE B 1075 80.20 -24.74 -21.77
CA PHE B 1075 81.59 -24.35 -21.56
C PHE B 1075 81.98 -24.69 -20.13
N THR B 1076 83.24 -24.39 -19.79
CA THR B 1076 83.78 -24.60 -18.46
C THR B 1076 84.29 -23.28 -17.92
N THR B 1077 83.99 -22.99 -16.65
CA THR B 1077 84.25 -21.68 -16.07
C THR B 1077 84.90 -21.81 -14.70
N ALA B 1078 85.52 -20.72 -14.28
CA ALA B 1078 86.14 -20.55 -12.97
C ALA B 1078 86.01 -19.07 -12.64
N PRO B 1079 85.61 -18.72 -11.42
CA PRO B 1079 85.25 -17.32 -11.13
C PRO B 1079 86.44 -16.40 -10.90
N ALA B 1080 87.67 -16.89 -10.96
CA ALA B 1080 88.84 -16.07 -10.77
C ALA B 1080 90.03 -16.70 -11.47
N ILE B 1081 91.10 -15.92 -11.60
CA ILE B 1081 92.30 -16.34 -12.32
C ILE B 1081 93.50 -15.96 -11.45
N CYS B 1082 94.46 -16.87 -11.31
CA CYS B 1082 95.64 -16.64 -10.48
C CYS B 1082 96.88 -16.73 -11.36
N HIS B 1083 97.69 -15.67 -11.35
CA HIS B 1083 98.89 -15.62 -12.17
C HIS B 1083 100.17 -15.49 -11.36
N ASP B 1084 100.22 -14.56 -10.41
CA ASP B 1084 101.39 -14.34 -9.56
C ASP B 1084 101.00 -14.44 -8.10
N GLY B 1085 100.23 -15.48 -7.77
CA GLY B 1085 99.72 -15.63 -6.41
C GLY B 1085 98.71 -14.56 -6.04
N LYS B 1086 97.81 -14.23 -6.96
CA LYS B 1086 96.88 -13.13 -6.75
C LYS B 1086 95.67 -13.32 -7.66
N ALA B 1087 94.50 -12.91 -7.17
CA ALA B 1087 93.28 -13.03 -7.94
C ALA B 1087 93.28 -12.03 -9.10
N HIS B 1088 92.60 -12.40 -10.18
CA HIS B 1088 92.54 -11.58 -11.38
C HIS B 1088 91.11 -11.48 -11.89
N PHE B 1089 90.20 -11.06 -11.00
CA PHE B 1089 88.81 -10.70 -11.26
C PHE B 1089 88.63 -9.92 -12.56
N PRO B 1090 87.75 -10.35 -13.45
CA PRO B 1090 87.56 -9.63 -14.71
C PRO B 1090 86.67 -8.40 -14.53
N ARG B 1091 86.92 -7.41 -15.38
CA ARG B 1091 86.21 -6.14 -15.25
C ARG B 1091 84.75 -6.27 -15.68
N GLU B 1092 84.50 -6.92 -16.81
CA GLU B 1092 83.13 -7.06 -17.32
C GLU B 1092 83.06 -8.37 -18.11
N GLY B 1093 82.47 -9.39 -17.50
CA GLY B 1093 82.31 -10.69 -18.10
C GLY B 1093 82.75 -11.79 -17.16
N VAL B 1094 82.71 -13.02 -17.69
CA VAL B 1094 83.15 -14.20 -16.96
C VAL B 1094 84.34 -14.80 -17.67
N PHE B 1095 84.96 -15.79 -17.03
CA PHE B 1095 86.12 -16.49 -17.56
C PHE B 1095 85.68 -17.87 -18.05
N VAL B 1096 85.87 -18.12 -19.34
CA VAL B 1096 85.41 -19.37 -19.95
C VAL B 1096 86.59 -20.07 -20.59
N SER B 1097 86.42 -21.38 -20.80
CA SER B 1097 87.42 -22.17 -21.50
C SER B 1097 86.72 -23.30 -22.24
N ASN B 1098 87.14 -23.54 -23.48
CA ASN B 1098 86.62 -24.65 -24.25
C ASN B 1098 87.37 -25.95 -23.95
N GLY B 1099 88.43 -25.89 -23.16
CA GLY B 1099 89.18 -27.08 -22.81
C GLY B 1099 90.68 -26.89 -22.79
N THR B 1100 91.19 -26.00 -23.63
CA THR B 1100 92.63 -25.77 -23.74
C THR B 1100 93.06 -24.38 -23.30
N HIS B 1101 92.49 -23.34 -23.88
CA HIS B 1101 92.88 -21.96 -23.59
C HIS B 1101 91.70 -21.22 -22.97
N TRP B 1102 91.97 -20.54 -21.85
CA TRP B 1102 90.94 -19.77 -21.17
C TRP B 1102 90.64 -18.49 -21.94
N PHE B 1103 89.40 -18.02 -21.82
CA PHE B 1103 88.94 -16.83 -22.53
C PHE B 1103 88.01 -16.02 -21.64
N VAL B 1104 87.99 -14.71 -21.89
CA VAL B 1104 87.04 -13.81 -21.26
C VAL B 1104 86.09 -13.30 -22.34
N THR B 1105 84.80 -13.24 -22.01
CA THR B 1105 83.78 -12.83 -22.97
C THR B 1105 82.65 -12.13 -22.23
N GLN B 1106 81.84 -11.41 -23.00
CA GLN B 1106 80.72 -10.70 -22.41
C GLN B 1106 79.60 -11.68 -22.04
N ARG B 1107 78.58 -11.16 -21.37
CA ARG B 1107 77.67 -11.97 -20.58
C ARG B 1107 76.40 -12.36 -21.34
N ASN B 1108 76.23 -11.93 -22.60
CA ASN B 1108 75.02 -12.28 -23.33
C ASN B 1108 75.24 -12.63 -24.80
N PHE B 1109 76.48 -12.73 -25.27
CA PHE B 1109 76.77 -13.05 -26.66
C PHE B 1109 78.21 -13.51 -26.75
N TYR B 1110 78.44 -14.65 -27.41
CA TYR B 1110 79.77 -15.25 -27.39
C TYR B 1110 80.73 -14.45 -28.24
N GLU B 1111 81.76 -13.89 -27.60
CA GLU B 1111 82.83 -13.17 -28.27
C GLU B 1111 84.08 -13.21 -27.39
N PRO B 1112 84.91 -14.24 -27.51
CA PRO B 1112 86.05 -14.36 -26.60
C PRO B 1112 87.21 -13.45 -26.97
N GLN B 1113 88.01 -13.12 -25.95
CA GLN B 1113 89.23 -12.34 -26.13
C GLN B 1113 90.34 -12.93 -25.27
N ILE B 1114 91.58 -12.66 -25.68
CA ILE B 1114 92.73 -13.09 -24.91
C ILE B 1114 92.86 -12.20 -23.69
N ILE B 1115 93.05 -12.81 -22.51
CA ILE B 1115 93.11 -12.07 -21.25
C ILE B 1115 94.37 -11.23 -21.23
N THR B 1116 94.21 -9.93 -21.04
CA THR B 1116 95.32 -8.99 -20.92
C THR B 1116 95.21 -8.24 -19.59
N THR B 1117 96.18 -7.36 -19.34
CA THR B 1117 96.16 -6.57 -18.11
C THR B 1117 95.02 -5.56 -18.10
N ASP B 1118 94.61 -5.07 -19.27
CA ASP B 1118 93.48 -4.15 -19.36
C ASP B 1118 92.16 -4.85 -19.07
N ASN B 1119 92.09 -6.17 -19.24
CA ASN B 1119 90.84 -6.90 -19.07
C ASN B 1119 90.45 -7.08 -17.61
N THR B 1120 91.40 -6.95 -16.68
CA THR B 1120 91.16 -7.37 -15.30
C THR B 1120 91.71 -6.36 -14.31
N PHE B 1121 91.21 -6.45 -13.09
CA PHE B 1121 91.72 -5.72 -11.94
C PHE B 1121 92.09 -6.72 -10.85
N VAL B 1122 93.13 -6.38 -10.08
CA VAL B 1122 93.79 -7.31 -9.17
C VAL B 1122 93.47 -6.94 -7.73
N SER B 1123 93.16 -7.94 -6.92
CA SER B 1123 92.91 -7.75 -5.50
C SER B 1123 93.14 -9.06 -4.76
N GLY B 1124 93.95 -9.00 -3.70
CA GLY B 1124 94.11 -10.13 -2.82
C GLY B 1124 95.10 -11.18 -3.32
N ASN B 1125 95.35 -12.17 -2.48
CA ASN B 1125 96.27 -13.26 -2.78
C ASN B 1125 95.50 -14.46 -3.35
N CYS B 1126 96.15 -15.62 -3.37
CA CYS B 1126 95.67 -16.79 -4.10
C CYS B 1126 95.28 -17.94 -3.16
N ASP B 1127 94.62 -17.64 -2.05
CA ASP B 1127 94.13 -18.70 -1.17
C ASP B 1127 92.72 -18.50 -0.65
N VAL B 1128 92.20 -17.28 -0.59
CA VAL B 1128 90.89 -17.05 0.01
C VAL B 1128 89.78 -17.53 -0.91
N VAL B 1129 89.93 -17.27 -2.22
CA VAL B 1129 88.89 -17.62 -3.18
C VAL B 1129 88.82 -19.13 -3.35
N ILE B 1130 87.61 -19.62 -3.60
CA ILE B 1130 87.35 -21.03 -3.87
C ILE B 1130 86.97 -21.17 -5.34
N GLY B 1131 87.56 -22.13 -6.02
CA GLY B 1131 87.38 -22.28 -7.45
C GLY B 1131 88.48 -21.68 -8.29
N ILE B 1132 89.65 -21.41 -7.71
CA ILE B 1132 90.72 -20.73 -8.42
C ILE B 1132 91.36 -21.66 -9.45
N VAL B 1133 91.69 -21.11 -10.62
CA VAL B 1133 92.33 -21.84 -11.71
C VAL B 1133 93.45 -20.98 -12.25
N ASN B 1134 94.64 -21.57 -12.41
CA ASN B 1134 95.80 -20.84 -12.90
C ASN B 1134 95.67 -20.49 -14.38
N ASN B 1135 96.41 -19.47 -14.78
CA ASN B 1135 96.51 -19.00 -16.16
C ASN B 1135 97.70 -18.06 -16.25
N THR B 1136 98.01 -17.62 -17.47
CA THR B 1136 99.03 -16.60 -17.71
C THR B 1136 98.35 -15.41 -18.38
N VAL B 1137 98.52 -14.22 -17.80
CA VAL B 1137 97.93 -13.00 -18.32
C VAL B 1137 99.00 -12.23 -19.07
N TYR B 1138 98.80 -12.04 -20.36
CA TYR B 1138 99.80 -11.39 -21.19
C TYR B 1138 99.80 -9.89 -20.95
N ASP B 1139 101.01 -9.32 -20.89
CA ASP B 1139 101.17 -7.87 -20.70
C ASP B 1139 101.48 -7.21 -22.04
N PRO B 1140 100.64 -6.31 -22.52
CA PRO B 1140 100.92 -5.66 -23.82
C PRO B 1140 102.10 -4.71 -23.80
N LEU B 1141 102.54 -4.26 -22.61
CA LEU B 1141 103.56 -3.23 -22.55
C LEU B 1141 104.94 -3.76 -22.90
N GLN B 1142 105.27 -4.97 -22.41
CA GLN B 1142 106.64 -5.50 -22.58
C GLN B 1142 107.03 -5.75 -24.04
N PRO B 1143 106.23 -6.39 -24.89
CA PRO B 1143 106.61 -6.42 -26.32
C PRO B 1143 106.57 -5.04 -26.97
N GLU B 1144 105.67 -4.17 -26.54
CA GLU B 1144 105.63 -2.81 -27.07
C GLU B 1144 106.87 -2.02 -26.66
N LEU B 1145 107.31 -2.18 -25.41
CA LEU B 1145 108.53 -1.52 -24.96
C LEU B 1145 109.78 -2.18 -25.52
N ASP B 1146 109.67 -3.43 -25.99
CA ASP B 1146 110.81 -4.10 -26.61
C ASP B 1146 111.19 -3.43 -27.92
N SER B 1147 110.21 -3.02 -28.72
CA SER B 1147 110.47 -2.35 -29.99
C SER B 1147 110.17 -0.87 -29.89
N GLN C 1 -52.42 -54.50 48.15
CA GLN C 1 -51.59 -53.52 47.47
C GLN C 1 -52.21 -52.13 47.64
N MET C 2 -53.53 -52.05 47.48
CA MET C 2 -54.26 -50.79 47.61
C MET C 2 -54.63 -50.65 49.09
N GLN C 3 -53.61 -50.40 49.91
CA GLN C 3 -53.76 -50.31 51.36
C GLN C 3 -52.50 -49.67 51.93
N LEU C 4 -52.68 -48.83 52.95
CA LEU C 4 -51.59 -48.31 53.74
C LEU C 4 -51.70 -48.85 55.17
N VAL C 5 -50.57 -49.14 55.78
CA VAL C 5 -50.57 -49.73 57.12
C VAL C 5 -50.93 -48.66 58.15
N GLN C 6 -51.75 -49.04 59.12
CA GLN C 6 -52.17 -48.14 60.20
C GLN C 6 -51.35 -48.46 61.44
N SER C 7 -50.69 -47.45 61.99
CA SER C 7 -49.95 -47.63 63.23
C SER C 7 -50.91 -47.73 64.40
N GLY C 8 -50.39 -48.23 65.52
CA GLY C 8 -51.22 -48.38 66.72
C GLY C 8 -51.63 -47.04 67.29
N ALA C 9 -52.87 -46.98 67.75
CA ALA C 9 -53.39 -45.75 68.34
C ALA C 9 -52.74 -45.50 69.69
N GLU C 10 -52.21 -44.29 69.88
CA GLU C 10 -51.47 -43.93 71.08
C GLU C 10 -52.04 -42.66 71.68
N VAL C 11 -52.03 -42.60 73.01
CA VAL C 11 -52.36 -41.40 73.76
C VAL C 11 -51.06 -40.83 74.32
N LYS C 12 -50.85 -39.53 74.16
CA LYS C 12 -49.59 -38.91 74.47
C LYS C 12 -49.78 -37.75 75.44
N LYS C 13 -48.76 -37.51 76.24
CA LYS C 13 -48.72 -36.35 77.12
C LYS C 13 -48.50 -35.10 76.28
N PRO C 14 -48.85 -33.92 76.80
CA PRO C 14 -48.51 -32.67 76.10
C PRO C 14 -47.01 -32.50 75.96
N GLY C 15 -46.59 -32.00 74.80
CA GLY C 15 -45.18 -31.83 74.51
C GLY C 15 -44.46 -33.09 74.05
N ALA C 16 -45.19 -34.16 73.74
CA ALA C 16 -44.59 -35.42 73.32
C ALA C 16 -44.72 -35.58 71.81
N SER C 17 -43.71 -36.21 71.21
CA SER C 17 -43.68 -36.39 69.77
C SER C 17 -44.70 -37.45 69.34
N VAL C 18 -45.31 -37.24 68.18
CA VAL C 18 -46.27 -38.16 67.59
C VAL C 18 -45.77 -38.57 66.22
N LYS C 19 -45.95 -39.85 65.88
CA LYS C 19 -45.47 -40.40 64.62
C LYS C 19 -46.61 -41.13 63.91
N VAL C 20 -46.52 -41.16 62.58
CA VAL C 20 -47.48 -41.89 61.75
C VAL C 20 -46.78 -42.29 60.46
N SER C 21 -47.05 -43.52 60.00
CA SER C 21 -46.44 -44.07 58.81
C SER C 21 -47.50 -44.31 57.74
N CYS C 22 -47.19 -43.93 56.51
CA CYS C 22 -48.08 -44.12 55.35
C CYS C 22 -47.26 -44.75 54.23
N LYS C 23 -47.26 -46.08 54.17
CA LYS C 23 -46.52 -46.80 53.15
C LYS C 23 -47.21 -46.69 51.79
N ALA C 24 -46.39 -46.63 50.74
CA ALA C 24 -46.88 -46.58 49.37
C ALA C 24 -46.29 -47.76 48.61
N SER C 25 -47.10 -48.78 48.38
CA SER C 25 -46.67 -50.00 47.72
C SER C 25 -47.22 -50.04 46.29
N GLY C 26 -46.38 -50.48 45.36
CA GLY C 26 -46.80 -50.56 43.98
C GLY C 26 -46.83 -49.19 43.30
N TYR C 27 -47.57 -49.14 42.19
CA TYR C 27 -47.76 -47.95 41.36
C TYR C 27 -46.46 -47.36 40.87
N THR C 28 -46.51 -46.11 40.41
CA THR C 28 -45.32 -45.35 40.04
C THR C 28 -45.21 -44.13 40.94
N PHE C 29 -43.97 -43.73 41.22
CA PHE C 29 -43.68 -42.71 42.21
C PHE C 29 -43.34 -41.39 41.53
N THR C 30 -43.13 -40.36 42.36
CA THR C 30 -42.83 -38.99 41.95
C THR C 30 -43.88 -38.42 41.00
N SER C 31 -45.14 -38.80 41.21
CA SER C 31 -46.26 -38.30 40.43
C SER C 31 -47.36 -37.67 41.27
N TYR C 32 -47.68 -38.27 42.41
CA TYR C 32 -48.74 -37.79 43.28
C TYR C 32 -48.15 -37.13 44.52
N ALA C 33 -48.78 -36.04 44.95
CA ALA C 33 -48.38 -35.35 46.17
C ALA C 33 -49.06 -36.01 47.35
N ILE C 34 -48.26 -36.50 48.30
CA ILE C 34 -48.85 -37.16 49.47
C ILE C 34 -49.41 -36.08 50.40
N SER C 35 -50.43 -36.44 51.18
CA SER C 35 -51.20 -35.45 51.91
C SER C 35 -51.72 -36.06 53.20
N TRP C 36 -52.05 -35.19 54.15
CA TRP C 36 -52.53 -35.64 55.45
C TRP C 36 -53.76 -34.83 55.84
N VAL C 37 -54.75 -35.53 56.40
CA VAL C 37 -55.95 -34.87 56.92
C VAL C 37 -56.20 -35.36 58.35
N ARG C 38 -56.45 -34.43 59.26
CA ARG C 38 -56.66 -34.75 60.66
C ARG C 38 -58.13 -34.64 61.00
N GLN C 39 -58.68 -35.65 61.68
CA GLN C 39 -60.06 -35.58 62.14
C GLN C 39 -60.15 -36.21 63.52
N ALA C 40 -61.10 -35.74 64.30
CA ALA C 40 -61.37 -36.25 65.63
C ALA C 40 -62.70 -37.00 65.65
N PRO C 41 -62.88 -37.94 66.58
CA PRO C 41 -64.21 -38.58 66.72
C PRO C 41 -65.26 -37.56 67.13
N GLY C 42 -66.26 -37.39 66.27
CA GLY C 42 -67.26 -36.35 66.43
C GLY C 42 -66.90 -35.03 65.79
N GLN C 43 -65.77 -34.92 65.10
CA GLN C 43 -65.34 -33.70 64.44
C GLN C 43 -65.05 -33.99 62.98
N GLY C 44 -65.38 -33.03 62.12
CA GLY C 44 -65.17 -33.20 60.69
C GLY C 44 -63.70 -33.16 60.31
N LEU C 45 -63.44 -33.64 59.10
CA LEU C 45 -62.09 -33.69 58.57
C LEU C 45 -61.56 -32.28 58.28
N GLU C 46 -60.29 -32.05 58.62
CA GLU C 46 -59.66 -30.78 58.30
C GLU C 46 -58.23 -31.02 57.83
N TRP C 47 -57.91 -30.45 56.68
CA TRP C 47 -56.59 -30.60 56.07
C TRP C 47 -55.54 -29.78 56.80
N MET C 48 -54.30 -30.28 56.81
CA MET C 48 -53.21 -29.56 57.46
C MET C 48 -51.91 -29.52 56.66
N GLY C 49 -51.65 -30.47 55.76
CA GLY C 49 -50.36 -30.53 55.11
C GLY C 49 -50.29 -31.48 53.94
N ARG C 50 -49.40 -31.16 53.00
CA ARG C 50 -48.95 -32.07 51.96
C ARG C 50 -47.44 -32.06 51.83
N ILE C 51 -46.89 -33.15 51.30
CA ILE C 51 -45.50 -33.23 50.87
C ILE C 51 -45.50 -33.62 49.40
N ILE C 52 -44.81 -32.85 48.57
CA ILE C 52 -44.51 -33.29 47.21
C ILE C 52 -43.27 -34.18 47.25
N PRO C 53 -43.26 -35.33 46.57
CA PRO C 53 -42.09 -36.21 46.63
C PRO C 53 -40.90 -35.75 45.79
N ILE C 54 -41.02 -34.65 45.06
CA ILE C 54 -39.94 -34.22 44.17
C ILE C 54 -38.78 -33.63 44.98
N LEU C 55 -39.09 -32.75 45.92
CA LEU C 55 -38.06 -32.17 46.80
C LEU C 55 -38.39 -32.32 48.28
N GLY C 56 -39.58 -32.79 48.63
CA GLY C 56 -39.91 -32.99 50.03
C GLY C 56 -40.27 -31.73 50.80
N ILE C 57 -40.67 -30.65 50.12
CA ILE C 57 -41.11 -29.46 50.81
C ILE C 57 -42.50 -29.71 51.37
N ALA C 58 -42.93 -28.86 52.30
CA ALA C 58 -44.19 -29.03 53.01
C ALA C 58 -45.13 -27.87 52.70
N ASN C 59 -46.38 -28.20 52.40
CA ASN C 59 -47.41 -27.20 52.15
C ASN C 59 -48.42 -27.24 53.28
N TYR C 60 -48.69 -26.08 53.88
CA TYR C 60 -49.47 -25.95 55.10
C TYR C 60 -50.68 -25.03 54.90
N ALA C 61 -51.58 -25.07 55.88
CA ALA C 61 -52.69 -24.13 55.97
C ALA C 61 -52.35 -23.04 57.00
N GLN C 62 -53.37 -22.27 57.41
CA GLN C 62 -53.18 -21.26 58.43
C GLN C 62 -53.13 -21.84 59.83
N LYS C 63 -53.83 -22.95 60.08
CA LYS C 63 -54.01 -23.44 61.44
C LYS C 63 -52.73 -24.03 62.01
N PHE C 64 -52.04 -24.88 61.24
CA PHE C 64 -50.88 -25.60 61.72
C PHE C 64 -49.58 -25.09 61.10
N GLN C 65 -49.56 -23.82 60.70
CA GLN C 65 -48.35 -23.21 60.14
C GLN C 65 -47.40 -22.88 61.28
N GLY C 66 -46.31 -23.62 61.38
CA GLY C 66 -45.36 -23.44 62.46
C GLY C 66 -45.57 -24.35 63.65
N ARG C 67 -46.45 -25.34 63.54
CA ARG C 67 -46.74 -26.27 64.61
C ARG C 67 -46.34 -27.70 64.29
N VAL C 68 -46.63 -28.17 63.07
CA VAL C 68 -46.36 -29.53 62.65
C VAL C 68 -45.25 -29.49 61.62
N THR C 69 -44.26 -30.38 61.73
CA THR C 69 -43.28 -30.52 60.65
C THR C 69 -43.39 -31.93 60.07
N ILE C 70 -43.40 -31.98 58.73
CA ILE C 70 -43.70 -33.20 57.99
C ILE C 70 -42.69 -33.39 56.87
N THR C 71 -42.47 -34.65 56.50
CA THR C 71 -41.54 -34.98 55.43
C THR C 71 -41.94 -36.31 54.83
N ALA C 72 -41.26 -36.69 53.75
CA ALA C 72 -41.50 -37.98 53.11
C ALA C 72 -40.22 -38.49 52.49
N ASP C 73 -40.15 -39.81 52.31
CA ASP C 73 -38.99 -40.46 51.69
C ASP C 73 -39.48 -41.38 50.58
N GLU C 74 -38.83 -41.31 49.42
CA GLU C 74 -39.20 -42.13 48.27
C GLU C 74 -38.56 -43.51 48.31
N SER C 75 -37.48 -43.69 49.06
CA SER C 75 -36.86 -45.01 49.18
C SER C 75 -37.78 -45.97 49.93
N THR C 76 -38.34 -45.53 51.05
CA THR C 76 -39.38 -46.26 51.73
C THR C 76 -40.79 -45.82 51.31
N SER C 77 -40.89 -44.73 50.53
CA SER C 77 -42.15 -44.18 50.03
C SER C 77 -43.14 -43.91 51.15
N THR C 78 -42.64 -43.35 52.26
CA THR C 78 -43.42 -43.18 53.47
C THR C 78 -43.22 -41.76 53.99
N ALA C 79 -44.30 -41.15 54.48
CA ALA C 79 -44.27 -39.82 55.06
C ALA C 79 -44.26 -39.90 56.58
N TYR C 80 -43.47 -39.03 57.20
CA TYR C 80 -43.28 -39.00 58.65
C TYR C 80 -43.57 -37.60 59.19
N MET C 81 -43.89 -37.56 60.48
CA MET C 81 -44.24 -36.34 61.19
C MET C 81 -43.41 -36.19 62.45
N GLU C 82 -43.06 -34.94 62.76
CA GLU C 82 -42.66 -34.55 64.11
C GLU C 82 -43.58 -33.42 64.56
N LEU C 83 -44.17 -33.59 65.75
CA LEU C 83 -45.17 -32.68 66.28
C LEU C 83 -45.36 -32.97 67.75
N SER C 84 -45.36 -31.92 68.58
CA SER C 84 -45.58 -32.02 70.01
C SER C 84 -46.88 -31.28 70.34
N SER C 85 -48.00 -31.99 70.28
CA SER C 85 -49.30 -31.43 70.61
C SER C 85 -49.64 -31.73 72.07
N ARG C 86 -50.84 -31.31 72.47
CA ARG C 86 -51.33 -31.51 73.82
C ARG C 86 -52.25 -32.74 73.88
N SER C 87 -52.79 -33.00 75.07
CA SER C 87 -53.69 -34.14 75.24
C SER C 87 -55.03 -33.92 74.57
N GLU C 88 -55.50 -32.66 74.50
CA GLU C 88 -56.78 -32.36 73.86
C GLU C 88 -56.71 -32.45 72.35
N ASP C 89 -55.52 -32.52 71.76
CA ASP C 89 -55.35 -32.65 70.32
C ASP C 89 -55.28 -34.12 69.88
N THR C 90 -55.84 -35.03 70.66
CA THR C 90 -55.86 -36.44 70.30
C THR C 90 -56.82 -36.66 69.14
N ALA C 91 -56.28 -36.99 67.97
CA ALA C 91 -57.09 -37.14 66.77
C ALA C 91 -56.39 -38.11 65.84
N VAL C 92 -57.15 -38.63 64.88
CA VAL C 92 -56.64 -39.60 63.92
C VAL C 92 -56.23 -38.91 62.63
N TYR C 93 -55.07 -39.30 62.13
CA TYR C 93 -54.56 -38.82 60.85
C TYR C 93 -54.92 -39.82 59.76
N TYR C 94 -55.31 -39.30 58.60
CA TYR C 94 -55.59 -40.11 57.42
C TYR C 94 -54.67 -39.64 56.31
N CYS C 95 -53.99 -40.60 55.68
CA CYS C 95 -53.03 -40.31 54.62
C CYS C 95 -53.72 -40.45 53.27
N ALA C 96 -53.63 -39.39 52.45
CA ALA C 96 -54.27 -39.36 51.14
C ALA C 96 -53.22 -39.01 50.08
N SER C 97 -53.60 -39.16 48.82
CA SER C 97 -52.72 -38.79 47.72
C SER C 97 -53.58 -38.43 46.51
N GLY C 98 -52.93 -38.32 45.36
CA GLY C 98 -53.61 -37.94 44.13
C GLY C 98 -52.68 -37.23 43.18
N ALA C 99 -52.77 -37.56 41.88
CA ALA C 99 -51.88 -36.96 40.90
C ALA C 99 -52.29 -35.50 40.66
N PHE C 100 -51.64 -34.59 41.37
CA PHE C 100 -51.96 -33.17 41.27
C PHE C 100 -51.47 -32.66 39.93
N TYR C 101 -52.37 -32.56 38.96
CA TYR C 101 -52.02 -32.07 37.64
C TYR C 101 -52.00 -30.55 37.61
N TYR C 102 -51.19 -30.01 36.71
CA TYR C 102 -51.03 -28.58 36.55
C TYR C 102 -51.51 -28.18 35.16
N GLY C 103 -52.36 -27.16 35.11
CA GLY C 103 -53.18 -26.88 33.96
C GLY C 103 -54.61 -27.40 34.07
N SER C 104 -54.93 -28.14 35.12
CA SER C 104 -56.28 -28.64 35.36
C SER C 104 -56.53 -28.59 36.86
N GLY C 105 -57.62 -29.24 37.28
CA GLY C 105 -58.00 -29.30 38.69
C GLY C 105 -56.98 -29.96 39.59
N SER C 106 -56.70 -29.34 40.73
CA SER C 106 -55.65 -29.78 41.65
C SER C 106 -56.30 -30.23 42.97
N TYR C 107 -56.57 -31.53 43.07
CA TYR C 107 -57.27 -32.11 44.22
C TYR C 107 -56.90 -33.58 44.39
N PRO C 108 -57.03 -34.14 45.60
CA PRO C 108 -56.68 -35.55 45.79
C PRO C 108 -57.59 -36.49 45.01
N PHE C 109 -57.01 -37.58 44.52
CA PHE C 109 -57.70 -38.55 43.66
C PHE C 109 -58.19 -39.77 44.42
N ASP C 110 -57.29 -40.48 45.09
CA ASP C 110 -57.59 -41.79 45.67
C ASP C 110 -56.70 -41.99 46.89
N TYR C 111 -56.53 -43.25 47.29
CA TYR C 111 -55.57 -43.69 48.31
C TYR C 111 -55.90 -43.07 49.68
N TRP C 112 -57.07 -43.42 50.19
CA TRP C 112 -57.49 -43.02 51.52
C TRP C 112 -57.39 -44.20 52.47
N GLY C 113 -56.70 -44.00 53.59
CA GLY C 113 -56.39 -45.08 54.51
C GLY C 113 -57.50 -45.36 55.49
N GLN C 114 -57.20 -46.26 56.44
CA GLN C 114 -58.16 -46.72 57.42
C GLN C 114 -57.91 -46.16 58.82
N GLY C 115 -56.83 -45.41 59.02
CA GLY C 115 -56.55 -44.89 60.35
C GLY C 115 -55.19 -44.25 60.40
N THR C 116 -54.66 -44.15 61.62
CA THR C 116 -53.37 -43.53 61.88
C THR C 116 -52.23 -44.29 61.20
N ALA D 27 0.53 54.10 -23.52
CA ALA D 27 1.60 54.74 -22.77
C ALA D 27 2.46 53.70 -22.05
N TYR D 28 3.32 53.02 -22.82
CA TYR D 28 4.15 51.96 -22.28
C TYR D 28 5.45 52.54 -21.72
N THR D 29 5.86 52.02 -20.56
CA THR D 29 7.08 52.45 -19.90
C THR D 29 7.81 51.21 -19.41
N ASN D 30 9.15 51.25 -19.49
CA ASN D 30 9.97 50.15 -18.99
C ASN D 30 9.83 50.01 -17.49
N SER D 31 9.64 48.77 -17.04
CA SER D 31 9.46 48.50 -15.61
C SER D 31 10.76 48.46 -14.83
N PHE D 32 11.91 48.39 -15.53
CA PHE D 32 13.27 48.32 -14.95
C PHE D 32 13.34 47.11 -14.03
N THR D 33 13.81 47.26 -12.79
CA THR D 33 13.89 46.16 -11.82
C THR D 33 13.28 46.65 -10.52
N ARG D 34 11.98 46.43 -10.35
CA ARG D 34 11.25 46.85 -9.16
C ARG D 34 10.22 45.79 -8.81
N GLY D 35 9.48 46.02 -7.74
CA GLY D 35 8.47 45.09 -7.31
C GLY D 35 8.98 43.92 -6.48
N VAL D 36 10.22 43.97 -6.01
CA VAL D 36 10.81 42.90 -5.23
C VAL D 36 10.32 43.02 -3.79
N TYR D 37 9.66 41.98 -3.28
CA TYR D 37 9.13 41.98 -1.93
C TYR D 37 9.57 40.72 -1.21
N TYR D 38 9.53 40.79 0.12
CA TYR D 38 9.97 39.67 0.96
C TYR D 38 9.02 38.49 0.81
N PRO D 39 9.50 37.30 0.46
CA PRO D 39 8.58 36.18 0.20
C PRO D 39 7.92 35.64 1.46
N ASP D 40 8.63 35.59 2.58
CA ASP D 40 8.11 35.03 3.82
C ASP D 40 8.84 35.67 4.99
N LYS D 41 8.69 35.09 6.18
CA LYS D 41 9.27 35.64 7.41
C LYS D 41 10.38 34.71 7.87
N VAL D 42 11.58 34.92 7.32
CA VAL D 42 12.78 34.18 7.71
C VAL D 42 13.94 35.16 7.68
N PHE D 43 14.97 34.91 8.48
CA PHE D 43 16.14 35.79 8.50
C PHE D 43 17.37 34.97 8.12
N ARG D 44 17.95 35.27 6.97
CA ARG D 44 19.19 34.65 6.54
C ARG D 44 20.23 35.72 6.29
N SER D 45 21.47 35.44 6.67
CA SER D 45 22.58 36.38 6.55
C SER D 45 23.63 35.82 5.61
N SER D 46 24.00 36.61 4.59
CA SER D 46 24.97 36.23 3.56
C SER D 46 24.57 34.92 2.87
N VAL D 47 23.32 34.87 2.41
CA VAL D 47 22.73 33.67 1.82
C VAL D 47 22.19 34.05 0.45
N LEU D 48 22.34 33.14 -0.51
CA LEU D 48 21.87 33.38 -1.87
C LEU D 48 20.69 32.46 -2.18
N HIS D 49 19.75 32.37 -1.23
CA HIS D 49 18.59 31.50 -1.37
C HIS D 49 17.67 32.00 -2.47
N SER D 50 17.24 31.08 -3.33
CA SER D 50 16.36 31.37 -4.45
C SER D 50 14.98 30.76 -4.19
N THR D 51 13.92 31.45 -4.60
CA THR D 51 12.58 31.02 -4.28
C THR D 51 11.65 31.18 -5.48
N GLN D 52 10.56 30.41 -5.46
CA GLN D 52 9.53 30.45 -6.48
C GLN D 52 8.27 31.05 -5.88
N ASP D 53 7.86 32.21 -6.41
CA ASP D 53 6.65 32.88 -5.97
C ASP D 53 6.22 33.85 -7.05
N LEU D 54 5.11 34.54 -6.82
CA LEU D 54 4.64 35.55 -7.75
C LEU D 54 5.51 36.81 -7.62
N PHE D 55 5.92 37.35 -8.77
CA PHE D 55 6.78 38.51 -8.79
C PHE D 55 6.46 39.36 -10.01
N LEU D 56 6.91 40.62 -9.97
CA LEU D 56 6.85 41.47 -11.14
C LEU D 56 8.01 41.12 -12.06
N PRO D 57 7.74 40.77 -13.33
CA PRO D 57 8.85 40.44 -14.25
C PRO D 57 9.76 41.63 -14.50
N PHE D 58 11.05 41.34 -14.64
CA PHE D 58 12.02 42.38 -14.95
C PHE D 58 11.84 42.88 -16.38
N PHE D 59 11.96 44.20 -16.55
CA PHE D 59 11.97 44.88 -17.84
C PHE D 59 10.68 44.61 -18.63
N SER D 60 9.57 44.93 -17.99
CA SER D 60 8.24 44.77 -18.58
C SER D 60 7.67 46.14 -18.93
N ASN D 61 6.44 46.13 -19.42
CA ASN D 61 5.76 47.35 -19.86
C ASN D 61 4.66 47.70 -18.88
N VAL D 62 4.67 48.94 -18.40
CA VAL D 62 3.63 49.43 -17.50
C VAL D 62 2.91 50.58 -18.19
N THR D 63 1.65 50.77 -17.82
CA THR D 63 0.76 51.74 -18.46
C THR D 63 0.78 53.04 -17.67
N TRP D 64 1.41 54.06 -18.24
CA TRP D 64 1.41 55.39 -17.64
C TRP D 64 0.01 55.98 -17.72
N PHE D 65 -0.50 56.44 -16.57
CA PHE D 65 -1.83 57.03 -16.48
C PHE D 65 -1.72 58.46 -15.96
N HIS D 66 -2.83 59.19 -16.07
CA HIS D 66 -2.88 60.57 -15.60
C HIS D 66 -4.23 60.87 -14.95
N ASN D 81 -8.15 56.70 -13.66
CA ASN D 81 -9.59 56.86 -13.55
C ASN D 81 -10.44 55.57 -13.74
N PRO D 82 -10.35 54.86 -14.86
CA PRO D 82 -11.32 53.78 -15.10
C PRO D 82 -10.98 52.52 -14.30
N VAL D 83 -11.92 51.57 -14.35
CA VAL D 83 -11.74 50.29 -13.68
C VAL D 83 -10.69 49.47 -14.43
N LEU D 84 -9.96 48.64 -13.69
CA LEU D 84 -8.91 47.79 -14.23
C LEU D 84 -9.05 46.38 -13.68
N PRO D 85 -8.73 45.38 -14.49
CA PRO D 85 -8.81 43.99 -14.02
C PRO D 85 -7.73 43.69 -12.99
N PHE D 86 -8.14 43.08 -11.87
CA PHE D 86 -7.19 42.77 -10.81
C PHE D 86 -6.29 41.60 -11.18
N ASN D 87 -6.86 40.58 -11.82
CA ASN D 87 -6.17 39.34 -12.22
C ASN D 87 -5.61 38.67 -10.97
N ASP D 88 -4.30 38.47 -10.85
CA ASP D 88 -3.71 37.81 -9.69
C ASP D 88 -3.13 38.79 -8.68
N GLY D 89 -2.20 39.64 -9.12
CA GLY D 89 -1.62 40.66 -8.27
C GLY D 89 -1.41 41.93 -9.05
N VAL D 90 -0.95 42.96 -8.34
CA VAL D 90 -0.75 44.27 -8.97
C VAL D 90 0.36 45.00 -8.22
N TYR D 91 1.22 45.67 -9.00
CA TYR D 91 2.26 46.56 -8.47
C TYR D 91 1.84 47.99 -8.77
N PHE D 92 1.28 48.64 -7.74
CA PHE D 92 0.77 50.00 -7.87
C PHE D 92 1.84 50.96 -7.36
N ALA D 93 2.36 51.80 -8.26
CA ALA D 93 3.33 52.81 -7.88
C ALA D 93 2.72 54.20 -8.07
N SER D 94 3.03 55.10 -7.16
CA SER D 94 2.42 56.42 -7.18
C SER D 94 3.47 57.50 -6.90
N THR D 95 3.38 58.60 -7.65
CA THR D 95 4.18 59.79 -7.41
C THR D 95 3.22 60.96 -7.33
N GLU D 96 3.09 61.53 -6.14
CA GLU D 96 2.15 62.63 -5.93
C GLU D 96 2.61 63.43 -4.71
N LYS D 97 2.08 64.65 -4.62
CA LYS D 97 2.36 65.55 -3.50
C LYS D 97 1.11 66.10 -2.85
N SER D 98 -0.07 65.81 -3.40
CA SER D 98 -1.34 66.33 -2.88
C SER D 98 -2.14 65.30 -2.11
N ASN D 99 -1.67 64.05 -2.04
CA ASN D 99 -2.34 62.94 -1.34
C ASN D 99 -3.77 62.72 -1.86
N ILE D 100 -3.95 62.79 -3.18
CA ILE D 100 -5.29 62.70 -3.76
C ILE D 100 -5.53 61.36 -4.46
N ILE D 101 -4.48 60.62 -4.78
CA ILE D 101 -4.59 59.36 -5.52
C ILE D 101 -4.14 58.21 -4.63
N ARG D 102 -4.98 57.18 -4.55
CA ARG D 102 -4.62 55.92 -3.90
C ARG D 102 -5.52 54.84 -4.48
N GLY D 103 -5.22 53.58 -4.14
CA GLY D 103 -6.01 52.47 -4.61
C GLY D 103 -6.92 51.92 -3.52
N TRP D 104 -8.23 52.14 -3.63
CA TRP D 104 -9.14 51.75 -2.56
C TRP D 104 -10.15 50.69 -2.96
N ILE D 105 -10.86 50.86 -4.08
CA ILE D 105 -12.04 50.04 -4.34
C ILE D 105 -11.64 48.76 -5.08
N PHE D 106 -11.98 47.62 -4.48
CA PHE D 106 -11.75 46.28 -5.01
C PHE D 106 -13.06 45.52 -4.94
N GLY D 107 -13.27 44.59 -5.86
CA GLY D 107 -14.45 43.76 -5.78
C GLY D 107 -14.66 42.98 -7.06
N THR D 108 -15.87 42.42 -7.18
CA THR D 108 -16.28 41.64 -8.35
C THR D 108 -17.37 42.34 -9.13
N THR D 109 -18.49 42.66 -8.49
CA THR D 109 -19.58 43.37 -9.15
C THR D 109 -19.43 44.88 -9.07
N LEU D 110 -18.61 45.38 -8.13
CA LEU D 110 -18.21 46.77 -7.97
C LEU D 110 -19.34 47.70 -7.57
N ASP D 111 -20.56 47.19 -7.40
CA ASP D 111 -21.68 48.00 -6.91
C ASP D 111 -22.67 47.04 -6.27
N SER D 112 -22.64 46.98 -4.94
CA SER D 112 -23.45 46.07 -4.12
C SER D 112 -23.27 44.61 -4.51
N LYS D 113 -24.22 43.76 -4.12
CA LYS D 113 -24.33 42.33 -4.40
C LYS D 113 -23.21 41.50 -3.79
N THR D 114 -22.24 42.11 -3.12
CA THR D 114 -21.10 41.44 -2.48
C THR D 114 -20.40 42.46 -1.60
N GLN D 115 -19.54 41.97 -0.72
CA GLN D 115 -18.72 42.85 0.09
C GLN D 115 -17.67 43.53 -0.78
N SER D 116 -17.44 44.82 -0.51
CA SER D 116 -16.51 45.63 -1.30
C SER D 116 -15.51 46.31 -0.38
N LEU D 117 -14.26 46.35 -0.83
CA LEU D 117 -13.15 46.85 -0.02
C LEU D 117 -12.87 48.32 -0.35
N LEU D 118 -12.43 49.06 0.67
CA LEU D 118 -12.09 50.46 0.51
C LEU D 118 -10.99 50.82 1.51
N ILE D 119 -10.01 51.59 1.03
CA ILE D 119 -8.85 52.01 1.81
C ILE D 119 -8.70 53.52 1.61
N VAL D 120 -9.12 54.30 2.60
CA VAL D 120 -9.09 55.74 2.43
C VAL D 120 -8.11 56.36 3.43
N ASN D 121 -7.55 57.50 3.06
CA ASN D 121 -6.59 58.24 3.87
C ASN D 121 -7.12 59.64 4.09
N ASN D 122 -7.24 60.05 5.35
CA ASN D 122 -7.70 61.40 5.68
C ASN D 122 -6.88 61.94 6.83
N ALA D 123 -6.54 63.23 6.74
CA ALA D 123 -5.77 63.97 7.74
C ALA D 123 -4.46 63.26 8.10
N THR D 124 -4.47 62.51 9.20
CA THR D 124 -3.32 61.75 9.65
C THR D 124 -3.74 60.35 10.10
N ASN D 125 -4.66 59.74 9.36
CA ASN D 125 -5.16 58.41 9.69
C ASN D 125 -5.71 57.76 8.44
N VAL D 126 -5.88 56.44 8.52
CA VAL D 126 -6.40 55.64 7.41
C VAL D 126 -7.59 54.83 7.90
N VAL D 127 -8.50 54.53 6.99
CA VAL D 127 -9.71 53.77 7.28
C VAL D 127 -9.79 52.60 6.30
N ILE D 128 -9.94 51.40 6.84
CA ILE D 128 -10.13 50.18 6.08
C ILE D 128 -11.58 49.77 6.26
N LYS D 129 -12.28 49.50 5.17
CA LYS D 129 -13.70 49.21 5.25
C LYS D 129 -14.08 48.12 4.25
N VAL D 130 -14.94 47.20 4.67
CA VAL D 130 -15.62 46.31 3.72
C VAL D 130 -17.14 46.44 3.91
N CYS D 131 -17.81 46.91 2.86
CA CYS D 131 -19.26 47.06 2.85
C CYS D 131 -19.78 46.91 1.43
N GLU D 132 -21.07 46.65 1.32
CA GLU D 132 -21.76 46.62 0.03
C GLU D 132 -22.39 47.99 -0.26
N PHE D 133 -21.54 49.01 -0.27
CA PHE D 133 -21.98 50.38 -0.48
C PHE D 133 -22.38 50.59 -1.94
N GLN D 134 -23.24 51.58 -2.16
CA GLN D 134 -23.61 52.00 -3.51
C GLN D 134 -22.55 52.96 -4.04
N PHE D 135 -21.88 52.56 -5.11
CA PHE D 135 -20.75 53.32 -5.65
C PHE D 135 -21.18 54.14 -6.86
N CYS D 136 -20.63 55.35 -6.96
CA CYS D 136 -20.89 56.22 -8.09
C CYS D 136 -19.90 55.92 -9.22
N ASN D 137 -20.01 56.68 -10.31
CA ASN D 137 -19.09 56.50 -11.43
C ASN D 137 -17.68 56.96 -11.07
N ASP D 138 -17.55 58.16 -10.51
CA ASP D 138 -16.27 58.68 -10.03
C ASP D 138 -16.45 59.33 -8.66
N PRO D 139 -16.66 58.53 -7.62
CA PRO D 139 -16.88 59.10 -6.30
C PRO D 139 -15.57 59.47 -5.61
N PHE D 140 -15.67 60.42 -4.68
CA PHE D 140 -14.53 60.84 -3.88
C PHE D 140 -15.01 61.47 -2.58
N ASN D 164 -26.27 47.74 3.64
CA ASN D 164 -24.86 47.97 3.93
C ASN D 164 -24.07 46.67 3.92
N ASN D 165 -24.45 45.76 4.83
CA ASN D 165 -23.82 44.44 4.99
C ASN D 165 -22.32 44.58 5.24
N CYS D 166 -21.98 45.26 6.33
CA CYS D 166 -20.61 45.57 6.69
C CYS D 166 -20.11 44.55 7.69
N THR D 167 -18.91 44.01 7.45
CA THR D 167 -18.33 42.99 8.31
C THR D 167 -17.03 43.39 8.99
N PHE D 168 -16.26 44.32 8.42
CA PHE D 168 -15.00 44.71 9.02
C PHE D 168 -14.69 46.16 8.68
N GLU D 169 -14.60 46.99 9.71
CA GLU D 169 -14.14 48.37 9.62
C GLU D 169 -13.05 48.59 10.65
N TYR D 170 -12.04 49.35 10.28
CA TYR D 170 -10.86 49.50 11.13
C TYR D 170 -10.18 50.82 10.83
N VAL D 171 -9.61 51.43 11.87
CA VAL D 171 -8.83 52.66 11.75
C VAL D 171 -7.45 52.41 12.35
N SER D 172 -6.41 52.67 11.57
CA SER D 172 -5.04 52.50 12.04
C SER D 172 -4.43 53.83 12.46
N PHE D 186 8.15 65.42 -8.72
CA PHE D 186 7.38 64.67 -7.72
C PHE D 186 8.26 64.33 -6.52
N LYS D 187 7.85 64.81 -5.34
CA LYS D 187 8.68 64.69 -4.15
C LYS D 187 8.66 63.27 -3.58
N ASN D 188 7.56 62.54 -3.73
CA ASN D 188 7.41 61.23 -3.11
C ASN D 188 7.35 60.15 -4.17
N LEU D 189 7.56 58.91 -3.73
CA LEU D 189 7.38 57.73 -4.57
C LEU D 189 6.96 56.59 -3.65
N ARG D 190 5.72 56.15 -3.78
CA ARG D 190 5.16 55.11 -2.92
C ARG D 190 4.90 53.87 -3.75
N GLU D 191 5.45 52.73 -3.32
CA GLU D 191 5.26 51.46 -4.01
C GLU D 191 4.41 50.55 -3.14
N PHE D 192 3.42 49.90 -3.77
CA PHE D 192 2.57 48.94 -3.09
C PHE D 192 2.43 47.71 -3.96
N VAL D 193 2.42 46.54 -3.34
CA VAL D 193 2.16 45.28 -4.02
C VAL D 193 0.96 44.63 -3.35
N PHE D 194 -0.06 44.33 -4.14
CA PHE D 194 -1.27 43.66 -3.67
C PHE D 194 -1.39 42.30 -4.34
N LYS D 195 -1.65 41.28 -3.55
CA LYS D 195 -1.81 39.93 -4.07
C LYS D 195 -2.77 39.16 -3.15
N ASN D 196 -2.92 37.87 -3.41
CA ASN D 196 -3.81 37.03 -2.62
C ASN D 196 -3.20 35.65 -2.38
N TYR D 200 -4.86 34.99 1.69
CA TYR D 200 -6.04 35.83 1.92
C TYR D 200 -5.86 37.17 1.22
N PHE D 201 -5.62 38.23 1.99
CA PHE D 201 -5.28 39.53 1.44
C PHE D 201 -3.99 40.03 2.06
N LYS D 202 -3.03 40.38 1.23
CA LYS D 202 -1.73 40.83 1.69
C LYS D 202 -1.35 42.14 1.01
N ILE D 203 -0.66 43.00 1.75
CA ILE D 203 -0.26 44.31 1.26
C ILE D 203 1.21 44.51 1.61
N TYR D 204 2.02 44.86 0.62
CA TYR D 204 3.42 45.23 0.84
C TYR D 204 3.62 46.67 0.40
N SER D 205 4.41 47.42 1.16
CA SER D 205 4.49 48.86 0.91
C SER D 205 5.89 49.39 1.20
N LYS D 206 6.24 50.47 0.54
CA LYS D 206 7.46 51.22 0.83
C LYS D 206 7.31 52.65 0.32
N HIS D 207 7.98 53.57 1.00
CA HIS D 207 8.02 54.98 0.63
C HIS D 207 9.46 55.39 0.37
N THR D 208 9.67 56.28 -0.62
CA THR D 208 11.00 56.75 -0.96
C THR D 208 10.90 58.15 -1.55
N PRO D 209 11.66 59.13 -1.04
CA PRO D 209 11.65 60.47 -1.63
C PRO D 209 12.48 60.53 -2.91
N ILE D 210 11.89 61.09 -3.96
CA ILE D 210 12.55 61.30 -5.24
C ILE D 210 12.30 62.74 -5.68
N ASN D 211 12.86 63.10 -6.84
CA ASN D 211 12.58 64.39 -7.45
C ASN D 211 12.98 64.38 -8.93
N LEU D 212 12.18 65.06 -9.74
CA LEU D 212 12.51 65.42 -11.13
C LEU D 212 12.80 64.19 -11.99
N VAL D 213 11.78 63.35 -12.16
CA VAL D 213 11.87 62.20 -13.05
C VAL D 213 10.47 61.89 -13.57
N ARG D 214 10.39 61.38 -14.79
CA ARG D 214 9.11 61.06 -15.42
C ARG D 214 8.79 59.57 -15.39
N ASP D 215 9.80 58.71 -15.36
CA ASP D 215 9.59 57.27 -15.25
C ASP D 215 10.11 56.78 -13.91
N LEU D 216 10.06 55.46 -13.72
CA LEU D 216 10.59 54.87 -12.50
C LEU D 216 12.11 54.95 -12.52
N PRO D 217 12.74 55.48 -11.47
CA PRO D 217 14.21 55.58 -11.46
C PRO D 217 14.86 54.21 -11.40
N GLN D 218 16.09 54.15 -11.94
CA GLN D 218 16.85 52.90 -12.02
C GLN D 218 17.53 52.63 -10.67
N GLY D 219 16.70 52.32 -9.67
CA GLY D 219 17.18 51.99 -8.36
C GLY D 219 16.55 50.69 -7.86
N PHE D 220 17.16 50.12 -6.82
CA PHE D 220 16.71 48.87 -6.25
C PHE D 220 16.35 49.05 -4.78
N SER D 221 15.22 48.48 -4.38
CA SER D 221 14.79 48.50 -2.99
C SER D 221 13.90 47.30 -2.73
N ALA D 222 13.83 46.90 -1.46
CA ALA D 222 12.98 45.81 -1.04
C ALA D 222 11.55 46.33 -0.82
N LEU D 223 10.68 45.50 -0.26
CA LEU D 223 9.32 45.92 0.05
C LEU D 223 8.89 45.21 1.33
N GLU D 224 9.02 45.91 2.46
CA GLU D 224 8.65 45.34 3.74
C GLU D 224 7.13 45.19 3.85
N PRO D 225 6.67 44.08 4.44
CA PRO D 225 5.22 43.91 4.64
C PRO D 225 4.67 44.91 5.65
N LEU D 226 3.41 45.28 5.45
CA LEU D 226 2.75 46.27 6.30
C LEU D 226 1.60 45.67 7.11
N VAL D 227 0.61 45.08 6.46
CA VAL D 227 -0.58 44.55 7.12
C VAL D 227 -0.90 43.17 6.55
N ASP D 228 -1.99 42.59 7.02
CA ASP D 228 -2.48 41.30 6.54
C ASP D 228 -3.98 41.25 6.80
N LEU D 229 -4.77 41.33 5.74
CA LEU D 229 -6.23 41.33 5.86
C LEU D 229 -6.74 39.90 5.63
N PRO D 230 -7.33 39.27 6.64
CA PRO D 230 -7.81 37.90 6.49
C PRO D 230 -9.25 37.83 6.01
N ILE D 231 -9.76 38.93 5.45
CA ILE D 231 -11.17 39.03 5.09
C ILE D 231 -11.53 38.06 3.97
N GLY D 232 -10.65 37.88 3.00
CA GLY D 232 -10.89 36.95 1.90
C GLY D 232 -12.04 37.36 0.99
N ILE D 233 -12.08 38.63 0.61
CA ILE D 233 -13.13 39.14 -0.27
C ILE D 233 -12.87 38.67 -1.69
N ASN D 234 -13.91 38.17 -2.35
CA ASN D 234 -13.81 37.75 -3.75
C ASN D 234 -13.62 38.98 -4.63
N ILE D 235 -12.40 39.16 -5.14
CA ILE D 235 -12.03 40.35 -5.88
C ILE D 235 -11.55 39.94 -7.27
N THR D 236 -12.13 40.54 -8.32
CA THR D 236 -11.72 40.32 -9.69
C THR D 236 -11.43 41.61 -10.45
N ARG D 237 -11.67 42.78 -9.85
CA ARG D 237 -11.54 44.05 -10.54
C ARG D 237 -11.41 45.16 -9.52
N PHE D 238 -10.52 46.12 -9.79
CA PHE D 238 -10.27 47.20 -8.86
C PHE D 238 -10.20 48.52 -9.63
N GLN D 239 -10.46 49.62 -8.92
CA GLN D 239 -10.45 50.93 -9.57
C GLN D 239 -9.68 51.93 -8.72
N THR D 240 -9.17 52.95 -9.41
CA THR D 240 -8.47 54.07 -8.79
C THR D 240 -9.04 55.36 -9.33
N LEU D 241 -9.51 56.24 -8.44
CA LEU D 241 -10.09 57.50 -8.88
C LEU D 241 -9.41 58.68 -8.21
N LEU D 242 -9.97 59.88 -8.38
CA LEU D 242 -9.41 61.08 -7.77
C LEU D 242 -9.79 61.19 -6.29
N ALA D 263 0.06 64.64 -10.38
CA ALA D 263 0.11 63.29 -9.84
C ALA D 263 0.20 62.26 -10.97
N ALA D 264 0.91 61.16 -10.70
CA ALA D 264 1.05 60.09 -11.68
C ALA D 264 1.06 58.75 -10.95
N TYR D 265 0.68 57.70 -11.67
CA TYR D 265 0.69 56.37 -11.08
C TYR D 265 0.84 55.32 -12.17
N TYR D 266 1.53 54.24 -11.83
CA TYR D 266 1.84 53.15 -12.73
C TYR D 266 1.23 51.86 -12.19
N VAL D 267 0.72 51.03 -13.10
CA VAL D 267 0.06 49.78 -12.76
C VAL D 267 0.68 48.67 -13.61
N GLY D 268 1.14 47.61 -12.95
CA GLY D 268 1.65 46.44 -13.66
C GLY D 268 0.91 45.17 -13.30
N TYR D 269 1.54 44.02 -13.49
CA TYR D 269 0.92 42.75 -13.16
C TYR D 269 2.00 41.78 -12.70
N LEU D 270 1.57 40.72 -12.02
CA LEU D 270 2.46 39.75 -11.40
C LEU D 270 2.35 38.40 -12.09
N GLN D 271 3.48 37.71 -12.19
CA GLN D 271 3.55 36.39 -12.81
C GLN D 271 4.35 35.44 -11.92
N PRO D 272 4.02 34.14 -11.94
CA PRO D 272 4.77 33.16 -11.11
C PRO D 272 6.05 32.64 -11.75
N ARG D 273 7.14 33.40 -11.58
CA ARG D 273 8.44 33.03 -12.11
C ARG D 273 9.46 32.95 -10.99
N THR D 274 10.42 32.04 -11.14
CA THR D 274 11.42 31.79 -10.10
C THR D 274 12.42 32.94 -10.02
N PHE D 275 12.67 33.43 -8.81
CA PHE D 275 13.62 34.49 -8.57
C PHE D 275 14.75 34.00 -7.69
N LEU D 276 15.88 34.70 -7.72
CA LEU D 276 17.00 34.44 -6.85
C LEU D 276 17.31 35.72 -6.09
N LEU D 277 17.45 35.62 -4.78
CA LEU D 277 17.63 36.79 -3.92
C LEU D 277 18.98 36.75 -3.22
N LYS D 278 19.53 37.92 -2.94
CA LYS D 278 20.80 38.04 -2.23
C LYS D 278 20.58 38.81 -0.94
N TYR D 279 20.73 38.12 0.19
CA TYR D 279 20.62 38.75 1.50
C TYR D 279 21.98 39.31 1.93
N ASN D 280 21.94 40.18 2.94
CA ASN D 280 23.13 40.84 3.46
C ASN D 280 23.32 40.46 4.93
N GLU D 281 24.24 41.18 5.59
CA GLU D 281 24.57 40.87 6.98
C GLU D 281 23.41 41.18 7.92
N ASN D 282 22.54 42.12 7.56
CA ASN D 282 21.44 42.51 8.43
C ASN D 282 20.11 41.85 8.04
N GLY D 283 20.04 41.19 6.88
CA GLY D 283 18.81 40.58 6.45
C GLY D 283 17.93 41.52 5.64
N THR D 284 18.52 42.17 4.65
CA THR D 284 17.81 43.05 3.74
C THR D 284 18.12 42.65 2.32
N ILE D 285 17.09 42.56 1.47
CA ILE D 285 17.29 42.14 0.09
C ILE D 285 17.95 43.27 -0.68
N THR D 286 19.13 42.99 -1.24
CA THR D 286 19.89 44.00 -1.96
C THR D 286 20.01 43.73 -3.46
N ASP D 287 19.73 42.52 -3.93
CA ASP D 287 19.83 42.22 -5.35
C ASP D 287 19.02 40.98 -5.67
N ALA D 288 18.38 40.98 -6.84
CA ALA D 288 17.56 39.87 -7.30
C ALA D 288 17.86 39.59 -8.77
N VAL D 289 17.77 38.31 -9.13
CA VAL D 289 18.05 37.84 -10.48
C VAL D 289 16.90 36.96 -10.94
N ASP D 290 16.35 37.27 -12.12
CA ASP D 290 15.33 36.45 -12.74
C ASP D 290 15.95 35.18 -13.32
N CYS D 291 15.15 34.12 -13.43
CA CYS D 291 15.67 32.86 -13.95
C CYS D 291 15.31 32.60 -15.41
N ALA D 292 14.27 33.25 -15.94
CA ALA D 292 13.79 32.97 -17.29
C ALA D 292 13.83 34.21 -18.18
N LEU D 293 14.70 35.17 -17.87
CA LEU D 293 14.77 36.39 -18.67
C LEU D 293 15.65 36.18 -19.91
N ASP D 294 16.92 35.90 -19.71
CA ASP D 294 17.89 35.67 -20.78
C ASP D 294 18.80 34.53 -20.36
N PRO D 295 19.47 33.86 -21.32
CA PRO D 295 20.25 32.66 -20.97
C PRO D 295 21.37 32.88 -19.96
N LEU D 296 21.95 34.08 -19.88
CA LEU D 296 22.94 34.34 -18.84
C LEU D 296 22.32 34.25 -17.45
N SER D 297 21.13 34.83 -17.27
CA SER D 297 20.45 34.73 -16.00
C SER D 297 19.98 33.30 -15.73
N GLU D 298 19.66 32.56 -16.80
CA GLU D 298 19.35 31.14 -16.64
C GLU D 298 20.56 30.36 -16.13
N THR D 299 21.76 30.69 -16.62
CA THR D 299 22.97 30.09 -16.09
C THR D 299 23.20 30.51 -14.64
N LYS D 300 22.98 31.79 -14.33
CA LYS D 300 23.17 32.31 -12.98
C LYS D 300 22.19 31.69 -11.98
N CYS D 301 21.02 31.26 -12.43
CA CYS D 301 20.09 30.57 -11.55
C CYS D 301 20.47 29.11 -11.32
N THR D 302 21.37 28.55 -12.14
CA THR D 302 21.82 27.18 -11.96
C THR D 302 23.00 27.12 -11.01
N LEU D 303 24.10 27.79 -11.34
CA LEU D 303 25.20 27.98 -10.41
C LEU D 303 24.83 29.12 -9.47
N LYS D 304 24.52 28.77 -8.22
CA LYS D 304 23.91 29.72 -7.28
C LYS D 304 24.94 30.74 -6.85
N SER D 305 25.13 31.75 -7.71
CA SER D 305 26.09 32.83 -7.47
C SER D 305 25.73 33.99 -8.39
N PHE D 306 26.46 35.09 -8.23
CA PHE D 306 26.33 36.24 -9.11
C PHE D 306 27.49 36.38 -10.08
N THR D 307 28.55 35.60 -9.92
CA THR D 307 29.69 35.61 -10.82
C THR D 307 29.85 34.21 -11.40
N VAL D 308 30.06 34.14 -12.71
CA VAL D 308 30.15 32.88 -13.43
C VAL D 308 31.51 32.83 -14.13
N GLU D 309 32.28 31.78 -13.84
CA GLU D 309 33.59 31.63 -14.44
C GLU D 309 33.47 31.21 -15.92
N LYS D 310 34.56 31.42 -16.65
CA LYS D 310 34.58 31.13 -18.07
C LYS D 310 34.55 29.63 -18.33
N GLY D 311 33.66 29.19 -19.20
CA GLY D 311 33.55 27.77 -19.51
C GLY D 311 32.27 27.46 -20.25
N ILE D 312 31.78 26.23 -20.04
CA ILE D 312 30.55 25.74 -20.65
C ILE D 312 29.68 25.15 -19.55
N TYR D 313 28.38 25.44 -19.61
CA TYR D 313 27.44 25.01 -18.59
C TYR D 313 26.16 24.51 -19.23
N GLN D 314 25.48 23.60 -18.55
CA GLN D 314 24.24 23.01 -19.03
C GLN D 314 23.09 23.50 -18.17
N THR D 315 22.03 23.98 -18.82
CA THR D 315 20.92 24.63 -18.12
C THR D 315 19.62 23.83 -18.19
N SER D 316 19.13 23.52 -19.38
CA SER D 316 17.80 22.93 -19.51
C SER D 316 17.74 22.11 -20.79
N ASN D 317 16.54 21.66 -21.14
CA ASN D 317 16.30 20.79 -22.28
C ASN D 317 15.45 21.49 -23.33
N PHE D 318 15.70 21.16 -24.59
CA PHE D 318 14.95 21.69 -25.72
C PHE D 318 14.03 20.60 -26.26
N ARG D 319 12.77 20.94 -26.48
CA ARG D 319 11.77 19.95 -26.86
C ARG D 319 10.76 20.57 -27.82
N VAL D 320 10.30 19.78 -28.78
CA VAL D 320 9.28 20.19 -29.74
C VAL D 320 7.95 19.57 -29.36
N GLN D 321 6.88 20.39 -29.38
CA GLN D 321 5.54 20.01 -28.99
C GLN D 321 4.72 19.59 -30.22
N PRO D 322 3.80 18.65 -30.06
CA PRO D 322 2.97 18.22 -31.19
C PRO D 322 1.99 19.32 -31.62
N THR D 323 1.59 19.26 -32.89
CA THR D 323 0.71 20.25 -33.48
C THR D 323 -0.77 19.85 -33.45
N GLU D 324 -1.09 18.63 -33.86
CA GLU D 324 -2.47 18.18 -33.91
C GLU D 324 -2.51 16.66 -33.72
N SER D 325 -3.72 16.10 -33.87
CA SER D 325 -3.95 14.67 -33.70
C SER D 325 -4.67 14.12 -34.91
N ILE D 326 -4.23 12.96 -35.39
CA ILE D 326 -4.82 12.29 -36.53
C ILE D 326 -5.10 10.85 -36.16
N VAL D 327 -6.36 10.45 -36.21
CA VAL D 327 -6.78 9.07 -35.93
C VAL D 327 -7.40 8.52 -37.21
N ARG D 328 -6.84 7.41 -37.69
CA ARG D 328 -7.35 6.76 -38.89
C ARG D 328 -7.72 5.32 -38.54
N PHE D 329 -9.00 5.09 -38.30
CA PHE D 329 -9.53 3.75 -38.08
C PHE D 329 -9.62 3.01 -39.42
N PRO D 330 -9.80 1.69 -39.40
CA PRO D 330 -9.98 0.96 -40.66
C PRO D 330 -11.19 1.44 -41.46
N ASN D 331 -11.14 1.18 -42.77
CA ASN D 331 -12.21 1.63 -43.69
C ASN D 331 -13.58 1.19 -43.14
N ILE D 332 -14.66 1.80 -43.62
CA ILE D 332 -16.03 1.47 -43.10
C ILE D 332 -16.42 0.08 -43.63
N THR D 333 -17.50 -0.52 -43.09
CA THR D 333 -17.90 -1.90 -43.50
C THR D 333 -19.34 -2.19 -43.07
N ASN D 334 -19.67 -3.47 -42.88
CA ASN D 334 -21.04 -4.02 -43.08
C ASN D 334 -22.04 -3.30 -42.17
N LEU D 335 -23.06 -2.67 -42.77
CA LEU D 335 -24.04 -1.87 -41.98
C LEU D 335 -25.10 -2.79 -41.37
N CYS D 336 -25.93 -2.24 -40.49
CA CYS D 336 -27.04 -3.02 -39.89
C CYS D 336 -28.33 -2.65 -40.59
N PRO D 337 -29.20 -3.59 -41.02
CA PRO D 337 -30.40 -3.22 -41.81
C PRO D 337 -31.50 -2.62 -40.93
N PHE D 338 -31.22 -1.42 -40.40
CA PHE D 338 -32.24 -0.71 -39.64
C PHE D 338 -33.37 -0.22 -40.54
N GLY D 339 -33.03 0.25 -41.74
CA GLY D 339 -34.04 0.67 -42.70
C GLY D 339 -34.95 -0.44 -43.17
N GLU D 340 -34.49 -1.69 -43.08
CA GLU D 340 -35.37 -2.82 -43.35
C GLU D 340 -36.47 -2.92 -42.30
N VAL D 341 -36.15 -2.61 -41.05
CA VAL D 341 -37.12 -2.76 -39.97
C VAL D 341 -38.21 -1.70 -40.06
N PHE D 342 -37.81 -0.42 -40.18
CA PHE D 342 -38.80 0.66 -40.13
C PHE D 342 -39.61 0.75 -41.42
N ASN D 343 -38.99 0.50 -42.58
CA ASN D 343 -39.68 0.55 -43.85
C ASN D 343 -40.26 -0.80 -44.27
N ALA D 344 -40.59 -1.65 -43.30
CA ALA D 344 -41.19 -2.94 -43.60
C ALA D 344 -42.64 -2.77 -44.06
N THR D 345 -43.19 -3.85 -44.62
CA THR D 345 -44.56 -3.80 -45.15
C THR D 345 -45.58 -3.70 -44.03
N ARG D 346 -45.44 -4.53 -43.00
CA ARG D 346 -46.41 -4.57 -41.91
C ARG D 346 -45.72 -5.01 -40.64
N PHE D 347 -46.24 -4.57 -39.50
CA PHE D 347 -45.66 -4.85 -38.19
C PHE D 347 -46.57 -5.77 -37.39
N ALA D 348 -45.94 -6.65 -36.61
CA ALA D 348 -46.69 -7.58 -35.77
C ALA D 348 -47.31 -6.85 -34.58
N SER D 349 -48.26 -7.52 -33.94
CA SER D 349 -48.95 -6.95 -32.80
C SER D 349 -48.08 -7.05 -31.54
N VAL D 350 -48.64 -6.60 -30.41
CA VAL D 350 -47.90 -6.59 -29.17
C VAL D 350 -47.98 -7.93 -28.43
N TYR D 351 -48.99 -8.76 -28.73
CA TYR D 351 -49.04 -10.09 -28.10
C TYR D 351 -48.03 -11.03 -28.75
N ALA D 352 -47.74 -10.82 -30.04
CA ALA D 352 -46.81 -11.64 -30.79
C ALA D 352 -45.66 -10.79 -31.29
N TRP D 353 -45.08 -10.00 -30.38
CA TRP D 353 -44.01 -9.07 -30.71
C TRP D 353 -42.82 -9.79 -31.32
N ASN D 354 -42.40 -9.35 -32.50
CA ASN D 354 -41.30 -10.00 -33.20
C ASN D 354 -39.97 -9.66 -32.55
N ARG D 355 -39.13 -10.68 -32.38
CA ARG D 355 -37.79 -10.51 -31.85
C ARG D 355 -36.79 -10.95 -32.91
N LYS D 356 -35.84 -10.07 -33.23
CA LYS D 356 -34.83 -10.33 -34.24
C LYS D 356 -33.45 -10.10 -33.63
N ARG D 357 -32.55 -11.03 -33.83
CA ARG D 357 -31.17 -10.90 -33.35
C ARG D 357 -30.32 -10.23 -34.41
N ILE D 358 -29.68 -9.13 -34.03
CA ILE D 358 -28.80 -8.37 -34.92
C ILE D 358 -27.36 -8.60 -34.46
N SER D 359 -26.52 -9.07 -35.37
CA SER D 359 -25.13 -9.35 -35.03
C SER D 359 -24.25 -9.11 -36.25
N ASN D 360 -23.00 -8.73 -35.98
CA ASN D 360 -21.94 -8.56 -36.98
C ASN D 360 -22.31 -7.53 -38.06
N CYS D 361 -22.49 -6.29 -37.61
CA CYS D 361 -22.66 -5.16 -38.52
C CYS D 361 -22.33 -3.89 -37.76
N VAL D 362 -22.34 -2.77 -38.49
CA VAL D 362 -22.10 -1.45 -37.91
C VAL D 362 -23.38 -0.62 -38.02
N ALA D 363 -23.73 0.07 -36.95
CA ALA D 363 -24.97 0.82 -36.87
C ALA D 363 -24.70 2.27 -36.50
N ASP D 364 -25.33 3.18 -37.24
CA ASP D 364 -25.20 4.62 -36.99
C ASP D 364 -26.42 5.04 -36.16
N TYR D 365 -26.23 5.06 -34.84
CA TYR D 365 -27.36 5.25 -33.92
C TYR D 365 -27.85 6.70 -33.90
N SER D 366 -26.92 7.66 -33.91
CA SER D 366 -27.30 9.07 -33.79
C SER D 366 -27.98 9.62 -35.02
N VAL D 367 -27.91 8.91 -36.16
CA VAL D 367 -28.65 9.35 -37.35
C VAL D 367 -30.15 9.26 -37.09
N LEU D 368 -30.59 8.22 -36.38
CA LEU D 368 -32.00 8.10 -36.01
C LEU D 368 -32.42 9.22 -35.06
N TYR D 369 -31.53 9.63 -34.16
CA TYR D 369 -31.85 10.73 -33.26
C TYR D 369 -31.87 12.06 -34.01
N ASN D 370 -30.96 12.23 -34.97
CA ASN D 370 -30.91 13.44 -35.79
C ASN D 370 -31.76 13.29 -37.05
N SER D 371 -33.02 12.90 -36.86
CA SER D 371 -33.96 12.75 -37.97
C SER D 371 -35.22 13.57 -37.70
N ALA D 372 -35.57 13.69 -36.41
CA ALA D 372 -36.70 14.48 -35.91
C ALA D 372 -38.04 14.03 -36.49
N SER D 373 -38.14 12.76 -36.91
CA SER D 373 -39.40 12.21 -37.40
C SER D 373 -39.94 11.11 -36.50
N PHE D 374 -39.08 10.40 -35.79
CA PHE D 374 -39.50 9.35 -34.85
C PHE D 374 -39.40 9.97 -33.47
N SER D 375 -40.44 10.69 -33.07
CA SER D 375 -40.36 11.60 -31.92
C SER D 375 -40.82 10.96 -30.61
N THR D 376 -40.30 9.78 -30.27
CA THR D 376 -40.46 9.26 -28.91
C THR D 376 -39.12 9.09 -28.22
N PHE D 377 -38.23 8.25 -28.76
CA PHE D 377 -36.83 8.05 -28.39
C PHE D 377 -36.59 7.94 -26.88
N LYS D 378 -37.08 6.86 -26.27
CA LYS D 378 -36.86 6.60 -24.86
C LYS D 378 -35.73 5.59 -24.71
N CYS D 379 -34.65 6.00 -24.04
CA CYS D 379 -33.47 5.16 -23.86
C CYS D 379 -33.11 5.04 -22.39
N TYR D 380 -32.67 3.85 -22.00
CA TYR D 380 -32.16 3.56 -20.66
C TYR D 380 -30.72 3.10 -20.75
N GLY D 381 -29.96 3.41 -19.70
CA GLY D 381 -28.64 2.84 -19.54
C GLY D 381 -27.48 3.74 -19.90
N VAL D 382 -27.59 4.46 -21.02
CA VAL D 382 -26.46 5.22 -21.57
C VAL D 382 -27.02 6.25 -22.54
N SER D 383 -26.29 7.36 -22.70
CA SER D 383 -26.70 8.45 -23.57
C SER D 383 -26.70 8.01 -25.04
N PRO D 384 -27.59 8.59 -25.86
CA PRO D 384 -27.62 8.23 -27.29
C PRO D 384 -26.33 8.50 -28.03
N THR D 385 -25.60 9.56 -27.67
CA THR D 385 -24.31 9.82 -28.32
C THR D 385 -23.26 8.81 -27.91
N LYS D 386 -23.29 8.36 -26.65
CA LYS D 386 -22.28 7.40 -26.18
C LYS D 386 -22.53 6.00 -26.71
N LEU D 387 -23.81 5.60 -26.84
CA LEU D 387 -24.10 4.27 -27.38
C LEU D 387 -23.83 4.19 -28.87
N ASN D 388 -23.77 5.32 -29.57
CA ASN D 388 -23.32 5.32 -30.95
C ASN D 388 -21.87 4.87 -31.03
N ASP D 389 -21.01 5.41 -30.17
CA ASP D 389 -19.61 4.98 -30.09
C ASP D 389 -19.43 3.95 -28.98
N LEU D 390 -20.18 2.85 -29.10
CA LEU D 390 -20.12 1.78 -28.12
C LEU D 390 -20.39 0.45 -28.81
N CYS D 391 -19.67 -0.58 -28.39
CA CYS D 391 -19.73 -1.90 -29.01
C CYS D 391 -20.50 -2.85 -28.12
N PHE D 392 -21.26 -3.76 -28.75
CA PHE D 392 -22.06 -4.72 -28.00
C PHE D 392 -22.07 -6.07 -28.72
N THR D 393 -22.34 -7.12 -27.96
CA THR D 393 -22.32 -8.47 -28.51
C THR D 393 -23.53 -8.71 -29.40
N ASN D 394 -24.73 -8.34 -28.95
CA ASN D 394 -25.95 -8.62 -29.69
C ASN D 394 -26.93 -7.47 -29.53
N VAL D 395 -27.81 -7.34 -30.51
CA VAL D 395 -28.89 -6.36 -30.51
C VAL D 395 -30.19 -7.08 -30.83
N TYR D 396 -31.21 -6.87 -29.98
CA TYR D 396 -32.52 -7.47 -30.18
C TYR D 396 -33.54 -6.37 -30.41
N ALA D 397 -34.33 -6.51 -31.47
CA ALA D 397 -35.33 -5.52 -31.86
C ALA D 397 -36.73 -6.08 -31.61
N ASP D 398 -37.57 -5.28 -30.97
CA ASP D 398 -38.95 -5.68 -30.64
C ASP D 398 -39.89 -4.70 -31.33
N SER D 399 -40.51 -5.13 -32.43
CA SER D 399 -41.37 -4.30 -33.24
C SER D 399 -42.83 -4.62 -32.95
N PHE D 400 -43.60 -3.58 -32.60
CA PHE D 400 -45.02 -3.72 -32.29
C PHE D 400 -45.67 -2.35 -32.37
N VAL D 401 -47.00 -2.35 -32.33
CA VAL D 401 -47.81 -1.14 -32.41
C VAL D 401 -48.72 -1.08 -31.20
N ILE D 402 -48.81 0.10 -30.58
CA ILE D 402 -49.69 0.36 -29.45
C ILE D 402 -50.49 1.63 -29.71
N ARG D 403 -51.31 2.00 -28.73
CA ARG D 403 -52.02 3.28 -28.72
C ARG D 403 -51.05 4.42 -28.40
N GLY D 404 -51.60 5.63 -28.35
CA GLY D 404 -50.85 6.77 -27.85
C GLY D 404 -50.87 6.93 -26.34
N ASP D 405 -51.67 6.12 -25.64
CA ASP D 405 -51.79 6.20 -24.19
C ASP D 405 -51.12 5.05 -23.46
N GLU D 406 -50.75 3.97 -24.16
CA GLU D 406 -50.09 2.83 -23.54
C GLU D 406 -48.57 2.98 -23.53
N VAL D 407 -48.05 4.20 -23.72
CA VAL D 407 -46.62 4.43 -23.61
C VAL D 407 -46.14 4.20 -22.18
N ARG D 408 -46.97 4.54 -21.19
CA ARG D 408 -46.62 4.32 -19.79
C ARG D 408 -46.52 2.82 -19.48
N GLN D 409 -47.27 1.98 -20.18
CA GLN D 409 -47.17 0.55 -19.98
C GLN D 409 -45.81 0.01 -20.44
N ILE D 410 -45.19 0.65 -21.41
CA ILE D 410 -43.83 0.26 -21.85
C ILE D 410 -42.87 1.03 -20.95
N ALA D 411 -42.64 0.48 -19.75
CA ALA D 411 -41.77 1.03 -18.73
C ALA D 411 -41.52 -0.03 -17.66
N PRO D 412 -40.27 -0.22 -17.23
CA PRO D 412 -40.02 -1.17 -16.13
C PRO D 412 -40.59 -0.69 -14.82
N GLY D 413 -41.12 -1.62 -14.04
CA GLY D 413 -41.76 -1.31 -12.78
C GLY D 413 -43.19 -0.82 -12.91
N GLN D 414 -43.75 -0.76 -14.12
CA GLN D 414 -45.10 -0.29 -14.35
C GLN D 414 -45.96 -1.44 -14.87
N THR D 415 -47.19 -1.51 -14.36
CA THR D 415 -48.12 -2.58 -14.70
C THR D 415 -49.03 -2.16 -15.85
N GLY D 416 -49.92 -3.06 -16.24
CA GLY D 416 -50.84 -2.81 -17.33
C GLY D 416 -51.05 -4.03 -18.20
N LYS D 417 -52.10 -3.99 -19.05
CA LYS D 417 -52.38 -5.11 -19.94
C LYS D 417 -51.27 -5.30 -20.97
N ILE D 418 -50.75 -4.21 -21.52
CA ILE D 418 -49.59 -4.32 -22.40
C ILE D 418 -48.35 -4.71 -21.60
N ALA D 419 -48.23 -4.21 -20.37
CA ALA D 419 -47.03 -4.45 -19.58
C ALA D 419 -47.01 -5.87 -19.02
N ASP D 420 -48.14 -6.36 -18.50
CA ASP D 420 -48.13 -7.62 -17.77
C ASP D 420 -48.63 -8.80 -18.60
N TYR D 421 -49.38 -8.57 -19.67
CA TYR D 421 -49.96 -9.67 -20.45
C TYR D 421 -49.42 -9.76 -21.87
N ASN D 422 -48.71 -8.74 -22.36
CA ASN D 422 -48.19 -8.76 -23.73
C ASN D 422 -46.67 -8.74 -23.77
N TYR D 423 -46.03 -7.82 -23.05
CA TYR D 423 -44.58 -7.72 -23.05
C TYR D 423 -44.14 -7.02 -21.78
N LYS D 424 -43.26 -7.67 -21.01
CA LYS D 424 -42.81 -7.16 -19.72
C LYS D 424 -41.39 -6.64 -19.84
N LEU D 425 -41.15 -5.46 -19.28
CA LEU D 425 -39.84 -4.82 -19.35
C LEU D 425 -39.08 -5.09 -18.05
N PRO D 426 -37.90 -5.71 -18.09
CA PRO D 426 -37.12 -5.89 -16.88
C PRO D 426 -36.58 -4.57 -16.35
N ASP D 427 -36.33 -4.54 -15.03
CA ASP D 427 -35.77 -3.35 -14.40
C ASP D 427 -34.36 -3.08 -14.88
N ASP D 428 -33.56 -4.14 -15.06
CA ASP D 428 -32.18 -4.00 -15.55
C ASP D 428 -32.20 -3.93 -17.08
N PHE D 429 -32.69 -2.80 -17.58
CA PHE D 429 -32.83 -2.55 -19.01
C PHE D 429 -31.86 -1.47 -19.43
N THR D 430 -31.06 -1.75 -20.46
CA THR D 430 -30.07 -0.82 -20.99
C THR D 430 -30.26 -0.58 -22.48
N GLY D 431 -31.52 -0.57 -22.94
CA GLY D 431 -31.83 -0.43 -24.34
C GLY D 431 -32.56 0.86 -24.65
N CYS D 432 -33.14 0.90 -25.85
CA CYS D 432 -33.83 2.09 -26.34
C CYS D 432 -35.19 1.72 -26.89
N VAL D 433 -36.13 2.65 -26.79
CA VAL D 433 -37.48 2.53 -27.32
C VAL D 433 -37.72 3.71 -28.25
N ILE D 434 -38.14 3.41 -29.49
CA ILE D 434 -38.40 4.44 -30.50
C ILE D 434 -39.81 4.24 -31.04
N ALA D 435 -40.50 5.36 -31.30
CA ALA D 435 -41.87 5.31 -31.79
C ALA D 435 -42.19 6.61 -32.53
N TRP D 436 -43.27 6.58 -33.29
CA TRP D 436 -43.72 7.72 -34.07
C TRP D 436 -45.20 7.51 -34.40
N ASN D 437 -45.79 8.53 -35.04
CA ASN D 437 -47.19 8.51 -35.41
C ASN D 437 -47.34 7.94 -36.82
N SER D 438 -48.27 7.02 -36.99
CA SER D 438 -48.42 6.26 -38.23
C SER D 438 -49.88 6.22 -38.67
N ASN D 439 -50.54 7.39 -38.68
CA ASN D 439 -51.91 7.47 -39.18
C ASN D 439 -52.00 7.34 -40.69
N ASN D 440 -50.86 7.39 -41.38
CA ASN D 440 -50.86 7.35 -42.84
C ASN D 440 -51.26 5.98 -43.38
N LEU D 441 -50.66 4.90 -42.87
CA LEU D 441 -50.95 3.57 -43.36
C LEU D 441 -51.34 2.56 -42.30
N ASP D 442 -51.35 2.92 -41.02
CA ASP D 442 -51.84 2.01 -39.98
C ASP D 442 -53.25 2.36 -39.53
N SER D 443 -53.57 3.64 -39.43
CA SER D 443 -54.93 4.08 -39.14
C SER D 443 -55.70 4.24 -40.46
N LYS D 444 -56.83 3.54 -40.57
CA LYS D 444 -57.58 3.51 -41.81
C LYS D 444 -59.06 3.75 -41.53
N VAL D 445 -59.76 4.21 -42.57
CA VAL D 445 -61.16 4.58 -42.44
C VAL D 445 -62.01 3.33 -42.27
N GLY D 446 -62.94 3.38 -41.31
CA GLY D 446 -63.84 2.29 -41.04
C GLY D 446 -63.51 1.47 -39.81
N GLY D 447 -62.33 1.67 -39.22
CA GLY D 447 -61.96 0.94 -38.03
C GLY D 447 -60.91 -0.11 -38.28
N ASN D 448 -59.65 0.19 -37.96
CA ASN D 448 -58.56 -0.77 -38.11
C ASN D 448 -58.62 -1.75 -36.94
N TYR D 449 -59.16 -2.93 -37.19
CA TYR D 449 -59.28 -3.97 -36.17
C TYR D 449 -58.25 -5.07 -36.36
N ASN D 450 -57.15 -4.78 -37.06
CA ASN D 450 -56.19 -5.81 -37.43
C ASN D 450 -55.29 -6.22 -36.27
N TYR D 451 -54.96 -5.31 -35.37
CA TYR D 451 -54.04 -5.60 -34.29
C TYR D 451 -54.76 -6.14 -33.07
N LEU D 452 -54.06 -6.97 -32.29
CA LEU D 452 -54.61 -7.69 -31.16
C LEU D 452 -53.73 -7.47 -29.95
N TYR D 453 -54.32 -7.60 -28.76
CA TYR D 453 -53.52 -7.58 -27.53
C TYR D 453 -54.21 -8.45 -26.48
N ARG D 454 -53.38 -9.09 -25.65
CA ARG D 454 -53.87 -9.97 -24.59
C ARG D 454 -54.46 -9.14 -23.47
N LEU D 455 -55.77 -9.28 -23.23
CA LEU D 455 -56.46 -8.52 -22.19
C LEU D 455 -56.51 -9.26 -20.87
N PHE D 456 -56.52 -10.59 -20.88
CA PHE D 456 -56.56 -11.38 -19.66
C PHE D 456 -55.50 -12.47 -19.71
N ARG D 457 -54.93 -12.78 -18.55
CA ARG D 457 -54.02 -13.91 -18.41
C ARG D 457 -54.02 -14.37 -16.97
N LYS D 458 -53.79 -15.68 -16.77
CA LYS D 458 -53.83 -16.25 -15.44
C LYS D 458 -52.65 -15.81 -14.57
N SER D 459 -51.59 -15.29 -15.19
CA SER D 459 -50.45 -14.76 -14.45
C SER D 459 -49.81 -13.66 -15.27
N ASN D 460 -49.07 -12.79 -14.58
CA ASN D 460 -48.35 -11.73 -15.26
C ASN D 460 -47.15 -12.32 -16.00
N LEU D 461 -46.87 -11.76 -17.18
CA LEU D 461 -45.74 -12.23 -17.98
C LEU D 461 -44.42 -11.85 -17.32
N LYS D 462 -43.46 -12.77 -17.39
CA LYS D 462 -42.11 -12.48 -16.98
C LYS D 462 -41.46 -11.55 -18.01
N PRO D 463 -40.39 -10.85 -17.63
CA PRO D 463 -39.64 -10.08 -18.61
C PRO D 463 -39.08 -10.97 -19.72
N PHE D 464 -39.10 -10.44 -20.94
CA PHE D 464 -38.65 -11.14 -22.15
C PHE D 464 -39.40 -12.45 -22.36
N GLU D 465 -40.70 -12.43 -22.10
CA GLU D 465 -41.57 -13.59 -22.30
C GLU D 465 -42.72 -13.21 -23.22
N ARG D 466 -43.12 -14.14 -24.07
CA ARG D 466 -44.22 -13.94 -25.01
C ARG D 466 -45.23 -15.07 -24.86
N ASP D 467 -46.51 -14.70 -24.75
CA ASP D 467 -47.59 -15.67 -24.66
C ASP D 467 -48.50 -15.47 -25.87
N ILE D 468 -48.68 -16.52 -26.66
CA ILE D 468 -49.49 -16.46 -27.87
C ILE D 468 -50.53 -17.58 -27.86
N SER D 469 -50.72 -18.20 -26.69
CA SER D 469 -51.68 -19.29 -26.57
C SER D 469 -53.11 -18.76 -26.70
N THR D 470 -53.95 -19.53 -27.37
CA THR D 470 -55.35 -19.18 -27.59
C THR D 470 -56.29 -19.94 -26.66
N GLU D 471 -55.83 -20.19 -25.43
CA GLU D 471 -56.68 -20.83 -24.44
C GLU D 471 -57.77 -19.86 -23.98
N ILE D 472 -58.99 -20.38 -23.86
CA ILE D 472 -60.11 -19.57 -23.36
C ILE D 472 -59.87 -19.27 -21.89
N TYR D 473 -59.90 -17.98 -21.54
CA TYR D 473 -59.55 -17.52 -20.19
C TYR D 473 -60.67 -17.88 -19.22
N GLN D 474 -60.41 -18.82 -18.33
CA GLN D 474 -61.38 -19.23 -17.32
C GLN D 474 -61.12 -18.44 -16.04
N ALA D 475 -62.15 -17.73 -15.57
CA ALA D 475 -62.06 -16.96 -14.33
C ALA D 475 -63.23 -17.22 -13.39
N GLY D 476 -64.02 -18.26 -13.64
CA GLY D 476 -65.18 -18.56 -12.81
C GLY D 476 -65.33 -20.03 -12.48
N SER D 477 -66.57 -20.47 -12.26
CA SER D 477 -66.84 -21.85 -11.91
C SER D 477 -67.36 -22.67 -13.08
N THR D 478 -68.03 -22.05 -14.03
CA THR D 478 -68.51 -22.78 -15.20
C THR D 478 -67.34 -23.15 -16.09
N PRO D 479 -67.19 -24.42 -16.46
CA PRO D 479 -66.11 -24.80 -17.38
C PRO D 479 -66.33 -24.21 -18.76
N CYS D 480 -65.24 -23.68 -19.33
CA CYS D 480 -65.33 -23.09 -20.67
C CYS D 480 -65.44 -24.16 -21.74
N ASN D 481 -64.52 -25.13 -21.73
CA ASN D 481 -64.42 -26.18 -22.75
C ASN D 481 -64.29 -25.61 -24.17
N GLY D 482 -63.73 -24.40 -24.29
CA GLY D 482 -63.49 -23.79 -25.58
C GLY D 482 -64.53 -22.80 -26.05
N VAL D 483 -65.63 -22.60 -25.31
CA VAL D 483 -66.68 -21.70 -25.76
C VAL D 483 -66.43 -20.33 -25.16
N GLU D 484 -67.15 -19.34 -25.68
CA GLU D 484 -67.15 -18.03 -25.08
C GLU D 484 -68.39 -17.87 -24.20
N GLY D 485 -68.18 -17.25 -23.04
CA GLY D 485 -69.28 -17.06 -22.10
C GLY D 485 -68.78 -16.54 -20.76
N PHE D 486 -69.55 -16.86 -19.71
CA PHE D 486 -69.36 -16.22 -18.41
C PHE D 486 -68.02 -16.60 -17.80
N ASN D 487 -67.14 -15.61 -17.66
CA ASN D 487 -65.74 -15.80 -17.26
C ASN D 487 -65.05 -16.83 -18.15
N CYS D 488 -65.36 -16.77 -19.45
CA CYS D 488 -64.82 -17.71 -20.43
C CYS D 488 -64.65 -16.91 -21.72
N TYR D 489 -63.48 -16.30 -21.88
CA TYR D 489 -63.21 -15.37 -22.97
C TYR D 489 -61.91 -15.74 -23.67
N PHE D 490 -61.87 -15.47 -24.97
CA PHE D 490 -60.63 -15.52 -25.74
C PHE D 490 -59.91 -14.20 -25.50
N PRO D 491 -58.88 -14.18 -24.66
CA PRO D 491 -58.41 -12.93 -24.06
C PRO D 491 -57.62 -12.02 -24.98
N LEU D 492 -57.60 -12.27 -26.29
CA LEU D 492 -56.86 -11.43 -27.23
C LEU D 492 -57.81 -10.33 -27.73
N GLN D 493 -57.87 -9.23 -26.98
CA GLN D 493 -58.69 -8.10 -27.37
C GLN D 493 -58.10 -7.40 -28.59
N SER D 494 -58.97 -6.97 -29.49
CA SER D 494 -58.56 -6.33 -30.74
C SER D 494 -58.35 -4.84 -30.56
N TYR D 495 -57.31 -4.32 -31.20
CA TYR D 495 -57.10 -2.89 -31.31
C TYR D 495 -58.18 -2.25 -32.19
N GLY D 496 -58.43 -0.97 -31.93
CA GLY D 496 -59.34 -0.20 -32.76
C GLY D 496 -58.76 1.15 -33.14
N PHE D 497 -58.60 1.39 -34.44
CA PHE D 497 -57.99 2.62 -34.94
C PHE D 497 -58.87 3.23 -36.02
N GLN D 498 -59.11 4.54 -35.88
CA GLN D 498 -59.87 5.31 -36.85
C GLN D 498 -59.17 6.64 -37.07
N PRO D 499 -59.30 7.23 -38.26
CA PRO D 499 -58.71 8.57 -38.47
C PRO D 499 -59.34 9.67 -37.63
N THR D 500 -60.57 9.47 -37.14
CA THR D 500 -61.22 10.44 -36.27
C THR D 500 -60.98 10.15 -34.80
N ASN D 501 -60.25 9.09 -34.47
CA ASN D 501 -59.93 8.79 -33.08
C ASN D 501 -58.90 9.78 -32.55
N GLY D 502 -58.86 9.91 -31.23
CA GLY D 502 -57.90 10.79 -30.59
C GLY D 502 -56.48 10.28 -30.72
N VAL D 503 -55.54 11.20 -30.56
CA VAL D 503 -54.12 10.88 -30.66
C VAL D 503 -53.70 9.93 -29.54
N GLY D 504 -54.34 10.04 -28.38
CA GLY D 504 -54.17 9.04 -27.33
C GLY D 504 -54.64 7.65 -27.71
N TYR D 505 -55.50 7.53 -28.72
CA TYR D 505 -55.91 6.24 -29.26
C TYR D 505 -55.42 6.01 -30.68
N GLN D 506 -54.45 6.80 -31.16
CA GLN D 506 -53.95 6.63 -32.51
C GLN D 506 -52.74 5.70 -32.53
N PRO D 507 -52.51 4.98 -33.63
CA PRO D 507 -51.47 3.94 -33.64
C PRO D 507 -50.07 4.52 -33.66
N TYR D 508 -49.22 4.06 -32.73
CA TYR D 508 -47.79 4.31 -32.76
C TYR D 508 -47.05 3.00 -32.97
N ARG D 509 -46.25 2.94 -34.03
CA ARG D 509 -45.39 1.79 -34.27
C ARG D 509 -44.14 1.92 -33.42
N VAL D 510 -43.88 0.91 -32.60
CA VAL D 510 -42.85 0.98 -31.57
C VAL D 510 -41.80 -0.08 -31.86
N VAL D 511 -40.54 0.34 -31.91
CA VAL D 511 -39.41 -0.57 -32.01
C VAL D 511 -38.57 -0.42 -30.75
N VAL D 512 -38.29 -1.54 -30.08
CA VAL D 512 -37.56 -1.54 -28.82
C VAL D 512 -36.19 -2.17 -29.06
N LEU D 513 -35.14 -1.42 -28.76
CA LEU D 513 -33.77 -1.88 -28.91
C LEU D 513 -33.31 -2.53 -27.61
N SER D 514 -32.53 -3.60 -27.73
CA SER D 514 -32.00 -4.31 -26.59
C SER D 514 -30.50 -4.50 -26.74
N PHE D 515 -29.80 -4.49 -25.62
CA PHE D 515 -28.35 -4.65 -25.60
C PHE D 515 -27.96 -5.68 -24.56
N GLU D 516 -26.97 -6.51 -24.89
CA GLU D 516 -26.44 -7.50 -23.97
C GLU D 516 -24.94 -7.62 -24.16
N LEU D 517 -24.26 -8.09 -23.12
CA LEU D 517 -22.82 -8.27 -23.15
C LEU D 517 -22.45 -9.53 -22.39
N LEU D 518 -21.47 -10.27 -22.92
CA LEU D 518 -20.96 -11.49 -22.31
C LEU D 518 -19.47 -11.57 -22.60
N HIS D 519 -18.89 -12.74 -22.36
CA HIS D 519 -17.50 -12.98 -22.76
C HIS D 519 -17.36 -13.21 -24.25
N ALA D 520 -18.46 -13.40 -24.97
CA ALA D 520 -18.42 -13.39 -26.43
C ALA D 520 -18.05 -11.99 -26.92
N PRO D 521 -17.31 -11.89 -28.03
CA PRO D 521 -16.87 -10.57 -28.50
C PRO D 521 -18.02 -9.74 -29.02
N ALA D 522 -17.82 -8.42 -29.01
CA ALA D 522 -18.84 -7.49 -29.47
C ALA D 522 -18.98 -7.57 -30.98
N THR D 523 -20.07 -8.19 -31.44
CA THR D 523 -20.27 -8.38 -32.87
C THR D 523 -20.68 -7.08 -33.56
N VAL D 524 -21.55 -6.30 -32.92
CA VAL D 524 -22.03 -5.05 -33.50
C VAL D 524 -21.43 -3.87 -32.73
N CYS D 525 -21.23 -2.77 -33.45
CA CYS D 525 -20.70 -1.55 -32.86
C CYS D 525 -21.13 -0.39 -33.74
N GLY D 526 -20.57 0.79 -33.47
CA GLY D 526 -20.88 1.96 -34.25
C GLY D 526 -19.72 2.40 -35.11
N PRO D 527 -19.94 3.43 -35.93
CA PRO D 527 -18.87 3.92 -36.81
C PRO D 527 -17.75 4.59 -36.03
N LYS D 528 -16.56 4.52 -36.58
CA LYS D 528 -15.37 5.14 -36.00
C LYS D 528 -14.91 6.26 -36.92
N LYS D 529 -14.71 7.45 -36.34
CA LYS D 529 -14.35 8.62 -37.11
C LYS D 529 -12.94 8.49 -37.68
N SER D 530 -12.72 9.12 -38.82
CA SER D 530 -11.44 9.11 -39.51
C SER D 530 -10.96 10.54 -39.72
N THR D 531 -9.64 10.71 -39.74
CA THR D 531 -9.02 12.02 -39.86
C THR D 531 -7.99 11.98 -40.99
N ASN D 532 -7.88 13.09 -41.72
CA ASN D 532 -6.90 13.18 -42.79
C ASN D 532 -5.49 13.17 -42.22
N LEU D 533 -4.62 12.35 -42.82
CA LEU D 533 -3.27 12.18 -42.32
C LEU D 533 -2.39 13.38 -42.67
N VAL D 534 -1.45 13.67 -41.77
CA VAL D 534 -0.52 14.78 -41.92
C VAL D 534 0.90 14.24 -41.87
N LYS D 535 1.69 14.55 -42.90
CA LYS D 535 3.07 14.12 -42.98
C LYS D 535 4.02 15.22 -42.56
N ASN D 536 5.22 14.80 -42.14
CA ASN D 536 6.35 15.68 -41.84
C ASN D 536 6.02 16.68 -40.72
N LYS D 537 5.24 16.24 -39.74
CA LYS D 537 4.89 17.06 -38.58
C LYS D 537 4.87 16.20 -37.33
N CYS D 538 5.09 16.84 -36.19
CA CYS D 538 4.90 16.19 -34.89
C CYS D 538 3.41 16.10 -34.62
N VAL D 539 2.86 14.90 -34.72
CA VAL D 539 1.43 14.67 -34.51
C VAL D 539 1.26 13.70 -33.35
N ASN D 540 0.04 13.62 -32.85
CA ASN D 540 -0.33 12.70 -31.77
C ASN D 540 -1.36 11.73 -32.34
N PHE D 541 -0.87 10.65 -32.93
CA PHE D 541 -1.70 9.75 -33.73
C PHE D 541 -2.18 8.55 -32.92
N ASN D 542 -3.30 7.99 -33.34
CA ASN D 542 -3.82 6.71 -32.85
C ASN D 542 -4.16 5.88 -34.08
N PHE D 543 -3.16 5.18 -34.61
CA PHE D 543 -3.35 4.36 -35.81
C PHE D 543 -4.02 3.06 -35.39
N ASN D 544 -5.34 2.99 -35.60
CA ASN D 544 -6.22 1.91 -35.13
C ASN D 544 -6.05 1.83 -33.61
N GLY D 545 -5.83 0.65 -33.03
CA GLY D 545 -5.59 0.57 -31.61
C GLY D 545 -4.26 1.16 -31.20
N LEU D 546 -3.23 0.99 -32.04
CA LEU D 546 -1.90 1.48 -31.72
C LEU D 546 -1.83 2.99 -31.76
N THR D 547 -1.12 3.58 -30.81
CA THR D 547 -0.96 5.01 -30.71
C THR D 547 0.50 5.36 -30.49
N GLY D 548 0.83 6.63 -30.75
CA GLY D 548 2.19 7.10 -30.56
C GLY D 548 2.30 8.56 -30.94
N THR D 549 3.50 9.10 -30.73
CA THR D 549 3.79 10.50 -31.05
C THR D 549 5.10 10.55 -31.82
N GLY D 550 5.05 11.01 -33.05
CA GLY D 550 6.24 11.09 -33.86
C GLY D 550 6.02 11.92 -35.11
N VAL D 551 6.85 11.65 -36.12
CA VAL D 551 6.81 12.35 -37.39
C VAL D 551 6.62 11.29 -38.47
N LEU D 552 5.40 11.18 -39.00
CA LEU D 552 5.13 10.21 -40.04
C LEU D 552 5.73 10.66 -41.37
N THR D 553 6.14 9.67 -42.17
CA THR D 553 6.72 9.94 -43.47
C THR D 553 6.55 8.70 -44.35
N GLU D 554 6.72 8.90 -45.66
CA GLU D 554 6.66 7.79 -46.59
C GLU D 554 7.85 6.86 -46.42
N SER D 555 7.60 5.57 -46.63
CA SER D 555 8.61 4.54 -46.38
C SER D 555 8.80 3.68 -47.62
N ASN D 556 10.03 3.23 -47.82
CA ASN D 556 10.37 2.31 -48.90
C ASN D 556 10.32 0.85 -48.46
N LYS D 557 10.03 0.58 -47.19
CA LYS D 557 9.96 -0.78 -46.71
C LYS D 557 8.73 -1.48 -47.26
N LYS D 558 8.88 -2.76 -47.60
CA LYS D 558 7.79 -3.57 -48.11
C LYS D 558 7.36 -4.55 -47.03
N PHE D 559 6.07 -4.49 -46.66
CA PHE D 559 5.52 -5.37 -45.65
C PHE D 559 5.19 -6.73 -46.28
N LEU D 560 4.48 -7.56 -45.54
CA LEU D 560 3.94 -8.81 -46.06
C LEU D 560 2.42 -8.71 -46.09
N PRO D 561 1.74 -9.31 -47.08
CA PRO D 561 0.31 -9.02 -47.30
C PRO D 561 -0.66 -9.39 -46.18
N PHE D 562 -0.18 -9.98 -45.08
CA PHE D 562 -1.04 -10.19 -43.93
C PHE D 562 -0.54 -9.37 -42.75
N GLN D 563 0.67 -8.83 -42.88
CA GLN D 563 1.34 -8.20 -41.75
C GLN D 563 0.80 -6.80 -41.50
N GLN D 564 0.68 -6.43 -40.23
CA GLN D 564 0.08 -5.14 -39.87
C GLN D 564 1.12 -4.04 -39.67
N PHE D 565 2.02 -4.22 -38.70
CA PHE D 565 2.98 -3.17 -38.35
C PHE D 565 4.28 -3.80 -37.90
N GLY D 566 5.40 -3.17 -38.26
CA GLY D 566 6.70 -3.67 -37.91
C GLY D 566 7.20 -3.16 -36.57
N ARG D 567 8.37 -3.67 -36.18
CA ARG D 567 9.02 -3.29 -34.93
C ARG D 567 10.52 -3.23 -35.17
N ASP D 568 11.28 -3.15 -34.09
CA ASP D 568 12.74 -3.03 -34.19
C ASP D 568 13.45 -4.04 -33.30
N ILE D 569 14.77 -3.88 -33.18
CA ILE D 569 15.57 -4.80 -32.37
C ILE D 569 15.22 -4.68 -30.90
N ALA D 570 15.08 -3.45 -30.40
CA ALA D 570 14.78 -3.19 -29.00
C ALA D 570 13.28 -3.13 -28.72
N ASP D 571 12.46 -3.75 -29.58
CA ASP D 571 11.00 -3.83 -29.44
C ASP D 571 10.37 -2.44 -29.40
N THR D 572 10.67 -1.65 -30.42
CA THR D 572 10.11 -0.31 -30.58
C THR D 572 9.41 -0.21 -31.93
N THR D 573 8.24 0.42 -31.93
CA THR D 573 7.42 0.51 -33.14
C THR D 573 7.92 1.64 -34.02
N ASP D 574 8.20 1.32 -35.28
CA ASP D 574 8.62 2.36 -36.23
C ASP D 574 7.81 2.36 -37.51
N ALA D 575 7.39 1.19 -38.00
CA ALA D 575 6.69 1.09 -39.27
C ALA D 575 5.23 0.73 -39.01
N VAL D 576 4.33 1.60 -39.45
CA VAL D 576 2.89 1.40 -39.30
C VAL D 576 2.25 1.48 -40.67
N ARG D 577 1.47 0.46 -41.03
CA ARG D 577 0.72 0.47 -42.26
C ARG D 577 -0.54 1.31 -42.09
N ASP D 578 -0.84 2.14 -43.08
CA ASP D 578 -2.11 2.86 -43.08
C ASP D 578 -3.26 1.87 -43.26
N PRO D 579 -4.35 2.03 -42.52
CA PRO D 579 -5.46 1.07 -42.61
C PRO D 579 -6.17 1.05 -43.96
N GLN D 580 -6.53 2.22 -44.47
CA GLN D 580 -7.28 2.27 -45.74
C GLN D 580 -6.35 2.08 -46.94
N THR D 581 -5.41 2.99 -47.11
CA THR D 581 -4.46 2.90 -48.22
C THR D 581 -3.32 1.97 -47.84
N LEU D 582 -2.86 1.18 -48.79
CA LEU D 582 -1.78 0.24 -48.54
C LEU D 582 -0.39 0.87 -48.59
N GLU D 583 -0.30 2.20 -48.53
CA GLU D 583 0.99 2.87 -48.41
C GLU D 583 1.60 2.58 -47.05
N ILE D 584 2.92 2.67 -46.98
CA ILE D 584 3.68 2.30 -45.80
C ILE D 584 4.26 3.55 -45.17
N LEU D 585 4.04 3.73 -43.87
CA LEU D 585 4.47 4.91 -43.15
C LEU D 585 5.49 4.54 -42.08
N ASP D 586 6.44 5.44 -41.85
CA ASP D 586 7.47 5.28 -40.84
C ASP D 586 7.20 6.22 -39.66
N ILE D 587 7.96 6.02 -38.59
CA ILE D 587 7.86 6.84 -37.38
C ILE D 587 9.25 7.34 -37.03
N THR D 588 9.39 8.65 -36.90
CA THR D 588 10.62 9.27 -36.44
C THR D 588 10.28 10.14 -35.24
N PRO D 589 10.97 9.97 -34.11
CA PRO D 589 10.67 10.80 -32.94
C PRO D 589 11.05 12.25 -33.17
N CYS D 590 10.31 13.15 -32.50
CA CYS D 590 10.54 14.57 -32.65
C CYS D 590 11.85 14.98 -32.02
N SER D 591 12.40 16.09 -32.51
CA SER D 591 13.74 16.51 -32.09
C SER D 591 13.76 16.95 -30.63
N PHE D 592 14.83 16.58 -29.94
CA PHE D 592 15.04 17.00 -28.56
C PHE D 592 16.54 16.99 -28.28
N GLY D 593 16.93 17.67 -27.22
CA GLY D 593 18.33 17.71 -26.84
C GLY D 593 18.52 18.61 -25.63
N GLY D 594 19.79 18.79 -25.28
CA GLY D 594 20.16 19.63 -24.16
C GLY D 594 20.51 21.03 -24.62
N VAL D 595 20.33 22.00 -23.73
CA VAL D 595 20.65 23.39 -23.99
C VAL D 595 21.87 23.77 -23.18
N SER D 596 22.89 24.29 -23.85
CA SER D 596 24.13 24.69 -23.19
C SER D 596 24.41 26.15 -23.48
N VAL D 597 25.11 26.80 -22.55
CA VAL D 597 25.44 28.22 -22.66
C VAL D 597 26.95 28.34 -22.76
N ILE D 598 27.42 28.97 -23.83
CA ILE D 598 28.83 29.25 -24.02
C ILE D 598 29.06 30.69 -23.60
N THR D 599 29.81 30.89 -22.52
CA THR D 599 30.06 32.23 -22.00
C THR D 599 31.52 32.38 -21.62
N PRO D 600 32.06 33.57 -21.74
CA PRO D 600 33.35 33.89 -21.11
C PRO D 600 33.12 34.30 -19.66
N GLY D 601 34.18 34.76 -19.02
CA GLY D 601 34.09 35.25 -17.65
C GLY D 601 33.19 36.47 -17.51
N THR D 602 32.31 36.45 -16.51
CA THR D 602 31.42 37.57 -16.27
C THR D 602 32.17 38.81 -15.80
N ASN D 603 33.37 38.64 -15.24
CA ASN D 603 34.23 39.78 -14.95
C ASN D 603 34.70 40.45 -16.23
N THR D 604 34.91 39.67 -17.29
CA THR D 604 35.45 40.22 -18.53
C THR D 604 34.37 40.86 -19.39
N SER D 605 33.36 40.08 -19.77
CA SER D 605 32.37 40.55 -20.74
C SER D 605 30.98 40.18 -20.24
N ASN D 606 29.97 40.46 -21.07
CA ASN D 606 28.58 40.26 -20.73
C ASN D 606 27.78 39.67 -21.90
N GLU D 607 28.45 38.87 -22.74
CA GLU D 607 27.84 38.33 -23.95
C GLU D 607 27.89 36.81 -23.91
N VAL D 608 26.78 36.17 -24.30
CA VAL D 608 26.65 34.73 -24.26
C VAL D 608 26.30 34.22 -25.65
N ALA D 609 26.27 32.89 -25.78
CA ALA D 609 25.88 32.23 -27.03
C ALA D 609 25.39 30.83 -26.69
N VAL D 610 24.13 30.54 -27.03
CA VAL D 610 23.53 29.26 -26.67
C VAL D 610 24.00 28.18 -27.64
N LEU D 611 23.77 26.92 -27.27
CA LEU D 611 24.16 25.79 -28.11
C LEU D 611 23.10 24.71 -27.96
N TYR D 612 22.23 24.59 -28.96
CA TYR D 612 21.23 23.54 -28.99
C TYR D 612 21.87 22.29 -29.58
N GLN D 613 21.85 21.18 -28.82
CA GLN D 613 22.62 20.00 -29.16
C GLN D 613 21.76 18.98 -29.88
N ASP D 614 22.41 18.24 -30.80
CA ASP D 614 21.82 17.11 -31.53
C ASP D 614 20.58 17.52 -32.32
N VAL D 615 20.62 18.71 -32.92
CA VAL D 615 19.49 19.24 -33.65
C VAL D 615 19.98 19.89 -34.94
N ASN D 616 19.22 19.68 -36.01
CA ASN D 616 19.44 20.41 -37.26
C ASN D 616 19.14 21.88 -37.05
N CYS D 617 19.86 22.75 -37.77
CA CYS D 617 19.76 24.19 -37.56
C CYS D 617 18.54 24.81 -38.23
N THR D 618 17.55 24.01 -38.64
CA THR D 618 16.28 24.53 -39.14
C THR D 618 15.21 24.51 -38.07
N GLU D 619 15.26 23.52 -37.17
CA GLU D 619 14.28 23.37 -36.11
C GLU D 619 14.43 24.41 -35.00
N VAL D 620 15.50 25.21 -35.03
CA VAL D 620 15.69 26.30 -34.07
C VAL D 620 14.68 27.41 -34.36
N PHE D 621 14.60 28.37 -33.44
CA PHE D 621 13.63 29.48 -33.35
C PHE D 621 12.27 28.96 -32.89
N VAL D 622 12.14 27.63 -32.78
CA VAL D 622 10.95 27.06 -32.17
C VAL D 622 11.07 27.06 -30.65
N ALA D 623 12.17 26.48 -30.15
CA ALA D 623 12.53 26.40 -28.72
C ALA D 623 11.41 25.79 -27.88
N ILE D 624 11.10 26.43 -26.75
CA ILE D 624 10.01 26.06 -25.84
C ILE D 624 10.10 24.62 -25.36
N TRP D 633 16.85 31.72 -22.66
CA TRP D 633 15.85 31.66 -23.72
C TRP D 633 16.08 32.80 -24.71
N ARG D 634 15.25 33.86 -24.59
CA ARG D 634 15.32 35.11 -25.34
C ARG D 634 14.99 34.93 -26.83
N VAL D 635 14.40 35.96 -27.43
CA VAL D 635 14.09 35.93 -28.87
C VAL D 635 15.33 36.24 -29.71
N TYR D 636 16.20 37.13 -29.21
CA TYR D 636 17.40 37.55 -29.94
C TYR D 636 18.40 36.41 -30.14
N SER D 637 18.30 35.33 -29.37
CA SER D 637 19.22 34.21 -29.45
C SER D 637 18.75 33.15 -30.43
N THR D 638 18.04 33.54 -31.50
CA THR D 638 17.60 32.64 -32.55
C THR D 638 18.04 33.14 -33.93
N GLY D 639 19.09 33.95 -33.98
CA GLY D 639 19.56 34.52 -35.23
C GLY D 639 21.03 34.86 -35.16
N SER D 640 21.43 35.90 -35.91
CA SER D 640 22.78 36.46 -35.91
C SER D 640 23.83 35.42 -36.32
N ASN D 641 23.74 34.98 -37.58
CA ASN D 641 24.71 34.12 -38.25
C ASN D 641 24.87 32.78 -37.51
N VAL D 642 23.78 32.01 -37.54
CA VAL D 642 23.79 30.66 -36.98
C VAL D 642 24.75 29.78 -37.75
N PHE D 643 25.67 29.13 -37.04
CA PHE D 643 26.71 28.32 -37.64
C PHE D 643 26.50 26.87 -37.25
N GLN D 644 26.39 26.00 -38.26
CA GLN D 644 26.16 24.58 -38.02
C GLN D 644 27.47 23.88 -37.65
N THR D 645 27.42 23.09 -36.59
CA THR D 645 28.56 22.28 -36.16
C THR D 645 28.23 20.81 -36.35
N ARG D 646 29.25 19.97 -36.14
CA ARG D 646 29.04 18.53 -36.23
C ARG D 646 28.39 17.98 -34.95
N ALA D 647 28.42 18.76 -33.86
CA ALA D 647 27.87 18.31 -32.59
C ALA D 647 26.55 18.97 -32.24
N GLY D 648 26.11 19.94 -33.01
CA GLY D 648 24.84 20.60 -32.72
C GLY D 648 24.73 21.92 -33.46
N CYS D 649 23.73 22.70 -33.05
CA CYS D 649 23.45 24.00 -33.67
C CYS D 649 23.90 25.10 -32.72
N LEU D 650 24.76 25.98 -33.22
CA LEU D 650 25.35 27.05 -32.43
C LEU D 650 24.80 28.38 -32.89
N ILE D 651 24.28 29.16 -31.93
CA ILE D 651 23.66 30.46 -32.21
C ILE D 651 24.41 31.51 -31.41
N GLY D 652 24.80 32.59 -32.09
CA GLY D 652 25.50 33.69 -31.45
C GLY D 652 26.99 33.74 -31.68
N ALA D 653 27.52 32.83 -32.50
CA ALA D 653 28.94 32.80 -32.81
C ALA D 653 29.13 32.88 -34.32
N GLU D 654 30.39 33.04 -34.73
CA GLU D 654 30.73 33.18 -36.15
C GLU D 654 31.88 32.26 -36.48
N HIS D 655 31.86 31.75 -37.72
CA HIS D 655 32.87 30.80 -38.17
C HIS D 655 34.14 31.54 -38.61
N VAL D 656 35.28 31.02 -38.20
CA VAL D 656 36.59 31.56 -38.57
C VAL D 656 37.39 30.46 -39.24
N ASN D 657 38.12 30.82 -40.29
CA ASN D 657 38.97 29.88 -41.01
C ASN D 657 40.35 29.73 -40.39
N ASN D 658 40.62 30.39 -39.27
CA ASN D 658 41.92 30.32 -38.62
C ASN D 658 41.99 29.08 -37.73
N SER D 659 43.06 28.97 -36.96
CA SER D 659 43.25 27.86 -36.04
C SER D 659 43.96 28.37 -34.79
N TYR D 660 43.39 28.08 -33.63
CA TYR D 660 43.93 28.54 -32.36
C TYR D 660 43.90 27.40 -31.35
N GLU D 661 44.53 27.63 -30.20
CA GLU D 661 44.54 26.64 -29.14
C GLU D 661 43.15 26.51 -28.51
N CYS D 662 42.95 25.37 -27.84
CA CYS D 662 41.66 25.08 -27.23
C CYS D 662 41.45 25.95 -25.99
N ASP D 663 40.27 26.58 -25.90
CA ASP D 663 39.89 27.35 -24.73
C ASP D 663 38.67 26.78 -24.03
N ILE D 664 37.56 26.61 -24.76
CA ILE D 664 36.35 26.00 -24.23
C ILE D 664 36.01 24.80 -25.10
N PRO D 665 35.92 23.59 -24.55
CA PRO D 665 35.50 22.45 -25.38
C PRO D 665 34.03 22.54 -25.75
N ILE D 666 33.72 22.11 -26.97
CA ILE D 666 32.34 22.07 -27.44
C ILE D 666 32.01 20.66 -27.90
N GLY D 667 32.80 20.14 -28.83
CA GLY D 667 32.58 18.82 -29.36
C GLY D 667 32.99 18.67 -30.81
N ALA D 668 33.59 17.53 -31.15
CA ALA D 668 34.01 17.18 -32.51
C ALA D 668 34.98 18.19 -33.08
N GLY D 669 35.90 18.68 -32.25
CA GLY D 669 36.96 19.55 -32.72
C GLY D 669 36.59 21.00 -32.91
N ILE D 670 35.71 21.54 -32.09
CA ILE D 670 35.30 22.94 -32.16
C ILE D 670 35.55 23.58 -30.80
N CYS D 671 36.22 24.73 -30.80
CA CYS D 671 36.54 25.45 -29.57
C CYS D 671 36.11 26.89 -29.70
N ALA D 672 35.39 27.38 -28.69
CA ALA D 672 34.95 28.77 -28.62
C ALA D 672 35.89 29.59 -27.75
N SER D 673 35.89 30.90 -27.98
CA SER D 673 36.73 31.82 -27.23
C SER D 673 36.09 33.21 -27.27
N TYR D 674 36.84 34.21 -26.84
CA TYR D 674 36.41 35.61 -26.86
C TYR D 674 37.57 36.44 -27.39
N GLN D 675 37.50 36.80 -28.68
CA GLN D 675 38.59 37.46 -29.36
C GLN D 675 38.08 38.72 -30.05
N THR D 676 38.98 39.68 -30.23
CA THR D 676 38.66 40.91 -30.94
C THR D 676 38.64 40.67 -32.45
N SER D 689 33.87 45.08 -32.69
CA SER D 689 35.29 44.81 -32.41
C SER D 689 35.48 43.40 -31.86
N GLN D 690 34.87 43.12 -30.71
CA GLN D 690 35.02 41.86 -30.02
C GLN D 690 33.70 41.10 -30.03
N SER D 691 33.79 39.78 -30.22
CA SER D 691 32.62 38.92 -30.25
C SER D 691 33.04 37.51 -29.84
N ILE D 692 32.14 36.54 -30.04
CA ILE D 692 32.39 35.15 -29.71
C ILE D 692 32.57 34.39 -31.01
N ILE D 693 33.67 33.65 -31.12
CA ILE D 693 34.01 32.93 -32.33
C ILE D 693 34.03 31.44 -32.04
N ALA D 694 33.96 30.64 -33.11
CA ALA D 694 33.96 29.18 -33.01
C ALA D 694 34.88 28.64 -34.11
N TYR D 695 36.14 28.44 -33.77
CA TYR D 695 37.13 28.00 -34.73
C TYR D 695 37.31 26.48 -34.64
N THR D 696 38.30 25.95 -35.36
CA THR D 696 38.76 24.58 -35.23
C THR D 696 40.12 24.61 -34.56
N MET D 697 40.33 23.72 -33.58
CA MET D 697 41.52 23.84 -32.75
C MET D 697 42.78 23.50 -33.53
N SER D 698 43.90 24.06 -33.07
CA SER D 698 45.20 23.82 -33.66
C SER D 698 45.99 22.93 -32.73
N LEU D 699 46.57 21.87 -33.28
CA LEU D 699 47.19 20.85 -32.46
C LEU D 699 48.63 21.22 -32.15
N GLY D 700 48.86 22.44 -31.70
CA GLY D 700 50.21 22.93 -31.54
C GLY D 700 50.84 23.33 -32.86
N ALA D 701 51.99 24.00 -32.76
CA ALA D 701 52.72 24.42 -33.95
C ALA D 701 53.50 23.24 -34.53
N GLU D 702 53.46 23.11 -35.85
CA GLU D 702 54.13 21.99 -36.49
C GLU D 702 55.65 22.21 -36.50
N ASN D 703 56.37 21.12 -36.76
CA ASN D 703 57.83 21.17 -36.80
C ASN D 703 58.32 20.10 -37.76
N SER D 704 59.57 20.27 -38.22
CA SER D 704 60.18 19.32 -39.13
C SER D 704 61.68 19.29 -38.85
N VAL D 705 62.20 18.10 -38.55
CA VAL D 705 63.62 17.93 -38.25
C VAL D 705 64.36 17.61 -39.53
N ALA D 706 65.62 18.04 -39.60
CA ALA D 706 66.47 17.80 -40.76
C ALA D 706 67.23 16.50 -40.56
N TYR D 707 66.52 15.40 -40.76
CA TYR D 707 67.12 14.08 -40.60
C TYR D 707 68.04 13.76 -41.76
N SER D 708 69.20 13.18 -41.46
CA SER D 708 70.11 12.70 -42.48
C SER D 708 71.00 11.63 -41.86
N ASN D 709 71.64 10.85 -42.73
CA ASN D 709 72.53 9.79 -42.27
C ASN D 709 73.86 10.33 -41.76
N ASN D 710 74.16 11.61 -41.98
CA ASN D 710 75.35 12.25 -41.42
C ASN D 710 74.96 13.60 -40.81
N SER D 711 74.51 13.56 -39.57
CA SER D 711 74.13 14.74 -38.80
C SER D 711 74.00 14.34 -37.34
N ILE D 712 74.35 15.25 -36.44
CA ILE D 712 74.23 15.01 -35.00
C ILE D 712 74.09 16.36 -34.32
N ALA D 713 73.37 16.38 -33.20
CA ALA D 713 73.09 17.61 -32.47
C ALA D 713 73.33 17.38 -30.99
N ILE D 714 74.38 17.98 -30.45
CA ILE D 714 74.72 17.89 -29.03
C ILE D 714 74.46 19.25 -28.40
N PRO D 715 73.65 19.34 -27.35
CA PRO D 715 73.41 20.64 -26.71
C PRO D 715 74.67 21.16 -26.03
N THR D 716 74.79 22.50 -26.02
CA THR D 716 75.97 23.15 -25.47
C THR D 716 75.72 23.88 -24.16
N ASN D 717 74.47 23.97 -23.71
CA ASN D 717 74.16 24.67 -22.47
C ASN D 717 72.88 24.08 -21.90
N PHE D 718 72.73 24.19 -20.59
CA PHE D 718 71.66 23.51 -19.87
C PHE D 718 70.87 24.49 -19.01
N THR D 719 69.85 23.97 -18.35
CA THR D 719 69.01 24.72 -17.42
C THR D 719 68.63 23.83 -16.25
N ILE D 720 68.26 24.47 -15.15
CA ILE D 720 67.69 23.80 -13.98
C ILE D 720 66.35 24.46 -13.69
N SER D 721 65.29 23.66 -13.62
CA SER D 721 63.95 24.18 -13.41
C SER D 721 63.29 23.44 -12.26
N VAL D 722 62.20 24.01 -11.75
CA VAL D 722 61.44 23.45 -10.65
C VAL D 722 59.96 23.48 -11.04
N THR D 723 59.37 22.31 -11.23
CA THR D 723 57.95 22.17 -11.51
C THR D 723 57.20 21.97 -10.19
N THR D 724 55.94 21.57 -10.26
CA THR D 724 55.15 21.34 -9.05
C THR D 724 54.13 20.25 -9.31
N GLU D 725 54.11 19.23 -8.46
CA GLU D 725 53.20 18.12 -8.56
C GLU D 725 52.37 18.04 -7.29
N ILE D 726 51.05 17.96 -7.43
CA ILE D 726 50.13 18.06 -6.31
C ILE D 726 49.23 16.83 -6.29
N LEU D 727 49.19 16.13 -5.16
CA LEU D 727 48.38 14.93 -5.01
C LEU D 727 47.59 14.97 -3.70
N PRO D 728 46.40 14.39 -3.67
CA PRO D 728 45.67 14.24 -2.41
C PRO D 728 45.99 12.94 -1.71
N VAL D 729 45.85 12.95 -0.38
CA VAL D 729 46.27 11.80 0.41
C VAL D 729 45.09 11.22 1.19
N SER D 730 44.15 12.06 1.59
CA SER D 730 43.06 11.60 2.44
C SER D 730 41.89 12.56 2.39
N MET D 731 40.73 12.08 2.83
CA MET D 731 39.54 12.90 3.01
C MET D 731 39.20 13.01 4.50
N THR D 732 38.11 13.68 4.80
CA THR D 732 37.67 13.90 6.18
C THR D 732 36.89 12.69 6.69
N LYS D 733 37.24 12.23 7.88
CA LYS D 733 36.55 11.10 8.50
C LYS D 733 35.17 11.53 8.98
N THR D 734 34.15 10.73 8.65
CA THR D 734 32.78 11.10 8.95
C THR D 734 31.98 9.85 9.33
N SER D 735 31.27 9.92 10.46
CA SER D 735 30.39 8.86 10.90
C SER D 735 28.97 9.40 11.04
N VAL D 736 28.00 8.62 10.58
CA VAL D 736 26.59 8.99 10.62
C VAL D 736 25.83 7.92 11.39
N ASP D 737 25.06 8.34 12.39
CA ASP D 737 24.27 7.42 13.20
C ASP D 737 22.96 7.12 12.49
N CYS D 738 22.78 5.88 12.04
CA CYS D 738 21.56 5.46 11.35
C CYS D 738 20.33 5.46 12.26
N THR D 739 20.51 5.33 13.57
CA THR D 739 19.36 5.38 14.47
C THR D 739 18.80 6.80 14.55
N MET D 740 19.69 7.79 14.73
CA MET D 740 19.22 9.16 14.90
C MET D 740 18.74 9.76 13.60
N TYR D 741 19.37 9.40 12.47
CA TYR D 741 19.03 10.02 11.20
C TYR D 741 17.66 9.58 10.71
N ILE D 742 17.33 8.30 10.86
CA ILE D 742 16.07 7.78 10.32
C ILE D 742 14.90 8.17 11.21
N CYS D 743 14.98 7.84 12.50
CA CYS D 743 13.93 8.18 13.46
C CYS D 743 14.58 8.90 14.64
N GLY D 744 14.48 10.24 14.64
CA GLY D 744 15.07 11.01 15.70
C GLY D 744 14.16 11.21 16.90
N ASP D 745 14.36 10.40 17.94
CA ASP D 745 13.64 10.48 19.21
C ASP D 745 12.13 10.33 19.00
N SER D 746 11.73 9.17 18.48
CA SER D 746 10.32 8.82 18.31
C SER D 746 10.15 7.36 18.69
N THR D 747 9.29 7.10 19.68
CA THR D 747 9.10 5.75 20.19
C THR D 747 8.48 4.84 19.14
N GLU D 748 7.49 5.35 18.40
CA GLU D 748 6.85 4.55 17.36
C GLU D 748 7.80 4.25 16.21
N CYS D 749 8.63 5.22 15.83
CA CYS D 749 9.56 5.02 14.73
C CYS D 749 10.76 4.16 15.12
N SER D 750 11.18 4.21 16.39
CA SER D 750 12.34 3.44 16.82
C SER D 750 12.06 1.95 16.78
N ASN D 751 10.87 1.53 17.21
CA ASN D 751 10.53 0.12 17.18
C ASN D 751 10.28 -0.38 15.77
N LEU D 752 9.66 0.44 14.91
CA LEU D 752 9.37 0.02 13.54
C LEU D 752 10.64 -0.06 12.70
N LEU D 753 11.64 0.76 13.02
CA LEU D 753 12.91 0.69 12.29
C LEU D 753 13.65 -0.60 12.57
N LEU D 754 13.60 -1.10 13.80
CA LEU D 754 14.40 -2.26 14.19
C LEU D 754 13.91 -3.55 13.53
N GLN D 755 12.61 -3.67 13.23
CA GLN D 755 12.10 -4.90 12.65
C GLN D 755 12.52 -5.05 11.18
N TYR D 756 13.06 -3.99 10.57
CA TYR D 756 13.64 -4.11 9.24
C TYR D 756 14.87 -5.01 9.21
N GLY D 757 15.60 -5.13 10.31
CA GLY D 757 16.73 -6.03 10.36
C GLY D 757 18.06 -5.36 10.65
N SER D 758 19.10 -5.77 9.91
CA SER D 758 20.48 -5.33 10.18
C SER D 758 20.99 -4.34 9.13
N PHE D 759 20.12 -3.47 8.62
CA PHE D 759 20.58 -2.42 7.72
C PHE D 759 21.35 -1.35 8.49
N CYS D 760 20.87 -0.97 9.68
CA CYS D 760 21.54 0.06 10.47
C CYS D 760 22.89 -0.43 10.96
N THR D 761 22.98 -1.69 11.39
CA THR D 761 24.25 -2.23 11.90
C THR D 761 25.29 -2.32 10.78
N GLN D 762 24.87 -2.68 9.57
CA GLN D 762 25.82 -2.86 8.47
C GLN D 762 26.42 -1.53 8.01
N LEU D 763 25.61 -0.46 7.99
CA LEU D 763 26.11 0.83 7.51
C LEU D 763 27.14 1.42 8.46
N ASN D 764 26.94 1.26 9.77
CA ASN D 764 27.92 1.76 10.72
C ASN D 764 29.20 0.95 10.72
N ARG D 765 29.17 -0.28 10.20
CA ARG D 765 30.38 -1.06 10.01
C ARG D 765 31.05 -0.75 8.69
N ALA D 766 30.31 -0.22 7.72
CA ALA D 766 30.93 0.20 6.46
C ALA D 766 31.70 1.50 6.63
N LEU D 767 31.14 2.46 7.37
CA LEU D 767 31.76 3.77 7.49
C LEU D 767 32.98 3.76 8.40
N THR D 768 33.07 2.82 9.34
CA THR D 768 34.28 2.70 10.14
C THR D 768 35.42 2.08 9.35
N GLY D 769 35.09 1.33 8.30
CA GLY D 769 36.14 0.83 7.42
C GLY D 769 36.84 1.95 6.66
N ILE D 770 36.09 2.99 6.28
CA ILE D 770 36.69 4.14 5.65
C ILE D 770 37.54 4.94 6.65
N ALA D 771 36.99 5.15 7.85
CA ALA D 771 37.67 6.00 8.84
C ALA D 771 38.96 5.38 9.35
N VAL D 772 39.02 4.05 9.45
CA VAL D 772 40.28 3.38 9.78
C VAL D 772 41.26 3.53 8.62
N GLU D 773 40.76 3.44 7.39
CA GLU D 773 41.62 3.47 6.21
C GLU D 773 42.26 4.83 5.98
N GLN D 774 41.60 5.91 6.39
CA GLN D 774 42.17 7.24 6.20
C GLN D 774 43.40 7.44 7.07
N ASP D 775 43.41 6.89 8.29
CA ASP D 775 44.59 6.98 9.13
C ASP D 775 45.74 6.16 8.57
N LYS D 776 45.42 5.04 7.91
CA LYS D 776 46.46 4.23 7.28
C LYS D 776 47.09 4.93 6.08
N ASN D 777 46.32 5.77 5.39
CA ASN D 777 46.85 6.48 4.23
C ASN D 777 47.88 7.52 4.64
N THR D 778 47.55 8.35 5.64
CA THR D 778 48.49 9.36 6.11
C THR D 778 49.67 8.76 6.87
N GLN D 779 49.60 7.47 7.22
CA GLN D 779 50.73 6.81 7.86
C GLN D 779 51.75 6.33 6.84
N GLU D 780 51.29 5.86 5.68
CA GLU D 780 52.20 5.28 4.69
C GLU D 780 52.97 6.35 3.93
N VAL D 781 52.33 7.48 3.63
CA VAL D 781 52.99 8.51 2.82
C VAL D 781 54.08 9.21 3.62
N PHE D 782 53.81 9.55 4.88
CA PHE D 782 54.71 10.38 5.67
C PHE D 782 55.63 9.58 6.59
N ALA D 783 55.09 8.62 7.33
CA ALA D 783 55.87 7.92 8.37
C ALA D 783 56.70 6.79 7.74
N GLN D 784 57.72 7.21 6.98
CA GLN D 784 58.68 6.28 6.39
C GLN D 784 60.08 6.51 6.90
N VAL D 785 60.27 7.40 7.88
CA VAL D 785 61.57 7.72 8.44
C VAL D 785 61.63 7.16 9.87
N LYS D 786 62.76 6.55 10.21
CA LYS D 786 62.89 5.91 11.51
C LYS D 786 63.06 6.94 12.63
N GLN D 787 64.04 7.83 12.49
CA GLN D 787 64.37 8.81 13.52
C GLN D 787 64.21 10.22 12.96
N ILE D 788 63.70 11.12 13.80
CA ILE D 788 63.60 12.53 13.40
C ILE D 788 64.99 13.14 13.40
N TYR D 789 65.34 13.80 12.30
CA TYR D 789 66.64 14.42 12.16
C TYR D 789 66.56 15.90 12.53
N LYS D 790 67.73 16.49 12.74
CA LYS D 790 67.84 17.88 13.20
C LYS D 790 68.55 18.69 12.14
N THR D 791 68.01 19.86 11.83
CA THR D 791 68.64 20.76 10.88
C THR D 791 69.93 21.32 11.49
N PRO D 792 71.06 21.23 10.79
CA PRO D 792 72.30 21.75 11.36
C PRO D 792 72.27 23.27 11.41
N PRO D 793 72.97 23.87 12.38
CA PRO D 793 72.95 25.34 12.48
C PRO D 793 73.80 26.03 11.43
N ILE D 794 74.88 25.38 11.00
CA ILE D 794 75.75 25.92 9.98
C ILE D 794 75.08 25.69 8.63
N LYS D 795 74.57 26.76 8.02
CA LYS D 795 73.77 26.67 6.80
C LYS D 795 74.60 26.85 5.54
N ASP D 796 75.93 26.70 5.61
CA ASP D 796 76.79 26.84 4.45
C ASP D 796 76.61 25.62 3.55
N PHE D 797 75.71 25.73 2.57
CA PHE D 797 75.37 24.63 1.69
C PHE D 797 76.04 24.75 0.33
N GLY D 798 77.16 25.47 0.25
CA GLY D 798 77.89 25.61 -0.98
C GLY D 798 77.30 26.57 -1.99
N GLY D 799 76.36 27.42 -1.58
CA GLY D 799 75.74 28.40 -2.45
C GLY D 799 74.23 28.24 -2.56
N PHE D 800 73.72 27.04 -2.33
CA PHE D 800 72.29 26.81 -2.38
C PHE D 800 71.61 27.48 -1.19
N ASN D 801 70.42 28.03 -1.43
CA ASN D 801 69.64 28.70 -0.40
C ASN D 801 68.41 27.83 -0.11
N PHE D 802 68.40 27.20 1.06
CA PHE D 802 67.33 26.31 1.45
C PHE D 802 66.46 26.88 2.57
N SER D 803 66.57 28.18 2.84
CA SER D 803 65.83 28.77 3.95
C SER D 803 64.35 28.92 3.66
N GLN D 804 63.95 28.86 2.38
CA GLN D 804 62.54 29.01 2.05
C GLN D 804 61.73 27.76 2.35
N ILE D 805 62.37 26.58 2.34
CA ILE D 805 61.65 25.33 2.56
C ILE D 805 61.83 24.78 3.97
N LEU D 806 62.92 25.14 4.66
CA LEU D 806 63.15 24.65 6.01
C LEU D 806 62.22 25.36 6.99
N PRO D 807 61.99 24.76 8.16
CA PRO D 807 61.14 25.42 9.16
C PRO D 807 61.73 26.74 9.66
N ASP D 808 60.82 27.67 9.96
CA ASP D 808 61.17 29.00 10.46
C ASP D 808 60.79 29.08 11.92
N PRO D 809 61.71 29.41 12.83
CA PRO D 809 61.39 29.45 14.26
C PRO D 809 60.57 30.64 14.72
N SER D 810 60.13 31.51 13.80
CA SER D 810 59.30 32.65 14.19
C SER D 810 57.92 32.19 14.67
N LYS D 811 57.27 31.31 13.90
CA LYS D 811 56.00 30.75 14.31
C LYS D 811 56.21 29.76 15.45
N PRO D 812 55.22 29.60 16.34
CA PRO D 812 55.31 28.55 17.36
C PRO D 812 55.39 27.15 16.77
N SER D 813 54.71 26.92 15.66
CA SER D 813 54.79 25.64 14.95
C SER D 813 56.04 25.61 14.08
N LYS D 814 56.38 24.41 13.62
CA LYS D 814 57.51 24.20 12.72
C LYS D 814 57.12 24.36 11.25
N ARG D 815 56.02 25.06 10.97
CA ARG D 815 55.56 25.23 9.60
C ARG D 815 56.48 26.18 8.85
N SER D 816 56.82 25.81 7.62
CA SER D 816 57.75 26.60 6.81
C SER D 816 57.01 27.74 6.13
N PHE D 817 57.69 28.44 5.22
CA PHE D 817 57.11 29.61 4.59
C PHE D 817 56.20 29.23 3.41
N ILE D 818 56.65 28.29 2.57
CA ILE D 818 55.85 27.86 1.43
C ILE D 818 54.61 27.11 1.90
N GLU D 819 54.72 26.37 3.00
CA GLU D 819 53.54 25.72 3.59
C GLU D 819 52.53 26.75 4.08
N ASP D 820 52.99 27.92 4.50
CA ASP D 820 52.09 28.94 5.02
C ASP D 820 51.17 29.49 3.94
N LEU D 821 51.70 29.65 2.71
CA LEU D 821 50.85 30.08 1.60
C LEU D 821 49.89 28.98 1.18
N LEU D 822 50.30 27.72 1.33
CA LEU D 822 49.45 26.60 0.91
C LEU D 822 48.21 26.47 1.78
N PHE D 823 48.32 26.79 3.07
CA PHE D 823 47.17 26.68 3.95
C PHE D 823 46.18 27.82 3.76
N ASN D 824 46.67 29.02 3.41
CA ASN D 824 45.77 30.16 3.25
C ASN D 824 44.97 30.08 1.96
N LYS D 825 45.50 29.44 0.93
CA LYS D 825 44.80 29.33 -0.34
C LYS D 825 43.67 28.31 -0.31
N VAL D 826 43.55 27.51 0.74
CA VAL D 826 42.49 26.52 0.87
C VAL D 826 41.43 27.07 1.82
N THR D 827 40.19 27.13 1.35
CA THR D 827 39.09 27.62 2.18
C THR D 827 38.17 26.49 2.60
N LYS D 854 27.27 18.13 14.35
CA LYS D 854 26.54 17.49 15.44
C LYS D 854 25.07 17.85 15.41
N PHE D 855 24.62 18.43 14.30
CA PHE D 855 23.26 18.95 14.23
C PHE D 855 22.24 17.83 14.15
N ASN D 856 22.47 16.82 13.32
CA ASN D 856 21.55 15.71 13.19
C ASN D 856 22.30 14.38 13.09
N GLY D 857 23.30 14.19 13.94
CA GLY D 857 24.05 12.94 13.96
C GLY D 857 25.22 12.87 12.99
N LEU D 858 25.56 13.98 12.34
CA LEU D 858 26.68 14.00 11.40
C LEU D 858 27.98 14.32 12.15
N THR D 859 28.41 13.35 12.96
CA THR D 859 29.64 13.51 13.71
C THR D 859 30.85 13.46 12.79
N VAL D 860 31.88 14.20 13.17
CA VAL D 860 33.14 14.23 12.44
C VAL D 860 34.26 13.90 13.41
N LEU D 861 34.95 12.79 13.16
CA LEU D 861 36.05 12.39 14.01
C LEU D 861 37.30 13.20 13.69
N PRO D 862 38.15 13.46 14.68
CA PRO D 862 39.40 14.19 14.40
C PRO D 862 40.47 13.24 13.91
N PRO D 863 41.40 13.72 13.08
CA PRO D 863 42.49 12.86 12.62
C PRO D 863 43.46 12.55 13.75
N LEU D 864 44.11 11.39 13.64
CA LEU D 864 45.05 10.97 14.68
C LEU D 864 46.31 11.81 14.64
N LEU D 865 46.87 12.03 13.46
CA LEU D 865 48.09 12.82 13.32
C LEU D 865 47.71 14.29 13.24
N THR D 866 48.13 15.06 14.25
CA THR D 866 47.86 16.48 14.25
C THR D 866 48.72 17.20 13.22
N ASP D 867 48.22 18.35 12.75
CA ASP D 867 48.90 19.07 11.68
C ASP D 867 50.20 19.71 12.14
N GLU D 868 50.41 19.87 13.44
CA GLU D 868 51.67 20.40 13.93
C GLU D 868 52.81 19.41 13.71
N MET D 869 52.58 18.15 14.04
CA MET D 869 53.61 17.12 13.89
C MET D 869 53.59 16.45 12.53
N ILE D 870 52.58 16.73 11.69
CA ILE D 870 52.68 16.35 10.28
C ILE D 870 53.85 17.07 9.63
N ALA D 871 54.03 18.34 9.96
CA ALA D 871 55.18 19.09 9.49
C ALA D 871 56.49 18.64 10.14
N GLN D 872 56.43 17.82 11.19
CA GLN D 872 57.65 17.29 11.78
C GLN D 872 58.26 16.17 10.95
N TYR D 873 57.43 15.32 10.35
CA TYR D 873 57.92 14.37 9.35
C TYR D 873 58.49 15.10 8.13
N THR D 874 57.78 16.10 7.64
CA THR D 874 58.23 16.81 6.44
C THR D 874 59.40 17.73 6.73
N SER D 875 59.75 17.94 8.00
CA SER D 875 61.00 18.59 8.37
C SER D 875 62.10 17.58 8.66
N ALA D 876 61.81 16.29 8.56
CA ALA D 876 62.80 15.22 8.72
C ALA D 876 63.19 14.59 7.40
N LEU D 877 62.22 14.31 6.53
CA LEU D 877 62.54 13.86 5.18
C LEU D 877 63.27 14.93 4.39
N LEU D 878 62.98 16.21 4.69
CA LEU D 878 63.67 17.31 4.06
C LEU D 878 65.05 17.57 4.66
N ALA D 879 65.29 17.11 5.89
CA ALA D 879 66.57 17.31 6.54
C ALA D 879 67.50 16.11 6.42
N GLY D 880 67.06 15.03 5.78
CA GLY D 880 67.93 13.91 5.49
C GLY D 880 68.29 13.87 4.02
N THR D 881 67.45 14.52 3.20
CA THR D 881 67.75 14.70 1.79
C THR D 881 68.96 15.60 1.59
N ILE D 882 69.11 16.62 2.44
CA ILE D 882 70.19 17.58 2.28
C ILE D 882 71.53 16.94 2.65
N THR D 883 71.65 16.51 3.90
CA THR D 883 72.97 16.16 4.44
C THR D 883 73.34 14.71 4.10
N SER D 884 72.47 13.77 4.47
CA SER D 884 72.78 12.36 4.29
C SER D 884 72.66 11.89 2.86
N GLY D 885 71.94 12.61 2.02
CA GLY D 885 71.72 12.20 0.64
C GLY D 885 70.50 11.30 0.53
N TRP D 886 70.71 10.07 0.06
CA TRP D 886 69.65 9.06 0.02
C TRP D 886 70.00 7.84 0.84
N THR D 887 71.09 7.90 1.62
CA THR D 887 71.57 6.72 2.32
C THR D 887 70.64 6.33 3.47
N PHE D 888 69.95 7.30 4.05
CA PHE D 888 69.07 7.02 5.18
C PHE D 888 67.82 6.25 4.77
N GLY D 889 67.55 6.13 3.47
CA GLY D 889 66.44 5.29 3.04
C GLY D 889 66.70 3.81 3.27
N ALA D 890 67.94 3.37 3.03
CA ALA D 890 68.27 1.95 3.09
C ALA D 890 68.78 1.54 4.47
N GLY D 891 69.88 2.13 4.92
CA GLY D 891 70.47 1.75 6.18
C GLY D 891 70.48 2.84 7.23
N ALA D 892 71.67 3.34 7.55
CA ALA D 892 71.84 4.41 8.51
C ALA D 892 72.31 5.68 7.79
N ALA D 893 71.90 6.83 8.29
CA ALA D 893 72.23 8.09 7.64
C ALA D 893 73.72 8.38 7.77
N LEU D 894 74.36 8.68 6.64
CA LEU D 894 75.77 9.01 6.58
C LEU D 894 75.92 10.37 5.91
N GLN D 895 76.56 11.31 6.61
CA GLN D 895 76.61 12.68 6.13
C GLN D 895 77.51 12.81 4.91
N ILE D 896 77.04 13.60 3.94
CA ILE D 896 77.75 13.87 2.70
C ILE D 896 77.76 15.40 2.55
N PRO D 897 78.84 16.02 2.08
CA PRO D 897 78.75 17.42 1.70
C PRO D 897 77.80 17.60 0.53
N PHE D 898 77.04 18.70 0.56
CA PHE D 898 75.96 18.88 -0.42
C PHE D 898 76.52 19.15 -1.81
N ALA D 899 77.70 19.75 -1.90
CA ALA D 899 78.35 19.90 -3.19
C ALA D 899 78.76 18.56 -3.77
N MET D 900 79.06 17.58 -2.90
CA MET D 900 79.34 16.23 -3.36
C MET D 900 78.07 15.41 -3.57
N GLN D 901 77.00 15.76 -2.86
CA GLN D 901 75.74 15.05 -3.05
C GLN D 901 75.12 15.34 -4.41
N MET D 902 75.30 16.57 -4.92
CA MET D 902 74.88 16.87 -6.28
C MET D 902 75.72 16.10 -7.28
N ALA D 903 77.02 15.95 -7.00
CA ALA D 903 77.94 15.25 -7.89
C ALA D 903 77.61 13.77 -8.03
N TYR D 904 76.94 13.17 -7.05
CA TYR D 904 76.41 11.83 -7.20
C TYR D 904 75.22 11.77 -8.14
N ARG D 905 74.59 12.90 -8.45
CA ARG D 905 73.33 12.91 -9.17
C ARG D 905 73.45 13.34 -10.62
N PHE D 906 74.46 14.13 -10.97
CA PHE D 906 74.82 14.27 -12.38
C PHE D 906 75.44 13.00 -12.93
N ASN D 907 75.96 12.13 -12.07
CA ASN D 907 76.56 10.87 -12.50
C ASN D 907 75.55 9.79 -12.80
N GLY D 908 74.26 10.12 -12.83
CA GLY D 908 73.22 9.15 -13.14
C GLY D 908 72.48 9.44 -14.42
N ILE D 909 72.83 10.53 -15.09
CA ILE D 909 72.20 10.92 -16.33
C ILE D 909 73.20 10.94 -17.49
N GLY D 910 74.31 10.23 -17.36
CA GLY D 910 75.31 10.22 -18.39
C GLY D 910 76.12 11.49 -18.51
N VAL D 911 76.30 12.22 -17.42
CA VAL D 911 77.04 13.47 -17.40
C VAL D 911 78.22 13.30 -16.45
N THR D 912 79.42 13.59 -16.95
CA THR D 912 80.64 13.42 -16.15
C THR D 912 80.69 14.43 -15.01
N GLN D 913 81.56 14.13 -14.04
CA GLN D 913 81.63 14.90 -12.80
C GLN D 913 82.14 16.32 -13.01
N ASN D 914 82.84 16.59 -14.10
CA ASN D 914 83.50 17.88 -14.28
C ASN D 914 82.52 19.01 -14.62
N VAL D 915 81.26 18.70 -14.88
CA VAL D 915 80.30 19.75 -15.23
C VAL D 915 79.98 20.61 -14.01
N LEU D 916 79.79 19.99 -12.84
CA LEU D 916 79.28 20.71 -11.68
C LEU D 916 80.31 21.68 -11.10
N TYR D 917 81.47 21.16 -10.68
CA TYR D 917 82.44 22.00 -9.98
C TYR D 917 83.07 23.05 -10.89
N GLU D 918 83.03 22.86 -12.21
CA GLU D 918 83.47 23.92 -13.11
C GLU D 918 82.42 25.00 -13.31
N ASN D 919 81.17 24.77 -12.90
CA ASN D 919 80.10 25.74 -13.05
C ASN D 919 79.25 25.78 -11.78
N GLN D 920 79.91 25.79 -10.62
CA GLN D 920 79.18 25.72 -9.36
C GLN D 920 78.42 27.00 -9.03
N LYS D 921 78.85 28.14 -9.57
CA LYS D 921 78.19 29.40 -9.26
C LYS D 921 76.96 29.68 -10.12
N LEU D 922 76.95 29.20 -11.37
CA LEU D 922 75.79 29.41 -12.22
C LEU D 922 74.62 28.53 -11.80
N ILE D 923 74.89 27.29 -11.42
CA ILE D 923 73.83 26.37 -11.02
C ILE D 923 73.21 26.81 -9.69
N ALA D 924 74.04 27.33 -8.79
CA ALA D 924 73.55 27.80 -7.49
C ALA D 924 72.59 28.96 -7.65
N ASN D 925 72.90 29.91 -8.52
CA ASN D 925 72.00 31.04 -8.73
C ASN D 925 70.78 30.63 -9.55
N GLN D 926 70.93 29.66 -10.45
CA GLN D 926 69.78 29.19 -11.23
C GLN D 926 68.79 28.46 -10.36
N PHE D 927 69.28 27.71 -9.36
CA PHE D 927 68.37 27.03 -8.45
C PHE D 927 67.71 28.00 -7.48
N ASN D 928 68.45 29.00 -7.01
CA ASN D 928 67.88 29.99 -6.10
C ASN D 928 66.81 30.82 -6.78
N SER D 929 67.03 31.19 -8.05
CA SER D 929 66.01 31.91 -8.80
C SER D 929 64.81 31.02 -9.12
N ALA D 930 65.02 29.71 -9.21
CA ALA D 930 63.92 28.79 -9.48
C ALA D 930 62.95 28.74 -8.31
N ILE D 931 63.47 28.80 -7.08
CA ILE D 931 62.61 28.82 -5.89
C ILE D 931 61.78 30.10 -5.87
N GLY D 932 62.38 31.23 -6.26
CA GLY D 932 61.65 32.49 -6.28
C GLY D 932 60.52 32.52 -7.28
N LYS D 933 60.65 31.78 -8.40
CA LYS D 933 59.57 31.70 -9.36
C LYS D 933 58.37 30.94 -8.79
N ILE D 934 58.65 29.89 -8.00
CA ILE D 934 57.58 29.17 -7.31
C ILE D 934 56.93 30.06 -6.26
N GLN D 935 57.74 30.93 -5.62
CA GLN D 935 57.24 31.83 -4.59
C GLN D 935 56.18 32.78 -5.13
N ASP D 936 56.42 33.37 -6.30
CA ASP D 936 55.47 34.30 -6.88
C ASP D 936 54.29 33.58 -7.52
N SER D 937 54.51 32.40 -8.11
CA SER D 937 53.43 31.69 -8.80
C SER D 937 52.39 31.17 -7.80
N LEU D 938 52.83 30.74 -6.62
CA LEU D 938 51.88 30.25 -5.63
C LEU D 938 51.15 31.41 -4.95
N SER D 939 51.84 32.52 -4.74
CA SER D 939 51.25 33.63 -4.00
C SER D 939 50.25 34.42 -4.83
N SER D 940 50.49 34.53 -6.14
CA SER D 940 49.67 35.39 -6.97
C SER D 940 48.30 34.77 -7.25
N THR D 941 48.29 33.61 -7.90
CA THR D 941 47.05 32.95 -8.28
C THR D 941 46.69 31.84 -7.30
N ALA D 942 45.39 31.60 -7.15
CA ALA D 942 44.87 30.56 -6.26
C ALA D 942 44.39 29.34 -7.04
N SER D 943 44.61 29.30 -8.35
CA SER D 943 44.15 28.20 -9.19
C SER D 943 45.17 27.07 -9.29
N ALA D 944 46.30 27.16 -8.59
CA ALA D 944 47.30 26.10 -8.63
C ALA D 944 46.84 24.88 -7.86
N LEU D 945 46.09 25.07 -6.78
CA LEU D 945 45.65 23.97 -5.92
C LEU D 945 44.28 23.45 -6.37
N GLY D 946 44.18 23.07 -7.64
CA GLY D 946 42.92 22.56 -8.15
C GLY D 946 42.55 21.20 -7.60
N LYS D 947 43.55 20.32 -7.42
CA LYS D 947 43.25 18.94 -7.08
C LYS D 947 42.77 18.78 -5.64
N LEU D 948 43.41 19.48 -4.69
CA LEU D 948 43.02 19.36 -3.30
C LEU D 948 41.70 20.07 -3.00
N GLN D 949 41.30 21.04 -3.83
CA GLN D 949 40.06 21.75 -3.59
C GLN D 949 38.85 20.89 -3.94
N ASP D 950 38.96 20.07 -4.97
CA ASP D 950 37.83 19.27 -5.44
C ASP D 950 37.50 18.12 -4.49
N VAL D 951 38.42 17.74 -3.61
CA VAL D 951 38.14 16.71 -2.62
C VAL D 951 37.15 17.24 -1.58
N VAL D 952 37.38 18.45 -1.08
CA VAL D 952 36.51 19.02 -0.05
C VAL D 952 35.14 19.38 -0.63
N ASN D 953 35.12 19.98 -1.83
CA ASN D 953 33.86 20.42 -2.42
C ASN D 953 32.96 19.24 -2.79
N GLN D 954 33.54 18.14 -3.29
CA GLN D 954 32.74 16.95 -3.57
C GLN D 954 32.20 16.34 -2.29
N ASN D 955 32.99 16.36 -1.22
CA ASN D 955 32.52 15.86 0.06
C ASN D 955 31.46 16.77 0.66
N ALA D 956 31.57 18.08 0.41
CA ALA D 956 30.60 19.02 0.96
C ALA D 956 29.25 18.92 0.26
N GLN D 957 29.24 18.62 -1.04
CA GLN D 957 27.98 18.45 -1.75
C GLN D 957 27.28 17.16 -1.36
N ALA D 958 28.04 16.17 -0.86
CA ALA D 958 27.42 14.93 -0.41
C ALA D 958 26.58 15.15 0.84
N LEU D 959 27.08 15.94 1.79
CA LEU D 959 26.35 16.18 3.02
C LEU D 959 25.14 17.08 2.79
N ASN D 960 25.30 18.14 1.99
CA ASN D 960 24.21 19.08 1.77
C ASN D 960 23.08 18.45 0.97
N THR D 961 23.40 17.50 0.08
CA THR D 961 22.35 16.70 -0.54
C THR D 961 21.66 15.81 0.49
N LEU D 962 22.44 15.22 1.41
CA LEU D 962 21.87 14.32 2.40
C LEU D 962 21.01 15.06 3.41
N VAL D 963 21.43 16.26 3.82
CA VAL D 963 20.67 17.02 4.80
C VAL D 963 19.35 17.51 4.22
N LYS D 964 19.37 18.02 2.99
CA LYS D 964 18.17 18.56 2.36
C LYS D 964 17.16 17.49 1.99
N GLN D 965 17.52 16.21 2.05
CA GLN D 965 16.57 15.13 1.82
C GLN D 965 15.63 14.90 2.99
N LEU D 966 15.87 15.55 4.14
CA LEU D 966 15.05 15.37 5.31
C LEU D 966 13.77 16.21 5.28
N SER D 967 13.58 17.04 4.27
CA SER D 967 12.37 17.83 4.15
C SER D 967 11.58 17.41 2.92
N SER D 968 11.50 16.12 2.66
CA SER D 968 10.76 15.57 1.53
C SER D 968 9.77 14.54 2.03
N ASN D 969 8.58 14.54 1.43
CA ASN D 969 7.50 13.70 1.94
C ASN D 969 7.70 12.24 1.56
N PHE D 970 8.35 11.99 0.42
CA PHE D 970 8.70 10.64 -0.07
C PHE D 970 7.46 9.74 -0.20
N GLY D 971 6.36 10.32 -0.68
CA GLY D 971 5.14 9.57 -0.88
C GLY D 971 4.11 9.69 0.22
N ALA D 972 4.47 10.27 1.36
CA ALA D 972 3.55 10.47 2.46
C ALA D 972 2.87 11.83 2.34
N ILE D 973 2.11 12.20 3.38
CA ILE D 973 1.39 13.46 3.36
C ILE D 973 2.17 14.59 4.02
N SER D 974 3.21 14.28 4.79
CA SER D 974 3.98 15.30 5.48
C SER D 974 5.45 14.87 5.49
N SER D 975 6.29 15.70 6.11
CA SER D 975 7.71 15.42 6.21
C SER D 975 8.24 15.60 7.64
N VAL D 976 7.35 15.67 8.62
CA VAL D 976 7.72 15.86 10.02
C VAL D 976 7.30 14.63 10.80
N LEU D 977 8.23 14.05 11.56
CA LEU D 977 7.93 12.84 12.32
C LEU D 977 6.93 13.11 13.44
N ASN D 978 7.01 14.28 14.07
CA ASN D 978 6.10 14.60 15.17
C ASN D 978 4.70 14.97 14.66
N ASP D 979 4.63 15.65 13.52
CA ASP D 979 3.34 16.14 13.05
C ASP D 979 2.44 15.03 12.55
N ILE D 980 3.01 13.99 11.93
CA ILE D 980 2.20 12.90 11.40
C ILE D 980 1.59 12.07 12.54
N LEU D 981 2.27 11.99 13.68
CA LEU D 981 1.73 11.22 14.80
C LEU D 981 0.55 11.94 15.45
N SER D 982 0.61 13.27 15.51
CA SER D 982 -0.46 14.03 16.15
C SER D 982 -1.72 14.08 15.28
N ARG D 983 -1.55 14.29 13.97
CA ARG D 983 -2.70 14.52 13.11
C ARG D 983 -3.45 13.22 12.80
N LEU D 984 -2.74 12.11 12.64
CA LEU D 984 -3.35 10.87 12.21
C LEU D 984 -3.24 9.82 13.31
N ASP D 985 -4.19 8.89 13.32
CA ASP D 985 -4.25 7.88 14.37
C ASP D 985 -3.11 6.88 14.22
N PRO D 986 -2.50 6.46 15.32
CA PRO D 986 -1.37 5.49 15.27
C PRO D 986 -1.74 4.13 14.67
N PRO D 987 -3.01 3.68 14.70
CA PRO D 987 -3.36 2.53 13.85
C PRO D 987 -3.09 2.74 12.37
N GLU D 988 -3.24 3.96 11.84
CA GLU D 988 -2.95 4.22 10.44
C GLU D 988 -1.80 5.18 10.22
N ALA D 989 -1.21 5.73 11.29
CA ALA D 989 -0.01 6.54 11.12
C ALA D 989 1.22 5.69 10.81
N GLU D 990 1.16 4.39 11.11
CA GLU D 990 2.29 3.51 10.79
C GLU D 990 2.47 3.34 9.29
N VAL D 991 1.38 3.41 8.52
CA VAL D 991 1.47 3.39 7.06
C VAL D 991 2.19 4.64 6.55
N GLN D 992 1.84 5.80 7.11
CA GLN D 992 2.46 7.05 6.67
C GLN D 992 3.92 7.13 7.13
N ILE D 993 4.21 6.69 8.35
CA ILE D 993 5.60 6.72 8.82
C ILE D 993 6.43 5.64 8.16
N ASP D 994 5.80 4.62 7.56
CA ASP D 994 6.54 3.67 6.76
C ASP D 994 7.07 4.32 5.49
N ARG D 995 6.34 5.31 4.95
CA ARG D 995 6.83 6.06 3.81
C ARG D 995 8.05 6.90 4.17
N LEU D 996 8.13 7.36 5.41
CA LEU D 996 9.36 7.98 5.90
C LEU D 996 10.26 6.95 6.57
N ILE D 997 10.44 5.81 5.90
CA ILE D 997 11.47 4.84 6.25
C ILE D 997 12.24 4.54 4.98
N THR D 998 11.53 4.01 3.98
CA THR D 998 12.16 3.67 2.70
C THR D 998 12.63 4.93 1.96
N GLY D 999 11.91 6.03 2.11
CA GLY D 999 12.34 7.29 1.52
C GLY D 999 13.58 7.87 2.17
N ARG D 1000 13.88 7.48 3.40
CA ARG D 1000 15.07 7.94 4.09
C ARG D 1000 16.17 6.88 4.19
N LEU D 1001 15.81 5.60 4.20
CA LEU D 1001 16.83 4.56 4.22
C LEU D 1001 17.55 4.46 2.89
N GLN D 1002 16.81 4.59 1.78
CA GLN D 1002 17.43 4.57 0.46
C GLN D 1002 18.27 5.82 0.21
N SER D 1003 17.98 6.92 0.89
CA SER D 1003 18.81 8.12 0.78
C SER D 1003 20.12 8.01 1.56
N LEU D 1004 20.24 7.02 2.44
CA LEU D 1004 21.48 6.80 3.17
C LEU D 1004 22.39 5.80 2.48
N GLN D 1005 21.82 4.71 1.97
CA GLN D 1005 22.61 3.72 1.24
C GLN D 1005 23.16 4.27 -0.08
N THR D 1006 22.48 5.25 -0.66
CA THR D 1006 23.03 5.92 -1.84
C THR D 1006 24.28 6.71 -1.46
N TYR D 1007 24.25 7.42 -0.34
CA TYR D 1007 25.39 8.22 0.08
C TYR D 1007 26.58 7.35 0.48
N VAL D 1008 26.31 6.21 1.13
CA VAL D 1008 27.37 5.31 1.56
C VAL D 1008 28.06 4.68 0.35
N THR D 1009 27.27 4.26 -0.64
CA THR D 1009 27.83 3.67 -1.86
C THR D 1009 28.66 4.68 -2.63
N GLN D 1010 28.21 5.94 -2.68
CA GLN D 1010 29.01 6.99 -3.31
C GLN D 1010 30.31 7.23 -2.54
N GLN D 1011 30.28 7.06 -1.21
CA GLN D 1011 31.48 7.27 -0.41
C GLN D 1011 32.48 6.13 -0.59
N LEU D 1012 31.99 4.89 -0.74
CA LEU D 1012 32.90 3.75 -0.89
C LEU D 1012 33.62 3.80 -2.23
N ILE D 1013 32.93 4.24 -3.29
CA ILE D 1013 33.57 4.37 -4.59
C ILE D 1013 34.57 5.52 -4.58
N ARG D 1014 34.21 6.64 -3.93
CA ARG D 1014 35.11 7.78 -3.87
C ARG D 1014 36.32 7.50 -3.01
N ALA D 1015 36.17 6.70 -1.95
CA ALA D 1015 37.30 6.35 -1.10
C ALA D 1015 38.28 5.40 -1.79
N ALA D 1016 37.87 4.72 -2.86
CA ALA D 1016 38.82 3.91 -3.62
C ALA D 1016 39.71 4.75 -4.52
N GLU D 1017 39.23 5.94 -4.91
CA GLU D 1017 40.05 6.85 -5.70
C GLU D 1017 41.23 7.39 -4.90
N ILE D 1018 40.99 7.70 -3.62
CA ILE D 1018 42.02 8.32 -2.81
C ILE D 1018 43.14 7.33 -2.48
N ARG D 1019 42.77 6.08 -2.18
CA ARG D 1019 43.78 5.05 -1.95
C ARG D 1019 44.62 4.80 -3.19
N ALA D 1020 43.99 4.85 -4.37
CA ALA D 1020 44.74 4.77 -5.62
C ALA D 1020 45.65 5.98 -5.81
N SER D 1021 45.34 7.10 -5.18
CA SER D 1021 46.22 8.27 -5.19
C SER D 1021 47.12 8.34 -3.98
N ALA D 1022 46.77 7.69 -2.88
CA ALA D 1022 47.67 7.63 -1.73
C ALA D 1022 48.80 6.63 -1.96
N ASN D 1023 48.51 5.52 -2.64
CA ASN D 1023 49.56 4.56 -2.97
C ASN D 1023 50.50 5.11 -4.03
N LEU D 1024 49.99 5.96 -4.92
CA LEU D 1024 50.86 6.59 -5.91
C LEU D 1024 51.77 7.63 -5.26
N ALA D 1025 51.25 8.37 -4.28
CA ALA D 1025 52.07 9.32 -3.55
C ALA D 1025 53.09 8.62 -2.66
N ALA D 1026 52.73 7.45 -2.09
CA ALA D 1026 53.68 6.69 -1.30
C ALA D 1026 54.79 6.11 -2.17
N THR D 1027 54.51 5.83 -3.45
CA THR D 1027 55.54 5.36 -4.36
C THR D 1027 56.52 6.47 -4.69
N LYS D 1028 56.03 7.69 -4.87
CA LYS D 1028 56.93 8.81 -5.17
C LYS D 1028 57.82 9.15 -3.99
N MET D 1029 57.28 9.10 -2.77
CA MET D 1029 58.10 9.40 -1.60
C MET D 1029 59.14 8.31 -1.33
N SER D 1030 58.94 7.11 -1.87
CA SER D 1030 59.92 6.03 -1.70
C SER D 1030 60.98 6.04 -2.79
N GLU D 1031 60.67 6.57 -3.97
CA GLU D 1031 61.63 6.60 -5.07
C GLU D 1031 62.15 8.00 -5.36
N CYS D 1032 61.26 8.97 -5.51
CA CYS D 1032 61.67 10.31 -5.96
C CYS D 1032 62.31 11.13 -4.86
N VAL D 1033 62.15 10.76 -3.60
CA VAL D 1033 62.73 11.48 -2.47
C VAL D 1033 63.91 10.72 -1.87
N LEU D 1034 63.71 9.44 -1.57
CA LEU D 1034 64.72 8.59 -0.96
C LEU D 1034 65.71 8.03 -1.97
N GLY D 1035 65.74 8.56 -3.18
CA GLY D 1035 66.66 8.08 -4.18
C GLY D 1035 66.55 8.90 -5.45
N GLN D 1036 67.08 8.35 -6.53
CA GLN D 1036 66.97 8.96 -7.85
C GLN D 1036 66.28 7.98 -8.78
N SER D 1037 65.33 8.49 -9.57
CA SER D 1037 64.50 7.64 -10.41
C SER D 1037 64.94 7.72 -11.87
N LYS D 1038 64.93 6.57 -12.54
CA LYS D 1038 65.25 6.49 -13.96
C LYS D 1038 64.01 6.23 -14.81
N ARG D 1039 62.82 6.34 -14.23
CA ARG D 1039 61.59 6.23 -15.00
C ARG D 1039 61.35 7.55 -15.73
N VAL D 1040 61.23 7.47 -17.06
CA VAL D 1040 61.10 8.69 -17.86
C VAL D 1040 59.73 9.31 -17.65
N ASP D 1041 59.73 10.63 -17.42
CA ASP D 1041 58.52 11.43 -17.17
C ASP D 1041 57.75 10.92 -15.95
N PHE D 1042 58.48 10.56 -14.90
CA PHE D 1042 57.90 10.24 -13.61
C PHE D 1042 57.99 11.42 -12.65
N CYS D 1043 59.20 11.92 -12.41
CA CYS D 1043 59.42 13.11 -11.59
C CYS D 1043 59.66 14.30 -12.52
N GLY D 1044 58.58 14.78 -13.11
CA GLY D 1044 58.64 15.96 -13.96
C GLY D 1044 59.23 15.66 -15.33
N LYS D 1045 58.90 16.55 -16.28
CA LYS D 1045 59.35 16.40 -17.66
C LYS D 1045 60.84 16.72 -17.74
N GLY D 1046 61.67 15.70 -17.91
CA GLY D 1046 63.10 15.90 -18.07
C GLY D 1046 63.93 14.92 -17.28
N TYR D 1047 65.25 14.99 -17.43
CA TYR D 1047 66.14 14.20 -16.60
C TYR D 1047 66.04 14.64 -15.15
N HIS D 1048 65.93 13.67 -14.25
CA HIS D 1048 65.60 13.93 -12.85
C HIS D 1048 66.87 14.09 -12.01
N LEU D 1049 66.79 15.01 -11.04
CA LEU D 1049 67.87 15.18 -10.07
C LEU D 1049 67.45 14.81 -8.67
N MET D 1050 66.42 15.44 -8.11
CA MET D 1050 65.91 15.12 -6.78
C MET D 1050 64.50 15.71 -6.65
N SER D 1051 63.96 15.67 -5.44
CA SER D 1051 62.68 16.31 -5.14
C SER D 1051 62.59 16.56 -3.64
N PHE D 1052 61.68 17.44 -3.26
CA PHE D 1052 61.44 17.76 -1.86
C PHE D 1052 59.96 17.69 -1.55
N PRO D 1053 59.57 17.14 -0.40
CA PRO D 1053 58.16 17.10 -0.03
C PRO D 1053 57.75 18.29 0.81
N GLN D 1054 56.48 18.69 0.63
CA GLN D 1054 55.87 19.73 1.45
C GLN D 1054 54.46 19.30 1.81
N SER D 1055 54.02 19.73 2.99
CA SER D 1055 52.71 19.35 3.49
C SER D 1055 51.61 20.25 2.93
N ALA D 1056 50.38 19.76 3.03
CA ALA D 1056 49.21 20.47 2.54
C ALA D 1056 48.00 19.94 3.29
N PRO D 1057 46.92 20.73 3.38
CA PRO D 1057 45.70 20.22 4.03
C PRO D 1057 45.04 19.11 3.24
N HIS D 1058 45.12 17.88 3.78
CA HIS D 1058 44.62 16.65 3.13
C HIS D 1058 45.26 16.47 1.76
N GLY D 1059 46.59 16.33 1.76
CA GLY D 1059 47.33 16.16 0.54
C GLY D 1059 48.78 16.51 0.74
N VAL D 1060 49.58 16.20 -0.29
CA VAL D 1060 51.01 16.45 -0.27
C VAL D 1060 51.38 17.19 -1.56
N VAL D 1061 52.43 18.00 -1.48
CA VAL D 1061 52.90 18.81 -2.60
C VAL D 1061 54.39 18.59 -2.76
N PHE D 1062 54.81 18.24 -3.96
CA PHE D 1062 56.22 17.98 -4.26
C PHE D 1062 56.85 19.17 -4.97
N LEU D 1063 58.19 19.21 -4.92
CA LEU D 1063 58.99 20.24 -5.60
C LEU D 1063 60.09 19.51 -6.39
N HIS D 1064 59.76 19.09 -7.61
CA HIS D 1064 60.72 18.35 -8.41
C HIS D 1064 61.79 19.28 -8.97
N VAL D 1065 62.99 18.74 -9.15
CA VAL D 1065 64.12 19.49 -9.70
C VAL D 1065 64.65 18.69 -10.88
N THR D 1066 64.40 19.17 -12.09
CA THR D 1066 64.77 18.47 -13.33
C THR D 1066 65.93 19.18 -14.01
N TYR D 1067 66.35 18.60 -15.14
CA TYR D 1067 67.50 19.07 -15.89
C TYR D 1067 67.15 19.07 -17.36
N VAL D 1068 67.19 20.25 -18.00
CA VAL D 1068 66.72 20.41 -19.37
C VAL D 1068 67.81 21.09 -20.21
N PRO D 1069 68.24 20.49 -21.32
CA PRO D 1069 69.19 21.17 -22.21
C PRO D 1069 68.56 22.35 -22.92
N ALA D 1070 69.40 23.29 -23.35
CA ALA D 1070 68.92 24.58 -23.84
C ALA D 1070 69.21 24.81 -25.32
N GLN D 1071 70.47 24.79 -25.74
CA GLN D 1071 70.85 25.28 -27.07
C GLN D 1071 71.62 24.20 -27.82
N GLU D 1072 71.14 23.87 -29.02
CA GLU D 1072 71.72 22.80 -29.83
C GLU D 1072 72.55 23.36 -30.98
N LYS D 1073 73.46 22.53 -31.48
CA LYS D 1073 74.34 22.89 -32.59
C LYS D 1073 74.43 21.74 -33.59
N ASN D 1074 74.44 22.08 -34.87
CA ASN D 1074 74.64 21.09 -35.93
C ASN D 1074 76.09 20.61 -35.94
N PHE D 1075 76.26 19.35 -36.33
CA PHE D 1075 77.58 18.77 -36.53
C PHE D 1075 77.48 17.65 -37.56
N THR D 1076 78.62 17.03 -37.84
CA THR D 1076 78.72 15.91 -38.77
C THR D 1076 79.30 14.71 -38.04
N THR D 1077 78.71 13.53 -38.26
CA THR D 1077 79.05 12.35 -37.49
C THR D 1077 79.26 11.15 -38.41
N ALA D 1078 79.98 10.16 -37.87
CA ALA D 1078 80.23 8.89 -38.52
C ALA D 1078 80.34 7.88 -37.38
N PRO D 1079 79.69 6.72 -37.47
CA PRO D 1079 79.58 5.83 -36.30
C PRO D 1079 80.81 4.97 -36.04
N ALA D 1080 81.88 5.12 -36.81
CA ALA D 1080 83.09 4.35 -36.60
C ALA D 1080 84.28 5.10 -37.19
N ILE D 1081 85.47 4.68 -36.81
CA ILE D 1081 86.72 5.31 -37.21
C ILE D 1081 87.68 4.21 -37.64
N CYS D 1082 88.37 4.43 -38.75
CA CYS D 1082 89.30 3.42 -39.29
C CYS D 1082 90.69 4.04 -39.37
N HIS D 1083 91.66 3.40 -38.73
CA HIS D 1083 93.04 3.90 -38.70
C HIS D 1083 94.03 2.96 -39.35
N ASP D 1084 94.01 1.68 -39.01
CA ASP D 1084 94.92 0.68 -39.56
C ASP D 1084 94.14 -0.46 -40.16
N GLY D 1085 93.12 -0.13 -40.96
CA GLY D 1085 92.24 -1.13 -41.51
C GLY D 1085 91.41 -1.84 -40.47
N LYS D 1086 90.88 -1.10 -39.50
CA LYS D 1086 90.17 -1.70 -38.39
C LYS D 1086 89.24 -0.66 -37.77
N ALA D 1087 88.09 -1.11 -37.28
CA ALA D 1087 87.12 -0.22 -36.66
C ALA D 1087 87.65 0.28 -35.33
N HIS D 1088 87.24 1.49 -34.95
CA HIS D 1088 87.68 2.13 -33.72
C HIS D 1088 86.49 2.72 -32.98
N PHE D 1089 85.48 1.88 -32.72
CA PHE D 1089 84.32 2.13 -31.87
C PHE D 1089 84.68 2.87 -30.59
N PRO D 1090 83.99 3.96 -30.27
CA PRO D 1090 84.30 4.71 -29.05
C PRO D 1090 83.67 4.06 -27.83
N ARG D 1091 84.34 4.26 -26.69
CA ARG D 1091 83.91 3.62 -25.45
C ARG D 1091 82.63 4.25 -24.91
N GLU D 1092 82.56 5.58 -24.88
CA GLU D 1092 81.40 6.28 -24.34
C GLU D 1092 81.28 7.62 -25.06
N GLY D 1093 80.36 7.68 -26.02
CA GLY D 1093 80.13 8.88 -26.80
C GLY D 1093 80.03 8.57 -28.27
N VAL D 1094 79.91 9.65 -29.06
CA VAL D 1094 79.87 9.55 -30.51
C VAL D 1094 81.07 10.29 -31.08
N PHE D 1095 81.25 10.16 -32.40
CA PHE D 1095 82.35 10.79 -33.12
C PHE D 1095 81.80 11.95 -33.93
N VAL D 1096 82.26 13.17 -33.62
CA VAL D 1096 81.75 14.38 -34.26
C VAL D 1096 82.91 15.10 -34.95
N SER D 1097 82.55 15.95 -35.89
CA SER D 1097 83.53 16.80 -36.56
C SER D 1097 82.85 18.11 -36.96
N ASN D 1098 83.53 19.22 -36.73
CA ASN D 1098 83.03 20.51 -37.18
C ASN D 1098 83.39 20.80 -38.63
N GLY D 1099 84.18 19.95 -39.26
CA GLY D 1099 84.53 20.13 -40.66
C GLY D 1099 85.99 19.80 -40.97
N THR D 1100 86.88 20.00 -39.99
CA THR D 1100 88.30 19.78 -40.21
C THR D 1100 88.85 18.63 -39.37
N HIS D 1101 88.69 18.67 -38.06
CA HIS D 1101 89.26 17.67 -37.16
C HIS D 1101 88.13 16.93 -36.45
N TRP D 1102 88.20 15.60 -36.46
CA TRP D 1102 87.21 14.79 -35.79
C TRP D 1102 87.41 14.84 -34.28
N PHE D 1103 86.30 14.71 -33.54
CA PHE D 1103 86.31 14.79 -32.10
C PHE D 1103 85.36 13.76 -31.51
N VAL D 1104 85.68 13.32 -30.29
CA VAL D 1104 84.81 12.47 -29.50
C VAL D 1104 84.31 13.28 -28.31
N THR D 1105 83.02 13.14 -28.01
CA THR D 1105 82.40 13.91 -26.94
C THR D 1105 81.29 13.09 -26.31
N GLN D 1106 80.88 13.50 -25.11
CA GLN D 1106 79.80 12.79 -24.43
C GLN D 1106 78.45 13.14 -25.07
N ARG D 1107 77.42 12.48 -24.57
CA ARG D 1107 76.16 12.35 -25.30
C ARG D 1107 75.10 13.37 -24.89
N ASN D 1108 75.39 14.25 -23.94
CA ASN D 1108 74.39 15.23 -23.51
C ASN D 1108 74.94 16.63 -23.24
N PHE D 1109 76.21 16.89 -23.51
CA PHE D 1109 76.81 18.19 -23.26
C PHE D 1109 78.09 18.28 -24.06
N TYR D 1110 78.25 19.37 -24.82
CA TYR D 1110 79.37 19.46 -25.75
C TYR D 1110 80.68 19.64 -25.00
N GLU D 1111 81.58 18.68 -25.14
CA GLU D 1111 82.92 18.72 -24.58
C GLU D 1111 83.84 17.82 -25.38
N PRO D 1112 84.45 18.31 -26.45
CA PRO D 1112 85.25 17.44 -27.32
C PRO D 1112 86.62 17.14 -26.75
N GLN D 1113 87.15 15.99 -27.16
CA GLN D 1113 88.51 15.58 -26.81
C GLN D 1113 89.19 14.98 -28.03
N ILE D 1114 90.52 15.02 -28.02
CA ILE D 1114 91.31 14.41 -29.08
C ILE D 1114 91.28 12.89 -28.90
N ILE D 1115 91.00 12.17 -29.98
CA ILE D 1115 90.86 10.72 -29.92
C ILE D 1115 92.22 10.09 -29.62
N THR D 1116 92.28 9.30 -28.56
CA THR D 1116 93.48 8.56 -28.16
C THR D 1116 93.15 7.07 -28.10
N THR D 1117 94.17 6.28 -27.78
CA THR D 1117 93.98 4.83 -27.64
C THR D 1117 93.10 4.49 -26.45
N ASP D 1118 93.16 5.29 -25.39
CA ASP D 1118 92.29 5.07 -24.24
C ASP D 1118 90.83 5.37 -24.53
N ASN D 1119 90.56 6.20 -25.55
CA ASN D 1119 89.19 6.61 -25.85
C ASN D 1119 88.38 5.52 -26.54
N THR D 1120 89.03 4.52 -27.13
CA THR D 1120 88.34 3.60 -28.02
C THR D 1120 88.78 2.17 -27.78
N PHE D 1121 87.94 1.24 -28.22
CA PHE D 1121 88.25 -0.18 -28.28
C PHE D 1121 88.08 -0.68 -29.71
N VAL D 1122 88.92 -1.64 -30.08
CA VAL D 1122 89.10 -2.05 -31.47
C VAL D 1122 88.48 -3.44 -31.67
N SER D 1123 87.75 -3.59 -32.78
CA SER D 1123 87.18 -4.87 -33.15
C SER D 1123 86.90 -4.89 -34.65
N GLY D 1124 87.39 -5.93 -35.32
CA GLY D 1124 87.07 -6.14 -36.72
C GLY D 1124 87.94 -5.33 -37.68
N ASN D 1125 87.73 -5.60 -38.97
CA ASN D 1125 88.46 -4.93 -40.04
C ASN D 1125 87.66 -3.73 -40.56
N CYS D 1126 88.04 -3.22 -41.74
CA CYS D 1126 87.56 -1.95 -42.26
C CYS D 1126 86.69 -2.13 -43.51
N ASP D 1127 85.83 -3.14 -43.53
CA ASP D 1127 84.91 -3.28 -44.66
C ASP D 1127 83.47 -3.62 -44.27
N VAL D 1128 83.23 -4.21 -43.10
CA VAL D 1128 81.88 -4.65 -42.76
C VAL D 1128 81.01 -3.45 -42.40
N VAL D 1129 81.56 -2.48 -41.69
CA VAL D 1129 80.79 -1.34 -41.22
C VAL D 1129 80.43 -0.42 -42.40
N ILE D 1130 79.27 0.22 -42.30
CA ILE D 1130 78.81 1.19 -43.29
C ILE D 1130 78.84 2.57 -42.66
N GLY D 1131 79.40 3.53 -43.36
CA GLY D 1131 79.60 4.86 -42.82
C GLY D 1131 80.99 5.14 -42.32
N ILE D 1132 81.98 4.34 -42.72
CA ILE D 1132 83.32 4.46 -42.19
C ILE D 1132 83.99 5.74 -42.69
N VAL D 1133 84.77 6.37 -41.81
CA VAL D 1133 85.53 7.58 -42.11
C VAL D 1133 86.92 7.43 -41.51
N ASN D 1134 87.95 7.70 -42.31
CA ASN D 1134 89.32 7.58 -41.84
C ASN D 1134 89.69 8.69 -40.86
N ASN D 1135 90.69 8.40 -40.04
CA ASN D 1135 91.24 9.34 -39.06
C ASN D 1135 92.58 8.78 -38.60
N THR D 1136 93.30 9.56 -37.80
CA THR D 1136 94.53 9.14 -37.16
C THR D 1136 94.34 9.22 -35.65
N VAL D 1137 94.57 8.11 -34.97
CA VAL D 1137 94.40 8.02 -33.51
C VAL D 1137 95.78 8.11 -32.88
N TYR D 1138 95.99 9.17 -32.10
CA TYR D 1138 97.30 9.39 -31.49
C TYR D 1138 97.54 8.42 -30.33
N ASP D 1139 98.76 7.92 -30.24
CA ASP D 1139 99.14 7.01 -29.17
C ASP D 1139 99.94 7.76 -28.12
N PRO D 1140 99.47 7.84 -26.87
CA PRO D 1140 100.21 8.58 -25.84
C PRO D 1140 101.51 7.92 -25.42
N LEU D 1141 101.68 6.62 -25.70
CA LEU D 1141 102.84 5.90 -25.18
C LEU D 1141 104.12 6.27 -25.91
N GLN D 1142 104.06 6.42 -27.24
CA GLN D 1142 105.28 6.62 -28.03
C GLN D 1142 106.01 7.93 -27.73
N PRO D 1143 105.36 9.10 -27.63
CA PRO D 1143 106.11 10.28 -27.14
C PRO D 1143 106.53 10.15 -25.69
N GLU D 1144 105.74 9.48 -24.86
CA GLU D 1144 106.13 9.25 -23.47
C GLU D 1144 107.33 8.33 -23.38
N LEU D 1145 107.37 7.27 -24.20
CA LEU D 1145 108.52 6.39 -24.22
C LEU D 1145 109.72 7.01 -24.93
N ASP D 1146 109.49 8.06 -25.73
CA ASP D 1146 110.60 8.75 -26.38
C ASP D 1146 111.45 9.48 -25.36
N SER D 1147 110.84 10.10 -24.37
CA SER D 1147 111.57 10.82 -23.33
C SER D 1147 111.57 10.03 -22.02
N GLN E 1 -57.33 56.79 40.32
CA GLN E 1 -56.17 56.20 39.66
C GLN E 1 -56.59 55.56 38.34
N MET E 2 -57.75 54.90 38.35
CA MET E 2 -58.32 54.33 37.13
C MET E 2 -59.16 55.42 36.48
N GLN E 3 -58.48 56.27 35.71
CA GLN E 3 -59.12 57.43 35.10
C GLN E 3 -58.23 57.93 33.96
N LEU E 4 -58.85 58.31 32.86
CA LEU E 4 -58.17 58.95 31.74
C LEU E 4 -58.67 60.39 31.62
N VAL E 5 -57.74 61.31 31.37
CA VAL E 5 -58.09 62.73 31.32
C VAL E 5 -58.89 63.02 30.06
N GLN E 6 -59.94 63.83 30.21
CA GLN E 6 -60.80 64.20 29.10
C GLN E 6 -60.39 65.58 28.61
N SER E 7 -60.06 65.68 27.32
CA SER E 7 -59.74 66.96 26.72
C SER E 7 -61.00 67.81 26.57
N GLY E 8 -60.79 69.11 26.37
CA GLY E 8 -61.92 70.01 26.23
C GLY E 8 -62.70 69.75 24.94
N ALA E 9 -64.02 69.86 25.05
CA ALA E 9 -64.89 69.64 23.89
C ALA E 9 -64.72 70.77 22.90
N GLU E 10 -64.47 70.41 21.63
CA GLU E 10 -64.17 71.38 20.59
C GLU E 10 -65.08 71.15 19.39
N VAL E 11 -65.47 72.24 18.74
CA VAL E 11 -66.17 72.22 17.47
C VAL E 11 -65.18 72.66 16.40
N LYS E 12 -65.14 71.90 15.30
CA LYS E 12 -64.11 72.09 14.29
C LYS E 12 -64.74 72.31 12.92
N LYS E 13 -64.02 73.05 12.08
CA LYS E 13 -64.41 73.24 10.70
C LYS E 13 -64.21 71.94 9.92
N PRO E 14 -64.89 71.77 8.79
CA PRO E 14 -64.59 70.63 7.92
C PRO E 14 -63.16 70.69 7.41
N GLY E 15 -62.51 69.52 7.38
CA GLY E 15 -61.12 69.44 6.98
C GLY E 15 -60.12 69.84 8.03
N ALA E 16 -60.54 69.98 9.28
CA ALA E 16 -59.64 70.38 10.36
C ALA E 16 -59.26 69.18 11.22
N SER E 17 -58.04 69.19 11.73
CA SER E 17 -57.54 68.08 12.53
C SER E 17 -58.20 68.06 13.91
N VAL E 18 -58.45 66.85 14.41
CA VAL E 18 -59.03 66.64 15.73
C VAL E 18 -58.07 65.79 16.55
N LYS E 19 -57.95 66.12 17.83
CA LYS E 19 -57.03 65.44 18.74
C LYS E 19 -57.76 64.97 19.98
N VAL E 20 -57.25 63.88 20.57
CA VAL E 20 -57.79 63.34 21.80
C VAL E 20 -56.68 62.59 22.53
N SER E 21 -56.62 62.74 23.84
CA SER E 21 -55.61 62.12 24.69
C SER E 21 -56.25 61.13 25.64
N CYS E 22 -55.63 59.95 25.75
CA CYS E 22 -56.09 58.89 26.65
C CYS E 22 -54.88 58.42 27.47
N LYS E 23 -54.69 59.01 28.64
CA LYS E 23 -53.56 58.66 29.48
C LYS E 23 -53.80 57.33 30.19
N ALA E 24 -52.71 56.61 30.42
CA ALA E 24 -52.73 55.34 31.15
C ALA E 24 -51.74 55.43 32.30
N SER E 25 -52.24 55.56 33.52
CA SER E 25 -51.42 55.74 34.70
C SER E 25 -51.42 54.47 35.54
N GLY E 26 -50.23 54.11 36.04
CA GLY E 26 -50.11 52.94 36.88
C GLY E 26 -50.17 51.65 36.08
N TYR E 27 -50.41 50.56 36.82
CA TYR E 27 -50.56 49.20 36.30
C TYR E 27 -49.33 48.74 35.50
N THR E 28 -49.52 47.71 34.69
CA THR E 28 -48.47 47.20 33.80
C THR E 28 -48.87 47.46 32.36
N PHE E 29 -47.86 47.67 31.52
CA PHE E 29 -48.07 48.06 30.12
C PHE E 29 -47.75 46.89 29.21
N THR E 30 -47.95 47.13 27.90
CA THR E 30 -47.72 46.16 26.82
C THR E 30 -48.50 44.87 27.02
N SER E 31 -49.70 44.98 27.59
CA SER E 31 -50.58 43.83 27.81
C SER E 31 -51.95 44.01 27.19
N TYR E 32 -52.53 45.20 27.30
CA TYR E 32 -53.86 45.48 26.79
C TYR E 32 -53.78 46.30 25.52
N ALA E 33 -54.61 45.95 24.54
CA ALA E 33 -54.71 46.70 23.30
C ALA E 33 -55.67 47.87 23.50
N ILE E 34 -55.17 49.09 23.28
CA ILE E 34 -56.02 50.26 23.48
C ILE E 34 -57.00 50.35 22.31
N SER E 35 -58.15 50.99 22.56
CA SER E 35 -59.24 50.98 21.60
C SER E 35 -60.02 52.28 21.72
N TRP E 36 -60.71 52.62 20.64
CA TRP E 36 -61.47 53.87 20.58
C TRP E 36 -62.87 53.60 20.06
N VAL E 37 -63.85 54.29 20.62
CA VAL E 37 -65.23 54.20 20.17
C VAL E 37 -65.80 55.61 20.03
N ARG E 38 -66.50 55.86 18.93
CA ARG E 38 -67.10 57.16 18.66
C ARG E 38 -68.60 57.06 18.83
N GLN E 39 -69.18 57.99 19.58
CA GLN E 39 -70.64 58.04 19.72
C GLN E 39 -71.09 59.49 19.72
N ALA E 40 -72.30 59.71 19.24
CA ALA E 40 -72.90 61.03 19.18
C ALA E 40 -74.05 61.14 20.18
N PRO E 41 -74.38 62.34 20.64
CA PRO E 41 -75.58 62.52 21.48
C PRO E 41 -76.84 62.14 20.72
N GLY E 42 -77.52 61.12 21.21
CA GLY E 42 -78.66 60.55 20.52
C GLY E 42 -78.34 59.43 19.55
N GLN E 43 -77.07 59.03 19.47
CA GLN E 43 -76.64 57.95 18.58
C GLN E 43 -75.87 56.92 19.38
N GLY E 44 -76.04 55.66 19.03
CA GLY E 44 -75.37 54.58 19.74
C GLY E 44 -73.88 54.55 19.48
N LEU E 45 -73.18 53.81 20.33
CA LEU E 45 -71.74 53.67 20.22
C LEU E 45 -71.37 52.86 18.98
N GLU E 46 -70.27 53.24 18.34
CA GLU E 46 -69.73 52.46 17.23
C GLU E 46 -68.21 52.47 17.29
N TRP E 47 -67.62 51.28 17.27
CA TRP E 47 -66.18 51.11 17.31
C TRP E 47 -65.54 51.48 15.97
N MET E 48 -64.35 52.06 16.03
CA MET E 48 -63.66 52.47 14.81
C MET E 48 -62.19 52.04 14.75
N GLY E 49 -61.51 51.89 15.89
CA GLY E 49 -60.07 51.73 15.84
C GLY E 49 -59.50 51.05 17.06
N ARG E 50 -58.42 50.29 16.85
CA ARG E 50 -57.66 49.63 17.90
C ARG E 50 -56.17 49.82 17.64
N ILE E 51 -55.39 49.99 18.70
CA ILE E 51 -53.93 50.01 18.60
C ILE E 51 -53.38 48.99 19.59
N ILE E 52 -52.57 48.07 19.09
CA ILE E 52 -51.77 47.23 19.98
C ILE E 52 -50.52 48.01 20.38
N PRO E 53 -50.14 48.04 21.66
CA PRO E 53 -48.96 48.82 22.07
C PRO E 53 -47.63 48.17 21.72
N ILE E 54 -47.63 46.94 21.19
CA ILE E 54 -46.37 46.25 20.92
C ILE E 54 -45.66 46.89 19.74
N LEU E 55 -46.39 47.16 18.65
CA LEU E 55 -45.80 47.83 17.49
C LEU E 55 -46.57 49.08 17.06
N GLY E 56 -47.71 49.38 17.67
CA GLY E 56 -48.45 50.57 17.29
C GLY E 56 -49.23 50.47 16.00
N ILE E 57 -49.55 49.26 15.55
CA ILE E 57 -50.31 49.09 14.31
C ILE E 57 -51.77 49.42 14.58
N ALA E 58 -52.56 49.58 13.53
CA ALA E 58 -53.94 50.00 13.63
C ALA E 58 -54.87 48.92 13.10
N ASN E 59 -55.86 48.54 13.90
CA ASN E 59 -56.92 47.63 13.50
C ASN E 59 -58.17 48.46 13.25
N TYR E 60 -58.78 48.28 12.09
CA TYR E 60 -59.77 49.21 11.58
C TYR E 60 -61.02 48.46 11.12
N ALA E 61 -62.15 49.17 11.13
CA ALA E 61 -63.41 48.63 10.68
C ALA E 61 -63.65 49.03 9.22
N GLN E 62 -64.85 48.75 8.72
CA GLN E 62 -65.18 49.10 7.35
C GLN E 62 -65.49 50.59 7.18
N LYS E 63 -66.05 51.22 8.21
CA LYS E 63 -66.57 52.59 8.07
C LYS E 63 -65.44 53.61 7.96
N PHE E 64 -64.42 53.51 8.81
CA PHE E 64 -63.36 54.50 8.88
C PHE E 64 -62.02 53.97 8.37
N GLN E 65 -62.06 53.02 7.44
CA GLN E 65 -60.84 52.48 6.84
C GLN E 65 -60.36 53.46 5.77
N GLY E 66 -59.27 54.17 6.06
CA GLY E 66 -58.75 55.16 5.16
C GLY E 66 -59.19 56.58 5.44
N ARG E 67 -59.82 56.84 6.58
CA ARG E 67 -60.28 58.16 6.97
C ARG E 67 -59.58 58.70 8.21
N VAL E 68 -59.40 57.85 9.22
CA VAL E 68 -58.78 58.24 10.48
C VAL E 68 -57.39 57.59 10.53
N THR E 69 -56.41 58.32 11.05
CA THR E 69 -55.14 57.66 11.38
C THR E 69 -54.87 57.80 12.88
N ILE E 70 -54.42 56.69 13.47
CA ILE E 70 -54.34 56.54 14.92
C ILE E 70 -52.98 55.97 15.29
N THR E 71 -52.51 56.30 16.49
CA THR E 71 -51.25 55.78 16.98
C THR E 71 -51.26 55.82 18.50
N ALA E 72 -50.23 55.25 19.11
CA ALA E 72 -50.08 55.27 20.57
C ALA E 72 -48.60 55.28 20.93
N ASP E 73 -48.30 55.79 22.11
CA ASP E 73 -46.94 55.84 22.63
C ASP E 73 -46.92 55.27 24.04
N GLU E 74 -45.92 54.41 24.31
CA GLU E 74 -45.80 53.77 25.61
C GLU E 74 -45.01 54.62 26.62
N SER E 75 -44.20 55.56 26.14
CA SER E 75 -43.48 56.44 27.06
C SER E 75 -44.44 57.35 27.82
N THR E 76 -45.38 57.96 27.11
CA THR E 76 -46.47 58.68 27.74
C THR E 76 -47.72 57.83 27.94
N SER E 77 -47.73 56.61 27.37
CA SER E 77 -48.84 55.66 27.48
C SER E 77 -50.17 56.28 27.01
N THR E 78 -50.10 57.02 25.90
CA THR E 78 -51.24 57.78 25.43
C THR E 78 -51.41 57.56 23.92
N ALA E 79 -52.67 57.43 23.49
CA ALA E 79 -53.00 57.26 22.08
C ALA E 79 -53.46 58.58 21.48
N TYR E 80 -53.06 58.83 20.24
CA TYR E 80 -53.35 60.07 19.54
C TYR E 80 -53.98 59.78 18.19
N MET E 81 -54.71 60.78 17.69
CA MET E 81 -55.41 60.70 16.42
C MET E 81 -55.05 61.89 15.53
N GLU E 82 -54.99 61.64 14.23
CA GLU E 82 -55.09 62.69 13.22
C GLU E 82 -56.24 62.33 12.30
N LEU E 83 -57.16 63.28 12.11
CA LEU E 83 -58.39 63.05 11.37
C LEU E 83 -59.00 64.39 11.00
N SER E 84 -59.36 64.54 9.72
CA SER E 84 -60.01 65.74 9.21
C SER E 84 -61.44 65.38 8.80
N SER E 85 -62.37 65.49 9.75
CA SER E 85 -63.77 65.24 9.49
C SER E 85 -64.51 66.54 9.19
N ARG E 86 -65.82 66.43 9.00
CA ARG E 86 -66.67 67.57 8.70
C ARG E 86 -67.38 68.04 9.98
N SER E 87 -68.23 69.06 9.83
CA SER E 87 -68.96 69.59 10.97
C SER E 87 -70.04 68.63 11.46
N GLU E 88 -70.63 67.84 10.55
CA GLU E 88 -71.67 66.89 10.93
C GLU E 88 -71.13 65.68 11.67
N ASP E 89 -69.81 65.46 11.64
CA ASP E 89 -69.18 64.35 12.35
C ASP E 89 -68.78 64.72 13.77
N THR E 90 -69.40 65.74 14.35
CA THR E 90 -69.10 66.15 15.73
C THR E 90 -69.63 65.11 16.69
N ALA E 91 -68.72 64.40 17.36
CA ALA E 91 -69.11 63.32 18.25
C ALA E 91 -68.01 63.13 19.29
N VAL E 92 -68.36 62.45 20.37
CA VAL E 92 -67.44 62.23 21.49
C VAL E 92 -66.75 60.88 21.33
N TYR E 93 -65.45 60.89 21.57
CA TYR E 93 -64.64 59.67 21.59
C TYR E 93 -64.52 59.17 23.02
N TYR E 94 -64.60 57.85 23.18
CA TYR E 94 -64.35 57.18 24.45
C TYR E 94 -63.21 56.20 24.26
N CYS E 95 -62.26 56.22 25.17
CA CYS E 95 -61.07 55.38 25.10
C CYS E 95 -61.25 54.18 26.02
N ALA E 96 -61.07 52.98 25.48
CA ALA E 96 -61.23 51.74 26.22
C ALA E 96 -59.99 50.88 26.05
N SER E 97 -59.93 49.80 26.80
CA SER E 97 -58.83 48.83 26.67
C SER E 97 -59.30 47.49 27.23
N GLY E 98 -58.36 46.58 27.39
CA GLY E 98 -58.65 45.25 27.89
C GLY E 98 -57.59 44.26 27.47
N ALA E 99 -57.26 43.32 28.34
CA ALA E 99 -56.22 42.35 28.03
C ALA E 99 -56.71 41.36 26.99
N PHE E 100 -56.44 41.65 25.71
CA PHE E 100 -56.88 40.80 24.62
C PHE E 100 -56.07 39.52 24.64
N TYR E 101 -56.66 38.45 25.18
CA TYR E 101 -56.02 37.16 25.19
C TYR E 101 -56.29 36.43 23.88
N TYR E 102 -55.39 35.51 23.53
CA TYR E 102 -55.44 34.80 22.26
C TYR E 102 -55.63 33.32 22.53
N GLY E 103 -56.58 32.72 21.83
CA GLY E 103 -57.07 31.40 22.17
C GLY E 103 -58.29 31.40 23.07
N SER E 104 -58.76 32.57 23.48
CA SER E 104 -59.93 32.71 24.33
C SER E 104 -60.72 33.91 23.82
N GLY E 105 -61.64 34.42 24.64
CA GLY E 105 -62.41 35.59 24.28
C GLY E 105 -61.58 36.84 24.04
N SER E 106 -61.81 37.53 22.92
CA SER E 106 -61.05 38.71 22.52
C SER E 106 -62.01 39.91 22.52
N TYR E 107 -62.03 40.64 23.64
CA TYR E 107 -62.98 41.72 23.86
C TYR E 107 -62.42 42.68 24.91
N PRO E 108 -62.83 43.95 24.90
CA PRO E 108 -62.35 44.87 25.93
C PRO E 108 -62.83 44.49 27.32
N PHE E 109 -61.99 44.74 28.32
CA PHE E 109 -62.27 44.37 29.70
C PHE E 109 -62.76 45.55 30.54
N ASP E 110 -61.98 46.62 30.63
CA ASP E 110 -62.27 47.72 31.54
C ASP E 110 -61.68 49.01 30.95
N TYR E 111 -61.49 50.00 31.83
CA TYR E 111 -60.86 51.30 31.52
C TYR E 111 -61.68 52.10 30.52
N TRP E 112 -62.91 52.42 30.92
CA TRP E 112 -63.80 53.27 30.15
C TRP E 112 -63.81 54.68 30.73
N GLY E 113 -63.53 55.66 29.88
CA GLY E 113 -63.39 57.03 30.31
C GLY E 113 -64.71 57.78 30.38
N GLN E 114 -64.59 59.08 30.64
CA GLN E 114 -65.74 59.95 30.84
C GLN E 114 -66.03 60.87 29.67
N GLY E 115 -65.18 60.89 28.64
CA GLY E 115 -65.40 61.78 27.53
C GLY E 115 -64.23 61.79 26.58
N THR E 116 -64.12 62.88 25.82
CA THR E 116 -63.09 63.04 24.80
C THR E 116 -61.70 63.08 25.42
N GLN F 1 -73.38 -6.15 -50.58
CA GLN F 1 -72.27 -6.28 -49.66
C GLN F 1 -72.68 -7.12 -48.45
N MET F 2 -73.84 -6.78 -47.88
CA MET F 2 -74.37 -7.49 -46.71
C MET F 2 -75.14 -8.71 -47.22
N GLN F 3 -74.38 -9.70 -47.66
CA GLN F 3 -74.91 -10.95 -48.20
C GLN F 3 -73.78 -11.95 -48.31
N LEU F 4 -74.09 -13.22 -47.99
CA LEU F 4 -73.17 -14.33 -48.22
C LEU F 4 -73.79 -15.27 -49.24
N VAL F 5 -72.95 -15.80 -50.13
CA VAL F 5 -73.44 -16.64 -51.21
C VAL F 5 -73.85 -18.01 -50.65
N GLN F 6 -74.96 -18.53 -51.14
CA GLN F 6 -75.47 -19.83 -50.72
C GLN F 6 -75.11 -20.86 -51.78
N SER F 7 -74.42 -21.92 -51.37
CA SER F 7 -74.10 -23.00 -52.28
C SER F 7 -75.34 -23.81 -52.61
N GLY F 8 -75.26 -24.60 -53.68
CA GLY F 8 -76.39 -25.41 -54.09
C GLY F 8 -76.68 -26.51 -53.09
N ALA F 9 -77.97 -26.75 -52.86
CA ALA F 9 -78.39 -27.80 -51.93
C ALA F 9 -78.09 -29.17 -52.52
N GLU F 10 -77.41 -30.01 -51.73
CA GLU F 10 -76.98 -31.32 -52.19
C GLU F 10 -77.42 -32.39 -51.20
N VAL F 11 -77.77 -33.55 -51.75
CA VAL F 11 -78.04 -34.75 -50.96
C VAL F 11 -76.85 -35.69 -51.14
N LYS F 12 -76.36 -36.24 -50.03
CA LYS F 12 -75.12 -37.00 -50.04
C LYS F 12 -75.34 -38.38 -49.43
N LYS F 13 -74.55 -39.34 -49.91
CA LYS F 13 -74.52 -40.66 -49.33
C LYS F 13 -73.83 -40.62 -47.97
N PRO F 14 -74.08 -41.60 -47.10
CA PRO F 14 -73.32 -41.67 -45.84
C PRO F 14 -71.83 -41.85 -46.10
N GLY F 15 -71.01 -41.18 -45.30
CA GLY F 15 -69.58 -41.22 -45.46
C GLY F 15 -69.02 -40.31 -46.55
N ALA F 16 -69.84 -39.41 -47.09
CA ALA F 16 -69.41 -38.51 -48.15
C ALA F 16 -69.15 -37.12 -47.60
N SER F 17 -68.16 -36.43 -48.16
CA SER F 17 -67.77 -35.10 -47.69
C SER F 17 -68.83 -34.08 -48.09
N VAL F 18 -69.04 -33.10 -47.20
CA VAL F 18 -69.97 -32.00 -47.44
C VAL F 18 -69.20 -30.69 -47.33
N LYS F 19 -69.52 -29.74 -48.20
CA LYS F 19 -68.84 -28.46 -48.26
C LYS F 19 -69.85 -27.32 -48.21
N VAL F 20 -69.40 -26.18 -47.69
CA VAL F 20 -70.21 -24.98 -47.63
C VAL F 20 -69.28 -23.77 -47.63
N SER F 21 -69.67 -22.73 -48.38
CA SER F 21 -68.87 -21.51 -48.51
C SER F 21 -69.63 -20.33 -47.92
N CYS F 22 -68.92 -19.50 -47.17
CA CYS F 22 -69.49 -18.30 -46.55
C CYS F 22 -68.54 -17.14 -46.84
N LYS F 23 -68.80 -16.42 -47.91
CA LYS F 23 -67.96 -15.29 -48.29
C LYS F 23 -68.21 -14.09 -47.39
N ALA F 24 -67.15 -13.33 -47.12
CA ALA F 24 -67.22 -12.11 -46.32
C ALA F 24 -66.67 -10.97 -47.16
N SER F 25 -67.56 -10.14 -47.69
CA SER F 25 -67.20 -9.03 -48.56
C SER F 25 -67.32 -7.72 -47.79
N GLY F 26 -66.37 -6.81 -48.04
CA GLY F 26 -66.38 -5.53 -47.38
C GLY F 26 -65.95 -5.63 -45.92
N TYR F 27 -66.34 -4.60 -45.16
CA TYR F 27 -66.10 -4.48 -43.72
C TYR F 27 -64.62 -4.53 -43.37
N THR F 28 -64.32 -4.76 -42.09
CA THR F 28 -62.96 -4.99 -41.62
C THR F 28 -62.85 -6.40 -41.08
N PHE F 29 -61.67 -6.99 -41.24
CA PHE F 29 -61.45 -8.40 -40.92
C PHE F 29 -60.68 -8.53 -39.61
N THR F 30 -60.48 -9.80 -39.20
CA THR F 30 -59.79 -10.19 -37.97
C THR F 30 -60.41 -9.55 -36.74
N SER F 31 -61.72 -9.36 -36.75
CA SER F 31 -62.46 -8.80 -35.62
C SER F 31 -63.59 -9.68 -35.13
N TYR F 32 -64.34 -10.30 -36.04
CA TYR F 32 -65.47 -11.13 -35.68
C TYR F 32 -65.13 -12.60 -35.87
N ALA F 33 -65.57 -13.42 -34.92
CA ALA F 33 -65.39 -14.87 -35.00
C ALA F 33 -66.51 -15.46 -35.84
N ILE F 34 -66.14 -16.13 -36.93
CA ILE F 34 -67.16 -16.71 -37.80
C ILE F 34 -67.74 -17.95 -37.14
N SER F 35 -68.99 -18.27 -37.46
CA SER F 35 -69.73 -19.27 -36.71
C SER F 35 -70.68 -20.01 -37.64
N TRP F 36 -71.06 -21.22 -37.23
CA TRP F 36 -71.95 -22.05 -38.02
C TRP F 36 -73.04 -22.62 -37.14
N VAL F 37 -74.28 -22.57 -37.64
CA VAL F 37 -75.44 -23.12 -36.94
C VAL F 37 -76.17 -24.06 -37.90
N ARG F 38 -76.39 -25.30 -37.49
CA ARG F 38 -77.07 -26.29 -38.31
C ARG F 38 -78.52 -26.41 -37.88
N GLN F 39 -79.42 -26.40 -38.85
CA GLN F 39 -80.83 -26.63 -38.56
C GLN F 39 -81.45 -27.47 -39.66
N ALA F 40 -82.46 -28.24 -39.31
CA ALA F 40 -83.19 -29.07 -40.25
C ALA F 40 -84.59 -28.52 -40.46
N PRO F 41 -85.22 -28.81 -41.61
CA PRO F 41 -86.63 -28.43 -41.79
C PRO F 41 -87.53 -29.13 -40.79
N GLY F 42 -88.20 -28.34 -39.96
CA GLY F 42 -88.97 -28.86 -38.85
C GLY F 42 -88.20 -29.02 -37.56
N GLN F 43 -86.93 -28.64 -37.53
CA GLN F 43 -86.09 -28.76 -36.34
C GLN F 43 -85.48 -27.41 -36.02
N GLY F 44 -85.33 -27.12 -34.73
CA GLY F 44 -84.78 -25.85 -34.31
C GLY F 44 -83.30 -25.72 -34.60
N LEU F 45 -82.84 -24.48 -34.55
CA LEU F 45 -81.43 -24.17 -34.80
C LEU F 45 -80.55 -24.68 -33.68
N GLU F 46 -79.40 -25.23 -34.03
CA GLU F 46 -78.43 -25.67 -33.05
C GLU F 46 -77.01 -25.35 -33.50
N TRP F 47 -76.24 -24.73 -32.61
CA TRP F 47 -74.86 -24.36 -32.87
C TRP F 47 -73.94 -25.57 -32.81
N MET F 48 -72.88 -25.54 -33.62
CA MET F 48 -71.91 -26.62 -33.63
C MET F 48 -70.45 -26.17 -33.62
N GLY F 49 -70.15 -24.97 -34.12
CA GLY F 49 -68.75 -24.57 -34.26
C GLY F 49 -68.56 -23.10 -34.53
N ARG F 50 -67.41 -22.58 -34.08
CA ARG F 50 -66.89 -21.30 -34.53
C ARG F 50 -65.42 -21.41 -34.92
N ILE F 51 -65.00 -20.52 -35.81
CA ILE F 51 -63.60 -20.32 -36.16
C ILE F 51 -63.25 -18.87 -35.82
N ILE F 52 -62.20 -18.67 -35.02
CA ILE F 52 -61.63 -17.33 -34.89
C ILE F 52 -60.70 -17.08 -36.07
N PRO F 53 -60.75 -15.91 -36.71
CA PRO F 53 -59.87 -15.66 -37.85
C PRO F 53 -58.42 -15.34 -37.48
N ILE F 54 -58.08 -15.26 -36.20
CA ILE F 54 -56.74 -14.85 -35.81
C ILE F 54 -55.76 -16.00 -36.03
N LEU F 55 -56.11 -17.21 -35.59
CA LEU F 55 -55.28 -18.39 -35.82
C LEU F 55 -56.02 -19.54 -36.47
N GLY F 56 -57.33 -19.43 -36.68
CA GLY F 56 -58.08 -20.51 -37.29
C GLY F 56 -58.37 -21.69 -36.41
N ILE F 57 -58.33 -21.51 -35.09
CA ILE F 57 -58.67 -22.60 -34.18
C ILE F 57 -60.19 -22.76 -34.18
N ALA F 58 -60.66 -23.90 -33.68
CA ALA F 58 -62.07 -24.28 -33.75
C ALA F 58 -62.65 -24.43 -32.36
N ASN F 59 -63.84 -23.87 -32.16
CA ASN F 59 -64.61 -24.05 -30.93
C ASN F 59 -65.80 -24.93 -31.22
N TYR F 60 -65.98 -25.98 -30.42
CA TYR F 60 -67.01 -27.00 -30.63
C TYR F 60 -67.90 -27.13 -29.41
N ALA F 61 -69.04 -27.78 -29.62
CA ALA F 61 -69.95 -28.16 -28.55
C ALA F 61 -69.67 -29.61 -28.13
N GLN F 62 -70.63 -30.21 -27.41
CA GLN F 62 -70.50 -31.61 -27.03
C GLN F 62 -70.97 -32.54 -28.14
N LYS F 63 -71.93 -32.10 -28.96
CA LYS F 63 -72.57 -32.99 -29.93
C LYS F 63 -71.63 -33.36 -31.07
N PHE F 64 -70.94 -32.38 -31.65
CA PHE F 64 -70.13 -32.57 -32.84
C PHE F 64 -68.63 -32.49 -32.54
N GLN F 65 -68.24 -32.79 -31.30
CA GLN F 65 -66.83 -32.78 -30.92
C GLN F 65 -66.19 -34.06 -31.44
N GLY F 66 -65.34 -33.92 -32.46
CA GLY F 66 -64.71 -35.06 -33.08
C GLY F 66 -65.42 -35.60 -34.31
N ARG F 67 -66.41 -34.88 -34.81
CA ARG F 67 -67.18 -35.29 -35.99
C ARG F 67 -67.00 -34.35 -37.17
N VAL F 68 -67.05 -33.05 -36.93
CA VAL F 68 -66.95 -32.03 -37.97
C VAL F 68 -65.61 -31.34 -37.82
N THR F 69 -64.89 -31.13 -38.93
CA THR F 69 -63.70 -30.29 -38.87
C THR F 69 -63.92 -29.05 -39.74
N ILE F 70 -63.53 -27.90 -39.20
CA ILE F 70 -63.88 -26.60 -39.74
C ILE F 70 -62.63 -25.71 -39.79
N THR F 71 -62.60 -24.80 -40.75
CA THR F 71 -61.48 -23.87 -40.89
C THR F 71 -61.98 -22.62 -41.61
N ALA F 72 -61.11 -21.61 -41.69
CA ALA F 72 -61.43 -20.40 -42.40
C ALA F 72 -60.15 -19.79 -42.97
N ASP F 73 -60.30 -19.00 -44.03
CA ASP F 73 -59.18 -18.31 -44.66
C ASP F 73 -59.52 -16.83 -44.80
N GLU F 74 -58.56 -15.97 -44.43
CA GLU F 74 -58.77 -14.53 -44.49
C GLU F 74 -58.46 -13.95 -45.87
N SER F 75 -57.69 -14.66 -46.70
CA SER F 75 -57.41 -14.18 -48.05
C SER F 75 -58.69 -14.19 -48.89
N THR F 76 -59.44 -15.28 -48.84
CA THR F 76 -60.77 -15.35 -49.43
C THR F 76 -61.87 -15.00 -48.44
N SER F 77 -61.53 -14.88 -47.15
CA SER F 77 -62.47 -14.55 -46.07
C SER F 77 -63.65 -15.51 -46.04
N THR F 78 -63.36 -16.80 -46.20
CA THR F 78 -64.40 -17.82 -46.33
C THR F 78 -64.06 -19.00 -45.42
N ALA F 79 -65.09 -19.55 -44.78
CA ALA F 79 -64.95 -20.71 -43.91
C ALA F 79 -65.38 -21.97 -44.65
N TYR F 80 -64.65 -23.06 -44.43
CA TYR F 80 -64.88 -24.33 -45.10
C TYR F 80 -65.01 -25.45 -44.07
N MET F 81 -65.67 -26.53 -44.49
CA MET F 81 -65.92 -27.69 -43.66
C MET F 81 -65.45 -28.96 -44.37
N GLU F 82 -64.97 -29.92 -43.58
CA GLU F 82 -64.90 -31.31 -43.98
C GLU F 82 -65.66 -32.13 -42.94
N LEU F 83 -66.57 -32.98 -43.43
CA LEU F 83 -67.49 -33.74 -42.58
C LEU F 83 -68.13 -34.83 -43.42
N SER F 84 -68.13 -36.06 -42.89
CA SER F 84 -68.76 -37.20 -43.54
C SER F 84 -69.92 -37.67 -42.65
N SER F 85 -71.10 -37.11 -42.88
CA SER F 85 -72.30 -37.49 -42.16
C SER F 85 -73.10 -38.53 -42.95
N ARG F 86 -74.23 -38.93 -42.38
CA ARG F 86 -75.11 -39.91 -42.99
C ARG F 86 -76.23 -39.22 -43.76
N SER F 87 -77.13 -40.02 -44.33
CA SER F 87 -78.25 -39.47 -45.08
C SER F 87 -79.28 -38.81 -44.18
N GLU F 88 -79.44 -39.31 -42.95
CA GLU F 88 -80.40 -38.72 -42.03
C GLU F 88 -79.94 -37.40 -41.45
N ASP F 89 -78.68 -37.03 -41.63
CA ASP F 89 -78.15 -35.76 -41.17
C ASP F 89 -78.26 -34.66 -42.22
N THR F 90 -79.19 -34.78 -43.16
CA THR F 90 -79.40 -33.77 -44.19
C THR F 90 -80.02 -32.53 -43.55
N ALA F 91 -79.25 -31.45 -43.51
CA ALA F 91 -79.71 -30.22 -42.86
C ALA F 91 -78.98 -29.04 -43.48
N VAL F 92 -79.53 -27.85 -43.25
CA VAL F 92 -78.98 -26.61 -43.81
C VAL F 92 -78.09 -25.92 -42.77
N TYR F 93 -76.93 -25.47 -43.24
CA TYR F 93 -76.02 -24.70 -42.42
C TYR F 93 -76.26 -23.21 -42.64
N TYR F 94 -76.18 -22.44 -41.56
CA TYR F 94 -76.28 -20.99 -41.62
C TYR F 94 -75.00 -20.40 -41.05
N CYS F 95 -74.39 -19.48 -41.79
CA CYS F 95 -73.13 -18.86 -41.41
C CYS F 95 -73.43 -17.53 -40.72
N ALA F 96 -72.92 -17.38 -39.50
CA ALA F 96 -73.15 -16.19 -38.71
C ALA F 96 -71.82 -15.61 -38.25
N SER F 97 -71.86 -14.39 -37.73
CA SER F 97 -70.64 -13.75 -37.22
C SER F 97 -71.04 -12.77 -36.13
N GLY F 98 -70.09 -11.93 -35.73
CA GLY F 98 -70.31 -10.97 -34.67
C GLY F 98 -69.03 -10.66 -33.93
N ALA F 99 -68.82 -9.39 -33.60
CA ALA F 99 -67.58 -8.98 -32.93
C ALA F 99 -67.60 -9.44 -31.48
N PHE F 100 -67.00 -10.60 -31.22
CA PHE F 100 -66.99 -11.18 -29.88
C PHE F 100 -66.04 -10.34 -29.01
N TYR F 101 -66.61 -9.44 -28.22
CA TYR F 101 -65.82 -8.60 -27.34
C TYR F 101 -65.48 -9.35 -26.06
N TYR F 102 -64.36 -8.96 -25.45
CA TYR F 102 -63.86 -9.57 -24.23
C TYR F 102 -63.84 -8.51 -23.14
N GLY F 103 -64.41 -8.85 -21.99
CA GLY F 103 -64.81 -7.88 -20.98
C GLY F 103 -66.27 -7.52 -21.00
N SER F 104 -67.02 -7.99 -22.00
CA SER F 104 -68.46 -7.74 -22.08
C SER F 104 -69.12 -9.00 -22.63
N GLY F 105 -70.38 -8.89 -23.01
CA GLY F 105 -71.16 -9.98 -23.57
C GLY F 105 -70.61 -10.56 -24.85
N SER F 106 -70.54 -11.88 -24.94
CA SER F 106 -69.92 -12.60 -26.07
C SER F 106 -71.00 -13.39 -26.81
N TYR F 107 -71.59 -12.77 -27.83
CA TYR F 107 -72.66 -13.39 -28.62
C TYR F 107 -72.62 -12.87 -30.05
N PRO F 108 -73.15 -13.61 -31.03
CA PRO F 108 -73.16 -13.12 -32.41
C PRO F 108 -73.99 -11.87 -32.57
N PHE F 109 -73.52 -10.98 -33.45
CA PHE F 109 -74.13 -9.67 -33.67
C PHE F 109 -75.06 -9.63 -34.88
N ASP F 110 -74.55 -9.97 -36.05
CA ASP F 110 -75.25 -9.77 -37.31
C ASP F 110 -74.80 -10.84 -38.30
N TYR F 111 -75.03 -10.59 -39.58
CA TYR F 111 -74.50 -11.39 -40.70
C TYR F 111 -75.05 -12.83 -40.66
N TRP F 112 -76.36 -12.92 -40.85
CA TRP F 112 -77.05 -14.20 -40.96
C TRP F 112 -77.45 -14.44 -42.41
N GLY F 113 -77.07 -15.59 -42.94
CA GLY F 113 -77.25 -15.88 -44.35
C GLY F 113 -78.63 -16.43 -44.67
N GLN F 114 -78.79 -16.82 -45.94
CA GLN F 114 -80.06 -17.30 -46.45
C GLN F 114 -80.10 -18.81 -46.67
N GLY F 115 -79.00 -19.51 -46.45
CA GLY F 115 -78.98 -20.95 -46.67
C GLY F 115 -77.59 -21.50 -46.57
N THR F 116 -77.40 -22.66 -47.21
CA THR F 116 -76.13 -23.38 -47.19
C THR F 116 -75.02 -22.57 -47.86
N GLU G 1 -50.23 13.86 31.38
CA GLU G 1 -49.25 12.81 31.16
C GLU G 1 -48.20 12.81 32.27
N GLU G 2 -47.04 13.40 32.00
CA GLU G 2 -45.98 13.47 33.00
C GLU G 2 -46.37 14.46 34.09
N GLN G 3 -46.21 14.03 35.34
CA GLN G 3 -46.59 14.86 36.47
C GLN G 3 -45.78 14.43 37.69
N LEU G 4 -45.44 15.40 38.54
CA LEU G 4 -44.73 15.16 39.79
C LEU G 4 -45.59 15.67 40.94
N VAL G 5 -45.87 14.79 41.90
CA VAL G 5 -46.63 15.15 43.09
C VAL G 5 -45.75 14.92 44.32
N GLU G 6 -45.72 15.90 45.21
CA GLU G 6 -44.75 15.92 46.30
C GLU G 6 -45.43 16.28 47.61
N SER G 7 -44.90 15.73 48.70
CA SER G 7 -45.42 15.99 50.05
C SER G 7 -44.33 15.73 51.07
N GLY G 8 -44.62 16.09 52.32
CA GLY G 8 -43.78 15.75 53.45
C GLY G 8 -43.14 16.92 54.18
N GLY G 9 -43.11 18.11 53.61
CA GLY G 9 -42.46 19.23 54.25
C GLY G 9 -43.26 19.80 55.40
N GLY G 10 -42.63 20.72 56.12
CA GLY G 10 -43.24 21.30 57.29
C GLY G 10 -42.25 22.15 58.06
N LEU G 11 -42.65 22.54 59.27
CA LEU G 11 -41.85 23.41 60.14
C LEU G 11 -41.23 22.55 61.23
N VAL G 12 -39.90 22.41 61.20
CA VAL G 12 -39.15 21.59 62.14
C VAL G 12 -38.06 22.44 62.77
N GLN G 13 -37.84 22.26 64.06
CA GLN G 13 -36.78 22.96 64.78
C GLN G 13 -35.41 22.48 64.29
N PRO G 14 -34.37 23.30 64.47
CA PRO G 14 -33.00 22.84 64.15
C PRO G 14 -32.61 21.61 64.95
N GLY G 15 -31.86 20.72 64.31
CA GLY G 15 -31.56 19.42 64.89
C GLY G 15 -32.58 18.35 64.60
N GLY G 16 -33.64 18.67 63.86
CA GLY G 16 -34.69 17.72 63.58
C GLY G 16 -34.46 16.90 62.32
N SER G 17 -35.40 16.00 62.07
CA SER G 17 -35.39 15.12 60.90
C SER G 17 -36.75 15.16 60.24
N LEU G 18 -36.79 14.96 58.93
CA LEU G 18 -38.07 15.00 58.21
C LEU G 18 -38.02 14.11 56.98
N ARG G 19 -39.22 13.86 56.45
CA ARG G 19 -39.57 12.93 55.39
C ARG G 19 -40.10 13.73 54.20
N LEU G 20 -39.67 13.35 53.01
CA LEU G 20 -40.19 13.95 51.78
C LEU G 20 -40.49 12.84 50.78
N SER G 21 -41.63 12.92 50.10
CA SER G 21 -42.04 11.92 49.14
C SER G 21 -42.38 12.58 47.81
N CYS G 22 -41.86 12.02 46.72
CA CYS G 22 -42.16 12.47 45.37
C CYS G 22 -42.59 11.28 44.52
N ALA G 23 -43.74 11.43 43.84
CA ALA G 23 -44.25 10.41 42.93
C ALA G 23 -44.37 11.00 41.54
N ALA G 24 -43.88 10.26 40.55
CA ALA G 24 -43.89 10.69 39.16
C ALA G 24 -44.87 9.86 38.35
N SER G 25 -45.31 10.44 37.23
CA SER G 25 -46.26 9.76 36.36
C SER G 25 -46.05 10.23 34.93
N GLY G 26 -46.50 9.39 33.98
CA GLY G 26 -46.43 9.71 32.58
C GLY G 26 -45.23 9.13 31.85
N PHE G 27 -44.22 8.62 32.56
CA PHE G 27 -43.04 8.06 31.93
C PHE G 27 -42.46 6.99 32.83
N ARG G 28 -41.65 6.13 32.22
CA ARG G 28 -41.02 5.02 32.94
C ARG G 28 -39.99 5.54 33.93
N PHE G 29 -40.10 5.13 35.19
CA PHE G 29 -39.32 5.73 36.27
C PHE G 29 -38.00 5.01 36.52
N GLY G 30 -37.96 3.69 36.29
CA GLY G 30 -36.86 2.88 36.81
C GLY G 30 -35.51 3.18 36.20
N SER G 31 -35.48 3.54 34.92
CA SER G 31 -34.22 3.72 34.20
C SER G 31 -33.84 5.19 34.04
N TYR G 32 -34.50 6.10 34.74
CA TYR G 32 -34.27 7.53 34.58
C TYR G 32 -33.76 8.16 35.86
N TYR G 33 -33.11 9.32 35.71
CA TYR G 33 -32.58 10.07 36.83
C TYR G 33 -33.70 10.79 37.58
N MET G 34 -33.45 11.06 38.85
CA MET G 34 -34.29 11.94 39.66
C MET G 34 -33.38 12.81 40.51
N SER G 35 -33.58 14.12 40.45
CA SER G 35 -32.72 15.07 41.12
C SER G 35 -33.53 15.94 42.07
N TRP G 36 -32.86 16.43 43.11
CA TRP G 36 -33.46 17.28 44.13
C TRP G 36 -32.68 18.58 44.22
N VAL G 37 -33.40 19.69 44.18
CA VAL G 37 -32.89 21.05 44.29
C VAL G 37 -33.69 21.71 45.41
N ARG G 38 -33.13 22.74 46.03
CA ARG G 38 -33.85 23.52 47.01
C ARG G 38 -33.74 25.01 46.69
N GLN G 39 -34.87 25.71 46.79
CA GLN G 39 -34.96 27.14 46.53
C GLN G 39 -35.18 27.89 47.83
N ALA G 40 -34.25 28.79 48.17
CA ALA G 40 -34.31 29.61 49.36
C ALA G 40 -34.27 31.08 48.98
N PRO G 41 -34.69 31.97 49.87
CA PRO G 41 -34.46 33.40 49.67
C PRO G 41 -33.01 33.73 49.35
N GLY G 42 -32.83 34.65 48.42
CA GLY G 42 -31.51 34.96 47.89
C GLY G 42 -31.22 34.36 46.54
N LYS G 43 -32.19 33.68 45.92
CA LYS G 43 -32.12 33.07 44.58
C LYS G 43 -31.01 32.02 44.56
N ALA G 44 -30.39 31.82 43.38
CA ALA G 44 -29.31 30.87 43.13
C ALA G 44 -29.67 29.46 43.59
N PRO G 45 -30.51 28.74 42.85
CA PRO G 45 -30.91 27.40 43.27
C PRO G 45 -29.73 26.44 43.33
N GLU G 46 -29.64 25.67 44.41
CA GLU G 46 -28.50 24.79 44.64
C GLU G 46 -28.90 23.34 44.37
N TRP G 47 -28.25 22.75 43.37
CA TRP G 47 -28.44 21.34 43.06
C TRP G 47 -27.77 20.48 44.12
N VAL G 48 -28.57 19.67 44.82
CA VAL G 48 -28.08 18.98 46.02
C VAL G 48 -28.24 17.47 45.98
N SER G 49 -29.12 16.88 45.17
CA SER G 49 -29.20 15.42 45.20
C SER G 49 -29.51 14.88 43.80
N ASP G 50 -29.07 13.64 43.55
CA ASP G 50 -29.37 12.96 42.30
C ASP G 50 -29.26 11.45 42.50
N ILE G 51 -30.19 10.70 41.91
CA ILE G 51 -30.10 9.26 41.83
C ILE G 51 -29.83 8.89 40.37
N ASN G 52 -29.07 7.83 40.18
CA ASN G 52 -28.67 7.43 38.83
C ASN G 52 -29.66 6.40 38.28
N THR G 53 -29.31 5.81 37.13
CA THR G 53 -30.16 4.78 36.53
C THR G 53 -30.27 3.56 37.45
N ARG G 54 -29.16 3.17 38.07
CA ARG G 54 -29.20 2.18 39.13
C ARG G 54 -29.91 2.75 40.35
N GLY G 55 -30.60 1.89 41.07
CA GLY G 55 -31.37 2.33 42.23
C GLY G 55 -30.55 2.58 43.48
N GLU G 56 -29.24 2.36 43.44
CA GLU G 56 -28.39 2.50 44.61
C GLU G 56 -27.36 3.60 44.50
N THR G 57 -26.84 3.89 43.31
CA THR G 57 -25.78 4.88 43.15
C THR G 57 -26.37 6.28 43.26
N THR G 58 -25.76 7.11 44.10
CA THR G 58 -26.32 8.41 44.45
C THR G 58 -25.22 9.46 44.43
N ARG G 59 -25.56 10.65 43.93
CA ARG G 59 -24.63 11.78 43.91
C ARG G 59 -25.22 12.86 44.80
N TYR G 60 -24.41 13.37 45.72
CA TYR G 60 -24.84 14.37 46.69
C TYR G 60 -24.14 15.70 46.45
N SER G 61 -24.59 16.72 47.18
CA SER G 61 -23.89 17.99 47.18
C SER G 61 -22.64 17.91 48.06
N ASP G 62 -21.65 18.75 47.74
CA ASP G 62 -20.47 18.83 48.58
C ASP G 62 -20.74 19.61 49.86
N SER G 63 -21.77 20.46 49.87
CA SER G 63 -22.13 21.19 51.07
C SER G 63 -22.70 20.24 52.13
N VAL G 64 -23.65 19.41 51.75
CA VAL G 64 -24.20 18.36 52.61
C VAL G 64 -24.16 17.04 51.84
N LYS G 65 -23.38 16.09 52.32
CA LYS G 65 -23.21 14.79 51.66
C LYS G 65 -23.68 13.68 52.59
N GLY G 66 -24.54 12.80 52.08
CA GLY G 66 -25.11 11.73 52.86
C GLY G 66 -26.26 12.14 53.75
N ARG G 67 -26.59 13.43 53.79
CA ARG G 67 -27.70 13.92 54.60
C ARG G 67 -29.04 13.58 53.99
N PHE G 68 -29.15 13.69 52.67
CA PHE G 68 -30.40 13.38 51.97
C PHE G 68 -30.42 11.90 51.60
N THR G 69 -30.65 11.07 52.63
CA THR G 69 -30.66 9.63 52.45
C THR G 69 -31.81 9.21 51.55
N ILE G 70 -31.52 8.29 50.63
CA ILE G 70 -32.36 8.07 49.46
C ILE G 70 -32.59 6.56 49.31
N ALA G 71 -33.67 6.22 48.60
CA ALA G 71 -33.91 4.86 48.14
C ALA G 71 -34.55 4.94 46.76
N ARG G 72 -35.02 3.79 46.26
CA ARG G 72 -35.64 3.73 44.94
C ARG G 72 -36.74 2.68 44.98
N ASP G 73 -37.89 3.01 44.38
CA ASP G 73 -39.05 2.11 44.36
C ASP G 73 -39.65 2.14 42.96
N ASN G 74 -39.19 1.22 42.11
CA ASN G 74 -39.66 1.19 40.73
C ASN G 74 -41.12 0.77 40.63
N ALA G 75 -41.59 -0.09 41.53
CA ALA G 75 -42.98 -0.53 41.47
C ALA G 75 -43.94 0.56 41.92
N ASN G 76 -43.62 1.26 43.02
CA ASN G 76 -44.50 2.29 43.54
C ASN G 76 -44.40 3.61 42.79
N ASN G 77 -43.32 3.81 42.03
CA ASN G 77 -43.01 5.08 41.35
C ASN G 77 -43.01 6.25 42.33
N THR G 78 -42.43 6.02 43.52
CA THR G 78 -42.36 7.02 44.57
C THR G 78 -40.99 6.92 45.24
N VAL G 79 -40.38 8.07 45.47
CA VAL G 79 -39.07 8.15 46.13
C VAL G 79 -39.24 8.90 47.44
N PHE G 80 -38.68 8.34 48.50
CA PHE G 80 -38.71 8.93 49.83
C PHE G 80 -37.32 9.34 50.26
N LEU G 81 -37.20 10.53 50.83
CA LEU G 81 -35.93 11.11 51.25
C LEU G 81 -36.05 11.56 52.70
N PHE G 82 -35.09 11.15 53.51
CA PHE G 82 -34.97 11.62 54.89
C PHE G 82 -33.86 12.66 54.96
N MET G 83 -34.03 13.65 55.83
CA MET G 83 -32.91 14.50 56.19
C MET G 83 -32.89 14.77 57.69
N ASN G 84 -31.68 14.99 58.21
CA ASN G 84 -31.40 14.96 59.64
C ASN G 84 -30.67 16.23 60.04
N ARG G 85 -30.73 16.52 61.35
CA ARG G 85 -29.99 17.57 62.08
C ARG G 85 -29.89 18.90 61.28
N LEU G 86 -31.07 19.50 61.12
CA LEU G 86 -31.26 20.64 60.24
C LEU G 86 -30.47 21.87 60.68
N LYS G 87 -29.84 22.58 59.67
CA LYS G 87 -29.34 23.93 59.89
C LYS G 87 -30.48 24.94 59.82
N PRO G 88 -30.37 26.05 60.55
CA PRO G 88 -31.41 27.09 60.46
C PRO G 88 -31.52 27.74 59.08
N GLU G 89 -30.48 27.66 58.25
CA GLU G 89 -30.51 28.25 56.92
C GLU G 89 -31.11 27.31 55.89
N ASP G 90 -31.62 26.15 56.30
CA ASP G 90 -32.15 25.15 55.39
C ASP G 90 -33.62 25.35 55.06
N THR G 91 -34.22 26.46 55.48
CA THR G 91 -35.60 26.75 55.10
C THR G 91 -35.68 27.03 53.60
N ALA G 92 -36.43 26.19 52.89
CA ALA G 92 -36.45 26.23 51.44
C ALA G 92 -37.66 25.49 50.92
N VAL G 93 -37.98 25.74 49.66
CA VAL G 93 -38.97 24.95 48.93
C VAL G 93 -38.20 23.90 48.16
N TYR G 94 -38.52 22.63 48.38
CA TYR G 94 -37.78 21.52 47.83
C TYR G 94 -38.44 21.04 46.53
N TYR G 95 -37.62 20.91 45.49
CA TYR G 95 -38.06 20.53 44.14
C TYR G 95 -37.42 19.18 43.81
N CYS G 96 -38.23 18.26 43.33
CA CYS G 96 -37.71 16.99 42.80
C CYS G 96 -37.85 16.98 41.29
N ALA G 97 -36.74 16.72 40.60
CA ALA G 97 -36.60 16.93 39.17
C ALA G 97 -36.86 15.64 38.40
N VAL G 98 -36.56 15.68 37.10
CA VAL G 98 -36.70 14.54 36.20
C VAL G 98 -35.33 14.19 35.65
N ALA G 99 -35.27 13.23 34.73
CA ALA G 99 -33.99 12.81 34.18
C ALA G 99 -33.33 13.92 33.36
N ALA G 100 -32.03 14.05 33.53
CA ALA G 100 -31.21 14.99 32.80
C ALA G 100 -30.30 14.23 31.83
N SER G 101 -29.43 14.98 31.16
CA SER G 101 -28.49 14.46 30.14
C SER G 101 -29.22 13.69 29.06
N GLY G 102 -29.14 12.36 29.11
CA GLY G 102 -29.79 11.53 28.11
C GLY G 102 -29.12 11.60 26.76
N ASP G 103 -27.90 11.06 26.68
CA ASP G 103 -27.03 11.01 25.50
C ASP G 103 -26.57 12.38 25.01
N THR G 104 -26.82 13.45 25.76
CA THR G 104 -26.27 14.74 25.42
C THR G 104 -24.88 14.90 26.02
N PHE G 105 -24.12 15.84 25.48
CA PHE G 105 -22.74 16.02 25.90
C PHE G 105 -22.68 16.65 27.29
N GLU G 106 -21.54 16.44 27.95
CA GLU G 106 -21.40 16.80 29.34
C GLU G 106 -21.27 18.33 29.49
N GLY G 107 -21.25 18.76 30.75
CA GLY G 107 -21.25 20.18 31.06
C GLY G 107 -22.44 20.58 31.88
N ARG G 108 -22.96 19.64 32.69
CA ARG G 108 -24.11 19.84 33.57
C ARG G 108 -25.34 20.22 32.74
N SER G 109 -25.85 19.21 32.03
CA SER G 109 -27.11 19.34 31.31
C SER G 109 -28.25 19.57 32.28
N ASP G 110 -28.84 20.76 32.23
CA ASP G 110 -29.87 21.13 33.18
C ASP G 110 -31.17 20.39 32.88
N PRO G 111 -31.85 19.87 33.90
CA PRO G 111 -33.14 19.19 33.67
C PRO G 111 -34.22 20.16 33.23
N ASP G 112 -35.08 19.68 32.34
CA ASP G 112 -36.08 20.55 31.74
C ASP G 112 -37.33 20.70 32.62
N TYR G 113 -37.75 19.62 33.28
CA TYR G 113 -38.98 19.61 34.05
C TYR G 113 -38.67 19.51 35.54
N TRP G 114 -39.22 20.43 36.32
CA TRP G 114 -39.10 20.43 37.77
C TRP G 114 -40.48 20.48 38.41
N GLY G 115 -40.58 19.95 39.62
CA GLY G 115 -41.82 19.95 40.36
C GLY G 115 -42.05 21.26 41.09
N GLN G 116 -43.24 21.38 41.67
CA GLN G 116 -43.62 22.57 42.42
C GLN G 116 -43.12 22.54 43.86
N GLY G 117 -42.67 21.39 44.35
CA GLY G 117 -41.95 21.32 45.61
C GLY G 117 -42.82 21.46 46.84
N THR G 118 -42.15 21.43 47.99
CA THR G 118 -42.85 21.51 49.28
C THR G 118 -42.03 22.38 50.23
N LEU G 119 -42.72 23.14 51.07
CA LEU G 119 -42.06 24.02 52.03
C LEU G 119 -41.43 23.24 53.17
N VAL G 120 -40.21 23.63 53.55
CA VAL G 120 -39.56 23.16 54.77
C VAL G 120 -39.00 24.38 55.48
N THR G 121 -39.42 24.58 56.73
CA THR G 121 -39.02 25.73 57.53
C THR G 121 -38.21 25.26 58.72
N VAL G 122 -37.04 25.88 58.93
CA VAL G 122 -36.20 25.61 60.08
C VAL G 122 -35.97 26.93 60.81
N SER G 123 -36.36 26.97 62.08
CA SER G 123 -36.20 28.17 62.89
C SER G 123 -36.12 27.84 64.37
N GLU H 1 -53.02 -26.45 13.59
CA GLU H 1 -52.27 -25.87 12.48
C GLU H 1 -51.62 -26.96 11.65
N GLU H 2 -50.32 -27.20 11.90
CA GLU H 2 -49.61 -28.24 11.18
C GLU H 2 -50.07 -29.62 11.66
N GLN H 3 -50.36 -30.49 10.71
CA GLN H 3 -50.87 -31.82 11.01
C GLN H 3 -50.52 -32.76 9.87
N LEU H 4 -50.20 -34.00 10.22
CA LEU H 4 -49.93 -35.05 9.24
C LEU H 4 -50.94 -36.18 9.44
N VAL H 5 -51.65 -36.54 8.38
CA VAL H 5 -52.59 -37.67 8.41
C VAL H 5 -52.13 -38.71 7.40
N GLU H 6 -52.08 -39.96 7.84
CA GLU H 6 -51.47 -41.03 7.06
C GLU H 6 -52.37 -42.24 7.04
N SER H 7 -52.33 -42.96 5.91
CA SER H 7 -53.15 -44.16 5.73
C SER H 7 -52.49 -45.06 4.70
N GLY H 8 -53.08 -46.23 4.49
CA GLY H 8 -52.69 -47.13 3.43
C GLY H 8 -52.07 -48.45 3.86
N GLY H 9 -51.63 -48.57 5.10
CA GLY H 9 -50.97 -49.77 5.56
C GLY H 9 -51.94 -50.92 5.80
N GLY H 10 -51.37 -52.09 6.08
CA GLY H 10 -52.16 -53.28 6.25
C GLY H 10 -51.28 -54.51 6.33
N LEU H 11 -51.93 -55.67 6.25
CA LEU H 11 -51.25 -56.96 6.34
C LEU H 11 -51.14 -57.54 4.94
N VAL H 12 -49.92 -57.61 4.41
CA VAL H 12 -49.64 -58.10 3.07
C VAL H 12 -48.62 -59.22 3.17
N GLN H 13 -48.81 -60.27 2.36
CA GLN H 13 -47.88 -61.39 2.31
C GLN H 13 -46.54 -60.95 1.71
N PRO H 14 -45.46 -61.68 1.98
CA PRO H 14 -44.19 -61.39 1.30
C PRO H 14 -44.30 -61.53 -0.21
N GLY H 15 -43.61 -60.63 -0.91
CA GLY H 15 -43.75 -60.51 -2.34
C GLY H 15 -44.87 -59.60 -2.80
N GLY H 16 -45.57 -58.95 -1.87
CA GLY H 16 -46.68 -58.10 -2.22
C GLY H 16 -46.29 -56.64 -2.42
N SER H 17 -47.29 -55.84 -2.78
CA SER H 17 -47.13 -54.41 -3.02
C SER H 17 -48.23 -53.66 -2.27
N LEU H 18 -47.93 -52.43 -1.87
CA LEU H 18 -48.92 -51.64 -1.14
C LEU H 18 -48.64 -50.15 -1.34
N ARG H 19 -49.64 -49.35 -0.95
CA ARG H 19 -49.66 -47.91 -1.04
C ARG H 19 -49.71 -47.30 0.36
N LEU H 20 -49.09 -46.14 0.50
CA LEU H 20 -49.21 -45.32 1.71
C LEU H 20 -49.40 -43.87 1.30
N SER H 21 -50.37 -43.21 1.91
CA SER H 21 -50.69 -41.82 1.62
C SER H 21 -50.44 -40.97 2.85
N CYS H 22 -49.75 -39.85 2.64
CA CYS H 22 -49.55 -38.84 3.69
C CYS H 22 -50.04 -37.49 3.20
N ALA H 23 -50.88 -36.84 4.00
CA ALA H 23 -51.37 -35.50 3.72
C ALA H 23 -50.99 -34.57 4.85
N ALA H 24 -50.42 -33.42 4.50
CA ALA H 24 -49.94 -32.44 5.46
C ALA H 24 -50.78 -31.19 5.43
N SER H 25 -50.75 -30.46 6.54
CA SER H 25 -51.47 -29.19 6.65
C SER H 25 -50.74 -28.27 7.61
N GLY H 26 -51.02 -26.98 7.48
CA GLY H 26 -50.45 -25.97 8.35
C GLY H 26 -49.18 -25.32 7.83
N PHE H 27 -48.59 -25.81 6.75
CA PHE H 27 -47.40 -25.20 6.18
C PHE H 27 -47.38 -25.45 4.68
N ARG H 28 -46.60 -24.64 3.97
CA ARG H 28 -46.48 -24.76 2.53
C ARG H 28 -45.67 -26.02 2.19
N PHE H 29 -46.28 -26.90 1.40
CA PHE H 29 -45.73 -28.24 1.18
C PHE H 29 -44.77 -28.28 0.00
N GLY H 30 -44.99 -27.46 -1.02
CA GLY H 30 -44.29 -27.63 -2.29
C GLY H 30 -42.80 -27.39 -2.22
N SER H 31 -42.37 -26.44 -1.39
CA SER H 31 -40.97 -26.03 -1.32
C SER H 31 -40.22 -26.65 -0.15
N TYR H 32 -40.80 -27.65 0.51
CA TYR H 32 -40.23 -28.22 1.72
C TYR H 32 -39.93 -29.71 1.55
N TYR H 33 -39.00 -30.19 2.36
CA TYR H 33 -38.68 -31.61 2.40
C TYR H 33 -39.81 -32.39 3.07
N MET H 34 -39.84 -33.70 2.83
CA MET H 34 -40.63 -34.61 3.65
C MET H 34 -40.02 -36.01 3.54
N SER H 35 -39.86 -36.68 4.67
CA SER H 35 -39.09 -37.92 4.76
C SER H 35 -39.93 -39.03 5.38
N TRP H 36 -39.52 -40.26 5.08
CA TRP H 36 -40.18 -41.47 5.58
C TRP H 36 -39.20 -42.27 6.42
N VAL H 37 -39.63 -42.65 7.63
CA VAL H 37 -38.89 -43.50 8.56
C VAL H 37 -39.83 -44.65 8.92
N ARG H 38 -39.25 -45.80 9.27
CA ARG H 38 -40.03 -46.95 9.72
C ARG H 38 -39.51 -47.46 11.05
N GLN H 39 -40.46 -47.79 11.95
CA GLN H 39 -40.16 -48.29 13.28
C GLN H 39 -40.56 -49.76 13.38
N ALA H 40 -39.60 -50.61 13.69
CA ALA H 40 -39.77 -52.04 13.87
C ALA H 40 -39.39 -52.42 15.29
N PRO H 41 -39.85 -53.56 15.79
CA PRO H 41 -39.35 -54.04 17.08
C PRO H 41 -37.84 -54.28 17.04
N GLY H 42 -37.18 -53.97 18.15
CA GLY H 42 -35.74 -53.88 18.20
C GLY H 42 -35.20 -52.47 18.16
N LYS H 43 -36.07 -51.46 18.19
CA LYS H 43 -35.75 -50.02 18.26
C LYS H 43 -34.93 -49.63 17.03
N ALA H 44 -34.09 -48.58 17.18
CA ALA H 44 -33.21 -48.02 16.15
C ALA H 44 -33.97 -47.68 14.88
N PRO H 45 -34.74 -46.58 14.87
CA PRO H 45 -35.50 -46.21 13.66
C PRO H 45 -34.57 -45.92 12.48
N GLU H 46 -34.96 -46.42 11.31
CA GLU H 46 -34.12 -46.32 10.12
C GLU H 46 -34.71 -45.30 9.15
N TRP H 47 -33.94 -44.25 8.87
CA TRP H 47 -34.32 -43.25 7.89
C TRP H 47 -34.18 -43.84 6.50
N VAL H 48 -35.31 -43.97 5.79
CA VAL H 48 -35.32 -44.74 4.55
C VAL H 48 -35.76 -43.95 3.33
N SER H 49 -36.49 -42.84 3.43
CA SER H 49 -36.87 -42.12 2.22
C SER H 49 -36.90 -40.63 2.48
N ASP H 50 -36.71 -39.85 1.41
CA ASP H 50 -36.82 -38.39 1.51
C ASP H 50 -37.11 -37.80 0.14
N ILE H 51 -37.95 -36.76 0.11
CA ILE H 51 -38.15 -35.96 -1.09
C ILE H 51 -37.54 -34.58 -0.85
N ASN H 52 -36.94 -34.03 -1.90
CA ASN H 52 -36.26 -32.74 -1.81
C ASN H 52 -37.23 -31.61 -2.14
N THR H 53 -36.70 -30.39 -2.28
CA THR H 53 -37.53 -29.25 -2.63
C THR H 53 -38.14 -29.40 -4.03
N ARG H 54 -37.35 -29.93 -4.96
CA ARG H 54 -37.87 -30.28 -6.26
C ARG H 54 -38.79 -31.50 -6.15
N GLY H 55 -39.77 -31.56 -7.04
CA GLY H 55 -40.76 -32.62 -6.99
C GLY H 55 -40.32 -33.94 -7.57
N GLU H 56 -39.11 -34.03 -8.08
CA GLU H 56 -38.63 -35.24 -8.75
C GLU H 56 -37.42 -35.88 -8.09
N THR H 57 -36.51 -35.10 -7.50
CA THR H 57 -35.31 -35.65 -6.91
C THR H 57 -35.64 -36.33 -5.58
N THR H 58 -35.22 -37.58 -5.43
CA THR H 58 -35.59 -38.41 -4.29
C THR H 58 -34.35 -39.08 -3.73
N ARG H 59 -34.29 -39.19 -2.40
CA ARG H 59 -33.15 -39.81 -1.73
C ARG H 59 -33.65 -41.07 -1.03
N TYR H 60 -32.98 -42.19 -1.28
CA TYR H 60 -33.41 -43.49 -0.77
C TYR H 60 -32.38 -44.05 0.18
N SER H 61 -32.80 -45.07 0.94
CA SER H 61 -31.87 -45.79 1.80
C SER H 61 -30.95 -46.68 0.98
N ASP H 62 -29.78 -46.97 1.54
CA ASP H 62 -28.88 -47.91 0.88
C ASP H 62 -29.35 -49.36 1.05
N SER H 63 -30.14 -49.64 2.09
CA SER H 63 -30.65 -50.99 2.28
C SER H 63 -31.68 -51.34 1.21
N VAL H 64 -32.65 -50.45 0.97
CA VAL H 64 -33.61 -50.58 -0.13
C VAL H 64 -33.61 -49.26 -0.90
N LYS H 65 -33.23 -49.32 -2.17
CA LYS H 65 -33.14 -48.13 -3.02
C LYS H 65 -34.07 -48.29 -4.21
N GLY H 66 -34.90 -47.28 -4.45
CA GLY H 66 -35.89 -47.33 -5.51
C GLY H 66 -37.12 -48.14 -5.19
N ARG H 67 -37.18 -48.75 -4.01
CA ARG H 67 -38.33 -49.55 -3.62
C ARG H 67 -39.51 -48.69 -3.22
N PHE H 68 -39.25 -47.58 -2.53
CA PHE H 68 -40.30 -46.66 -2.09
C PHE H 68 -40.54 -45.60 -3.18
N THR H 69 -41.15 -46.05 -4.27
CA THR H 69 -41.42 -45.17 -5.40
C THR H 69 -42.38 -44.07 -5.00
N ILE H 70 -42.09 -42.85 -5.48
CA ILE H 70 -42.60 -41.64 -4.86
C ILE H 70 -43.34 -40.81 -5.92
N ALA H 71 -44.25 -39.96 -5.44
CA ALA H 71 -44.90 -38.94 -6.24
C ALA H 71 -44.85 -37.63 -5.49
N ARG H 72 -45.38 -36.57 -6.10
CA ARG H 72 -45.44 -35.27 -5.46
C ARG H 72 -46.65 -34.52 -6.02
N ASP H 73 -47.50 -34.00 -5.13
CA ASP H 73 -48.73 -33.31 -5.53
C ASP H 73 -48.83 -32.04 -4.67
N ASN H 74 -48.32 -30.93 -5.20
CA ASN H 74 -48.34 -29.67 -4.48
C ASN H 74 -49.75 -29.12 -4.32
N ALA H 75 -50.62 -29.37 -5.30
CA ALA H 75 -52.00 -28.87 -5.22
C ALA H 75 -52.82 -29.68 -4.22
N ASN H 76 -52.68 -31.01 -4.22
CA ASN H 76 -53.45 -31.85 -3.33
C ASN H 76 -52.87 -31.91 -1.92
N ASN H 77 -51.59 -31.57 -1.76
CA ASN H 77 -50.85 -31.72 -0.49
C ASN H 77 -50.94 -33.14 0.04
N THR H 78 -50.85 -34.12 -0.87
CA THR H 78 -50.91 -35.52 -0.53
C THR H 78 -49.88 -36.27 -1.36
N VAL H 79 -49.13 -37.16 -0.70
CA VAL H 79 -48.06 -37.91 -1.33
C VAL H 79 -48.37 -39.40 -1.24
N PHE H 80 -48.26 -40.08 -2.37
CA PHE H 80 -48.42 -41.53 -2.49
C PHE H 80 -47.05 -42.19 -2.48
N LEU H 81 -46.96 -43.36 -1.87
CA LEU H 81 -45.73 -44.14 -1.85
C LEU H 81 -46.08 -45.61 -2.07
N PHE H 82 -45.58 -46.18 -3.16
CA PHE H 82 -45.72 -47.60 -3.45
C PHE H 82 -44.50 -48.34 -2.94
N MET H 83 -44.70 -49.56 -2.44
CA MET H 83 -43.57 -50.46 -2.22
C MET H 83 -43.93 -51.87 -2.66
N ASN H 84 -42.90 -52.61 -3.07
CA ASN H 84 -43.04 -53.86 -3.80
C ASN H 84 -42.19 -54.95 -3.16
N ARG H 85 -42.54 -56.19 -3.48
CA ARG H 85 -41.84 -57.45 -3.15
C ARG H 85 -41.25 -57.45 -1.73
N LEU H 86 -42.18 -57.43 -0.77
CA LEU H 86 -41.89 -57.22 0.64
C LEU H 86 -41.01 -58.34 1.23
N LYS H 87 -39.99 -57.92 2.07
CA LYS H 87 -39.30 -58.85 2.95
C LYS H 87 -40.15 -59.13 4.19
N PRO H 88 -40.02 -60.33 4.77
CA PRO H 88 -40.77 -60.63 6.02
C PRO H 88 -40.36 -59.77 7.20
N GLU H 89 -39.17 -59.17 7.19
CA GLU H 89 -38.73 -58.30 8.28
C GLU H 89 -39.20 -56.86 8.13
N ASP H 90 -40.02 -56.57 7.12
CA ASP H 90 -40.46 -55.22 6.83
C ASP H 90 -41.70 -54.81 7.62
N THR H 91 -42.16 -55.64 8.55
CA THR H 91 -43.29 -55.25 9.39
C THR H 91 -42.88 -54.11 10.32
N ALA H 92 -43.57 -52.97 10.18
CA ALA H 92 -43.16 -51.75 10.82
C ALA H 92 -44.30 -50.74 10.83
N VAL H 93 -44.17 -49.73 11.67
CA VAL H 93 -45.02 -48.57 11.65
C VAL H 93 -44.29 -47.50 10.85
N TYR H 94 -44.94 -46.99 9.79
CA TYR H 94 -44.31 -46.04 8.88
C TYR H 94 -44.73 -44.62 9.26
N TYR H 95 -43.74 -43.76 9.49
CA TYR H 95 -43.93 -42.37 9.90
C TYR H 95 -43.39 -41.48 8.79
N CYS H 96 -44.23 -40.57 8.30
CA CYS H 96 -43.78 -39.55 7.36
C CYS H 96 -43.51 -38.25 8.10
N ALA H 97 -42.33 -37.69 7.88
CA ALA H 97 -41.77 -36.61 8.67
C ALA H 97 -42.14 -35.25 8.06
N VAL H 98 -41.41 -34.21 8.48
CA VAL H 98 -41.56 -32.87 7.91
C VAL H 98 -40.20 -32.44 7.36
N ALA H 99 -40.12 -31.20 6.88
CA ALA H 99 -38.87 -30.68 6.34
C ALA H 99 -37.79 -30.59 7.41
N ALA H 100 -36.58 -30.99 7.04
CA ALA H 100 -35.41 -30.94 7.91
C ALA H 100 -34.44 -29.89 7.38
N SER H 101 -33.28 -29.81 8.06
CA SER H 101 -32.22 -28.84 7.78
C SER H 101 -32.76 -27.41 7.82
N GLY H 102 -32.95 -26.81 6.65
CA GLY H 102 -33.45 -25.45 6.58
C GLY H 102 -32.44 -24.42 7.04
N ASP H 103 -31.38 -24.24 6.26
CA ASP H 103 -30.25 -23.33 6.46
C ASP H 103 -29.42 -23.66 7.69
N THR H 104 -29.64 -24.80 8.34
CA THR H 104 -28.77 -25.24 9.41
C THR H 104 -27.58 -26.01 8.84
N PHE H 105 -26.54 -26.13 9.65
CA PHE H 105 -25.32 -26.77 9.19
C PHE H 105 -25.52 -28.28 9.08
N GLU H 106 -24.65 -28.90 8.27
CA GLU H 106 -24.81 -30.30 7.91
C GLU H 106 -24.45 -31.21 9.09
N GLY H 107 -24.70 -32.50 8.90
CA GLY H 107 -24.49 -33.47 9.95
C GLY H 107 -25.76 -34.21 10.32
N ARG H 108 -26.65 -34.38 9.34
CA ARG H 108 -27.94 -35.07 9.49
C ARG H 108 -28.79 -34.37 10.57
N SER H 109 -29.23 -33.17 10.20
CA SER H 109 -30.16 -32.42 11.03
C SER H 109 -31.47 -33.18 11.14
N ASP H 110 -31.79 -33.65 12.34
CA ASP H 110 -32.95 -34.49 12.55
C ASP H 110 -34.24 -33.68 12.42
N PRO H 111 -35.27 -34.22 11.75
CA PRO H 111 -36.55 -33.51 11.66
C PRO H 111 -37.25 -33.44 13.00
N ASP H 112 -37.83 -32.27 13.29
CA ASP H 112 -38.45 -32.04 14.59
C ASP H 112 -39.82 -32.71 14.71
N TYR H 113 -40.62 -32.68 13.65
CA TYR H 113 -42.00 -33.17 13.69
C TYR H 113 -42.13 -34.43 12.86
N TRP H 114 -42.68 -35.48 13.47
CA TRP H 114 -43.00 -36.73 12.80
C TRP H 114 -44.47 -37.06 13.01
N GLY H 115 -44.99 -37.95 12.18
CA GLY H 115 -46.38 -38.37 12.27
C GLY H 115 -46.58 -39.47 13.31
N GLN H 116 -47.77 -40.07 13.24
CA GLN H 116 -48.10 -41.19 14.11
C GLN H 116 -47.95 -42.54 13.40
N GLY H 117 -47.80 -42.54 12.08
CA GLY H 117 -47.44 -43.74 11.35
C GLY H 117 -48.63 -44.64 11.05
N THR H 118 -48.36 -45.68 10.26
CA THR H 118 -49.38 -46.65 9.89
C THR H 118 -48.74 -48.04 9.92
N LEU H 119 -49.50 -49.03 10.39
CA LEU H 119 -49.01 -50.40 10.50
C LEU H 119 -48.91 -51.06 9.14
N VAL H 120 -47.79 -51.76 8.92
CA VAL H 120 -47.60 -52.64 7.77
C VAL H 120 -47.05 -53.95 8.30
N THR H 121 -47.75 -55.05 8.05
CA THR H 121 -47.38 -56.36 8.54
C THR H 121 -47.04 -57.27 7.37
N VAL H 122 -45.88 -57.91 7.43
CA VAL H 122 -45.44 -58.88 6.43
C VAL H 122 -45.18 -60.18 7.14
N SER H 123 -45.90 -61.24 6.75
CA SER H 123 -45.72 -62.55 7.36
C SER H 123 -46.16 -63.66 6.41
N GLU I 1 -58.93 9.26 -11.78
CA GLU I 1 -57.81 9.83 -11.03
C GLU I 1 -57.19 11.00 -11.78
N GLU I 2 -56.08 10.73 -12.48
CA GLU I 2 -55.42 11.77 -13.25
C GLU I 2 -56.25 12.13 -14.48
N GLN I 3 -56.46 13.42 -14.69
CA GLN I 3 -57.30 13.90 -15.79
C GLN I 3 -56.87 15.30 -16.18
N LEU I 4 -56.92 15.59 -17.47
CA LEU I 4 -56.61 16.91 -18.00
C LEU I 4 -57.85 17.44 -18.72
N VAL I 5 -58.32 18.62 -18.30
CA VAL I 5 -59.45 19.28 -18.93
C VAL I 5 -58.95 20.61 -19.52
N GLU I 6 -59.35 20.89 -20.75
CA GLU I 6 -58.78 21.99 -21.51
C GLU I 6 -59.87 22.80 -22.20
N SER I 7 -59.61 24.09 -22.37
CA SER I 7 -60.54 24.99 -23.03
C SER I 7 -59.78 26.19 -23.58
N GLY I 8 -60.50 27.04 -24.33
CA GLY I 8 -59.98 28.32 -24.75
C GLY I 8 -59.79 28.49 -26.25
N GLY I 9 -59.76 27.42 -27.02
CA GLY I 9 -59.51 27.53 -28.45
C GLY I 9 -60.72 28.03 -29.22
N GLY I 10 -60.49 28.28 -30.50
CA GLY I 10 -61.53 28.85 -31.34
C GLY I 10 -60.97 29.26 -32.69
N LEU I 11 -61.78 29.99 -33.44
CA LEU I 11 -61.42 30.45 -34.78
C LEU I 11 -61.07 31.93 -34.69
N VAL I 12 -59.78 32.23 -34.89
CA VAL I 12 -59.26 33.60 -34.80
C VAL I 12 -58.56 33.94 -36.11
N GLN I 13 -58.74 35.17 -36.57
CA GLN I 13 -58.09 35.65 -37.78
C GLN I 13 -56.58 35.75 -37.56
N PRO I 14 -55.79 35.75 -38.65
CA PRO I 14 -54.35 35.98 -38.52
C PRO I 14 -54.05 37.33 -37.91
N GLY I 15 -53.02 37.37 -37.06
CA GLY I 15 -52.71 38.54 -36.28
C GLY I 15 -53.44 38.64 -34.96
N GLY I 16 -54.22 37.62 -34.59
CA GLY I 16 -55.00 37.67 -33.37
C GLY I 16 -54.29 37.08 -32.16
N SER I 17 -54.98 37.15 -31.02
CA SER I 17 -54.48 36.64 -29.75
C SER I 17 -55.57 35.79 -29.11
N LEU I 18 -55.14 34.79 -28.33
CA LEU I 18 -56.10 33.90 -27.68
C LEU I 18 -55.50 33.30 -26.42
N ARG I 19 -56.38 32.71 -25.62
CA ARG I 19 -56.09 32.06 -24.34
C ARG I 19 -56.37 30.57 -24.44
N LEU I 20 -55.60 29.79 -23.69
CA LEU I 20 -55.88 28.36 -23.52
C LEU I 20 -55.65 28.00 -22.06
N SER I 21 -56.59 27.27 -21.48
CA SER I 21 -56.53 26.85 -20.07
C SER I 21 -56.49 25.35 -19.99
N CYS I 22 -55.58 24.83 -19.16
CA CYS I 22 -55.51 23.41 -18.85
C CYS I 22 -55.52 23.20 -17.34
N ALA I 23 -56.40 22.34 -16.87
CA ALA I 23 -56.49 21.99 -15.45
C ALA I 23 -56.26 20.49 -15.30
N ALA I 24 -55.38 20.12 -14.37
CA ALA I 24 -55.01 18.74 -14.14
C ALA I 24 -55.54 18.27 -12.79
N SER I 25 -55.70 16.95 -12.67
CA SER I 25 -56.21 16.35 -11.45
C SER I 25 -55.63 14.96 -11.28
N GLY I 26 -55.65 14.47 -10.04
CA GLY I 26 -55.16 13.15 -9.72
C GLY I 26 -53.73 13.07 -9.26
N PHE I 27 -52.95 14.15 -9.39
CA PHE I 27 -51.55 14.13 -8.99
C PHE I 27 -51.12 15.55 -8.63
N ARG I 28 -50.00 15.63 -7.91
CA ARG I 28 -49.48 16.92 -7.46
C ARG I 28 -48.93 17.70 -8.65
N PHE I 29 -49.28 18.99 -8.70
CA PHE I 29 -49.04 19.80 -9.89
C PHE I 29 -47.77 20.65 -9.79
N GLY I 30 -47.42 21.09 -8.57
CA GLY I 30 -46.43 22.15 -8.44
C GLY I 30 -45.03 21.75 -8.85
N SER I 31 -44.63 20.51 -8.55
CA SER I 31 -43.27 20.05 -8.76
C SER I 31 -43.09 19.26 -10.05
N TYR I 32 -44.08 19.29 -10.95
CA TYR I 32 -44.05 18.44 -12.13
C TYR I 32 -44.02 19.27 -13.41
N TYR I 33 -43.51 18.64 -14.47
CA TYR I 33 -43.42 19.26 -15.78
C TYR I 33 -44.80 19.38 -16.41
N MET I 34 -44.95 20.36 -17.30
CA MET I 34 -46.17 20.53 -18.09
C MET I 34 -45.73 20.99 -19.47
N SER I 35 -46.09 20.21 -20.50
CA SER I 35 -45.66 20.49 -21.86
C SER I 35 -46.87 20.70 -22.77
N TRP I 36 -46.66 21.46 -23.84
CA TRP I 36 -47.66 21.75 -24.84
C TRP I 36 -47.14 21.33 -26.21
N VAL I 37 -47.97 20.58 -26.94
CA VAL I 37 -47.73 20.10 -28.29
C VAL I 37 -48.92 20.55 -29.13
N ARG I 38 -48.74 20.66 -30.44
CA ARG I 38 -49.84 20.95 -31.34
C ARG I 38 -49.86 19.96 -32.50
N GLN I 39 -51.05 19.48 -32.84
CA GLN I 39 -51.25 18.53 -33.92
C GLN I 39 -51.98 19.21 -35.07
N ALA I 40 -51.36 19.23 -36.24
CA ALA I 40 -51.91 19.80 -37.45
C ALA I 40 -51.96 18.75 -38.55
N PRO I 41 -52.77 18.97 -39.58
CA PRO I 41 -52.71 18.14 -40.77
C PRO I 41 -51.29 18.02 -41.32
N GLY I 42 -50.95 16.81 -41.75
CA GLY I 42 -49.59 16.50 -42.15
C GLY I 42 -48.79 15.73 -41.12
N LYS I 43 -49.41 15.36 -40.00
CA LYS I 43 -48.86 14.54 -38.91
C LYS I 43 -47.64 15.27 -38.31
N ALA I 44 -46.68 14.51 -37.79
CA ALA I 44 -45.44 14.98 -37.17
C ALA I 44 -45.72 16.00 -36.06
N PRO I 45 -46.17 15.56 -34.89
CA PRO I 45 -46.48 16.49 -33.80
C PRO I 45 -45.23 17.25 -33.34
N GLU I 46 -45.38 18.56 -33.17
CA GLU I 46 -44.26 19.43 -32.84
C GLU I 46 -44.34 19.84 -31.37
N TRP I 47 -43.33 19.45 -30.60
CA TRP I 47 -43.21 19.84 -29.21
C TRP I 47 -42.80 21.31 -29.11
N VAL I 48 -43.68 22.14 -28.55
CA VAL I 48 -43.48 23.59 -28.63
C VAL I 48 -43.38 24.29 -27.29
N SER I 49 -43.90 23.75 -26.18
CA SER I 49 -43.78 24.49 -24.93
C SER I 49 -43.54 23.56 -23.76
N ASP I 50 -42.88 24.07 -22.72
CA ASP I 50 -42.67 23.34 -21.48
C ASP I 50 -42.45 24.32 -20.34
N ILE I 51 -42.97 23.97 -19.16
CA ILE I 51 -42.64 24.69 -17.93
C ILE I 51 -41.84 23.74 -17.06
N ASN I 52 -40.90 24.30 -16.29
CA ASN I 52 -40.02 23.49 -15.47
C ASN I 52 -40.70 23.19 -14.13
N THR I 53 -39.96 22.55 -13.22
CA THR I 53 -40.47 22.33 -11.87
C THR I 53 -40.68 23.66 -11.14
N ARG I 54 -39.77 24.61 -11.36
CA ARG I 54 -39.98 25.97 -10.90
C ARG I 54 -41.12 26.61 -11.69
N GLY I 55 -41.79 27.58 -11.05
CA GLY I 55 -42.93 28.21 -11.66
C GLY I 55 -42.61 29.28 -12.69
N GLU I 56 -41.34 29.58 -12.91
CA GLU I 56 -40.94 30.66 -13.80
C GLU I 56 -40.14 30.22 -15.01
N THR I 57 -39.34 29.16 -14.91
CA THR I 57 -38.47 28.75 -16.00
C THR I 57 -39.28 28.08 -17.10
N THR I 58 -39.16 28.58 -18.33
CA THR I 58 -39.98 28.12 -19.44
C THR I 58 -39.08 27.79 -20.63
N ARG I 59 -39.39 26.70 -21.32
CA ARG I 59 -38.65 26.25 -22.49
C ARG I 59 -39.58 26.33 -23.69
N TYR I 60 -39.14 27.02 -24.74
CA TYR I 60 -39.94 27.28 -25.92
C TYR I 60 -39.34 26.59 -27.14
N SER I 61 -40.18 26.44 -28.17
CA SER I 61 -39.69 25.92 -29.44
C SER I 61 -38.82 26.95 -30.14
N ASP I 62 -37.92 26.46 -31.00
CA ASP I 62 -37.09 27.37 -31.78
C ASP I 62 -37.87 28.00 -32.92
N SER I 63 -38.97 27.37 -33.36
CA SER I 63 -39.80 27.94 -34.41
C SER I 63 -40.53 29.18 -33.92
N VAL I 64 -41.18 29.08 -32.75
CA VAL I 64 -41.82 30.22 -32.09
C VAL I 64 -41.34 30.25 -30.64
N LYS I 65 -40.64 31.32 -30.27
CA LYS I 65 -40.07 31.46 -28.93
C LYS I 65 -40.64 32.71 -28.26
N GLY I 66 -41.14 32.53 -27.03
CA GLY I 66 -41.76 33.61 -26.29
C GLY I 66 -43.17 33.94 -26.71
N ARG I 67 -43.69 33.28 -27.73
CA ARG I 67 -45.05 33.51 -28.19
C ARG I 67 -46.08 32.89 -27.26
N PHE I 68 -45.80 31.70 -26.76
CA PHE I 68 -46.71 30.99 -25.86
C PHE I 68 -46.43 31.42 -24.42
N THR I 69 -46.81 32.66 -24.12
CA THR I 69 -46.56 33.22 -22.79
C THR I 69 -47.38 32.47 -21.75
N ILE I 70 -46.74 32.18 -20.62
CA ILE I 70 -47.18 31.13 -19.72
C ILE I 70 -47.36 31.72 -18.32
N ALA I 71 -48.21 31.06 -17.52
CA ALA I 71 -48.36 31.35 -16.11
C ALA I 71 -48.28 30.04 -15.35
N ARG I 72 -48.39 30.13 -14.03
CA ARG I 72 -48.37 28.94 -13.17
C ARG I 72 -49.20 29.23 -11.93
N ASP I 73 -50.09 28.30 -11.59
CA ASP I 73 -50.98 28.46 -10.44
C ASP I 73 -51.05 27.11 -9.72
N ASN I 74 -50.22 26.96 -8.69
CA ASN I 74 -50.18 25.72 -7.93
C ASN I 74 -51.45 25.53 -7.10
N ALA I 75 -52.05 26.61 -6.63
CA ALA I 75 -53.28 26.49 -5.84
C ALA I 75 -54.48 26.14 -6.70
N ASN I 76 -54.62 26.77 -7.87
CA ASN I 76 -55.76 26.51 -8.73
C ASN I 76 -55.61 25.25 -9.58
N ASN I 77 -54.37 24.75 -9.72
CA ASN I 77 -54.04 23.62 -10.59
C ASN I 77 -54.51 23.87 -12.03
N THR I 78 -54.34 25.11 -12.48
CA THR I 78 -54.77 25.51 -13.81
C THR I 78 -53.69 26.40 -14.42
N VAL I 79 -53.41 26.18 -15.70
CA VAL I 79 -52.38 26.90 -16.43
C VAL I 79 -53.03 27.67 -17.57
N PHE I 80 -52.69 28.95 -17.67
CA PHE I 80 -53.09 29.84 -18.75
C PHE I 80 -51.95 29.98 -19.74
N LEU I 81 -52.30 30.03 -21.03
CA LEU I 81 -51.32 30.22 -22.09
C LEU I 81 -51.90 31.17 -23.14
N PHE I 82 -51.24 32.30 -23.34
CA PHE I 82 -51.62 33.25 -24.37
C PHE I 82 -50.79 32.99 -25.62
N MET I 83 -51.39 33.19 -26.79
CA MET I 83 -50.60 33.29 -28.01
C MET I 83 -51.08 34.45 -28.86
N ASN I 84 -50.13 35.03 -29.61
CA ASN I 84 -50.29 36.33 -30.25
C ASN I 84 -49.87 36.24 -31.72
N ARG I 85 -50.38 37.19 -32.50
CA ARG I 85 -50.06 37.48 -33.92
C ARG I 85 -49.89 36.19 -34.75
N LEU I 86 -51.03 35.52 -34.89
CA LEU I 86 -51.11 34.16 -35.40
C LEU I 86 -50.69 34.07 -36.88
N LYS I 87 -49.88 32.96 -37.21
CA LYS I 87 -49.66 32.57 -38.60
C LYS I 87 -50.85 31.78 -39.13
N PRO I 88 -51.11 31.85 -40.45
CA PRO I 88 -52.20 31.03 -41.02
C PRO I 88 -51.96 29.53 -40.94
N GLU I 89 -50.72 29.08 -40.78
CA GLU I 89 -50.42 27.65 -40.68
C GLU I 89 -50.54 27.13 -39.26
N ASP I 90 -51.01 27.95 -38.32
CA ASP I 90 -51.09 27.58 -36.91
C ASP I 90 -52.39 26.89 -36.55
N THR I 91 -53.24 26.57 -37.51
CA THR I 91 -54.46 25.84 -37.20
C THR I 91 -54.13 24.41 -36.77
N ALA I 92 -54.48 24.09 -35.53
CA ALA I 92 -54.05 22.83 -34.92
C ALA I 92 -54.93 22.54 -33.71
N VAL I 93 -54.87 21.29 -33.28
CA VAL I 93 -55.45 20.86 -32.01
C VAL I 93 -54.33 20.90 -30.98
N TYR I 94 -54.53 21.66 -29.91
CA TYR I 94 -53.48 21.90 -28.93
C TYR I 94 -53.64 20.92 -27.77
N TYR I 95 -52.53 20.28 -27.40
CA TYR I 95 -52.46 19.26 -26.36
C TYR I 95 -51.56 19.78 -25.24
N CYS I 96 -52.03 19.66 -24.01
CA CYS I 96 -51.19 19.92 -22.85
C CYS I 96 -50.85 18.60 -22.17
N ALA I 97 -49.55 18.36 -21.97
CA ALA I 97 -49.03 17.07 -21.56
C ALA I 97 -48.82 17.02 -20.05
N VAL I 98 -48.19 15.94 -19.58
CA VAL I 98 -47.88 15.74 -18.18
C VAL I 98 -46.37 15.69 -18.01
N ALA I 99 -45.90 15.40 -16.80
CA ALA I 99 -44.48 15.40 -16.51
C ALA I 99 -43.75 14.30 -17.27
N ALA I 100 -42.59 14.65 -17.81
CA ALA I 100 -41.72 13.72 -18.52
C ALA I 100 -40.46 13.50 -17.70
N SER I 101 -39.54 12.72 -18.27
CA SER I 101 -38.27 12.32 -17.66
C SER I 101 -38.49 11.64 -16.31
N GLY I 102 -38.24 12.36 -15.22
CA GLY I 102 -38.42 11.81 -13.90
C GLY I 102 -37.37 10.77 -13.55
N ASP I 103 -36.13 11.22 -13.38
CA ASP I 103 -34.93 10.45 -13.05
C ASP I 103 -34.53 9.45 -14.14
N THR I 104 -35.16 9.50 -15.31
CA THR I 104 -34.71 8.68 -16.43
C THR I 104 -33.59 9.40 -17.19
N PHE I 105 -32.85 8.63 -17.97
CA PHE I 105 -31.71 9.19 -18.69
C PHE I 105 -32.18 10.08 -19.84
N GLU I 106 -31.27 10.95 -20.29
CA GLU I 106 -31.63 11.98 -21.25
C GLU I 106 -31.82 11.39 -22.64
N GLY I 107 -32.26 12.25 -23.56
CA GLY I 107 -32.56 11.82 -24.91
C GLY I 107 -34.02 12.03 -25.28
N ARG I 108 -34.63 13.08 -24.71
CA ARG I 108 -36.02 13.48 -24.96
C ARG I 108 -36.96 12.33 -24.58
N SER I 109 -37.04 12.10 -23.27
CA SER I 109 -38.00 11.16 -22.72
C SER I 109 -39.43 11.63 -23.01
N ASP I 110 -40.14 10.87 -23.83
CA ASP I 110 -41.45 11.29 -24.29
C ASP I 110 -42.48 11.19 -23.16
N PRO I 111 -43.36 12.19 -23.03
CA PRO I 111 -44.42 12.11 -22.01
C PRO I 111 -45.44 11.03 -22.33
N ASP I 112 -45.91 10.35 -21.29
CA ASP I 112 -46.80 9.20 -21.47
C ASP I 112 -48.26 9.62 -21.63
N TYR I 113 -48.70 10.63 -20.90
CA TYR I 113 -50.09 11.09 -20.94
C TYR I 113 -50.20 12.46 -21.59
N TRP I 114 -51.10 12.59 -22.55
CA TRP I 114 -51.44 13.85 -23.19
C TRP I 114 -52.94 14.07 -23.12
N GLY I 115 -53.33 15.34 -23.18
CA GLY I 115 -54.74 15.69 -23.17
C GLY I 115 -55.37 15.57 -24.55
N GLN I 116 -56.69 15.70 -24.57
CA GLN I 116 -57.46 15.64 -25.81
C GLN I 116 -57.43 16.97 -26.57
N GLY I 117 -57.02 18.06 -25.92
CA GLY I 117 -56.72 19.29 -26.60
C GLY I 117 -57.92 20.08 -27.04
N THR I 118 -57.65 21.21 -27.69
CA THR I 118 -58.71 22.11 -28.13
C THR I 118 -58.36 22.63 -29.52
N LEU I 119 -59.38 22.82 -30.36
CA LEU I 119 -59.18 23.32 -31.71
C LEU I 119 -58.81 24.79 -31.72
N VAL I 120 -57.85 25.16 -32.57
CA VAL I 120 -57.55 26.54 -32.89
C VAL I 120 -57.46 26.65 -34.41
N THR I 121 -58.28 27.49 -35.00
CA THR I 121 -58.35 27.67 -36.45
C THR I 121 -57.91 29.08 -36.79
N VAL I 122 -57.02 29.21 -37.77
CA VAL I 122 -56.54 30.49 -38.25
C VAL I 122 -56.73 30.54 -39.75
N SER I 123 -57.51 31.50 -40.24
CA SER I 123 -57.76 31.64 -41.66
C SER I 123 -58.15 33.07 -42.01
N GLY J 1 -68.88 37.80 5.32
CA GLY J 1 -68.74 39.22 5.06
C GLY J 1 -69.01 40.08 6.27
N ASP J 2 -69.89 41.08 6.11
CA ASP J 2 -70.23 41.96 7.21
C ASP J 2 -71.10 41.24 8.23
N ILE J 3 -70.91 41.57 9.50
CA ILE J 3 -71.66 40.98 10.60
C ILE J 3 -72.32 42.11 11.38
N GLN J 4 -73.60 41.93 11.70
CA GLN J 4 -74.39 42.94 12.39
C GLN J 4 -75.04 42.33 13.63
N LEU J 5 -75.35 43.18 14.59
CA LEU J 5 -76.02 42.79 15.82
C LEU J 5 -77.43 43.37 15.84
N THR J 6 -78.42 42.52 16.05
CA THR J 6 -79.81 42.94 16.11
C THR J 6 -80.36 42.64 17.50
N GLN J 7 -80.92 43.66 18.14
CA GLN J 7 -81.38 43.58 19.52
C GLN J 7 -82.90 43.73 19.55
N SER J 8 -83.58 42.84 20.27
CA SER J 8 -85.03 42.88 20.37
C SER J 8 -85.46 42.73 21.82
N PRO J 9 -86.36 43.59 22.32
CA PRO J 9 -86.82 44.79 21.60
C PRO J 9 -85.87 45.97 21.81
N SER J 10 -85.97 46.98 20.94
CA SER J 10 -85.07 48.12 21.00
C SER J 10 -85.40 49.08 22.14
N SER J 11 -86.54 48.91 22.81
CA SER J 11 -86.89 49.75 23.94
C SER J 11 -87.85 49.00 24.85
N LEU J 12 -87.71 49.20 26.15
CA LEU J 12 -88.60 48.60 27.13
C LEU J 12 -89.00 49.63 28.17
N SER J 13 -90.15 49.39 28.79
CA SER J 13 -90.64 50.20 29.92
C SER J 13 -90.96 49.21 31.05
N ALA J 14 -89.95 48.89 31.84
CA ALA J 14 -90.06 47.89 32.90
C ALA J 14 -90.04 48.56 34.26
N SER J 15 -90.88 48.07 35.17
CA SER J 15 -90.99 48.62 36.51
C SER J 15 -89.97 47.96 37.43
N VAL J 16 -90.09 48.20 38.73
CA VAL J 16 -89.17 47.67 39.72
C VAL J 16 -89.42 46.20 39.92
N GLY J 17 -88.36 45.39 39.83
CA GLY J 17 -88.47 43.96 40.04
C GLY J 17 -89.24 43.20 38.98
N ASP J 18 -88.98 43.48 37.71
CA ASP J 18 -89.65 42.80 36.61
C ASP J 18 -88.74 41.72 36.02
N ARG J 19 -89.22 41.08 34.96
CA ARG J 19 -88.51 40.00 34.27
C ARG J 19 -88.19 40.53 32.86
N VAL J 20 -86.96 41.02 32.67
CA VAL J 20 -86.58 41.66 31.42
C VAL J 20 -85.80 40.65 30.59
N THR J 21 -86.28 40.41 29.36
CA THR J 21 -85.65 39.47 28.44
C THR J 21 -85.20 40.24 27.20
N ILE J 22 -83.92 40.12 26.87
CA ILE J 22 -83.34 40.76 25.69
C ILE J 22 -82.82 39.67 24.78
N THR J 23 -83.33 39.63 23.54
CA THR J 23 -82.91 38.65 22.55
C THR J 23 -82.00 39.35 21.55
N CYS J 24 -80.72 38.97 21.55
CA CYS J 24 -79.71 39.61 20.72
C CYS J 24 -79.19 38.56 19.75
N ARG J 25 -79.33 38.82 18.45
CA ARG J 25 -78.96 37.88 17.41
C ARG J 25 -78.05 38.54 16.39
N ALA J 26 -77.63 37.76 15.40
CA ALA J 26 -76.73 38.21 14.36
C ALA J 26 -77.09 37.54 13.05
N SER J 27 -76.52 38.06 11.96
CA SER J 27 -76.77 37.49 10.64
C SER J 27 -76.04 36.18 10.42
N GLN J 28 -75.09 35.83 11.27
CA GLN J 28 -74.33 34.59 11.16
C GLN J 28 -74.25 33.94 12.54
N ASP J 29 -73.74 32.71 12.57
CA ASP J 29 -73.63 31.96 13.81
C ASP J 29 -72.64 32.62 14.77
N ILE J 30 -73.05 32.73 16.03
CA ILE J 30 -72.21 33.24 17.10
C ILE J 30 -72.13 32.16 18.17
N SER J 31 -70.92 31.65 18.42
CA SER J 31 -70.77 30.54 19.36
C SER J 31 -70.93 30.99 20.80
N ASP J 32 -70.01 31.83 21.29
CA ASP J 32 -70.10 32.38 22.63
C ASP J 32 -69.57 33.80 22.70
N TYR J 33 -69.33 34.44 21.57
CA TYR J 33 -68.61 35.71 21.51
C TYR J 33 -69.61 36.85 21.38
N LEU J 34 -70.20 37.22 22.51
CA LEU J 34 -71.16 38.31 22.60
C LEU J 34 -71.23 38.77 24.05
N ASN J 35 -71.36 40.08 24.24
CA ASN J 35 -71.39 40.68 25.58
C ASN J 35 -72.55 41.66 25.68
N TRP J 36 -73.08 41.79 26.90
CA TRP J 36 -74.11 42.77 27.21
C TRP J 36 -73.53 43.85 28.11
N TYR J 37 -73.80 45.10 27.76
CA TYR J 37 -73.17 46.27 28.38
C TYR J 37 -74.24 47.21 28.89
N GLN J 38 -73.90 47.94 29.95
CA GLN J 38 -74.76 48.97 30.51
C GLN J 38 -74.16 50.34 30.23
N GLN J 39 -74.98 51.26 29.71
CA GLN J 39 -74.55 52.62 29.43
C GLN J 39 -75.69 53.56 29.79
N LYS J 40 -75.48 54.38 30.82
CA LYS J 40 -76.38 55.45 31.25
C LYS J 40 -75.88 56.79 30.73
N PRO J 41 -76.77 57.67 30.28
CA PRO J 41 -76.33 59.00 29.82
C PRO J 41 -75.72 59.84 30.93
N GLY J 42 -74.43 60.10 30.84
CA GLY J 42 -73.70 60.85 31.86
C GLY J 42 -72.65 60.07 32.61
N LYS J 43 -72.48 58.76 32.36
CA LYS J 43 -71.49 57.95 33.06
C LYS J 43 -70.70 57.13 32.07
N ALA J 44 -69.60 56.57 32.55
CA ALA J 44 -68.80 55.66 31.74
C ALA J 44 -69.55 54.36 31.50
N PRO J 45 -69.36 53.73 30.34
CA PRO J 45 -70.03 52.44 30.08
C PRO J 45 -69.48 51.35 30.98
N LYS J 46 -70.38 50.56 31.57
CA LYS J 46 -70.01 49.48 32.45
C LYS J 46 -70.54 48.16 31.90
N LEU J 47 -69.71 47.12 32.00
CA LEU J 47 -70.06 45.81 31.47
C LEU J 47 -71.07 45.12 32.38
N LEU J 48 -72.00 44.39 31.77
CA LEU J 48 -72.96 43.58 32.52
C LEU J 48 -72.60 42.10 32.46
N ILE J 49 -72.51 41.55 31.25
CA ILE J 49 -72.20 40.13 31.05
C ILE J 49 -71.14 40.04 29.96
N TYR J 50 -70.02 39.39 30.26
CA TYR J 50 -68.98 39.16 29.27
C TYR J 50 -68.96 37.69 28.85
N ALA J 51 -68.71 37.48 27.55
CA ALA J 51 -68.69 36.16 26.90
C ALA J 51 -70.03 35.43 27.00
N ALA J 52 -71.12 36.16 27.25
CA ALA J 52 -72.50 35.71 27.19
C ALA J 52 -72.87 34.63 28.20
N SER J 53 -71.93 34.22 29.06
CA SER J 53 -72.23 33.17 30.04
C SER J 53 -71.57 33.41 31.40
N SER J 54 -70.90 34.53 31.61
CA SER J 54 -70.15 34.76 32.84
C SER J 54 -70.59 36.07 33.49
N LEU J 55 -70.74 36.04 34.81
CA LEU J 55 -71.10 37.22 35.56
C LEU J 55 -69.89 38.13 35.74
N GLN J 56 -70.15 39.44 35.76
CA GLN J 56 -69.10 40.44 35.85
C GLN J 56 -68.78 40.74 37.31
N SER J 57 -67.49 40.79 37.63
CA SER J 57 -67.06 41.18 38.96
C SER J 57 -67.42 42.63 39.24
N GLY J 58 -67.97 42.88 40.43
CA GLY J 58 -68.53 44.17 40.76
C GLY J 58 -69.96 44.37 40.32
N VAL J 59 -70.54 43.39 39.63
CA VAL J 59 -71.92 43.42 39.17
C VAL J 59 -72.64 42.25 39.82
N PRO J 60 -73.77 42.46 40.51
CA PRO J 60 -74.42 41.37 41.24
C PRO J 60 -75.12 40.36 40.33
N SER J 61 -75.81 39.40 40.94
CA SER J 61 -76.46 38.30 40.23
C SER J 61 -77.83 38.67 39.68
N ARG J 62 -78.14 39.96 39.52
CA ARG J 62 -79.41 40.38 38.94
C ARG J 62 -79.45 40.23 37.43
N PHE J 63 -78.34 39.89 36.80
CA PHE J 63 -78.24 39.73 35.36
C PHE J 63 -77.70 38.36 35.03
N SER J 64 -78.21 37.75 33.97
CA SER J 64 -77.74 36.45 33.52
C SER J 64 -77.70 36.42 32.00
N GLY J 65 -76.80 35.60 31.47
CA GLY J 65 -76.69 35.41 30.04
C GLY J 65 -76.84 33.95 29.68
N SER J 66 -77.62 33.70 28.62
CA SER J 66 -77.86 32.34 28.16
C SER J 66 -78.03 32.36 26.65
N GLY J 67 -78.35 31.20 26.08
CA GLY J 67 -78.55 31.07 24.66
C GLY J 67 -77.25 30.83 23.91
N SER J 68 -77.39 30.54 22.63
CA SER J 68 -76.26 30.15 21.77
C SER J 68 -76.73 30.21 20.33
N GLY J 69 -75.88 29.71 19.42
CA GLY J 69 -76.20 29.63 18.01
C GLY J 69 -76.46 30.97 17.38
N THR J 70 -77.73 31.23 17.07
CA THR J 70 -78.13 32.52 16.53
C THR J 70 -78.55 33.49 17.65
N ASP J 71 -79.19 32.98 18.70
CA ASP J 71 -79.88 33.85 19.65
C ASP J 71 -79.24 33.77 21.03
N PHE J 72 -78.91 34.94 21.59
CA PHE J 72 -78.42 35.03 22.95
C PHE J 72 -79.43 35.84 23.77
N THR J 73 -79.58 35.49 25.04
CA THR J 73 -80.63 36.05 25.88
C THR J 73 -80.01 36.65 27.13
N LEU J 74 -80.27 37.94 27.35
CA LEU J 74 -79.93 38.62 28.60
C LEU J 74 -81.18 38.66 29.46
N THR J 75 -81.10 38.10 30.66
CA THR J 75 -82.25 37.90 31.53
C THR J 75 -82.00 38.66 32.83
N ILE J 76 -82.90 39.59 33.15
CA ILE J 76 -82.71 40.54 34.24
C ILE J 76 -83.88 40.44 35.21
N SER J 77 -83.57 40.31 36.50
CA SER J 77 -84.55 40.38 37.57
C SER J 77 -84.14 41.44 38.57
N ASN J 78 -85.09 41.80 39.44
CA ASN J 78 -84.88 42.71 40.56
C ASN J 78 -84.37 44.08 40.08
N LEU J 79 -85.24 44.77 39.35
CA LEU J 79 -84.90 46.08 38.81
C LEU J 79 -84.82 47.12 39.92
N GLN J 80 -83.96 48.11 39.73
CA GLN J 80 -83.77 49.24 40.62
C GLN J 80 -83.69 50.52 39.79
N PRO J 81 -83.87 51.69 40.42
CA PRO J 81 -83.64 52.95 39.69
C PRO J 81 -82.23 53.11 39.13
N GLU J 82 -81.23 52.48 39.75
CA GLU J 82 -79.88 52.50 39.18
C GLU J 82 -79.72 51.49 38.05
N ASP J 83 -80.69 50.62 37.83
CA ASP J 83 -80.63 49.59 36.80
C ASP J 83 -81.24 50.05 35.48
N PHE J 84 -82.15 51.03 35.50
CA PHE J 84 -82.79 51.52 34.28
C PHE J 84 -81.76 52.35 33.50
N ALA J 85 -81.15 51.73 32.51
CA ALA J 85 -80.15 52.38 31.68
C ALA J 85 -80.22 51.77 30.28
N THR J 86 -79.18 52.00 29.48
CA THR J 86 -79.17 51.58 28.08
C THR J 86 -78.44 50.25 27.95
N TYR J 87 -79.07 49.30 27.26
CA TYR J 87 -78.48 47.99 27.01
C TYR J 87 -77.73 48.01 25.68
N TYR J 88 -76.54 47.43 25.67
CA TYR J 88 -75.70 47.38 24.48
C TYR J 88 -75.28 45.95 24.19
N CYS J 89 -75.33 45.57 22.91
CA CYS J 89 -74.76 44.31 22.45
C CYS J 89 -73.39 44.59 21.85
N GLN J 90 -72.37 43.89 22.34
CA GLN J 90 -70.99 44.08 21.89
C GLN J 90 -70.48 42.74 21.38
N GLN J 91 -70.22 42.66 20.08
CA GLN J 91 -69.74 41.40 19.52
C GLN J 91 -68.24 41.25 19.75
N SER J 92 -67.79 39.99 19.71
CA SER J 92 -66.36 39.69 19.71
C SER J 92 -66.08 38.52 18.78
N TYR J 93 -66.84 38.41 17.69
CA TYR J 93 -66.82 37.24 16.82
C TYR J 93 -65.96 37.46 15.57
N SER J 94 -66.24 38.52 14.82
CA SER J 94 -65.53 38.76 13.56
C SER J 94 -65.65 40.25 13.22
N ALA J 95 -65.24 40.60 12.00
CA ALA J 95 -65.21 41.91 11.38
C ALA J 95 -66.49 42.17 10.58
N PRO J 96 -67.06 43.39 10.63
CA PRO J 96 -66.61 44.52 11.44
C PRO J 96 -67.03 44.44 12.90
N ARG J 97 -66.28 45.11 13.78
CA ARG J 97 -66.48 45.01 15.21
C ARG J 97 -67.61 45.98 15.58
N THR J 98 -68.83 45.56 15.28
CA THR J 98 -70.01 46.41 15.41
C THR J 98 -70.64 46.24 16.79
N PHE J 99 -71.52 47.18 17.12
CA PHE J 99 -72.22 47.21 18.40
C PHE J 99 -73.72 47.04 18.19
N GLY J 100 -74.45 47.00 19.30
CA GLY J 100 -75.90 46.93 19.23
C GLY J 100 -76.53 48.27 18.95
N GLN J 101 -77.84 48.24 18.70
CA GLN J 101 -78.58 49.46 18.40
C GLN J 101 -78.89 50.28 19.64
N GLY J 102 -78.73 49.72 20.83
CA GLY J 102 -79.02 50.43 22.06
C GLY J 102 -80.44 50.24 22.53
N THR J 103 -80.62 49.88 23.79
CA THR J 103 -81.95 49.63 24.36
C THR J 103 -82.02 50.29 25.73
N LYS J 104 -82.65 51.46 25.79
CA LYS J 104 -82.75 52.22 27.03
C LYS J 104 -84.09 51.91 27.71
N VAL J 105 -84.03 51.45 28.94
CA VAL J 105 -85.23 51.16 29.75
C VAL J 105 -85.36 52.26 30.81
N GLU J 106 -86.58 52.69 31.05
CA GLU J 106 -86.85 53.81 31.95
C GLU J 106 -88.12 53.50 32.74
N ILE J 107 -88.18 54.02 33.97
CA ILE J 107 -89.23 53.67 34.90
C ILE J 107 -90.54 54.33 34.50
N LYS J 108 -91.63 53.56 34.52
CA LYS J 108 -92.93 54.06 34.10
C LYS J 108 -93.60 54.78 35.26
N GLY K 1 -71.85 -28.39 -15.50
CA GLY K 1 -71.77 -29.24 -16.67
C GLY K 1 -72.51 -28.70 -17.87
N ASP K 2 -73.42 -29.50 -18.40
CA ASP K 2 -74.22 -29.08 -19.55
C ASP K 2 -75.25 -28.05 -19.13
N ILE K 3 -75.51 -27.10 -20.03
CA ILE K 3 -76.49 -26.03 -19.80
C ILE K 3 -77.53 -26.09 -20.91
N GLN K 4 -78.80 -26.00 -20.53
CA GLN K 4 -79.91 -26.08 -21.46
C GLN K 4 -80.82 -24.87 -21.29
N LEU K 5 -81.52 -24.53 -22.37
CA LEU K 5 -82.48 -23.43 -22.38
C LEU K 5 -83.89 -24.00 -22.50
N THR K 6 -84.78 -23.58 -21.60
CA THR K 6 -86.16 -24.03 -21.59
C THR K 6 -87.07 -22.82 -21.80
N GLN K 7 -87.95 -22.91 -22.80
CA GLN K 7 -88.81 -21.80 -23.19
C GLN K 7 -90.26 -22.17 -22.93
N SER K 8 -91.00 -21.25 -22.28
CA SER K 8 -92.39 -21.49 -21.96
C SER K 8 -93.23 -20.28 -22.35
N PRO K 9 -94.35 -20.48 -23.06
CA PRO K 9 -94.74 -21.77 -23.64
C PRO K 9 -94.08 -21.99 -25.00
N SER K 10 -94.03 -23.25 -25.46
CA SER K 10 -93.36 -23.58 -26.71
C SER K 10 -94.17 -23.17 -27.94
N SER K 11 -95.42 -22.75 -27.78
CA SER K 11 -96.23 -22.29 -28.89
C SER K 11 -97.30 -21.35 -28.36
N LEU K 12 -97.64 -20.34 -29.16
CA LEU K 12 -98.70 -19.40 -28.83
C LEU K 12 -99.56 -19.12 -30.05
N SER K 13 -100.79 -18.69 -29.79
CA SER K 13 -101.73 -18.25 -30.82
C SER K 13 -102.25 -16.89 -30.38
N ALA K 14 -101.51 -15.84 -30.74
CA ALA K 14 -101.83 -14.47 -30.33
C ALA K 14 -102.34 -13.67 -31.51
N SER K 15 -103.30 -12.79 -31.24
CA SER K 15 -103.92 -11.97 -32.26
C SER K 15 -103.14 -10.66 -32.40
N VAL K 16 -103.70 -9.72 -33.15
CA VAL K 16 -103.06 -8.43 -33.41
C VAL K 16 -103.14 -7.56 -32.16
N GLY K 17 -102.00 -7.04 -31.73
CA GLY K 17 -101.96 -6.16 -30.57
C GLY K 17 -102.23 -6.82 -29.23
N ASP K 18 -101.64 -7.99 -28.99
CA ASP K 18 -101.81 -8.70 -27.74
C ASP K 18 -100.62 -8.49 -26.82
N ARG K 19 -100.65 -9.13 -25.65
CA ARG K 19 -99.60 -9.05 -24.64
C ARG K 19 -98.94 -10.42 -24.57
N VAL K 20 -97.81 -10.58 -25.25
CA VAL K 20 -97.15 -11.88 -25.35
C VAL K 20 -96.01 -11.93 -24.35
N THR K 21 -96.04 -12.92 -23.46
CA THR K 21 -95.02 -13.10 -22.43
C THR K 21 -94.34 -14.43 -22.66
N ILE K 22 -93.01 -14.40 -22.77
CA ILE K 22 -92.20 -15.60 -22.96
C ILE K 22 -91.27 -15.72 -21.77
N THR K 23 -91.34 -16.84 -21.06
CA THR K 23 -90.49 -17.10 -19.89
C THR K 23 -89.43 -18.10 -20.31
N CYS K 24 -88.18 -17.65 -20.36
CA CYS K 24 -87.06 -18.45 -20.82
C CYS K 24 -86.11 -18.62 -19.64
N ARG K 25 -85.87 -19.87 -19.25
CA ARG K 25 -85.05 -20.20 -18.10
C ARG K 25 -83.98 -21.21 -18.48
N ALA K 26 -83.17 -21.57 -17.48
CA ALA K 26 -82.08 -22.50 -17.65
C ALA K 26 -81.97 -23.37 -16.41
N SER K 27 -81.10 -24.39 -16.49
CA SER K 27 -80.91 -25.28 -15.35
C SER K 27 -80.11 -24.62 -14.23
N GLN K 28 -79.35 -23.57 -14.53
CA GLN K 28 -78.48 -22.92 -13.56
C GLN K 28 -78.61 -21.42 -13.76
N ASP K 29 -78.07 -20.64 -12.82
CA ASP K 29 -78.22 -19.19 -12.80
C ASP K 29 -77.63 -18.53 -14.05
N ILE K 30 -78.39 -17.59 -14.62
CA ILE K 30 -77.98 -16.79 -15.76
C ILE K 30 -78.08 -15.33 -15.36
N SER K 31 -76.96 -14.61 -15.39
CA SER K 31 -76.94 -13.22 -14.94
C SER K 31 -77.58 -12.28 -15.97
N ASP K 32 -76.96 -12.15 -17.14
CA ASP K 32 -77.52 -11.33 -18.21
C ASP K 32 -77.25 -11.91 -19.59
N TYR K 33 -76.78 -13.15 -19.67
CA TYR K 33 -76.27 -13.71 -20.92
C TYR K 33 -77.34 -14.58 -21.56
N LEU K 34 -78.30 -13.90 -22.20
CA LEU K 34 -79.39 -14.56 -22.90
C LEU K 34 -79.96 -13.59 -23.92
N ASN K 35 -80.34 -14.09 -25.09
CA ASN K 35 -80.87 -13.27 -26.16
C ASN K 35 -82.13 -13.89 -26.74
N TRP K 36 -83.02 -13.04 -27.22
CA TRP K 36 -84.23 -13.45 -27.90
C TRP K 36 -84.12 -13.11 -29.39
N TYR K 37 -84.42 -14.10 -30.23
CA TYR K 37 -84.21 -14.03 -31.67
C TYR K 37 -85.51 -14.28 -32.40
N GLN K 38 -85.63 -13.70 -33.58
CA GLN K 38 -86.77 -13.91 -34.48
C GLN K 38 -86.31 -14.71 -35.69
N GLN K 39 -87.06 -15.77 -36.01
CA GLN K 39 -86.76 -16.59 -37.17
C GLN K 39 -88.08 -16.98 -37.82
N LYS K 40 -88.32 -16.47 -39.03
CA LYS K 40 -89.45 -16.83 -39.87
C LYS K 40 -89.03 -17.83 -40.94
N PRO K 41 -89.87 -18.84 -41.23
CA PRO K 41 -89.50 -19.80 -42.28
C PRO K 41 -89.40 -19.16 -43.66
N GLY K 42 -88.18 -19.10 -44.20
CA GLY K 42 -87.93 -18.49 -45.49
C GLY K 42 -87.06 -17.25 -45.45
N LYS K 43 -86.65 -16.77 -44.28
CA LYS K 43 -85.81 -15.59 -44.17
C LYS K 43 -84.64 -15.86 -43.23
N ALA K 44 -83.67 -14.95 -43.27
CA ALA K 44 -82.54 -15.01 -42.36
C ALA K 44 -83.01 -14.73 -40.92
N PRO K 45 -82.37 -15.35 -39.93
CA PRO K 45 -82.73 -15.05 -38.54
C PRO K 45 -82.33 -13.63 -38.16
N LYS K 46 -83.24 -12.91 -37.52
CA LYS K 46 -83.01 -11.54 -37.10
C LYS K 46 -83.12 -11.43 -35.58
N LEU K 47 -82.24 -10.64 -34.99
CA LEU K 47 -82.19 -10.48 -33.55
C LEU K 47 -83.35 -9.60 -33.07
N LEU K 48 -83.90 -9.95 -31.91
CA LEU K 48 -84.91 -9.13 -31.26
C LEU K 48 -84.33 -8.38 -30.05
N ILE K 49 -83.78 -9.12 -29.08
CA ILE K 49 -83.21 -8.52 -27.88
C ILE K 49 -81.87 -9.20 -27.61
N TYR K 50 -80.80 -8.41 -27.50
CA TYR K 50 -79.49 -8.92 -27.16
C TYR K 50 -79.14 -8.53 -25.73
N ALA K 51 -78.47 -9.45 -25.04
CA ALA K 51 -78.06 -9.34 -23.63
C ALA K 51 -79.24 -9.14 -22.68
N ALA K 52 -80.44 -9.52 -23.13
CA ALA K 52 -81.67 -9.62 -22.33
C ALA K 52 -82.18 -8.30 -21.75
N SER K 53 -81.49 -7.18 -22.04
CA SER K 53 -81.93 -5.90 -21.50
C SER K 53 -81.76 -4.75 -22.49
N SER K 54 -81.32 -5.01 -23.72
CA SER K 54 -81.03 -3.95 -24.67
C SER K 54 -81.85 -4.14 -25.94
N LEU K 55 -82.41 -3.04 -26.45
CA LEU K 55 -83.16 -3.08 -27.69
C LEU K 55 -82.22 -3.14 -28.88
N GLN K 56 -82.67 -3.84 -29.92
CA GLN K 56 -81.86 -4.05 -31.12
C GLN K 56 -82.06 -2.90 -32.10
N SER K 57 -80.96 -2.39 -32.65
CA SER K 57 -81.04 -1.37 -33.69
C SER K 57 -81.70 -1.93 -34.94
N GLY K 58 -82.62 -1.16 -35.52
CA GLY K 58 -83.44 -1.64 -36.60
C GLY K 58 -84.68 -2.40 -36.17
N VAL K 59 -84.84 -2.62 -34.87
CA VAL K 59 -86.01 -3.30 -34.31
C VAL K 59 -86.71 -2.30 -33.41
N PRO K 60 -88.02 -2.06 -33.59
CA PRO K 60 -88.71 -1.04 -32.78
C PRO K 60 -88.94 -1.45 -31.34
N SER K 61 -89.65 -0.61 -30.59
CA SER K 61 -89.87 -0.82 -29.16
C SER K 61 -91.03 -1.77 -28.87
N ARG K 62 -91.47 -2.57 -29.83
CA ARG K 62 -92.53 -3.53 -29.61
C ARG K 62 -92.07 -4.76 -28.84
N PHE K 63 -90.77 -4.92 -28.62
CA PHE K 63 -90.21 -6.03 -27.87
C PHE K 63 -89.37 -5.50 -26.73
N SER K 64 -89.46 -6.15 -25.57
CA SER K 64 -88.68 -5.75 -24.41
C SER K 64 -88.18 -7.00 -23.69
N GLY K 65 -87.06 -6.84 -23.00
CA GLY K 65 -86.50 -7.93 -22.22
C GLY K 65 -86.35 -7.53 -20.76
N SER K 66 -86.72 -8.44 -19.87
CA SER K 66 -86.64 -8.18 -18.44
C SER K 66 -86.33 -9.48 -17.72
N GLY K 67 -86.31 -9.43 -16.39
CA GLY K 67 -86.05 -10.60 -15.59
C GLY K 67 -84.56 -10.85 -15.39
N SER K 68 -84.26 -11.81 -14.52
CA SER K 68 -82.89 -12.10 -14.11
C SER K 68 -82.89 -13.45 -13.39
N GLY K 69 -81.75 -13.77 -12.78
CA GLY K 69 -81.59 -14.98 -12.00
C GLY K 69 -81.80 -16.24 -12.81
N THR K 70 -82.93 -16.91 -12.55
CA THR K 70 -83.30 -18.08 -13.33
C THR K 70 -84.17 -17.73 -14.53
N ASP K 71 -85.03 -16.72 -14.40
CA ASP K 71 -86.10 -16.49 -15.37
C ASP K 71 -85.91 -15.17 -16.08
N PHE K 72 -85.92 -15.21 -17.41
CA PHE K 72 -85.90 -14.01 -18.24
C PHE K 72 -87.20 -13.95 -19.02
N THR K 73 -87.70 -12.72 -19.24
CA THR K 73 -89.03 -12.53 -19.80
C THR K 73 -88.92 -11.66 -21.06
N LEU K 74 -89.41 -12.20 -22.17
CA LEU K 74 -89.58 -11.44 -23.40
C LEU K 74 -91.03 -10.96 -23.45
N THR K 75 -91.21 -9.64 -23.54
CA THR K 75 -92.52 -9.02 -23.41
C THR K 75 -92.81 -8.26 -24.70
N ILE K 76 -93.91 -8.64 -25.37
CA ILE K 76 -94.22 -8.16 -26.72
C ILE K 76 -95.61 -7.53 -26.72
N SER K 77 -95.71 -6.32 -27.27
CA SER K 77 -96.98 -5.66 -27.51
C SER K 77 -97.04 -5.24 -28.98
N ASN K 78 -98.25 -4.86 -29.40
CA ASN K 78 -98.53 -4.32 -30.74
C ASN K 78 -98.12 -5.31 -31.83
N LEU K 79 -98.82 -6.44 -31.86
CA LEU K 79 -98.51 -7.48 -32.83
C LEU K 79 -98.95 -7.07 -34.22
N GLN K 80 -98.19 -7.52 -35.22
CA GLN K 80 -98.45 -7.31 -36.62
C GLN K 80 -98.28 -8.62 -37.37
N PRO K 81 -98.81 -8.74 -38.58
CA PRO K 81 -98.54 -9.95 -39.38
C PRO K 81 -97.06 -10.20 -39.66
N GLU K 82 -96.22 -9.15 -39.68
CA GLU K 82 -94.78 -9.36 -39.79
C GLU K 82 -94.13 -9.74 -38.47
N ASP K 83 -94.86 -9.61 -37.36
CA ASP K 83 -94.35 -9.95 -36.04
C ASP K 83 -94.48 -11.44 -35.74
N PHE K 84 -95.52 -12.10 -36.25
CA PHE K 84 -95.76 -13.52 -35.98
C PHE K 84 -94.69 -14.35 -36.67
N ALA K 85 -93.71 -14.80 -35.89
CA ALA K 85 -92.64 -15.65 -36.39
C ALA K 85 -92.20 -16.56 -35.24
N THR K 86 -91.03 -17.18 -35.38
CA THR K 86 -90.53 -18.15 -34.42
C THR K 86 -89.61 -17.47 -33.42
N TYR K 87 -89.88 -17.68 -32.14
CA TYR K 87 -89.06 -17.11 -31.06
C TYR K 87 -87.95 -18.09 -30.70
N TYR K 88 -86.73 -17.57 -30.55
CA TYR K 88 -85.58 -18.38 -30.23
C TYR K 88 -84.88 -17.84 -28.98
N CYS K 89 -84.49 -18.72 -28.08
CA CYS K 89 -83.61 -18.37 -26.97
C CYS K 89 -82.19 -18.75 -27.35
N GLN K 90 -81.28 -17.77 -27.34
CA GLN K 90 -79.88 -18.00 -27.68
C GLN K 90 -79.05 -17.65 -26.46
N GLN K 91 -78.38 -18.64 -25.88
CA GLN K 91 -77.54 -18.37 -24.73
C GLN K 91 -76.18 -17.82 -25.17
N SER K 92 -75.51 -17.18 -24.21
CA SER K 92 -74.10 -16.84 -24.34
C SER K 92 -73.40 -17.03 -23.01
N TYR K 93 -73.92 -17.93 -22.18
CA TYR K 93 -73.48 -18.10 -20.79
C TYR K 93 -72.27 -19.02 -20.66
N SER K 94 -72.39 -20.26 -21.12
CA SER K 94 -71.31 -21.24 -21.00
C SER K 94 -71.56 -22.37 -22.00
N ALA K 95 -70.77 -23.44 -21.90
CA ALA K 95 -70.76 -24.64 -22.71
C ALA K 95 -71.81 -25.64 -22.24
N PRO K 96 -72.54 -26.29 -23.16
CA PRO K 96 -72.47 -26.11 -24.62
C PRO K 96 -73.33 -24.95 -25.10
N ARG K 97 -73.04 -24.45 -26.31
CA ARG K 97 -73.83 -23.39 -26.92
C ARG K 97 -75.15 -23.98 -27.42
N THR K 98 -76.09 -24.14 -26.50
CA THR K 98 -77.42 -24.62 -26.81
C THR K 98 -78.35 -23.46 -27.12
N PHE K 99 -79.32 -23.71 -27.98
CA PHE K 99 -80.29 -22.70 -28.39
C PHE K 99 -81.68 -23.10 -27.90
N GLY K 100 -82.65 -22.23 -28.16
CA GLY K 100 -84.00 -22.48 -27.71
C GLY K 100 -84.70 -23.55 -28.53
N GLN K 101 -85.80 -24.05 -27.99
CA GLN K 101 -86.58 -25.09 -28.66
C GLN K 101 -87.41 -24.54 -29.81
N GLY K 102 -87.59 -23.22 -29.89
CA GLY K 102 -88.37 -22.63 -30.95
C GLY K 102 -89.82 -22.42 -30.56
N THR K 103 -90.33 -21.20 -30.72
CA THR K 103 -91.71 -20.88 -30.36
C THR K 103 -92.31 -20.05 -31.49
N LYS K 104 -93.09 -20.70 -32.34
CA LYS K 104 -93.69 -20.06 -33.50
C LYS K 104 -95.11 -19.63 -33.17
N VAL K 105 -95.38 -18.33 -33.32
CA VAL K 105 -96.72 -17.78 -33.09
C VAL K 105 -97.33 -17.45 -34.44
N GLU K 106 -98.62 -17.73 -34.59
CA GLU K 106 -99.31 -17.56 -35.86
C GLU K 106 -100.70 -17.01 -35.60
N ILE K 107 -101.20 -16.23 -36.56
CA ILE K 107 -102.45 -15.49 -36.37
C ILE K 107 -103.64 -16.43 -36.43
N LYS K 108 -104.55 -16.27 -35.46
CA LYS K 108 -105.72 -17.14 -35.36
C LYS K 108 -106.82 -16.65 -36.28
N GLY L 1 -58.47 -13.43 50.96
CA GLY L 1 -57.98 -13.95 52.22
C GLY L 1 -58.38 -15.38 52.49
N ASP L 2 -58.94 -15.62 53.67
CA ASP L 2 -59.39 -16.96 54.03
C ASP L 2 -60.64 -17.34 53.25
N ILE L 3 -60.75 -18.62 52.91
CA ILE L 3 -61.88 -19.16 52.17
C ILE L 3 -62.50 -20.28 53.00
N GLN L 4 -63.83 -20.26 53.11
CA GLN L 4 -64.56 -21.24 53.91
C GLN L 4 -65.65 -21.88 53.05
N LEU L 5 -66.02 -23.11 53.42
CA LEU L 5 -67.08 -23.85 52.75
C LEU L 5 -68.27 -23.96 53.68
N THR L 6 -69.45 -23.59 53.17
CA THR L 6 -70.69 -23.65 53.92
C THR L 6 -71.64 -24.62 53.24
N GLN L 7 -72.14 -25.59 54.01
CA GLN L 7 -72.97 -26.65 53.48
C GLN L 7 -74.37 -26.54 54.08
N SER L 8 -75.40 -26.61 53.23
CA SER L 8 -76.77 -26.49 53.68
C SER L 8 -77.62 -27.60 53.05
N PRO L 9 -78.43 -28.32 53.85
CA PRO L 9 -78.42 -28.23 55.32
C PRO L 9 -77.35 -29.12 55.93
N SER L 10 -76.99 -28.86 57.19
CA SER L 10 -75.93 -29.61 57.85
C SER L 10 -76.36 -31.03 58.23
N SER L 11 -77.65 -31.36 58.13
CA SER L 11 -78.12 -32.70 58.42
C SER L 11 -79.42 -32.94 57.67
N LEU L 12 -79.63 -34.17 57.23
CA LEU L 12 -80.86 -34.57 56.57
C LEU L 12 -81.32 -35.91 57.12
N SER L 13 -82.63 -36.16 57.00
CA SER L 13 -83.25 -37.44 57.34
C SER L 13 -84.04 -37.88 56.12
N ALA L 14 -83.38 -38.56 55.19
CA ALA L 14 -83.97 -38.97 53.94
C ALA L 14 -84.18 -40.49 53.93
N SER L 15 -85.31 -40.91 53.37
CA SER L 15 -85.66 -42.32 53.30
C SER L 15 -85.10 -42.93 52.01
N VAL L 16 -85.55 -44.14 51.68
CA VAL L 16 -85.07 -44.85 50.50
C VAL L 16 -85.69 -44.24 49.26
N GLY L 17 -84.84 -43.90 48.28
CA GLY L 17 -85.31 -43.36 47.02
C GLY L 17 -85.88 -41.96 47.08
N ASP L 18 -85.20 -41.04 47.76
CA ASP L 18 -85.66 -39.67 47.88
C ASP L 18 -84.89 -38.76 46.93
N ARG L 19 -85.15 -37.46 47.02
CA ARG L 19 -84.53 -36.43 46.19
C ARG L 19 -83.72 -35.55 47.13
N VAL L 20 -82.42 -35.81 47.26
CA VAL L 20 -81.58 -35.13 48.24
C VAL L 20 -80.81 -34.03 47.53
N THR L 21 -80.95 -32.80 48.02
CA THR L 21 -80.27 -31.63 47.47
C THR L 21 -79.35 -31.05 48.52
N ILE L 22 -78.07 -30.91 48.16
CA ILE L 22 -77.07 -30.31 49.03
C ILE L 22 -76.57 -29.03 48.36
N THR L 23 -76.72 -27.90 49.02
CA THR L 23 -76.29 -26.61 48.49
C THR L 23 -75.01 -26.22 49.23
N CYS L 24 -73.89 -26.22 48.51
CA CYS L 24 -72.59 -25.95 49.08
C CYS L 24 -72.05 -24.68 48.45
N ARG L 25 -71.76 -23.69 49.28
CA ARG L 25 -71.30 -22.38 48.82
C ARG L 25 -70.03 -21.98 49.55
N ALA L 26 -69.54 -20.79 49.22
CA ALA L 26 -68.32 -20.25 49.80
C ALA L 26 -68.48 -18.73 49.95
N SER L 27 -67.50 -18.12 50.61
CA SER L 27 -67.55 -16.68 50.80
C SER L 27 -67.24 -15.91 49.52
N GLN L 28 -66.56 -16.52 48.55
CA GLN L 28 -66.15 -15.86 47.32
C GLN L 28 -66.45 -16.80 46.16
N ASP L 29 -66.34 -16.28 44.94
CA ASP L 29 -66.72 -17.02 43.73
C ASP L 29 -65.87 -18.27 43.55
N ILE L 30 -66.54 -19.38 43.21
CA ILE L 30 -65.91 -20.66 42.93
C ILE L 30 -66.30 -21.07 41.52
N SER L 31 -65.33 -21.21 40.63
CA SER L 31 -65.63 -21.53 39.23
C SER L 31 -66.04 -22.98 39.06
N ASP L 32 -65.13 -23.92 39.30
CA ASP L 32 -65.44 -25.34 39.21
C ASP L 32 -64.69 -26.16 40.24
N TYR L 33 -64.03 -25.53 41.21
CA TYR L 33 -63.08 -26.22 42.09
C TYR L 33 -63.77 -26.55 43.40
N LEU L 34 -64.57 -27.62 43.37
CA LEU L 34 -65.29 -28.11 44.54
C LEU L 34 -65.64 -29.57 44.31
N ASN L 35 -65.57 -30.38 45.37
CA ASN L 35 -65.85 -31.80 45.28
C ASN L 35 -66.77 -32.23 46.41
N TRP L 36 -67.57 -33.24 46.14
CA TRP L 36 -68.45 -33.85 47.14
C TRP L 36 -67.92 -35.24 47.47
N TYR L 37 -67.81 -35.53 48.77
CA TYR L 37 -67.17 -36.73 49.28
C TYR L 37 -68.15 -37.47 50.18
N GLN L 38 -67.97 -38.79 50.25
CA GLN L 38 -68.75 -39.65 51.14
C GLN L 38 -67.83 -40.19 52.23
N GLN L 39 -68.26 -40.07 53.49
CA GLN L 39 -67.49 -40.59 54.62
C GLN L 39 -68.47 -41.21 55.60
N LYS L 40 -68.39 -42.54 55.76
CA LYS L 40 -69.15 -43.30 56.74
C LYS L 40 -68.28 -43.61 57.95
N PRO L 41 -68.81 -43.53 59.17
CA PRO L 41 -68.01 -43.87 60.35
C PRO L 41 -67.59 -45.33 60.38
N GLY L 42 -66.29 -45.58 60.24
CA GLY L 42 -65.75 -46.92 60.19
C GLY L 42 -65.12 -47.32 58.88
N LYS L 43 -65.13 -46.47 57.85
CA LYS L 43 -64.55 -46.82 56.55
C LYS L 43 -63.70 -45.66 56.06
N ALA L 44 -62.90 -45.93 55.03
CA ALA L 44 -62.12 -44.90 54.37
C ALA L 44 -63.04 -43.94 53.63
N PRO L 45 -62.67 -42.66 53.54
CA PRO L 45 -63.48 -41.70 52.78
C PRO L 45 -63.44 -42.02 51.29
N LYS L 46 -64.60 -41.99 50.66
CA LYS L 46 -64.73 -42.28 49.23
C LYS L 46 -65.32 -41.07 48.51
N LEU L 47 -64.80 -40.81 47.32
CA LEU L 47 -65.24 -39.67 46.52
C LEU L 47 -66.60 -39.93 45.89
N LEU L 48 -67.42 -38.89 45.83
CA LEU L 48 -68.69 -38.96 45.13
C LEU L 48 -68.65 -38.21 43.80
N ILE L 49 -68.31 -36.92 43.84
CA ILE L 49 -68.24 -36.09 42.65
C ILE L 49 -66.96 -35.26 42.72
N TYR L 50 -66.13 -35.36 41.69
CA TYR L 50 -64.92 -34.55 41.60
C TYR L 50 -65.09 -33.47 40.54
N ALA L 51 -64.52 -32.29 40.83
CA ALA L 51 -64.59 -31.08 40.02
C ALA L 51 -66.03 -30.61 39.77
N ALA L 52 -66.96 -31.04 40.63
CA ALA L 52 -68.34 -30.55 40.72
C ALA L 52 -69.20 -30.82 39.49
N SER L 53 -68.65 -31.48 38.47
CA SER L 53 -69.42 -31.76 37.26
C SER L 53 -69.14 -33.12 36.65
N SER L 54 -68.31 -33.96 37.29
CA SER L 54 -67.90 -35.23 36.71
C SER L 54 -68.23 -36.37 37.66
N LEU L 55 -68.76 -37.46 37.10
CA LEU L 55 -69.09 -38.64 37.88
C LEU L 55 -67.82 -39.43 38.20
N GLN L 56 -67.80 -40.01 39.40
CA GLN L 56 -66.65 -40.76 39.88
C GLN L 56 -66.71 -42.20 39.40
N SER L 57 -65.59 -42.71 38.90
CA SER L 57 -65.50 -44.11 38.51
C SER L 57 -65.62 -45.00 39.74
N GLY L 58 -66.43 -46.05 39.63
CA GLY L 58 -66.77 -46.89 40.75
C GLY L 58 -67.97 -46.40 41.55
N VAL L 59 -68.48 -45.22 41.24
CA VAL L 59 -69.67 -44.67 41.88
C VAL L 59 -70.76 -44.56 40.82
N PRO L 60 -71.95 -45.12 41.04
CA PRO L 60 -73.00 -45.08 40.02
C PRO L 60 -73.60 -43.71 39.79
N SER L 61 -74.60 -43.63 38.92
CA SER L 61 -75.22 -42.37 38.53
C SER L 61 -76.26 -41.87 39.53
N ARG L 62 -76.27 -42.41 40.75
CA ARG L 62 -77.18 -41.94 41.79
C ARG L 62 -76.78 -40.60 42.38
N PHE L 63 -75.59 -40.11 42.06
CA PHE L 63 -75.10 -38.82 42.54
C PHE L 63 -74.70 -37.96 41.36
N SER L 64 -75.05 -36.68 41.40
CA SER L 64 -74.71 -35.76 40.32
C SER L 64 -74.33 -34.41 40.91
N GLY L 65 -73.56 -33.65 40.16
CA GLY L 65 -73.14 -32.32 40.57
C GLY L 65 -73.52 -31.29 39.54
N SER L 66 -73.98 -30.14 40.01
CA SER L 66 -74.39 -29.04 39.13
C SER L 66 -74.14 -27.73 39.85
N GLY L 67 -74.56 -26.64 39.22
CA GLY L 67 -74.40 -25.32 39.79
C GLY L 67 -73.04 -24.72 39.51
N SER L 68 -72.91 -23.44 39.86
CA SER L 68 -71.72 -22.66 39.54
C SER L 68 -71.75 -21.38 40.36
N GLY L 69 -70.82 -20.47 40.05
CA GLY L 69 -70.74 -19.18 40.70
C GLY L 69 -70.51 -19.27 42.19
N THR L 70 -71.53 -18.95 42.96
CA THR L 70 -71.47 -19.08 44.40
C THR L 70 -71.96 -20.44 44.88
N ASP L 71 -72.96 -21.01 44.20
CA ASP L 71 -73.69 -22.15 44.73
C ASP L 71 -73.47 -23.39 43.86
N PHE L 72 -73.04 -24.48 44.49
CA PHE L 72 -72.94 -25.77 43.83
C PHE L 72 -73.92 -26.73 44.48
N THR L 73 -74.50 -27.61 43.68
CA THR L 73 -75.58 -28.46 44.13
C THR L 73 -75.22 -29.93 43.90
N LEU L 74 -75.24 -30.71 44.98
CA LEU L 74 -75.13 -32.17 44.89
C LEU L 74 -76.54 -32.74 44.91
N THR L 75 -76.89 -33.48 43.86
CA THR L 75 -78.26 -33.93 43.64
C THR L 75 -78.24 -35.46 43.64
N ILE L 76 -79.03 -36.06 44.53
CA ILE L 76 -78.97 -37.49 44.82
C ILE L 76 -80.35 -38.09 44.65
N SER L 77 -80.43 -39.18 43.88
CA SER L 77 -81.64 -39.97 43.73
C SER L 77 -81.34 -41.43 44.03
N ASN L 78 -82.42 -42.21 44.21
CA ASN L 78 -82.36 -43.66 44.42
C ASN L 78 -81.49 -44.02 45.63
N LEU L 79 -81.94 -43.57 46.79
CA LEU L 79 -81.17 -43.75 48.01
C LEU L 79 -81.27 -45.20 48.49
N GLN L 80 -80.18 -45.67 49.09
CA GLN L 80 -80.07 -46.98 49.71
C GLN L 80 -79.39 -46.82 51.05
N PRO L 81 -79.52 -47.80 51.96
CA PRO L 81 -78.81 -47.72 53.25
C PRO L 81 -77.29 -47.66 53.12
N GLU L 82 -76.71 -48.15 52.02
CA GLU L 82 -75.28 -47.99 51.82
C GLU L 82 -74.91 -46.58 51.38
N ASP L 83 -75.87 -45.79 50.91
CA ASP L 83 -75.62 -44.40 50.54
C ASP L 83 -75.88 -43.42 51.67
N PHE L 84 -76.36 -43.89 52.82
CA PHE L 84 -76.62 -43.04 53.97
C PHE L 84 -75.32 -42.88 54.75
N ALA L 85 -74.61 -41.80 54.47
CA ALA L 85 -73.33 -41.53 55.12
C ALA L 85 -73.17 -40.01 55.24
N THR L 86 -71.95 -39.57 55.50
CA THR L 86 -71.65 -38.16 55.75
C THR L 86 -71.19 -37.50 54.45
N TYR L 87 -71.84 -36.40 54.09
CA TYR L 87 -71.46 -35.62 52.92
C TYR L 87 -70.39 -34.60 53.30
N TYR L 88 -69.35 -34.51 52.49
CA TYR L 88 -68.24 -33.59 52.74
C TYR L 88 -68.05 -32.68 51.54
N CYS L 89 -67.87 -31.39 51.79
CA CYS L 89 -67.44 -30.45 50.75
C CYS L 89 -65.93 -30.31 50.85
N GLN L 90 -65.23 -30.61 49.76
CA GLN L 90 -63.77 -30.51 49.71
C GLN L 90 -63.42 -29.49 48.64
N GLN L 91 -62.86 -28.36 49.06
CA GLN L 91 -62.46 -27.35 48.08
C GLN L 91 -61.13 -27.73 47.44
N SER L 92 -60.87 -27.13 46.29
CA SER L 92 -59.55 -27.11 45.69
C SER L 92 -59.27 -25.74 45.07
N TYR L 93 -59.90 -24.70 45.61
CA TYR L 93 -59.88 -23.37 45.03
C TYR L 93 -58.65 -22.56 45.43
N SER L 94 -58.45 -22.35 46.73
CA SER L 94 -57.34 -21.53 47.23
C SER L 94 -57.11 -21.86 48.69
N ALA L 95 -56.25 -21.06 49.35
CA ALA L 95 -55.82 -21.15 50.74
C ALA L 95 -56.82 -20.47 51.67
N PRO L 96 -57.12 -21.07 52.83
CA PRO L 96 -56.63 -22.37 53.29
C PRO L 96 -57.45 -23.54 52.74
N ARG L 97 -56.87 -24.74 52.74
CA ARG L 97 -57.58 -25.95 52.31
C ARG L 97 -58.54 -26.35 53.42
N THR L 98 -59.70 -25.68 53.42
CA THR L 98 -60.77 -25.99 54.35
C THR L 98 -61.71 -27.01 53.73
N PHE L 99 -62.34 -27.81 54.59
CA PHE L 99 -63.26 -28.85 54.16
C PHE L 99 -64.66 -28.53 54.69
N GLY L 100 -65.62 -29.36 54.30
CA GLY L 100 -66.99 -29.14 54.70
C GLY L 100 -67.24 -29.45 56.17
N GLN L 101 -68.37 -28.94 56.66
CA GLN L 101 -68.73 -29.16 58.05
C GLN L 101 -69.24 -30.57 58.31
N GLY L 102 -69.59 -31.31 57.26
CA GLY L 102 -70.09 -32.67 57.41
C GLY L 102 -71.59 -32.71 57.48
N THR L 103 -72.20 -33.59 56.68
CA THR L 103 -73.66 -33.73 56.63
C THR L 103 -73.98 -35.22 56.59
N LYS L 104 -74.31 -35.79 57.75
CA LYS L 104 -74.62 -37.21 57.86
C LYS L 104 -76.11 -37.42 57.72
N VAL L 105 -76.49 -38.30 56.79
CA VAL L 105 -77.89 -38.66 56.57
C VAL L 105 -78.10 -40.09 57.04
N GLU L 106 -79.23 -40.32 57.70
CA GLU L 106 -79.54 -41.62 58.28
C GLU L 106 -80.99 -41.97 57.99
N ILE L 107 -81.28 -43.27 57.94
CA ILE L 107 -82.63 -43.73 57.64
C ILE L 107 -83.55 -43.47 58.83
N LYS L 108 -84.75 -42.97 58.54
CA LYS L 108 -85.72 -42.67 59.59
C LYS L 108 -86.51 -43.91 59.97
#